data_5OEO
#
_entry.id   5OEO
#
loop_
_entity.id
_entity.type
_entity.pdbx_description
1 polymer Calmodulin-1
2 polymer 'Transient receptor potential cation channel subfamily V member 5'
3 non-polymer 'CALCIUM ION'
#
loop_
_entity_poly.entity_id
_entity_poly.type
_entity_poly.pdbx_seq_one_letter_code
_entity_poly.pdbx_strand_id
1 'polypeptide(L)'
;SMADQLTEEQIAEFKEAFSLFDKDGDGTITTKQLGTVMRSLGQNPTEAELQDMINEVDADGNGTIDFPQFLTMMARKMKD
TDSEEEIREAFRVFDKDGNGYISAAELRHVMTNLGEKLTDEEVDEMIREADIDGDGQVNYEEFVQMMTAK
;
A
2 'polypeptide(L)' GADKEDDQEHPSEKQPSGAESGTLARASLALPTSSLSRTASQSSSHRGWEILRQNTLGHLNLGLNLSEGDGEE C
#
loop_
_chem_comp.id
_chem_comp.type
_chem_comp.name
_chem_comp.formula
CA non-polymer 'CALCIUM ION' 'Ca 2'
#
# COMPACT_ATOMS: atom_id res chain seq x y z
N SER A 1 -5.27 27.27 -10.74
CA SER A 1 -4.60 26.77 -9.51
C SER A 1 -3.91 25.44 -9.77
N MET A 2 -2.90 25.18 -8.95
CA MET A 2 -2.09 23.96 -9.04
C MET A 2 -2.15 23.20 -7.70
N ALA A 3 -3.13 23.52 -6.86
CA ALA A 3 -3.28 22.87 -5.55
C ALA A 3 -3.55 21.38 -5.70
N ASP A 4 -4.25 21.00 -6.76
CA ASP A 4 -4.61 19.61 -7.02
C ASP A 4 -3.34 18.79 -7.26
N GLN A 5 -2.31 19.42 -7.83
CA GLN A 5 -1.04 18.74 -8.11
C GLN A 5 -0.19 18.61 -6.84
N LEU A 6 -0.55 19.42 -5.84
CA LEU A 6 0.18 19.45 -4.53
C LEU A 6 1.68 19.66 -4.79
N THR A 7 1.98 20.68 -5.58
CA THR A 7 3.37 21.02 -5.91
C THR A 7 4.06 21.50 -4.62
N GLU A 8 5.40 21.54 -4.64
CA GLU A 8 6.18 21.98 -3.47
C GLU A 8 5.78 23.40 -3.01
N GLU A 9 5.44 24.25 -3.96
CA GLU A 9 4.99 25.59 -3.62
C GLU A 9 3.66 25.55 -2.83
N GLN A 10 2.77 24.64 -3.22
CA GLN A 10 1.48 24.53 -2.56
C GLN A 10 1.55 23.77 -1.26
N ILE A 11 2.44 22.79 -1.14
CA ILE A 11 2.53 22.04 0.13
C ILE A 11 2.98 23.06 1.17
N ALA A 12 3.81 24.01 0.76
CA ALA A 12 4.30 25.04 1.65
C ALA A 12 3.19 26.01 2.01
N GLU A 13 2.22 26.19 1.12
CA GLU A 13 1.16 27.17 1.34
C GLU A 13 0.32 26.86 2.58
N PHE A 14 -0.05 25.61 2.76
CA PHE A 14 -0.80 25.23 3.97
C PHE A 14 0.08 24.83 5.12
N LYS A 15 1.32 24.48 4.84
CA LYS A 15 2.27 24.09 5.88
C LYS A 15 2.57 25.34 6.68
N GLU A 16 2.60 26.48 6.01
CA GLU A 16 2.84 27.74 6.66
C GLU A 16 1.76 27.99 7.72
N ALA A 17 0.50 27.71 7.38
CA ALA A 17 -0.61 27.96 8.31
C ALA A 17 -0.53 27.00 9.50
N PHE A 18 -0.10 25.78 9.23
CA PHE A 18 0.06 24.75 10.25
C PHE A 18 1.23 25.08 11.20
N SER A 19 2.34 25.55 10.65
CA SER A 19 3.52 25.95 11.39
C SER A 19 3.37 27.29 12.06
N LEU A 20 2.37 28.08 11.69
CA LEU A 20 2.16 29.39 12.31
C LEU A 20 1.92 29.14 13.79
N PHE A 21 1.13 28.12 14.09
CA PHE A 21 0.84 27.79 15.48
C PHE A 21 1.86 26.80 16.10
N ASP A 22 2.48 25.96 15.28
CA ASP A 22 3.53 25.05 15.72
C ASP A 22 4.87 25.80 15.59
N LYS A 23 5.27 26.52 16.62
CA LYS A 23 6.49 27.29 16.55
C LYS A 23 7.75 26.42 16.35
N ASP A 24 7.77 25.24 16.96
CA ASP A 24 8.91 24.34 16.79
C ASP A 24 8.94 23.81 15.34
N GLY A 25 7.78 23.72 14.72
CA GLY A 25 7.71 23.26 13.32
C GLY A 25 7.86 21.76 13.22
N ASP A 26 7.61 21.07 14.31
CA ASP A 26 7.76 19.62 14.39
C ASP A 26 6.74 18.88 13.51
N GLY A 27 5.63 19.56 13.23
CA GLY A 27 4.57 18.99 12.46
C GLY A 27 3.46 18.42 13.32
N THR A 28 3.36 18.91 14.56
CA THR A 28 2.32 18.42 15.46
C THR A 28 1.54 19.58 16.08
N ILE A 29 0.21 19.48 16.00
CA ILE A 29 -0.69 20.49 16.58
C ILE A 29 -1.79 19.72 17.31
N THR A 30 -2.50 20.35 18.22
CA THR A 30 -3.65 19.71 18.87
C THR A 30 -4.89 20.14 18.12
N THR A 31 -6.00 19.46 18.37
CA THR A 31 -7.26 19.83 17.70
C THR A 31 -7.77 21.22 18.16
N LYS A 32 -7.37 21.66 19.36
CA LYS A 32 -7.71 22.99 19.84
C LYS A 32 -7.07 24.03 18.89
N GLN A 33 -5.84 23.73 18.46
CA GLN A 33 -5.11 24.59 17.52
C GLN A 33 -5.64 24.43 16.11
N LEU A 34 -6.11 23.25 15.73
CA LEU A 34 -6.67 23.07 14.38
C LEU A 34 -7.85 24.01 14.11
N GLY A 35 -8.68 24.28 15.12
CA GLY A 35 -9.78 25.19 14.93
C GLY A 35 -9.28 26.58 14.57
N THR A 36 -8.15 26.98 15.14
CA THR A 36 -7.54 28.27 14.83
C THR A 36 -6.91 28.22 13.43
N VAL A 37 -6.33 27.09 13.06
CA VAL A 37 -5.71 26.91 11.74
C VAL A 37 -6.82 26.98 10.66
N MET A 38 -8.01 26.51 10.99
CA MET A 38 -9.16 26.53 10.11
C MET A 38 -9.56 27.96 9.72
N ARG A 39 -9.25 28.92 10.59
CA ARG A 39 -9.52 30.34 10.32
C ARG A 39 -8.53 30.83 9.26
N SER A 40 -7.31 30.30 9.31
CA SER A 40 -6.32 30.67 8.32
C SER A 40 -6.61 29.97 6.97
N LEU A 41 -7.33 28.85 6.99
CA LEU A 41 -7.66 28.13 5.75
C LEU A 41 -8.82 28.79 4.99
N GLY A 42 -9.70 29.53 5.65
CA GLY A 42 -10.79 30.21 4.95
C GLY A 42 -11.53 31.22 5.77
N GLN A 43 -12.63 31.70 5.18
CA GLN A 43 -13.44 32.78 5.76
C GLN A 43 -14.41 32.35 6.86
N ASN A 44 -13.87 31.73 7.93
CA ASN A 44 -14.66 31.30 9.11
C ASN A 44 -15.92 30.46 8.76
N PRO A 45 -15.73 29.20 8.32
CA PRO A 45 -16.90 28.38 8.01
C PRO A 45 -17.68 28.10 9.31
N THR A 46 -18.94 27.70 9.18
CA THR A 46 -19.85 27.43 10.31
C THR A 46 -19.17 26.37 11.23
N GLU A 47 -19.56 26.36 12.49
CA GLU A 47 -18.93 25.47 13.46
C GLU A 47 -19.07 24.00 13.06
N ALA A 48 -20.17 23.62 12.44
CA ALA A 48 -20.34 22.24 12.00
C ALA A 48 -19.21 21.83 11.01
N GLU A 49 -18.85 22.73 10.11
CA GLU A 49 -17.77 22.45 9.17
C GLU A 49 -16.43 22.37 9.86
N LEU A 50 -16.22 23.27 10.81
CA LEU A 50 -14.96 23.34 11.52
C LEU A 50 -14.81 22.06 12.33
N GLN A 51 -15.90 21.65 12.96
CA GLN A 51 -15.94 20.50 13.79
C GLN A 51 -15.76 19.26 12.97
N ASP A 52 -16.34 19.24 11.79
CA ASP A 52 -16.25 18.08 10.90
C ASP A 52 -14.79 17.83 10.58
N MET A 53 -13.99 18.88 10.43
CA MET A 53 -12.58 18.69 10.09
C MET A 53 -11.80 18.13 11.27
N ILE A 54 -12.07 18.62 12.47
CA ILE A 54 -11.33 18.16 13.64
C ILE A 54 -11.80 16.76 14.01
N ASN A 55 -13.02 16.43 13.66
CA ASN A 55 -13.57 15.14 14.00
C ASN A 55 -12.93 14.01 13.21
N GLU A 56 -12.75 14.23 11.91
CA GLU A 56 -12.17 13.20 11.07
C GLU A 56 -10.71 12.97 11.39
N VAL A 57 -9.97 14.04 11.63
CA VAL A 57 -8.53 13.87 11.91
C VAL A 57 -8.30 13.28 13.29
N ASP A 58 -9.20 13.59 14.21
CA ASP A 58 -9.11 13.09 15.60
C ASP A 58 -9.91 11.82 15.77
N ALA A 59 -9.84 10.98 14.76
CA ALA A 59 -10.53 9.68 14.76
C ALA A 59 -9.89 8.87 15.88
N ASP A 60 -8.57 9.06 16.06
CA ASP A 60 -7.83 8.39 17.08
C ASP A 60 -8.32 8.74 18.49
N GLY A 61 -8.72 9.98 18.67
CA GLY A 61 -9.23 10.44 19.97
C GLY A 61 -8.14 10.89 20.91
N ASN A 62 -6.94 11.08 20.42
CA ASN A 62 -5.81 11.48 21.26
C ASN A 62 -5.63 12.99 21.35
N GLY A 63 -6.47 13.73 20.64
CA GLY A 63 -6.42 15.19 20.71
C GLY A 63 -5.24 15.83 19.96
N THR A 64 -4.37 15.02 19.33
CA THR A 64 -3.15 15.56 18.68
C THR A 64 -3.07 15.06 17.24
N ILE A 65 -2.74 15.95 16.34
CA ILE A 65 -2.64 15.67 14.91
C ILE A 65 -1.17 15.63 14.44
N ASP A 66 -0.81 14.53 13.85
CA ASP A 66 0.55 14.38 13.28
C ASP A 66 0.41 14.87 11.84
N PHE A 67 1.48 15.39 11.26
CA PHE A 67 1.43 15.98 9.92
C PHE A 67 0.98 15.04 8.77
N PRO A 68 1.42 13.76 8.76
CA PRO A 68 0.90 13.02 7.59
C PRO A 68 -0.59 12.74 7.65
N GLN A 69 -1.20 12.74 8.81
CA GLN A 69 -2.67 12.60 8.87
C GLN A 69 -3.30 13.88 8.35
N PHE A 70 -2.68 15.03 8.53
CA PHE A 70 -3.22 16.27 7.96
C PHE A 70 -3.16 16.15 6.41
N LEU A 71 -2.06 15.61 5.89
CA LEU A 71 -1.89 15.44 4.44
C LEU A 71 -2.83 14.42 3.86
N THR A 72 -3.16 13.40 4.63
CA THR A 72 -4.05 12.35 4.14
C THR A 72 -5.41 12.95 3.79
N MET A 73 -5.87 13.89 4.61
CA MET A 73 -7.17 14.49 4.37
C MET A 73 -7.19 15.31 3.11
N MET A 74 -6.13 16.05 2.88
CA MET A 74 -6.06 16.95 1.71
C MET A 74 -5.84 16.19 0.43
N ALA A 75 -5.00 15.16 0.50
CA ALA A 75 -4.66 14.38 -0.68
C ALA A 75 -5.91 13.72 -1.24
N ARG A 76 -6.77 13.28 -0.33
CA ARG A 76 -8.02 12.62 -0.71
C ARG A 76 -8.98 13.57 -1.42
N LYS A 77 -9.02 14.83 -1.00
CA LYS A 77 -9.87 15.84 -1.62
C LYS A 77 -9.36 16.13 -3.02
N MET A 78 -8.05 16.18 -3.19
CA MET A 78 -7.47 16.50 -4.51
C MET A 78 -7.47 15.32 -5.51
N LYS A 79 -7.26 14.10 -5.02
CA LYS A 79 -7.18 12.95 -5.93
C LYS A 79 -8.55 12.49 -6.44
N ASP A 80 -9.47 12.21 -5.53
CA ASP A 80 -10.80 11.74 -5.86
C ASP A 80 -10.80 10.48 -6.76
N THR A 81 -9.93 9.50 -6.56
CA THR A 81 -9.92 8.34 -7.45
C THR A 81 -10.14 7.09 -6.65
N ASP A 82 -11.20 6.36 -6.98
CA ASP A 82 -11.55 5.14 -6.25
C ASP A 82 -10.80 3.90 -6.75
N SER A 83 -10.39 3.88 -8.02
CA SER A 83 -9.73 2.67 -8.61
C SER A 83 -8.23 2.58 -8.33
N GLU A 84 -7.66 3.66 -7.83
CA GLU A 84 -6.24 3.77 -7.49
C GLU A 84 -5.90 2.85 -6.30
N GLU A 85 -6.91 2.43 -5.60
CA GLU A 85 -6.80 1.61 -4.40
C GLU A 85 -6.05 0.29 -4.54
N GLU A 86 -5.98 -0.28 -5.73
CA GLU A 86 -5.23 -1.54 -5.90
C GLU A 86 -3.75 -1.30 -5.57
N ILE A 87 -3.27 -0.13 -5.98
CA ILE A 87 -1.88 0.24 -5.75
C ILE A 87 -1.70 0.94 -4.39
N ARG A 88 -2.63 1.80 -3.98
CA ARG A 88 -2.39 2.60 -2.77
C ARG A 88 -2.21 1.77 -1.54
N GLU A 89 -2.97 0.71 -1.40
CA GLU A 89 -2.87 -0.10 -0.20
C GLU A 89 -1.52 -0.79 -0.14
N ALA A 90 -1.01 -1.18 -1.29
CA ALA A 90 0.28 -1.87 -1.34
C ALA A 90 1.36 -0.97 -0.77
N PHE A 91 1.26 0.33 -1.04
CA PHE A 91 2.25 1.27 -0.57
C PHE A 91 2.12 1.45 0.94
N ARG A 92 0.89 1.48 1.44
CA ARG A 92 0.63 1.70 2.86
C ARG A 92 1.04 0.55 3.77
N VAL A 93 1.09 -0.66 3.24
CA VAL A 93 1.48 -1.82 4.06
C VAL A 93 2.87 -1.57 4.67
N PHE A 94 3.83 -1.13 3.86
CA PHE A 94 5.17 -0.86 4.38
C PHE A 94 5.34 0.59 4.89
N ASP A 95 4.50 1.50 4.38
CA ASP A 95 4.63 2.91 4.76
C ASP A 95 3.82 3.19 5.99
N LYS A 96 4.27 2.63 7.10
CA LYS A 96 3.60 2.76 8.38
C LYS A 96 3.63 4.18 8.93
N ASP A 97 4.74 4.90 8.75
CA ASP A 97 4.79 6.27 9.31
C ASP A 97 4.01 7.23 8.42
N GLY A 98 3.79 6.83 7.18
CA GLY A 98 3.03 7.66 6.27
C GLY A 98 3.77 8.84 5.71
N ASN A 99 5.09 8.84 5.68
CA ASN A 99 5.84 10.03 5.21
C ASN A 99 5.84 10.14 3.69
N GLY A 100 5.27 9.15 3.01
CA GLY A 100 5.19 9.17 1.55
C GLY A 100 6.43 8.70 0.81
N TYR A 101 7.48 8.30 1.51
CA TYR A 101 8.68 7.82 0.85
C TYR A 101 9.05 6.44 1.41
N ILE A 102 9.82 5.72 0.60
CA ILE A 102 10.27 4.36 0.91
C ILE A 102 11.75 4.34 1.40
N SER A 103 11.99 3.78 2.58
CA SER A 103 13.36 3.61 3.14
C SER A 103 13.70 2.11 3.10
N ALA A 104 14.98 1.76 3.20
CA ALA A 104 15.37 0.34 3.16
C ALA A 104 14.73 -0.50 4.26
N ALA A 105 14.52 0.08 5.42
CA ALA A 105 13.91 -0.61 6.55
C ALA A 105 12.47 -1.08 6.26
N GLU A 106 11.76 -0.29 5.48
CA GLU A 106 10.37 -0.57 5.13
C GLU A 106 10.28 -1.81 4.25
N LEU A 107 11.27 -2.04 3.41
CA LEU A 107 11.29 -3.22 2.53
C LEU A 107 11.72 -4.44 3.31
N ARG A 108 12.52 -4.24 4.32
CA ARG A 108 13.05 -5.30 5.16
C ARG A 108 11.91 -5.99 5.90
N HIS A 109 10.94 -5.21 6.36
CA HIS A 109 9.81 -5.77 7.08
C HIS A 109 9.00 -6.71 6.18
N VAL A 110 8.74 -6.29 4.95
CA VAL A 110 7.92 -7.08 4.06
C VAL A 110 8.61 -8.37 3.63
N MET A 111 9.87 -8.29 3.22
CA MET A 111 10.55 -9.51 2.70
C MET A 111 10.79 -10.56 3.76
N THR A 112 10.91 -10.12 4.99
CA THR A 112 11.12 -11.04 6.13
C THR A 112 9.87 -11.92 6.37
N ASN A 113 8.69 -11.37 6.15
CA ASN A 113 7.46 -12.11 6.36
C ASN A 113 7.32 -13.32 5.39
N LEU A 114 7.92 -13.24 4.23
CA LEU A 114 7.91 -14.36 3.28
C LEU A 114 8.81 -15.50 3.75
N GLY A 115 9.68 -15.22 4.71
CA GLY A 115 10.60 -16.22 5.22
C GLY A 115 11.79 -16.29 4.31
N GLU A 116 12.07 -15.20 3.61
CA GLU A 116 13.18 -15.08 2.68
C GLU A 116 14.01 -13.90 3.14
N LYS A 117 15.32 -13.91 2.82
CA LYS A 117 16.23 -12.82 3.26
C LYS A 117 16.92 -12.14 2.07
N LEU A 118 16.37 -11.00 1.65
CA LEU A 118 17.01 -10.21 0.60
C LEU A 118 18.31 -9.69 1.22
N THR A 119 19.37 -9.52 0.45
CA THR A 119 20.60 -9.02 1.03
C THR A 119 20.40 -7.51 1.28
N ASP A 120 21.11 -6.96 2.25
CA ASP A 120 20.99 -5.54 2.54
C ASP A 120 21.53 -4.72 1.40
N GLU A 121 22.50 -5.26 0.68
CA GLU A 121 23.05 -4.56 -0.50
C GLU A 121 21.94 -4.52 -1.59
N GLU A 122 21.15 -5.57 -1.76
CA GLU A 122 20.13 -5.53 -2.78
C GLU A 122 19.02 -4.51 -2.39
N VAL A 123 18.66 -4.46 -1.11
CA VAL A 123 17.58 -3.57 -0.69
C VAL A 123 18.02 -2.12 -0.84
N ASP A 124 19.27 -1.81 -0.53
CA ASP A 124 19.76 -0.43 -0.62
C ASP A 124 19.87 0.02 -2.07
N GLU A 125 20.37 -0.85 -2.94
CA GLU A 125 20.51 -0.49 -4.35
C GLU A 125 19.15 -0.44 -5.03
N MET A 126 18.13 -1.12 -4.51
CA MET A 126 16.77 -1.07 -5.09
C MET A 126 16.20 0.32 -5.06
N ILE A 127 16.54 1.13 -4.07
CA ILE A 127 15.98 2.43 -3.97
C ILE A 127 16.56 3.31 -5.06
N ARG A 128 17.87 3.23 -5.27
CA ARG A 128 18.50 4.04 -6.33
C ARG A 128 18.08 3.53 -7.73
N GLU A 129 17.86 2.23 -7.82
CA GLU A 129 17.48 1.64 -9.10
C GLU A 129 16.10 2.12 -9.48
N ALA A 130 15.20 2.15 -8.50
CA ALA A 130 13.85 2.59 -8.77
C ALA A 130 13.82 4.11 -9.06
N ASP A 131 14.53 4.88 -8.26
CA ASP A 131 14.49 6.33 -8.40
C ASP A 131 15.07 6.82 -9.70
N ILE A 132 14.39 7.75 -10.37
CA ILE A 132 14.86 8.25 -11.64
C ILE A 132 15.42 9.69 -11.54
N ASP A 133 15.25 10.37 -10.41
CA ASP A 133 15.67 11.79 -10.32
C ASP A 133 16.83 12.11 -9.32
N GLY A 134 17.51 11.11 -8.78
CA GLY A 134 18.73 11.33 -8.02
C GLY A 134 18.57 11.85 -6.60
N ASP A 135 17.36 11.81 -6.07
CA ASP A 135 17.10 12.32 -4.73
C ASP A 135 17.38 11.27 -3.64
N GLY A 136 17.56 9.99 -4.00
CA GLY A 136 17.84 8.94 -3.02
C GLY A 136 16.62 8.36 -2.29
N GLN A 137 15.44 8.72 -2.77
CA GLN A 137 14.18 8.27 -2.15
C GLN A 137 13.09 8.09 -3.22
N VAL A 138 12.16 7.20 -2.93
CA VAL A 138 11.13 6.82 -3.86
C VAL A 138 9.77 7.23 -3.32
N ASN A 139 8.96 7.87 -4.16
CA ASN A 139 7.59 8.29 -3.78
C ASN A 139 6.54 7.40 -4.45
N TYR A 140 5.26 7.68 -4.21
CA TYR A 140 4.16 6.83 -4.76
C TYR A 140 4.09 6.73 -6.29
N GLU A 141 4.22 7.81 -7.01
CA GLU A 141 4.16 7.70 -8.48
C GLU A 141 5.35 6.86 -9.01
N GLU A 142 6.49 6.94 -8.35
CA GLU A 142 7.65 6.15 -8.75
C GLU A 142 7.37 4.67 -8.47
N PHE A 143 6.62 4.41 -7.41
CA PHE A 143 6.28 3.05 -7.01
C PHE A 143 5.26 2.47 -8.01
N VAL A 144 4.32 3.29 -8.50
CA VAL A 144 3.32 2.78 -9.44
C VAL A 144 4.05 2.40 -10.72
N GLN A 145 5.00 3.24 -11.10
CA GLN A 145 5.76 3.08 -12.33
C GLN A 145 6.48 1.74 -12.40
N MET A 146 6.90 1.26 -11.24
CA MET A 146 7.66 0.02 -11.15
C MET A 146 6.89 -1.17 -11.73
N MET A 147 5.58 -1.23 -11.52
CA MET A 147 4.78 -2.34 -11.96
C MET A 147 4.04 -2.10 -13.22
N THR A 148 3.69 -0.83 -13.48
CA THR A 148 2.90 -0.50 -14.65
C THR A 148 3.73 -0.27 -15.90
N ALA A 149 5.04 -0.21 -15.76
CA ALA A 149 5.93 0.00 -16.89
C ALA A 149 7.29 -0.62 -16.54
N LYS A 150 8.11 -0.79 -17.57
CA LYS A 150 9.44 -1.38 -17.38
C LYS A 150 10.49 -0.38 -16.91
N GLY B 1 76.21 38.21 18.50
CA GLY B 1 75.76 36.81 18.67
C GLY B 1 74.52 36.48 17.86
N ALA B 2 74.23 35.22 17.62
CA ALA B 2 73.05 34.84 16.83
C ALA B 2 71.73 35.24 17.49
N ASP B 3 70.71 35.47 16.66
CA ASP B 3 69.36 35.85 17.14
C ASP B 3 68.35 35.40 16.09
N LYS B 4 67.12 35.14 16.49
CA LYS B 4 66.02 34.73 15.59
C LYS B 4 64.75 35.51 15.92
N GLU B 5 63.96 35.80 14.90
CA GLU B 5 62.67 36.48 15.11
C GLU B 5 61.69 35.53 15.78
N ASP B 6 60.69 36.06 16.47
CA ASP B 6 59.71 35.24 17.20
C ASP B 6 58.23 35.58 16.93
N ASP B 7 57.51 34.67 16.28
CA ASP B 7 56.04 34.80 16.12
C ASP B 7 55.38 33.43 16.26
N GLN B 8 54.13 33.38 16.69
CA GLN B 8 53.36 32.13 16.79
C GLN B 8 51.84 32.43 16.80
N GLU B 9 51.23 32.55 15.64
CA GLU B 9 49.78 32.90 15.59
C GLU B 9 48.91 31.73 16.01
N HIS B 10 48.03 31.92 16.99
CA HIS B 10 47.18 30.83 17.51
C HIS B 10 45.80 31.31 18.04
N PRO B 11 45.03 32.09 17.27
CA PRO B 11 43.76 32.55 17.88
C PRO B 11 42.69 31.45 17.93
N SER B 12 41.65 31.72 18.72
CA SER B 12 40.51 30.83 18.85
C SER B 12 39.31 31.76 18.69
N GLU B 13 38.16 31.23 18.24
CA GLU B 13 36.98 32.07 17.95
C GLU B 13 35.74 31.64 18.74
N LYS B 14 35.17 32.57 19.50
CA LYS B 14 33.97 32.36 20.34
C LYS B 14 32.79 33.26 19.94
N GLN B 15 32.98 34.20 19.00
CA GLN B 15 31.89 35.09 18.60
C GLN B 15 30.80 34.29 17.86
N PRO B 16 29.57 34.22 18.40
CA PRO B 16 28.60 33.41 17.68
C PRO B 16 28.08 34.09 16.40
N SER B 17 27.73 33.30 15.39
CA SER B 17 27.18 33.80 14.13
C SER B 17 26.34 32.70 13.46
N GLY B 18 25.50 33.09 12.50
CA GLY B 18 24.70 32.13 11.73
C GLY B 18 23.46 31.57 12.40
N ALA B 19 22.95 32.26 13.40
CA ALA B 19 21.82 31.78 14.16
C ALA B 19 20.52 31.60 13.33
N GLU B 20 19.74 30.60 13.69
CA GLU B 20 18.44 30.27 13.09
C GLU B 20 17.70 29.46 14.20
N SER B 21 16.37 29.25 14.12
CA SER B 21 15.70 28.46 15.18
C SER B 21 16.34 27.07 15.32
N GLY B 22 16.50 26.34 14.22
CA GLY B 22 17.17 25.04 14.22
C GLY B 22 16.48 23.97 15.08
N THR B 23 15.17 23.98 15.24
CA THR B 23 14.49 23.03 16.12
C THR B 23 13.97 21.83 15.34
N LEU B 24 14.67 20.70 15.50
CA LEU B 24 14.29 19.45 14.85
C LEU B 24 14.94 18.26 15.61
N ALA B 25 14.29 17.11 15.48
CA ALA B 25 14.73 15.86 16.09
C ALA B 25 13.96 14.78 15.33
N ARG B 26 14.40 13.53 15.40
CA ARG B 26 13.72 12.41 14.74
C ARG B 26 13.38 11.24 15.68
N ALA B 27 12.16 10.74 15.59
CA ALA B 27 11.65 9.71 16.46
C ALA B 27 12.21 8.32 16.24
N SER B 28 12.65 7.99 15.03
CA SER B 28 13.05 6.64 14.69
C SER B 28 14.19 6.61 13.69
N LEU B 29 14.94 5.51 13.70
CA LEU B 29 16.08 5.28 12.84
C LEU B 29 16.27 3.76 12.68
N ALA B 30 17.02 3.36 11.68
CA ALA B 30 17.24 1.95 11.43
C ALA B 30 18.65 1.52 11.80
N LEU B 31 19.64 2.27 11.34
CA LEU B 31 21.08 1.99 11.56
C LEU B 31 21.40 0.50 11.39
N PRO B 32 21.25 -0.02 10.17
CA PRO B 32 21.58 -1.45 10.10
C PRO B 32 23.07 -1.66 10.19
N THR B 33 23.49 -2.78 10.72
CA THR B 33 24.91 -3.10 10.80
C THR B 33 25.20 -4.25 9.82
N SER B 34 24.12 -4.80 9.29
CA SER B 34 24.20 -5.88 8.27
C SER B 34 24.55 -5.26 6.94
N SER B 35 24.25 -3.98 6.78
CA SER B 35 24.55 -3.26 5.53
C SER B 35 26.04 -3.00 5.37
N LEU B 36 26.54 -3.23 4.16
CA LEU B 36 27.96 -3.05 3.82
C LEU B 36 27.96 -2.83 2.28
N SER B 37 29.08 -2.36 1.75
CA SER B 37 29.18 -2.08 0.30
C SER B 37 30.43 -2.76 -0.31
N ARG B 38 30.40 -4.08 -0.42
CA ARG B 38 31.54 -4.81 -1.00
C ARG B 38 31.33 -5.05 -2.48
N THR B 39 30.07 -5.09 -2.90
CA THR B 39 29.75 -5.36 -4.29
C THR B 39 30.31 -4.30 -5.20
N ALA B 40 30.77 -4.77 -6.37
CA ALA B 40 31.26 -3.92 -7.41
C ALA B 40 30.15 -3.74 -8.45
N SER B 41 29.31 -4.75 -8.54
CA SER B 41 28.25 -4.78 -9.55
C SER B 41 27.13 -3.77 -9.18
N GLN B 42 26.80 -3.72 -7.91
CA GLN B 42 25.78 -2.85 -7.33
C GLN B 42 24.38 -3.08 -7.93
N SER B 43 24.24 -4.25 -8.54
CA SER B 43 23.01 -4.65 -9.17
C SER B 43 21.96 -5.07 -8.14
N SER B 44 20.70 -4.94 -8.51
CA SER B 44 19.62 -5.42 -7.62
C SER B 44 18.50 -5.96 -8.50
N SER B 45 17.81 -7.00 -8.05
CA SER B 45 16.77 -7.65 -8.85
C SER B 45 15.45 -6.95 -8.64
N HIS B 46 14.64 -6.88 -9.69
CA HIS B 46 13.31 -6.25 -9.63
C HIS B 46 12.42 -7.06 -8.70
N ARG B 47 12.86 -8.26 -8.32
CA ARG B 47 12.12 -9.12 -7.43
C ARG B 47 11.87 -8.43 -6.12
N GLY B 48 12.79 -7.57 -5.68
CA GLY B 48 12.63 -6.90 -4.40
C GLY B 48 11.38 -6.02 -4.29
N TRP B 49 10.99 -5.38 -5.38
CA TRP B 49 9.77 -4.56 -5.39
C TRP B 49 8.57 -5.45 -5.77
N GLU B 50 8.86 -6.49 -6.57
CA GLU B 50 7.82 -7.40 -7.02
C GLU B 50 7.26 -8.21 -5.90
N ILE B 51 8.10 -8.66 -4.98
CA ILE B 51 7.65 -9.53 -3.92
C ILE B 51 6.70 -8.77 -3.02
N LEU B 52 6.93 -7.49 -2.86
CA LEU B 52 6.14 -6.66 -2.00
C LEU B 52 4.71 -6.61 -2.53
N ARG B 53 4.58 -6.34 -3.82
CA ARG B 53 3.27 -6.19 -4.42
C ARG B 53 2.59 -7.53 -4.62
N GLN B 54 3.31 -8.59 -4.88
CA GLN B 54 2.64 -9.88 -5.03
C GLN B 54 2.03 -10.34 -3.70
N ASN B 55 2.72 -10.13 -2.58
CA ASN B 55 2.19 -10.69 -1.32
C ASN B 55 1.00 -9.91 -0.78
N THR B 56 0.93 -8.62 -1.07
CA THR B 56 -0.18 -7.78 -0.59
C THR B 56 -1.38 -7.96 -1.53
N LEU B 57 -1.10 -8.35 -2.78
CA LEU B 57 -2.16 -8.69 -3.74
C LEU B 57 -2.74 -10.00 -3.31
N GLY B 58 -1.90 -10.80 -2.67
CA GLY B 58 -2.33 -12.13 -2.26
C GLY B 58 -2.09 -13.09 -3.40
N HIS B 59 -1.19 -12.73 -4.32
CA HIS B 59 -0.85 -13.56 -5.47
C HIS B 59 -0.16 -14.81 -4.95
N LEU B 60 -0.47 -15.97 -5.50
CA LEU B 60 0.15 -17.19 -5.01
C LEU B 60 1.65 -17.29 -5.37
N ASN B 61 2.49 -17.55 -4.37
CA ASN B 61 3.93 -17.75 -4.57
C ASN B 61 4.30 -19.05 -3.86
N LEU B 62 5.32 -19.74 -4.36
CA LEU B 62 5.74 -20.98 -3.74
C LEU B 62 7.26 -21.12 -3.79
N GLY B 63 7.87 -21.57 -2.70
CA GLY B 63 9.33 -21.76 -2.69
C GLY B 63 9.71 -22.99 -1.87
N LEU B 64 10.78 -23.64 -2.31
CA LEU B 64 11.28 -24.89 -1.73
C LEU B 64 12.59 -24.66 -1.00
N ASN B 65 13.48 -23.85 -1.59
CA ASN B 65 14.83 -23.64 -1.04
C ASN B 65 14.83 -22.92 0.31
N LEU B 66 13.78 -22.17 0.58
CA LEU B 66 13.65 -21.50 1.85
C LEU B 66 13.48 -22.47 3.03
N SER B 67 13.28 -23.76 2.76
CA SER B 67 13.09 -24.72 3.84
C SER B 67 14.45 -25.09 4.47
N GLU B 68 15.45 -25.40 3.65
CA GLU B 68 16.75 -25.78 4.19
C GLU B 68 17.46 -24.52 4.70
N GLY B 69 18.03 -24.63 5.89
CA GLY B 69 18.75 -23.52 6.47
C GLY B 69 18.48 -23.54 7.97
N ASP B 70 18.69 -22.39 8.62
CA ASP B 70 18.45 -22.27 10.04
C ASP B 70 16.95 -22.54 10.29
N GLY B 71 16.61 -23.22 11.37
CA GLY B 71 15.21 -23.56 11.66
C GLY B 71 14.48 -22.44 12.36
N GLU B 72 13.21 -22.65 12.65
CA GLU B 72 12.41 -21.66 13.38
C GLU B 72 11.35 -22.39 14.18
N GLU B 73 10.87 -21.76 15.22
CA GLU B 73 9.87 -22.33 16.12
C GLU B 73 8.56 -21.56 16.04
CA CA C . 7.91 5.56 5.16
CA CA D . 13.15 10.26 -6.31
N SER A 1 -10.29 10.55 12.34
CA SER A 1 -10.86 11.81 11.77
C SER A 1 -11.28 11.61 10.34
N MET A 2 -12.21 10.68 10.11
CA MET A 2 -12.63 10.32 8.76
C MET A 2 -13.56 11.33 8.12
N ALA A 3 -14.25 12.14 8.92
CA ALA A 3 -15.15 13.16 8.34
C ALA A 3 -14.32 14.15 7.52
N ASP A 4 -13.13 14.43 8.01
CA ASP A 4 -12.17 15.35 7.36
C ASP A 4 -11.68 14.91 5.96
N GLN A 5 -11.76 13.62 5.65
CA GLN A 5 -11.28 13.16 4.33
C GLN A 5 -12.01 13.87 3.18
N LEU A 6 -13.31 14.09 3.34
CA LEU A 6 -14.13 14.79 2.36
C LEU A 6 -14.11 16.28 2.64
N THR A 7 -14.25 17.07 1.58
CA THR A 7 -14.32 18.52 1.72
C THR A 7 -15.77 18.83 2.10
N GLU A 8 -16.03 20.03 2.60
CA GLU A 8 -17.39 20.43 3.00
C GLU A 8 -18.33 20.33 1.80
N GLU A 9 -17.85 20.68 0.61
CA GLU A 9 -18.68 20.62 -0.59
C GLU A 9 -19.15 19.17 -0.85
N GLN A 10 -18.27 18.20 -0.65
CA GLN A 10 -18.61 16.78 -0.89
C GLN A 10 -19.44 16.16 0.23
N ILE A 11 -19.07 16.47 1.47
CA ILE A 11 -19.74 15.83 2.62
C ILE A 11 -21.17 16.33 2.78
N ALA A 12 -21.38 17.62 2.49
CA ALA A 12 -22.69 18.24 2.63
C ALA A 12 -23.72 17.62 1.70
N GLU A 13 -23.29 17.13 0.53
CA GLU A 13 -24.26 16.63 -0.43
C GLU A 13 -25.08 15.49 0.15
N PHE A 14 -24.47 14.51 0.78
CA PHE A 14 -25.23 13.38 1.34
C PHE A 14 -25.69 13.58 2.78
N LYS A 15 -25.03 14.54 3.46
CA LYS A 15 -25.26 14.76 4.89
C LYS A 15 -26.68 15.17 5.20
N GLU A 16 -27.25 16.04 4.39
CA GLU A 16 -28.61 16.48 4.66
C GLU A 16 -29.57 15.31 4.57
N ALA A 17 -29.34 14.40 3.63
CA ALA A 17 -30.23 13.25 3.42
C ALA A 17 -30.10 12.26 4.56
N PHE A 18 -28.90 12.10 5.10
CA PHE A 18 -28.68 11.17 6.21
C PHE A 18 -29.41 11.73 7.42
N SER A 19 -29.28 13.04 7.58
CA SER A 19 -29.85 13.75 8.73
C SER A 19 -31.38 13.76 8.73
N LEU A 20 -31.98 13.52 7.57
CA LEU A 20 -33.45 13.47 7.44
C LEU A 20 -34.01 12.32 8.31
N PHE A 21 -33.27 11.22 8.34
CA PHE A 21 -33.70 10.03 9.11
C PHE A 21 -33.22 10.11 10.55
N ASP A 22 -32.27 10.98 10.80
CA ASP A 22 -31.71 11.16 12.16
C ASP A 22 -32.46 12.29 12.87
N LYS A 23 -33.78 12.20 12.86
CA LYS A 23 -34.61 13.27 13.42
C LYS A 23 -34.41 13.40 14.90
N ASP A 24 -34.16 12.27 15.54
CA ASP A 24 -33.91 12.22 16.98
C ASP A 24 -32.55 12.83 17.34
N GLY A 25 -31.61 12.87 16.41
CA GLY A 25 -30.30 13.45 16.68
C GLY A 25 -29.42 12.47 17.44
N ASP A 26 -29.73 11.16 17.32
CA ASP A 26 -28.93 10.13 18.00
C ASP A 26 -27.59 9.96 17.30
N GLY A 27 -27.54 10.34 16.03
CA GLY A 27 -26.32 10.21 15.27
C GLY A 27 -26.17 8.83 14.66
N THR A 28 -27.16 7.96 14.87
CA THR A 28 -27.11 6.59 14.34
C THR A 28 -28.36 6.18 13.58
N ILE A 29 -28.19 5.22 12.70
CA ILE A 29 -29.27 4.59 11.91
C ILE A 29 -29.04 3.08 11.92
N THR A 30 -30.04 2.29 11.58
CA THR A 30 -29.86 0.83 11.54
C THR A 30 -29.41 0.42 10.13
N THR A 31 -28.91 -0.80 9.93
CA THR A 31 -28.45 -1.22 8.60
C THR A 31 -29.56 -1.34 7.58
N LYS A 32 -30.79 -1.61 7.98
CA LYS A 32 -31.90 -1.69 7.00
C LYS A 32 -32.29 -0.30 6.49
N GLN A 33 -32.00 0.73 7.28
CA GLN A 33 -32.30 2.10 6.88
C GLN A 33 -31.29 2.65 5.89
N LEU A 34 -30.11 2.04 5.79
CA LEU A 34 -29.09 2.55 4.86
C LEU A 34 -29.59 2.50 3.41
N GLY A 35 -30.33 1.46 3.03
CA GLY A 35 -30.83 1.40 1.67
C GLY A 35 -31.80 2.54 1.43
N THR A 36 -32.60 2.88 2.43
CA THR A 36 -33.57 3.97 2.32
C THR A 36 -32.87 5.32 2.21
N VAL A 37 -31.79 5.49 2.96
CA VAL A 37 -31.02 6.75 2.94
C VAL A 37 -30.46 6.92 1.52
N MET A 38 -29.99 5.85 0.89
CA MET A 38 -29.44 5.97 -0.47
C MET A 38 -30.49 6.37 -1.50
N ARG A 39 -31.72 6.00 -1.25
CA ARG A 39 -32.81 6.39 -2.14
C ARG A 39 -33.00 7.90 -2.01
N SER A 40 -32.80 8.41 -0.80
CA SER A 40 -32.95 9.86 -0.54
C SER A 40 -31.75 10.66 -1.10
N LEU A 41 -30.59 10.02 -1.26
CA LEU A 41 -29.43 10.68 -1.93
C LEU A 41 -29.68 10.67 -3.43
N GLY A 42 -30.67 9.92 -3.88
CA GLY A 42 -30.95 9.85 -5.28
C GLY A 42 -30.08 8.90 -6.05
N GLN A 43 -29.66 7.82 -5.41
CA GLN A 43 -28.81 6.81 -6.08
C GLN A 43 -29.43 5.42 -5.86
N ASN A 44 -29.03 4.52 -6.72
CA ASN A 44 -29.57 3.13 -6.72
C ASN A 44 -28.50 2.05 -6.77
N PRO A 45 -27.85 1.77 -5.63
CA PRO A 45 -26.84 0.71 -5.74
C PRO A 45 -27.51 -0.67 -5.97
N THR A 46 -26.78 -1.59 -6.60
CA THR A 46 -27.27 -2.94 -6.84
C THR A 46 -27.33 -3.66 -5.49
N GLU A 47 -28.05 -4.77 -5.42
CA GLU A 47 -28.26 -5.48 -4.17
C GLU A 47 -26.95 -5.87 -3.51
N ALA A 48 -26.00 -6.35 -4.31
CA ALA A 48 -24.70 -6.74 -3.76
C ALA A 48 -23.89 -5.54 -3.27
N GLU A 49 -24.02 -4.39 -3.96
CA GLU A 49 -23.26 -3.19 -3.61
C GLU A 49 -23.80 -2.63 -2.29
N LEU A 50 -25.11 -2.66 -2.14
CA LEU A 50 -25.81 -2.16 -0.96
C LEU A 50 -25.48 -3.06 0.21
N GLN A 51 -25.44 -4.35 -0.07
CA GLN A 51 -25.16 -5.33 0.97
C GLN A 51 -23.71 -5.14 1.42
N ASP A 52 -22.84 -4.80 0.49
CA ASP A 52 -21.44 -4.62 0.86
C ASP A 52 -21.30 -3.47 1.82
N MET A 53 -22.02 -2.39 1.57
CA MET A 53 -21.85 -1.22 2.43
C MET A 53 -22.42 -1.49 3.80
N ILE A 54 -23.57 -2.15 3.91
CA ILE A 54 -24.16 -2.39 5.23
C ILE A 54 -23.31 -3.37 6.00
N ASN A 55 -22.56 -4.20 5.30
CA ASN A 55 -21.66 -5.17 5.97
C ASN A 55 -20.40 -4.42 6.41
N GLU A 56 -19.88 -3.53 5.58
CA GLU A 56 -18.62 -2.84 5.85
C GLU A 56 -18.72 -1.96 7.10
N VAL A 57 -19.85 -1.29 7.26
CA VAL A 57 -20.08 -0.39 8.40
C VAL A 57 -20.57 -1.16 9.65
N ASP A 58 -20.85 -2.44 9.45
CA ASP A 58 -21.36 -3.32 10.49
C ASP A 58 -20.45 -4.53 10.61
N ALA A 59 -19.16 -4.24 10.65
CA ALA A 59 -18.13 -5.27 10.72
C ALA A 59 -18.25 -6.11 11.97
N ASP A 60 -18.71 -5.51 13.06
CA ASP A 60 -18.85 -6.27 14.29
C ASP A 60 -20.22 -6.98 14.39
N GLY A 61 -21.10 -6.75 13.41
CA GLY A 61 -22.39 -7.47 13.36
C GLY A 61 -23.48 -6.98 14.31
N ASN A 62 -23.37 -5.77 14.81
CA ASN A 62 -24.35 -5.26 15.77
C ASN A 62 -25.70 -4.96 15.10
N GLY A 63 -25.72 -4.72 13.80
CA GLY A 63 -26.95 -4.43 13.07
C GLY A 63 -27.35 -2.97 13.14
N THR A 64 -26.51 -2.13 13.72
CA THR A 64 -26.75 -0.71 13.87
C THR A 64 -25.52 -0.03 13.30
N ILE A 65 -25.61 1.26 13.02
CA ILE A 65 -24.47 1.99 12.39
C ILE A 65 -24.09 3.20 13.22
N ASP A 66 -22.80 3.30 13.54
CA ASP A 66 -22.27 4.40 14.33
C ASP A 66 -22.08 5.64 13.43
N PHE A 67 -22.06 6.83 14.02
CA PHE A 67 -21.91 8.10 13.25
C PHE A 67 -20.66 8.10 12.36
N PRO A 68 -19.45 7.82 12.90
CA PRO A 68 -18.32 7.91 11.95
C PRO A 68 -18.23 6.75 10.96
N GLN A 69 -18.89 5.63 11.27
CA GLN A 69 -18.78 4.43 10.47
C GLN A 69 -19.36 4.61 9.05
N PHE A 70 -20.45 5.35 8.99
CA PHE A 70 -21.06 5.65 7.69
C PHE A 70 -20.12 6.50 6.87
N LEU A 71 -19.51 7.48 7.53
CA LEU A 71 -18.66 8.43 6.83
C LEU A 71 -17.39 7.81 6.26
N THR A 72 -16.82 6.84 6.97
CA THR A 72 -15.59 6.23 6.50
C THR A 72 -15.83 5.56 5.17
N MET A 73 -16.95 4.86 5.07
CA MET A 73 -17.23 4.09 3.86
C MET A 73 -17.77 4.96 2.73
N MET A 74 -18.61 5.93 3.07
CA MET A 74 -19.20 6.79 2.07
C MET A 74 -18.17 7.67 1.36
N ALA A 75 -17.04 7.97 2.00
CA ALA A 75 -16.04 8.81 1.39
C ALA A 75 -15.53 8.26 0.05
N ARG A 76 -15.29 6.97 -0.05
CA ARG A 76 -14.82 6.39 -1.32
C ARG A 76 -15.95 6.48 -2.35
N LYS A 77 -17.20 6.29 -1.93
CA LYS A 77 -18.32 6.34 -2.86
C LYS A 77 -18.57 7.72 -3.46
N MET A 78 -18.28 8.78 -2.72
CA MET A 78 -18.51 10.14 -3.23
C MET A 78 -17.57 10.53 -4.37
N LYS A 79 -16.38 9.95 -4.46
CA LYS A 79 -15.47 10.34 -5.54
C LYS A 79 -15.91 9.68 -6.84
N ASP A 80 -15.97 8.35 -6.79
CA ASP A 80 -16.30 7.42 -7.91
C ASP A 80 -15.88 6.10 -7.25
N THR A 81 -16.06 4.95 -7.89
CA THR A 81 -15.54 3.72 -7.28
C THR A 81 -14.03 3.90 -7.08
N ASP A 82 -13.37 4.41 -8.11
CA ASP A 82 -11.97 4.82 -8.06
C ASP A 82 -11.03 3.72 -7.51
N SER A 83 -10.95 2.64 -8.25
CA SER A 83 -10.14 1.50 -7.83
C SER A 83 -8.66 1.81 -7.84
N GLU A 84 -8.27 2.89 -8.50
CA GLU A 84 -6.88 3.34 -8.55
C GLU A 84 -6.44 3.79 -7.15
N GLU A 85 -7.35 4.37 -6.36
CA GLU A 85 -7.02 4.76 -4.98
C GLU A 85 -6.72 3.57 -4.11
N GLU A 86 -7.29 2.42 -4.37
CA GLU A 86 -7.08 1.22 -3.54
C GLU A 86 -5.61 0.76 -3.56
N ILE A 87 -4.88 1.14 -4.60
CA ILE A 87 -3.47 0.75 -4.77
C ILE A 87 -2.64 1.25 -3.53
N ARG A 88 -3.03 2.37 -2.93
CA ARG A 88 -2.28 2.86 -1.77
C ARG A 88 -2.22 1.91 -0.56
N GLU A 89 -3.14 0.96 -0.46
CA GLU A 89 -3.05 0.01 0.64
C GLU A 89 -1.72 -0.74 0.58
N ALA A 90 -1.20 -0.98 -0.62
CA ALA A 90 0.03 -1.71 -0.79
C ALA A 90 1.19 -0.89 -0.25
N PHE A 91 1.11 0.42 -0.46
CA PHE A 91 2.20 1.31 -0.05
C PHE A 91 2.19 1.40 1.46
N ARG A 92 0.96 1.47 2.02
CA ARG A 92 0.70 1.57 3.46
C ARG A 92 1.06 0.39 4.29
N VAL A 93 1.05 -0.82 3.74
CA VAL A 93 1.39 -2.01 4.55
C VAL A 93 2.81 -1.85 5.10
N PHE A 94 3.76 -1.45 4.27
CA PHE A 94 5.11 -1.25 4.80
C PHE A 94 5.35 0.17 5.33
N ASP A 95 4.60 1.15 4.83
CA ASP A 95 4.84 2.56 5.23
C ASP A 95 3.93 3.02 6.35
N LYS A 96 4.36 2.76 7.56
CA LYS A 96 3.61 3.15 8.74
C LYS A 96 3.63 4.67 8.96
N ASP A 97 4.73 5.36 8.62
CA ASP A 97 4.82 6.78 8.92
C ASP A 97 4.03 7.71 7.98
N GLY A 98 3.64 7.22 6.81
CA GLY A 98 2.76 8.01 5.93
C GLY A 98 3.44 9.20 5.26
N ASN A 99 4.76 9.25 5.14
CA ASN A 99 5.43 10.43 4.55
C ASN A 99 5.45 10.45 3.03
N GLY A 100 4.93 9.43 2.36
CA GLY A 100 4.85 9.42 0.92
C GLY A 100 6.08 8.86 0.23
N TYR A 101 7.08 8.46 1.00
CA TYR A 101 8.31 7.87 0.45
C TYR A 101 8.62 6.54 1.16
N ILE A 102 9.41 5.73 0.47
CA ILE A 102 9.86 4.43 0.97
C ILE A 102 11.29 4.54 1.53
N SER A 103 11.50 3.99 2.72
CA SER A 103 12.85 3.94 3.31
C SER A 103 13.28 2.47 3.31
N ALA A 104 14.60 2.20 3.35
CA ALA A 104 15.10 0.81 3.29
C ALA A 104 14.59 -0.03 4.45
N ALA A 105 14.43 0.57 5.63
CA ALA A 105 13.97 -0.16 6.81
C ALA A 105 12.53 -0.71 6.64
N GLU A 106 11.73 0.01 5.89
CA GLU A 106 10.34 -0.37 5.66
C GLU A 106 10.26 -1.60 4.80
N LEU A 107 11.25 -1.80 3.93
CA LEU A 107 11.28 -2.95 3.01
C LEU A 107 11.66 -4.22 3.75
N ARG A 108 12.37 -4.07 4.84
CA ARG A 108 12.79 -5.22 5.66
C ARG A 108 11.59 -5.89 6.32
N HIS A 109 10.54 -5.11 6.54
CA HIS A 109 9.28 -5.61 7.10
C HIS A 109 8.72 -6.70 6.18
N VAL A 110 8.69 -6.41 4.89
CA VAL A 110 8.19 -7.34 3.91
C VAL A 110 9.16 -8.49 3.72
N MET A 111 10.44 -8.15 3.78
CA MET A 111 11.49 -9.12 3.54
C MET A 111 11.49 -10.23 4.58
N THR A 112 11.26 -9.88 5.84
CA THR A 112 11.35 -10.88 6.92
C THR A 112 10.14 -11.83 6.96
N ASN A 113 9.02 -11.37 6.42
CA ASN A 113 7.79 -12.18 6.40
C ASN A 113 7.93 -13.31 5.38
N LEU A 114 8.81 -13.13 4.41
CA LEU A 114 9.03 -14.09 3.33
C LEU A 114 10.30 -14.92 3.48
N GLY A 115 10.91 -14.87 4.67
CA GLY A 115 12.10 -15.67 4.94
C GLY A 115 13.45 -15.05 4.60
N GLU A 116 13.48 -13.74 4.41
CA GLU A 116 14.72 -12.97 4.16
C GLU A 116 15.60 -13.47 2.98
N LYS A 117 14.97 -13.71 1.84
CA LYS A 117 15.66 -14.16 0.64
C LYS A 117 16.55 -13.06 0.06
N LEU A 118 16.21 -11.82 0.32
CA LEU A 118 16.99 -10.68 -0.15
C LEU A 118 18.08 -10.33 0.88
N THR A 119 19.09 -9.62 0.42
CA THR A 119 20.14 -9.12 1.32
C THR A 119 19.99 -7.59 1.42
N ASP A 120 20.56 -6.99 2.44
CA ASP A 120 20.45 -5.53 2.65
C ASP A 120 21.14 -4.78 1.52
N GLU A 121 22.19 -5.38 0.97
CA GLU A 121 22.88 -4.70 -0.15
C GLU A 121 22.01 -4.78 -1.41
N GLU A 122 21.25 -5.87 -1.62
CA GLU A 122 20.37 -5.96 -2.78
C GLU A 122 19.29 -4.86 -2.66
N VAL A 123 18.83 -4.64 -1.43
CA VAL A 123 17.78 -3.66 -1.15
C VAL A 123 18.37 -2.27 -1.43
N ASP A 124 19.63 -2.08 -1.09
CA ASP A 124 20.26 -0.78 -1.31
C ASP A 124 20.32 -0.45 -2.81
N GLU A 125 20.50 -1.49 -3.63
CA GLU A 125 20.52 -1.34 -5.08
C GLU A 125 19.13 -1.10 -5.65
N MET A 126 18.09 -1.62 -5.01
CA MET A 126 16.74 -1.45 -5.56
C MET A 126 16.33 -0.01 -5.54
N ILE A 127 16.80 0.74 -4.58
CA ILE A 127 16.47 2.16 -4.49
C ILE A 127 17.20 2.94 -5.59
N ARG A 128 18.46 2.58 -5.81
CA ARG A 128 19.29 3.26 -6.80
C ARG A 128 18.77 2.96 -8.20
N GLU A 129 18.22 1.75 -8.35
CA GLU A 129 17.68 1.33 -9.64
C GLU A 129 16.39 2.07 -9.94
N ALA A 130 15.55 2.22 -8.91
CA ALA A 130 14.26 2.90 -9.11
C ALA A 130 14.47 4.38 -9.44
N ASP A 131 15.38 5.02 -8.72
CA ASP A 131 15.64 6.42 -8.87
C ASP A 131 16.30 6.73 -10.19
N ILE A 132 15.75 7.69 -10.89
CA ILE A 132 16.36 8.22 -12.11
C ILE A 132 16.85 9.63 -11.77
N ASP A 133 16.54 10.06 -10.55
CA ASP A 133 16.78 11.43 -10.08
C ASP A 133 17.75 11.58 -8.90
N GLY A 134 18.46 10.54 -8.54
CA GLY A 134 19.47 10.61 -7.48
C GLY A 134 19.04 11.09 -6.09
N ASP A 135 17.76 11.08 -5.80
CA ASP A 135 17.27 11.60 -4.50
C ASP A 135 17.52 10.64 -3.33
N GLY A 136 17.69 9.35 -3.65
CA GLY A 136 17.94 8.33 -2.65
C GLY A 136 16.68 7.83 -1.94
N GLN A 137 15.52 8.12 -2.53
CA GLN A 137 14.25 7.69 -1.93
C GLN A 137 13.22 7.53 -3.07
N VAL A 138 12.23 6.65 -2.86
CA VAL A 138 11.22 6.39 -3.88
C VAL A 138 9.88 6.88 -3.38
N ASN A 139 9.21 7.74 -4.12
CA ASN A 139 7.88 8.24 -3.72
C ASN A 139 6.83 7.35 -4.29
N TYR A 140 5.61 7.66 -3.98
CA TYR A 140 4.47 6.88 -4.40
C TYR A 140 4.39 6.71 -5.91
N GLU A 141 4.52 7.79 -6.67
CA GLU A 141 4.39 7.68 -8.12
C GLU A 141 5.48 6.86 -8.78
N GLU A 142 6.69 6.97 -8.30
CA GLU A 142 7.80 6.20 -8.89
C GLU A 142 7.54 4.71 -8.59
N PHE A 143 6.89 4.41 -7.48
CA PHE A 143 6.55 3.02 -7.12
C PHE A 143 5.38 2.44 -7.87
N VAL A 144 4.29 3.18 -8.02
CA VAL A 144 3.10 2.65 -8.71
C VAL A 144 3.35 2.46 -10.23
N GLN A 145 4.03 3.40 -10.86
CA GLN A 145 4.30 3.27 -12.29
C GLN A 145 5.39 2.22 -12.58
N MET A 146 6.08 1.77 -11.53
CA MET A 146 7.20 0.86 -11.71
C MET A 146 6.77 -0.50 -12.31
N MET A 147 5.64 -1.02 -11.89
CA MET A 147 5.18 -2.32 -12.39
C MET A 147 4.31 -2.23 -13.67
N THR A 148 3.81 -1.05 -13.91
CA THR A 148 2.93 -0.80 -15.07
C THR A 148 3.72 -0.48 -16.34
N ALA A 149 5.03 -0.39 -16.21
CA ALA A 149 5.89 -0.12 -17.35
C ALA A 149 7.12 -1.00 -17.23
N LYS A 150 7.59 -1.43 -18.40
CA LYS A 150 8.74 -2.33 -18.51
C LYS A 150 10.01 -1.70 -17.93
N GLY B 1 83.82 -28.46 23.63
CA GLY B 1 84.19 -29.51 24.60
C GLY B 1 84.23 -30.87 23.95
N ALA B 2 84.86 -31.83 24.57
CA ALA B 2 84.97 -33.17 24.00
C ALA B 2 83.59 -33.83 24.03
N ASP B 3 83.41 -34.79 23.12
CA ASP B 3 82.18 -35.60 22.98
C ASP B 3 80.96 -34.75 22.54
N LYS B 4 81.23 -33.63 21.89
CA LYS B 4 80.18 -32.75 21.36
C LYS B 4 79.45 -33.49 20.22
N GLU B 5 78.22 -33.07 19.98
CA GLU B 5 77.37 -33.69 18.94
C GLU B 5 76.87 -32.61 17.97
N ASP B 6 76.31 -33.03 16.85
CA ASP B 6 75.75 -32.09 15.88
C ASP B 6 74.59 -32.72 15.09
N ASP B 7 73.71 -31.90 14.57
CA ASP B 7 72.56 -32.35 13.77
C ASP B 7 72.60 -31.62 12.43
N GLN B 8 72.22 -32.30 11.36
CA GLN B 8 72.29 -31.71 10.00
C GLN B 8 70.97 -31.78 9.23
N GLU B 9 70.86 -30.91 8.24
CA GLU B 9 69.73 -30.79 7.33
C GLU B 9 70.31 -30.50 5.94
N HIS B 10 69.60 -30.89 4.90
CA HIS B 10 70.02 -30.63 3.52
C HIS B 10 68.75 -30.44 2.70
N PRO B 11 68.83 -29.71 1.58
CA PRO B 11 67.67 -29.45 0.72
C PRO B 11 67.36 -30.60 -0.20
N SER B 12 66.18 -30.57 -0.84
CA SER B 12 65.80 -31.56 -1.84
C SER B 12 64.90 -30.91 -2.92
N GLU B 13 64.88 -31.48 -4.11
CA GLU B 13 64.04 -30.99 -5.20
C GLU B 13 63.75 -32.18 -6.14
N LYS B 14 62.53 -32.34 -6.63
CA LYS B 14 62.26 -33.45 -7.57
C LYS B 14 61.79 -32.94 -8.94
N GLN B 15 60.66 -32.21 -8.97
CA GLN B 15 60.07 -31.73 -10.19
C GLN B 15 59.14 -30.51 -9.93
N PRO B 16 59.08 -29.50 -10.84
CA PRO B 16 58.15 -28.41 -10.58
C PRO B 16 56.70 -28.89 -10.71
N SER B 17 55.75 -28.19 -10.05
CA SER B 17 54.33 -28.57 -10.07
C SER B 17 53.43 -27.36 -9.84
N GLY B 18 52.13 -27.60 -9.77
CA GLY B 18 51.17 -26.56 -9.44
C GLY B 18 50.58 -25.72 -10.59
N ALA B 19 50.68 -26.22 -11.81
CA ALA B 19 50.16 -25.47 -12.98
C ALA B 19 48.71 -25.86 -13.32
N GLU B 20 47.71 -25.10 -12.88
CA GLU B 20 46.34 -25.40 -13.27
C GLU B 20 45.48 -24.11 -13.31
N SER B 21 44.61 -24.01 -14.29
CA SER B 21 43.68 -22.89 -14.45
C SER B 21 42.40 -23.45 -15.11
N GLY B 22 41.25 -22.80 -14.96
CA GLY B 22 40.08 -23.29 -15.68
C GLY B 22 38.78 -22.54 -15.48
N THR B 23 38.03 -22.40 -16.56
CA THR B 23 36.71 -21.73 -16.59
C THR B 23 35.80 -22.56 -17.48
N LEU B 24 34.51 -22.27 -17.50
CA LEU B 24 33.57 -22.97 -18.41
C LEU B 24 32.37 -22.05 -18.68
N ALA B 25 31.65 -22.29 -19.78
CA ALA B 25 30.47 -21.48 -20.16
C ALA B 25 29.63 -22.16 -21.23
N ARG B 26 28.33 -21.91 -21.25
CA ARG B 26 27.45 -22.45 -22.33
C ARG B 26 26.29 -21.50 -22.62
N ALA B 27 25.91 -21.46 -23.87
CA ALA B 27 24.83 -20.63 -24.36
C ALA B 27 23.45 -21.28 -24.12
N SER B 28 23.42 -22.50 -23.60
CA SER B 28 22.16 -23.24 -23.45
C SER B 28 21.07 -22.50 -22.70
N LEU B 29 19.86 -22.53 -23.27
CA LEU B 29 18.72 -21.82 -22.73
C LEU B 29 17.44 -22.43 -23.31
N ALA B 30 16.38 -22.61 -22.51
CA ALA B 30 15.12 -23.14 -23.05
C ALA B 30 13.93 -22.26 -22.66
N LEU B 31 13.84 -21.89 -21.38
CA LEU B 31 12.78 -21.03 -20.83
C LEU B 31 11.34 -21.49 -21.11
N PRO B 32 10.98 -22.70 -20.71
CA PRO B 32 9.60 -23.04 -20.99
C PRO B 32 8.63 -22.24 -20.07
N THR B 33 7.41 -22.03 -20.56
CA THR B 33 6.40 -21.27 -19.82
C THR B 33 5.36 -22.26 -19.35
N SER B 34 5.61 -23.52 -19.67
CA SER B 34 4.75 -24.61 -19.26
C SER B 34 5.01 -24.97 -17.79
N SER B 35 6.10 -24.46 -17.24
CA SER B 35 6.45 -24.72 -15.86
C SER B 35 5.42 -24.03 -14.92
N LEU B 36 5.12 -24.68 -13.80
CA LEU B 36 4.08 -24.21 -12.88
C LEU B 36 4.64 -23.17 -11.88
N SER B 37 3.74 -22.39 -11.28
CA SER B 37 4.11 -21.29 -10.36
C SER B 37 4.40 -21.78 -8.93
N ARG B 38 5.51 -22.49 -8.73
CA ARG B 38 5.81 -22.97 -7.36
C ARG B 38 6.15 -21.81 -6.41
N THR B 39 7.03 -20.89 -6.81
CA THR B 39 7.36 -19.73 -5.97
C THR B 39 7.81 -18.47 -6.73
N ALA B 40 7.34 -17.32 -6.33
CA ALA B 40 7.72 -16.02 -6.90
C ALA B 40 8.76 -15.30 -6.05
N SER B 41 8.81 -15.67 -4.80
CA SER B 41 9.58 -14.96 -3.73
C SER B 41 11.00 -15.42 -3.55
N GLN B 42 11.44 -16.33 -4.40
CA GLN B 42 12.80 -16.85 -4.39
C GLN B 42 13.78 -15.73 -4.69
N SER B 43 15.04 -15.88 -4.28
CA SER B 43 16.02 -14.80 -4.48
C SER B 43 16.21 -14.45 -5.95
N SER B 44 16.29 -13.16 -6.19
CA SER B 44 16.40 -12.61 -7.52
C SER B 44 16.93 -11.17 -7.33
N SER B 45 17.38 -10.52 -8.39
CA SER B 45 17.96 -9.19 -8.26
C SER B 45 16.96 -8.02 -8.40
N HIS B 46 16.68 -7.59 -9.62
CA HIS B 46 15.85 -6.40 -9.93
C HIS B 46 14.40 -6.52 -9.55
N ARG B 47 14.00 -7.72 -9.22
CA ARG B 47 12.62 -8.06 -8.86
C ARG B 47 12.16 -7.51 -7.53
N GLY B 48 13.05 -6.96 -6.70
CA GLY B 48 12.67 -6.67 -5.31
C GLY B 48 11.44 -5.79 -5.03
N TRP B 49 11.08 -4.86 -5.91
CA TRP B 49 9.92 -4.03 -5.65
C TRP B 49 8.65 -4.80 -5.98
N GLU B 50 8.76 -5.76 -6.90
CA GLU B 50 7.59 -6.58 -7.32
C GLU B 50 7.16 -7.44 -6.18
N ILE B 51 8.09 -7.86 -5.32
CA ILE B 51 7.73 -8.66 -4.14
C ILE B 51 6.78 -7.87 -3.26
N LEU B 52 6.90 -6.55 -3.18
CA LEU B 52 5.97 -5.78 -2.36
C LEU B 52 4.55 -5.81 -2.90
N ARG B 53 4.36 -5.79 -4.21
CA ARG B 53 2.99 -5.88 -4.74
C ARG B 53 2.50 -7.31 -4.64
N GLN B 54 3.37 -8.28 -4.91
CA GLN B 54 2.97 -9.70 -4.88
C GLN B 54 2.53 -10.22 -3.51
N ASN B 55 3.19 -9.85 -2.41
CA ASN B 55 2.78 -10.39 -1.11
C ASN B 55 1.46 -9.81 -0.62
N THR B 56 1.22 -8.55 -0.95
CA THR B 56 0.00 -7.89 -0.47
C THR B 56 -1.23 -8.12 -1.38
N LEU B 57 -0.99 -8.39 -2.67
CA LEU B 57 -2.11 -8.59 -3.58
C LEU B 57 -2.72 -9.98 -3.30
N GLY B 58 -1.93 -10.90 -2.82
CA GLY B 58 -2.40 -12.25 -2.48
C GLY B 58 -2.41 -13.20 -3.65
N HIS B 59 -1.74 -12.82 -4.74
CA HIS B 59 -1.60 -13.68 -5.89
C HIS B 59 -0.25 -13.46 -6.48
N LEU B 60 0.44 -14.54 -6.81
CA LEU B 60 1.76 -14.43 -7.40
C LEU B 60 2.01 -15.63 -8.31
N ASN B 61 2.89 -15.46 -9.28
CA ASN B 61 3.27 -16.52 -10.22
C ASN B 61 4.67 -16.21 -10.79
N LEU B 62 5.41 -17.21 -11.23
CA LEU B 62 6.75 -16.99 -11.79
C LEU B 62 7.31 -18.25 -12.51
N GLY B 63 7.49 -19.31 -11.74
CA GLY B 63 8.05 -20.57 -12.24
C GLY B 63 8.32 -21.55 -11.11
N LEU B 64 8.93 -22.71 -11.38
CA LEU B 64 9.20 -23.67 -10.29
C LEU B 64 10.37 -23.21 -9.44
N ASN B 65 11.45 -22.80 -10.12
CA ASN B 65 12.67 -22.33 -9.47
C ASN B 65 13.48 -21.64 -10.58
N LEU B 66 14.33 -20.67 -10.28
CA LEU B 66 15.16 -20.02 -11.29
C LEU B 66 16.66 -20.27 -11.06
N SER B 67 16.94 -21.09 -10.06
CA SER B 67 18.32 -21.39 -9.69
C SER B 67 18.37 -22.79 -9.07
N GLU B 68 19.56 -23.25 -8.76
CA GLU B 68 19.74 -24.55 -8.12
C GLU B 68 20.50 -24.28 -6.82
N GLY B 69 20.37 -25.19 -5.87
CA GLY B 69 21.05 -25.03 -4.59
C GLY B 69 21.24 -26.38 -3.92
N ASP B 70 21.87 -26.38 -2.74
CA ASP B 70 22.19 -27.65 -2.05
C ASP B 70 20.93 -28.30 -1.47
N GLY B 71 19.90 -27.52 -1.21
CA GLY B 71 18.63 -28.06 -0.74
C GLY B 71 18.51 -28.31 0.75
N GLU B 72 19.58 -28.10 1.48
CA GLU B 72 19.59 -28.33 2.93
C GLU B 72 20.62 -27.44 3.58
N GLU B 73 20.50 -27.23 4.89
CA GLU B 73 21.44 -26.38 5.64
C GLU B 73 22.82 -27.02 5.60
CA CA C . 7.73 6.06 4.86
CA CA D . 13.37 9.39 -6.45
N SER A 1 -5.01 24.03 -2.04
CA SER A 1 -4.13 23.16 -1.25
C SER A 1 -4.34 21.70 -1.68
N MET A 2 -3.31 20.89 -1.48
CA MET A 2 -3.30 19.48 -1.86
C MET A 2 -4.01 18.65 -0.83
N ALA A 3 -5.33 18.56 -1.00
CA ALA A 3 -6.18 17.80 -0.11
C ALA A 3 -5.84 16.33 -0.20
N ASP A 4 -5.38 15.92 -1.37
CA ASP A 4 -5.03 14.52 -1.64
C ASP A 4 -3.91 14.04 -0.74
N GLN A 5 -2.99 14.95 -0.45
CA GLN A 5 -1.78 14.69 0.34
C GLN A 5 -1.99 14.95 1.84
N LEU A 6 -3.03 15.70 2.18
CA LEU A 6 -3.34 16.04 3.56
C LEU A 6 -2.16 16.75 4.24
N THR A 7 -1.82 17.88 3.63
CA THR A 7 -0.75 18.79 4.09
C THR A 7 -1.16 19.36 5.43
N GLU A 8 -0.22 20.00 6.11
CA GLU A 8 -0.50 20.58 7.43
C GLU A 8 -1.71 21.52 7.41
N GLU A 9 -1.90 22.20 6.30
CA GLU A 9 -3.06 23.07 6.10
C GLU A 9 -4.35 22.26 6.17
N GLN A 10 -4.33 21.08 5.57
CA GLN A 10 -5.52 20.22 5.53
C GLN A 10 -5.78 19.45 6.86
N ILE A 11 -4.71 18.98 7.48
CA ILE A 11 -4.83 18.14 8.69
C ILE A 11 -5.27 19.04 9.88
N ALA A 12 -4.79 20.28 9.90
CA ALA A 12 -5.07 21.24 10.98
C ALA A 12 -6.52 21.66 10.96
N GLU A 13 -7.13 21.66 9.79
CA GLU A 13 -8.47 22.15 9.67
C GLU A 13 -9.45 21.33 10.54
N PHE A 14 -9.39 20.01 10.50
CA PHE A 14 -10.21 19.19 11.39
C PHE A 14 -9.64 18.84 12.75
N LYS A 15 -8.32 18.94 12.88
CA LYS A 15 -7.62 18.52 14.10
C LYS A 15 -7.96 19.42 15.26
N GLU A 16 -8.09 20.72 15.03
CA GLU A 16 -8.40 21.65 16.11
C GLU A 16 -9.76 21.26 16.73
N ALA A 17 -10.71 20.89 15.87
CA ALA A 17 -12.05 20.50 16.34
C ALA A 17 -12.03 19.11 17.01
N PHE A 18 -11.22 18.21 16.48
CA PHE A 18 -11.19 16.86 17.03
C PHE A 18 -10.63 16.90 18.47
N SER A 19 -9.60 17.72 18.63
CA SER A 19 -8.91 17.88 19.90
C SER A 19 -9.80 18.48 20.98
N LEU A 20 -10.81 19.24 20.56
CA LEU A 20 -11.76 19.84 21.50
C LEU A 20 -12.53 18.80 22.29
N PHE A 21 -12.94 17.73 21.63
CA PHE A 21 -13.71 16.66 22.27
C PHE A 21 -12.87 15.57 22.89
N ASP A 22 -11.60 15.58 22.54
CA ASP A 22 -10.63 14.64 23.10
C ASP A 22 -10.07 15.29 24.36
N LYS A 23 -10.84 15.27 25.43
CA LYS A 23 -10.43 15.94 26.68
C LYS A 23 -9.25 15.21 27.33
N ASP A 24 -9.27 13.88 27.28
CA ASP A 24 -8.18 13.09 27.90
C ASP A 24 -6.86 13.16 27.09
N GLY A 25 -6.95 13.49 25.80
CA GLY A 25 -5.76 13.53 24.93
C GLY A 25 -5.39 12.13 24.52
N ASP A 26 -6.33 11.21 24.67
CA ASP A 26 -6.16 9.81 24.33
C ASP A 26 -6.30 9.64 22.80
N GLY A 27 -6.98 10.58 22.16
CA GLY A 27 -7.17 10.53 20.69
C GLY A 27 -8.36 9.72 20.24
N THR A 28 -9.30 9.49 21.14
CA THR A 28 -10.47 8.71 20.81
C THR A 28 -11.79 9.44 21.11
N ILE A 29 -12.74 9.30 20.18
CA ILE A 29 -14.08 9.89 20.27
C ILE A 29 -15.07 8.83 19.77
N THR A 30 -16.36 8.94 20.05
CA THR A 30 -17.34 7.96 19.54
C THR A 30 -17.91 8.41 18.19
N THR A 31 -18.61 7.53 17.48
CA THR A 31 -19.22 7.92 16.19
C THR A 31 -20.36 8.90 16.40
N LYS A 32 -20.99 8.80 17.56
CA LYS A 32 -22.09 9.70 17.90
C LYS A 32 -21.54 11.10 18.08
N GLN A 33 -20.32 11.17 18.59
CA GLN A 33 -19.62 12.46 18.80
C GLN A 33 -19.09 13.05 17.50
N LEU A 34 -18.92 12.21 16.50
CA LEU A 34 -18.33 12.68 15.22
C LEU A 34 -19.14 13.74 14.52
N GLY A 35 -20.46 13.65 14.59
CA GLY A 35 -21.28 14.65 13.95
C GLY A 35 -21.00 16.00 14.56
N THR A 36 -20.78 16.06 15.89
CA THR A 36 -20.49 17.31 16.60
C THR A 36 -19.15 17.87 16.17
N VAL A 37 -18.19 17.01 15.88
CA VAL A 37 -16.87 17.46 15.42
C VAL A 37 -17.00 18.15 14.04
N MET A 38 -17.82 17.60 13.15
CA MET A 38 -18.05 18.20 11.84
C MET A 38 -18.74 19.56 11.96
N ARG A 39 -19.59 19.75 12.97
CA ARG A 39 -20.25 21.04 13.22
C ARG A 39 -19.24 22.05 13.74
N SER A 40 -18.28 21.58 14.52
CA SER A 40 -17.23 22.42 15.07
C SER A 40 -16.04 22.79 14.17
N LEU A 41 -15.78 22.01 13.11
CA LEU A 41 -14.67 22.32 12.18
C LEU A 41 -15.08 23.29 11.07
N GLY A 42 -16.34 23.70 11.14
CA GLY A 42 -16.90 24.68 10.21
C GLY A 42 -17.37 24.19 8.85
N GLN A 43 -16.48 23.59 8.07
CA GLN A 43 -16.84 23.14 6.73
C GLN A 43 -17.53 21.76 6.85
N ASN A 44 -18.80 21.78 7.22
CA ASN A 44 -19.54 20.56 7.53
C ASN A 44 -19.99 19.76 6.27
N PRO A 45 -19.65 18.46 6.16
CA PRO A 45 -20.08 17.66 5.00
C PRO A 45 -21.60 17.42 5.04
N THR A 46 -22.18 16.95 3.95
CA THR A 46 -23.64 16.72 3.94
C THR A 46 -23.99 15.62 4.96
N GLU A 47 -25.26 15.58 5.33
CA GLU A 47 -25.73 14.58 6.27
C GLU A 47 -25.53 13.19 5.70
N ALA A 48 -25.68 13.05 4.38
CA ALA A 48 -25.49 11.76 3.73
C ALA A 48 -24.04 11.31 3.78
N GLU A 49 -23.09 12.18 3.50
CA GLU A 49 -21.70 11.78 3.57
C GLU A 49 -21.32 11.55 5.01
N LEU A 50 -21.87 12.31 5.92
CA LEU A 50 -21.60 12.12 7.34
C LEU A 50 -22.07 10.71 7.74
N GLN A 51 -23.22 10.28 7.25
CA GLN A 51 -23.78 8.97 7.61
C GLN A 51 -22.89 7.88 7.05
N ASP A 52 -22.34 8.06 5.87
CA ASP A 52 -21.44 7.04 5.32
C ASP A 52 -20.20 6.96 6.16
N MET A 53 -19.74 8.09 6.66
CA MET A 53 -18.48 8.14 7.41
C MET A 53 -18.59 7.48 8.80
N ILE A 54 -19.69 7.71 9.51
CA ILE A 54 -19.87 7.12 10.85
C ILE A 54 -20.17 5.62 10.71
N ASN A 55 -20.71 5.19 9.57
CA ASN A 55 -21.05 3.80 9.37
C ASN A 55 -19.81 3.00 8.98
N GLU A 56 -18.89 3.65 8.32
CA GLU A 56 -17.67 2.99 7.87
C GLU A 56 -16.71 2.70 9.03
N VAL A 57 -16.62 3.68 9.91
CA VAL A 57 -15.69 3.56 11.05
C VAL A 57 -16.26 2.61 12.06
N ASP A 58 -17.60 2.52 12.12
CA ASP A 58 -18.25 1.58 13.05
C ASP A 58 -18.38 0.19 12.43
N ALA A 59 -17.77 -0.04 11.28
CA ALA A 59 -17.87 -1.31 10.59
C ALA A 59 -17.14 -2.44 11.31
N ASP A 60 -15.98 -2.13 11.87
CA ASP A 60 -15.22 -3.16 12.60
C ASP A 60 -15.81 -3.42 13.98
N GLY A 61 -16.55 -2.44 14.48
CA GLY A 61 -17.21 -2.59 15.76
C GLY A 61 -16.35 -2.37 17.00
N ASN A 62 -15.19 -1.73 16.90
CA ASN A 62 -14.38 -1.51 18.11
C ASN A 62 -15.06 -0.48 19.05
N GLY A 63 -16.08 0.20 18.58
CA GLY A 63 -16.82 1.16 19.39
C GLY A 63 -16.33 2.59 19.54
N THR A 64 -15.12 2.88 19.11
CA THR A 64 -14.57 4.24 19.23
C THR A 64 -13.89 4.61 17.90
N ILE A 65 -13.56 5.88 17.71
CA ILE A 65 -12.81 6.30 16.53
C ILE A 65 -11.43 6.66 17.03
N ASP A 66 -10.43 5.95 16.56
CA ASP A 66 -9.03 6.21 16.88
C ASP A 66 -8.60 7.31 15.93
N PHE A 67 -7.66 8.17 16.35
CA PHE A 67 -7.23 9.26 15.48
C PHE A 67 -6.64 8.80 14.14
N PRO A 68 -5.77 7.76 14.11
CA PRO A 68 -5.33 7.39 12.75
C PRO A 68 -6.41 6.73 11.89
N GLN A 69 -7.47 6.18 12.48
CA GLN A 69 -8.55 5.61 11.69
C GLN A 69 -9.26 6.75 10.97
N PHE A 70 -9.32 7.90 11.62
CA PHE A 70 -9.89 9.09 10.97
C PHE A 70 -8.97 9.52 9.82
N LEU A 71 -7.66 9.54 10.06
CA LEU A 71 -6.72 10.04 9.04
C LEU A 71 -6.63 9.18 7.77
N THR A 72 -6.63 7.86 7.93
CA THR A 72 -6.51 7.00 6.76
C THR A 72 -7.82 7.04 6.00
N MET A 73 -8.92 7.30 6.71
CA MET A 73 -10.22 7.40 6.07
C MET A 73 -10.31 8.67 5.26
N MET A 74 -9.75 9.74 5.80
CA MET A 74 -9.76 10.99 5.06
C MET A 74 -8.89 10.85 3.82
N ALA A 75 -7.79 10.11 3.92
CA ALA A 75 -6.90 9.90 2.77
C ALA A 75 -7.60 9.02 1.73
N ARG A 76 -8.46 8.12 2.15
CA ARG A 76 -9.18 7.28 1.21
C ARG A 76 -10.09 8.14 0.36
N LYS A 77 -10.66 9.17 0.96
CA LYS A 77 -11.57 10.06 0.25
C LYS A 77 -10.82 10.88 -0.77
N MET A 78 -9.67 11.40 -0.37
CA MET A 78 -8.92 12.33 -1.20
C MET A 78 -7.92 11.75 -2.21
N LYS A 79 -7.25 10.66 -1.93
CA LYS A 79 -6.19 10.17 -2.83
C LYS A 79 -6.58 9.67 -4.22
N ASP A 80 -7.46 8.69 -4.35
CA ASP A 80 -7.78 8.14 -5.68
C ASP A 80 -9.15 7.41 -5.65
N THR A 81 -9.93 7.54 -6.72
CA THR A 81 -11.22 6.85 -6.83
C THR A 81 -11.24 6.22 -8.22
N ASP A 82 -10.45 5.17 -8.39
CA ASP A 82 -10.22 4.53 -9.69
C ASP A 82 -9.76 3.09 -9.49
N SER A 83 -9.54 2.34 -10.57
CA SER A 83 -9.06 0.97 -10.52
C SER A 83 -7.64 0.96 -9.88
N GLU A 84 -6.93 2.05 -10.05
CA GLU A 84 -5.59 2.21 -9.50
C GLU A 84 -5.60 2.46 -7.98
N GLU A 85 -6.75 2.73 -7.38
CA GLU A 85 -6.79 2.98 -5.94
C GLU A 85 -6.33 1.76 -5.13
N GLU A 86 -6.45 0.59 -5.72
CA GLU A 86 -6.06 -0.66 -5.10
C GLU A 86 -4.57 -0.69 -4.78
N ILE A 87 -3.81 -0.01 -5.61
CA ILE A 87 -2.35 0.07 -5.50
C ILE A 87 -1.93 0.78 -4.20
N ARG A 88 -2.76 1.68 -3.71
CA ARG A 88 -2.45 2.44 -2.48
C ARG A 88 -2.32 1.52 -1.30
N GLU A 89 -3.05 0.41 -1.33
CA GLU A 89 -2.98 -0.55 -0.23
C GLU A 89 -1.57 -1.08 -0.07
N ALA A 90 -0.91 -1.43 -1.17
CA ALA A 90 0.41 -1.99 -1.09
C ALA A 90 1.38 -0.99 -0.48
N PHE A 91 1.21 0.30 -0.77
CA PHE A 91 2.14 1.30 -0.24
C PHE A 91 1.98 1.44 1.27
N ARG A 92 0.75 1.51 1.74
CA ARG A 92 0.47 1.69 3.17
C ARG A 92 0.84 0.48 4.02
N VAL A 93 0.78 -0.71 3.43
CA VAL A 93 1.12 -1.94 4.17
C VAL A 93 2.56 -1.84 4.66
N PHE A 94 3.50 -1.39 3.83
CA PHE A 94 4.86 -1.30 4.31
C PHE A 94 5.24 0.05 4.98
N ASP A 95 4.53 1.12 4.61
CA ASP A 95 4.81 2.44 5.15
C ASP A 95 3.84 2.76 6.26
N LYS A 96 3.95 2.00 7.36
CA LYS A 96 3.04 2.16 8.47
C LYS A 96 3.16 3.53 9.12
N ASP A 97 4.34 4.12 9.06
CA ASP A 97 4.56 5.45 9.61
C ASP A 97 3.95 6.55 8.70
N GLY A 98 3.71 6.22 7.44
CA GLY A 98 3.01 7.16 6.55
C GLY A 98 3.82 8.31 6.00
N ASN A 99 5.14 8.26 6.02
CA ASN A 99 5.95 9.41 5.58
C ASN A 99 5.93 9.65 4.09
N GLY A 100 5.39 8.72 3.32
CA GLY A 100 5.28 8.88 1.87
C GLY A 100 6.52 8.49 1.07
N TYR A 101 7.58 8.05 1.74
CA TYR A 101 8.81 7.62 1.05
C TYR A 101 9.25 6.22 1.48
N ILE A 102 9.91 5.51 0.58
CA ILE A 102 10.39 4.17 0.88
C ILE A 102 11.85 4.23 1.31
N SER A 103 12.11 3.94 2.56
CA SER A 103 13.49 3.91 3.03
C SER A 103 13.78 2.44 3.30
N ALA A 104 14.99 2.14 3.79
CA ALA A 104 15.36 0.77 4.07
C ALA A 104 14.42 0.12 5.08
N ALA A 105 13.96 0.88 6.07
CA ALA A 105 13.07 0.35 7.11
C ALA A 105 11.75 -0.16 6.51
N GLU A 106 11.26 0.52 5.49
CA GLU A 106 10.03 0.08 4.84
C GLU A 106 10.22 -1.27 4.12
N LEU A 107 11.37 -1.51 3.50
CA LEU A 107 11.56 -2.81 2.85
C LEU A 107 11.94 -3.86 3.88
N ARG A 108 12.51 -3.41 4.98
CA ARG A 108 12.92 -4.29 6.06
C ARG A 108 11.69 -5.02 6.60
N HIS A 109 10.56 -4.33 6.66
CA HIS A 109 9.32 -4.91 7.17
C HIS A 109 8.85 -6.06 6.29
N VAL A 110 8.95 -5.86 4.99
CA VAL A 110 8.50 -6.84 4.05
C VAL A 110 9.40 -8.06 4.05
N MET A 111 10.71 -7.83 4.01
CA MET A 111 11.65 -8.96 3.92
C MET A 111 11.64 -9.82 5.17
N THR A 112 11.35 -9.21 6.30
CA THR A 112 11.28 -9.96 7.56
C THR A 112 10.08 -10.92 7.54
N ASN A 113 8.96 -10.49 7.01
CA ASN A 113 7.75 -11.34 6.97
C ASN A 113 7.93 -12.46 5.97
N LEU A 114 8.81 -12.28 5.00
CA LEU A 114 9.11 -13.28 3.96
C LEU A 114 10.29 -14.18 4.29
N GLY A 115 10.80 -14.09 5.51
CA GLY A 115 11.88 -14.98 5.92
C GLY A 115 13.33 -14.51 5.61
N GLU A 116 13.48 -13.20 5.46
CA GLU A 116 14.78 -12.54 5.24
C GLU A 116 15.48 -13.05 3.98
N LYS A 117 14.70 -13.32 2.94
CA LYS A 117 15.21 -13.84 1.66
C LYS A 117 15.86 -12.75 0.86
N LEU A 118 15.59 -11.51 1.22
CA LEU A 118 16.25 -10.37 0.58
C LEU A 118 17.38 -9.96 1.50
N THR A 119 18.47 -9.45 0.95
CA THR A 119 19.63 -9.02 1.74
C THR A 119 19.66 -7.54 1.72
N ASP A 120 20.53 -6.95 2.50
CA ASP A 120 20.64 -5.50 2.55
C ASP A 120 21.13 -4.93 1.22
N GLU A 121 21.75 -5.77 0.39
CA GLU A 121 22.18 -5.27 -0.91
C GLU A 121 20.99 -5.07 -1.88
N GLU A 122 19.94 -5.91 -1.88
CA GLU A 122 18.80 -5.64 -2.73
C GLU A 122 18.11 -4.39 -2.25
N VAL A 123 18.12 -4.13 -0.93
CA VAL A 123 17.48 -2.95 -0.39
C VAL A 123 18.22 -1.73 -0.87
N ASP A 124 19.54 -1.80 -0.91
CA ASP A 124 20.33 -0.67 -1.34
C ASP A 124 20.20 -0.42 -2.85
N GLU A 125 20.17 -1.50 -3.63
CA GLU A 125 20.10 -1.38 -5.07
C GLU A 125 18.74 -1.01 -5.61
N MET A 126 17.68 -1.53 -5.01
CA MET A 126 16.36 -1.30 -5.55
C MET A 126 15.91 0.14 -5.41
N ILE A 127 16.35 0.81 -4.36
CA ILE A 127 16.00 2.20 -4.16
C ILE A 127 16.57 3.02 -5.29
N ARG A 128 17.81 2.72 -5.68
CA ARG A 128 18.49 3.45 -6.76
C ARG A 128 17.81 3.18 -8.07
N GLU A 129 17.36 1.95 -8.31
CA GLU A 129 16.71 1.64 -9.59
C GLU A 129 15.34 2.27 -9.72
N ALA A 130 14.60 2.40 -8.64
CA ALA A 130 13.24 2.97 -8.72
C ALA A 130 13.26 4.47 -9.01
N ASP A 131 14.15 5.14 -8.31
CA ASP A 131 14.31 6.58 -8.36
C ASP A 131 14.77 7.03 -9.75
N ILE A 132 14.11 8.04 -10.31
CA ILE A 132 14.43 8.50 -11.67
C ILE A 132 15.45 9.65 -11.62
N ASP A 133 15.16 10.53 -10.68
CA ASP A 133 15.84 11.80 -10.45
C ASP A 133 17.17 11.78 -9.67
N GLY A 134 17.51 10.70 -9.02
CA GLY A 134 18.79 10.63 -8.32
C GLY A 134 18.85 11.36 -6.98
N ASP A 135 17.70 11.63 -6.38
CA ASP A 135 17.62 12.27 -5.06
C ASP A 135 17.95 11.22 -3.99
N GLY A 136 17.79 9.93 -4.32
CA GLY A 136 18.07 8.86 -3.40
C GLY A 136 16.88 8.38 -2.56
N GLN A 137 15.68 8.88 -2.84
CA GLN A 137 14.48 8.39 -2.11
C GLN A 137 13.39 8.04 -3.15
N VAL A 138 12.52 7.12 -2.76
CA VAL A 138 11.45 6.63 -3.65
C VAL A 138 10.09 6.98 -3.08
N ASN A 139 9.28 7.60 -3.91
CA ASN A 139 7.92 7.98 -3.53
C ASN A 139 6.89 7.07 -4.22
N TYR A 140 5.62 7.33 -3.99
CA TYR A 140 4.54 6.52 -4.54
C TYR A 140 4.55 6.48 -6.09
N GLU A 141 4.68 7.63 -6.70
CA GLU A 141 4.62 7.68 -8.16
C GLU A 141 5.71 6.81 -8.83
N GLU A 142 6.87 6.81 -8.24
CA GLU A 142 8.01 6.03 -8.76
C GLU A 142 7.74 4.53 -8.52
N PHE A 143 7.08 4.25 -7.40
CA PHE A 143 6.76 2.85 -7.02
C PHE A 143 5.74 2.23 -7.96
N VAL A 144 4.69 2.94 -8.31
CA VAL A 144 3.65 2.39 -9.18
C VAL A 144 4.19 2.14 -10.59
N GLN A 145 5.00 3.05 -11.10
CA GLN A 145 5.53 3.00 -12.45
C GLN A 145 6.31 1.76 -12.79
N MET A 146 7.10 1.23 -11.86
CA MET A 146 7.94 0.07 -12.20
C MET A 146 7.15 -1.19 -12.50
N MET A 147 5.95 -1.27 -11.92
CA MET A 147 5.11 -2.43 -12.12
C MET A 147 4.36 -2.39 -13.47
N THR A 148 4.14 -1.19 -13.99
CA THR A 148 3.36 -1.00 -15.22
C THR A 148 4.17 -0.56 -16.44
N ALA A 149 5.42 -0.19 -16.19
CA ALA A 149 6.33 0.36 -17.22
C ALA A 149 7.74 0.11 -16.68
N LYS A 150 8.77 0.36 -17.49
CA LYS A 150 10.15 0.18 -17.01
C LYS A 150 10.41 1.15 -15.84
N GLY B 1 66.99 8.80 23.04
CA GLY B 1 68.34 8.44 22.63
C GLY B 1 68.75 9.16 21.39
N ALA B 2 69.66 8.56 20.64
CA ALA B 2 70.13 9.13 19.39
C ALA B 2 68.93 9.17 18.44
N ASP B 3 68.04 8.20 18.55
CA ASP B 3 66.84 8.17 17.69
C ASP B 3 65.86 9.34 17.90
N LYS B 4 65.21 9.70 16.82
CA LYS B 4 64.21 10.77 16.80
C LYS B 4 63.05 10.33 15.88
N GLU B 5 62.73 9.05 15.96
CA GLU B 5 61.68 8.45 15.16
C GLU B 5 60.30 8.98 15.53
N ASP B 6 59.33 8.77 14.65
CA ASP B 6 57.96 9.22 14.86
C ASP B 6 56.98 8.04 14.69
N ASP B 7 55.71 8.27 14.96
CA ASP B 7 54.68 7.21 14.90
C ASP B 7 53.47 7.73 14.08
N GLN B 8 53.70 7.91 12.79
CA GLN B 8 52.70 8.39 11.88
C GLN B 8 51.76 7.26 11.55
N GLU B 9 50.55 7.59 11.15
CA GLU B 9 49.59 6.55 10.77
C GLU B 9 50.06 5.82 9.52
N HIS B 10 49.69 4.57 9.38
CA HIS B 10 50.15 3.74 8.27
C HIS B 10 49.12 2.71 7.81
N PRO B 11 48.00 3.16 7.25
CA PRO B 11 47.01 2.18 6.77
C PRO B 11 47.45 1.50 5.45
N SER B 12 46.88 0.31 5.18
CA SER B 12 47.16 -0.37 3.91
C SER B 12 46.04 -0.05 2.92
N GLU B 13 46.37 0.06 1.65
CA GLU B 13 45.36 0.44 0.65
C GLU B 13 44.38 -0.70 0.30
N LYS B 14 43.14 -0.36 -0.01
CA LYS B 14 42.12 -1.34 -0.31
C LYS B 14 41.53 -1.23 -1.75
N GLN B 15 42.16 -0.43 -2.62
CA GLN B 15 41.69 -0.20 -4.02
C GLN B 15 40.21 0.28 -4.04
N PRO B 16 39.91 1.46 -3.43
CA PRO B 16 38.55 2.01 -3.37
C PRO B 16 38.02 2.57 -4.70
N SER B 17 36.73 2.90 -4.67
CA SER B 17 36.03 3.51 -5.81
C SER B 17 35.99 2.60 -7.06
N GLY B 18 35.02 1.69 -7.08
CA GLY B 18 34.84 0.73 -8.17
C GLY B 18 35.45 -0.59 -7.80
N ALA B 19 35.66 -0.80 -6.49
CA ALA B 19 36.24 -2.03 -5.97
C ALA B 19 35.29 -3.19 -6.23
N GLU B 20 35.83 -4.40 -6.43
CA GLU B 20 35.01 -5.58 -6.61
C GLU B 20 34.90 -6.32 -5.28
N SER B 21 33.70 -6.82 -4.98
CA SER B 21 33.46 -7.52 -3.72
C SER B 21 34.08 -8.91 -3.80
N GLY B 22 34.39 -9.48 -2.66
CA GLY B 22 34.95 -10.83 -2.63
C GLY B 22 33.92 -11.94 -2.61
N THR B 23 32.63 -11.62 -2.57
CA THR B 23 31.57 -12.64 -2.50
C THR B 23 31.51 -13.53 -3.74
N LEU B 24 31.15 -14.79 -3.53
CA LEU B 24 31.02 -15.80 -4.58
C LEU B 24 29.66 -15.66 -5.27
N ALA B 25 28.75 -14.94 -4.59
CA ALA B 25 27.39 -14.69 -5.09
C ALA B 25 27.31 -13.94 -6.44
N ARG B 26 26.08 -13.89 -6.96
CA ARG B 26 25.74 -13.28 -8.23
C ARG B 26 26.44 -13.99 -9.35
N ALA B 27 26.22 -15.29 -9.31
CA ALA B 27 26.73 -16.22 -10.33
C ALA B 27 25.97 -15.96 -11.62
N SER B 28 24.76 -15.43 -11.48
CA SER B 28 23.85 -15.13 -12.59
C SER B 28 23.63 -16.34 -13.50
N LEU B 29 23.33 -17.46 -12.89
CA LEU B 29 23.10 -18.69 -13.63
C LEU B 29 21.67 -18.65 -14.11
N ALA B 30 21.40 -19.23 -15.27
CA ALA B 30 20.05 -19.27 -15.78
C ALA B 30 19.25 -20.22 -14.90
N LEU B 31 18.01 -19.87 -14.68
CA LEU B 31 17.11 -20.69 -13.89
C LEU B 31 16.21 -21.43 -14.86
N PRO B 32 15.81 -22.66 -14.56
CA PRO B 32 14.91 -23.32 -15.52
C PRO B 32 13.55 -22.61 -15.50
N THR B 33 12.82 -22.64 -16.63
CA THR B 33 11.50 -21.97 -16.70
C THR B 33 10.36 -22.97 -16.75
N SER B 34 10.69 -24.23 -17.02
CA SER B 34 9.65 -25.28 -17.10
C SER B 34 9.37 -25.82 -15.70
N SER B 35 10.34 -25.65 -14.81
CA SER B 35 10.18 -26.16 -13.44
C SER B 35 9.20 -25.30 -12.69
N LEU B 36 8.43 -25.91 -11.77
CA LEU B 36 7.44 -25.16 -11.00
C LEU B 36 8.14 -24.26 -10.00
N SER B 37 7.45 -23.25 -9.53
CA SER B 37 8.03 -22.34 -8.53
C SER B 37 7.02 -21.97 -7.48
N ARG B 38 7.47 -21.75 -6.25
CA ARG B 38 6.55 -21.41 -5.12
C ARG B 38 6.46 -19.94 -4.81
N THR B 39 7.54 -19.20 -4.95
CA THR B 39 7.58 -17.79 -4.65
C THR B 39 8.66 -17.04 -5.43
N ALA B 40 8.52 -15.72 -5.56
CA ALA B 40 9.53 -14.85 -6.19
C ALA B 40 10.40 -14.14 -5.11
N SER B 41 10.14 -14.41 -3.84
CA SER B 41 10.78 -13.67 -2.70
C SER B 41 12.30 -13.78 -2.60
N GLN B 42 12.90 -14.74 -3.25
CA GLN B 42 14.34 -14.92 -3.26
C GLN B 42 15.02 -14.19 -4.47
N SER B 43 14.26 -13.35 -5.19
CA SER B 43 14.82 -12.55 -6.35
C SER B 43 15.86 -11.49 -5.94
N SER B 44 16.76 -11.15 -6.85
CA SER B 44 17.73 -10.08 -6.66
C SER B 44 17.80 -9.38 -8.01
N SER B 45 16.71 -8.72 -8.35
CA SER B 45 16.51 -8.03 -9.66
C SER B 45 15.42 -6.99 -9.45
N HIS B 46 14.97 -6.31 -10.50
CA HIS B 46 13.91 -5.31 -10.40
C HIS B 46 12.61 -5.90 -9.91
N ARG B 47 12.51 -7.23 -9.91
CA ARG B 47 11.36 -7.92 -9.35
C ARG B 47 11.21 -7.61 -7.88
N GLY B 48 12.26 -7.11 -7.18
CA GLY B 48 12.13 -6.88 -5.75
C GLY B 48 10.96 -5.99 -5.38
N TRP B 49 10.58 -5.03 -6.24
CA TRP B 49 9.45 -4.18 -5.97
C TRP B 49 8.13 -4.90 -6.30
N GLU B 50 8.19 -5.84 -7.26
CA GLU B 50 7.03 -6.62 -7.71
C GLU B 50 6.63 -7.58 -6.63
N ILE B 51 7.58 -8.07 -5.83
CA ILE B 51 7.23 -8.97 -4.69
C ILE B 51 6.36 -8.20 -3.76
N LEU B 52 6.57 -6.90 -3.61
CA LEU B 52 5.73 -6.14 -2.69
C LEU B 52 4.26 -6.13 -3.12
N ARG B 53 4.01 -6.04 -4.42
CA ARG B 53 2.63 -6.17 -4.93
C ARG B 53 2.14 -7.59 -4.92
N GLN B 54 2.97 -8.52 -5.30
CA GLN B 54 2.57 -9.91 -5.36
C GLN B 54 2.22 -10.50 -4.00
N ASN B 55 2.93 -10.21 -2.92
CA ASN B 55 2.58 -10.84 -1.64
C ASN B 55 1.32 -10.23 -1.06
N THR B 56 1.06 -8.96 -1.33
CA THR B 56 -0.14 -8.32 -0.76
C THR B 56 -1.39 -8.65 -1.61
N LEU B 57 -1.20 -8.87 -2.90
CA LEU B 57 -2.35 -9.14 -3.79
C LEU B 57 -2.68 -10.61 -3.90
N GLY B 58 -1.69 -11.49 -3.79
CA GLY B 58 -1.93 -12.92 -3.87
C GLY B 58 -2.35 -13.36 -5.25
N HIS B 59 -2.02 -12.57 -6.26
CA HIS B 59 -2.44 -12.82 -7.64
C HIS B 59 -1.43 -12.18 -8.60
N LEU B 60 -1.42 -12.67 -9.85
CA LEU B 60 -0.54 -12.21 -10.95
C LEU B 60 0.93 -12.35 -10.52
N ASN B 61 1.30 -13.62 -10.29
CA ASN B 61 2.66 -13.99 -9.97
C ASN B 61 2.98 -15.35 -10.63
N LEU B 62 4.26 -15.59 -10.88
CA LEU B 62 4.70 -16.83 -11.53
C LEU B 62 5.61 -17.69 -10.67
N GLY B 63 6.38 -17.04 -9.81
CA GLY B 63 7.33 -17.73 -8.93
C GLY B 63 8.69 -17.80 -9.63
N LEU B 64 9.78 -17.90 -8.89
CA LEU B 64 11.13 -17.91 -9.49
C LEU B 64 11.91 -19.24 -9.48
N ASN B 65 11.91 -19.93 -8.35
CA ASN B 65 12.70 -21.19 -8.19
C ASN B 65 11.98 -22.42 -7.64
N LEU B 66 12.52 -23.57 -8.02
CA LEU B 66 12.04 -24.88 -7.57
C LEU B 66 12.70 -25.18 -6.22
N SER B 67 11.96 -25.64 -5.24
CA SER B 67 12.55 -25.95 -3.94
C SER B 67 13.32 -27.28 -4.01
N GLU B 68 12.94 -28.13 -4.96
CA GLU B 68 13.53 -29.45 -5.16
C GLU B 68 13.52 -30.34 -3.91
N GLY B 69 12.48 -30.17 -3.10
CA GLY B 69 12.34 -30.99 -1.90
C GLY B 69 13.24 -30.50 -0.76
N ASP B 70 13.71 -31.43 0.06
CA ASP B 70 14.56 -31.09 1.21
C ASP B 70 15.83 -31.93 1.22
N GLY B 71 16.67 -31.65 2.21
CA GLY B 71 17.94 -32.35 2.36
C GLY B 71 17.81 -33.63 3.14
N GLU B 72 18.92 -34.18 3.58
CA GLU B 72 18.98 -35.45 4.33
C GLU B 72 20.10 -35.40 5.34
N GLU B 73 20.04 -36.25 6.34
CA GLU B 73 21.06 -36.30 7.38
C GLU B 73 22.44 -36.75 6.86
CA CA C . 8.75 5.67 6.41
CA CA D . 12.75 10.41 -6.03
N SER A 1 2.57 14.68 -9.63
CA SER A 1 1.18 15.11 -9.80
C SER A 1 0.73 14.90 -11.23
N MET A 2 -0.59 14.91 -11.47
CA MET A 2 -1.14 14.75 -12.82
C MET A 2 -2.09 15.91 -13.13
N ALA A 3 -2.03 16.39 -14.35
CA ALA A 3 -2.89 17.48 -14.81
C ALA A 3 -4.27 16.92 -15.16
N ASP A 4 -4.30 15.70 -15.63
CA ASP A 4 -5.55 15.09 -16.07
C ASP A 4 -6.53 14.91 -14.92
N GLN A 5 -6.02 14.72 -13.72
CA GLN A 5 -6.89 14.48 -12.57
C GLN A 5 -7.57 15.80 -12.12
N LEU A 6 -6.95 16.91 -12.48
CA LEU A 6 -7.48 18.22 -12.14
C LEU A 6 -7.65 19.05 -13.40
N THR A 7 -8.86 19.02 -13.94
CA THR A 7 -9.25 19.77 -15.11
C THR A 7 -9.18 21.26 -14.73
N GLU A 8 -8.92 22.12 -15.68
CA GLU A 8 -8.77 23.54 -15.39
C GLU A 8 -10.05 24.07 -14.74
N GLU A 9 -11.19 23.52 -15.11
CA GLU A 9 -12.43 23.98 -14.49
C GLU A 9 -12.53 23.67 -12.97
N GLN A 10 -12.17 22.43 -12.58
CA GLN A 10 -12.24 22.02 -11.17
C GLN A 10 -11.06 22.52 -10.32
N ILE A 11 -9.87 22.72 -10.91
CA ILE A 11 -8.72 23.19 -10.12
C ILE A 11 -9.06 24.63 -9.73
N ALA A 12 -9.79 25.32 -10.59
CA ALA A 12 -10.15 26.73 -10.39
C ALA A 12 -11.12 26.93 -9.23
N GLU A 13 -11.95 25.93 -8.94
CA GLU A 13 -12.94 26.05 -7.87
C GLU A 13 -12.28 26.28 -6.52
N PHE A 14 -11.25 25.51 -6.18
CA PHE A 14 -10.56 25.72 -4.91
C PHE A 14 -9.40 26.74 -5.07
N LYS A 15 -8.87 26.95 -6.30
CA LYS A 15 -7.74 27.89 -6.47
C LYS A 15 -8.15 29.31 -6.22
N GLU A 16 -9.39 29.64 -6.50
CA GLU A 16 -9.83 31.04 -6.36
C GLU A 16 -9.68 31.51 -4.90
N ALA A 17 -10.06 30.66 -3.97
CA ALA A 17 -9.96 30.98 -2.55
C ALA A 17 -8.53 30.87 -2.07
N PHE A 18 -7.79 29.92 -2.61
CA PHE A 18 -6.40 29.68 -2.18
C PHE A 18 -5.51 30.87 -2.56
N SER A 19 -5.71 31.37 -3.79
CA SER A 19 -4.90 32.49 -4.29
C SER A 19 -5.19 33.78 -3.52
N LEU A 20 -6.35 33.86 -2.87
CA LEU A 20 -6.75 35.06 -2.13
C LEU A 20 -5.76 35.34 -1.02
N PHE A 21 -5.27 34.28 -0.41
CA PHE A 21 -4.35 34.38 0.71
C PHE A 21 -2.91 34.56 0.22
N ASP A 22 -2.66 34.23 -1.05
CA ASP A 22 -1.35 34.35 -1.63
C ASP A 22 -1.21 35.73 -2.34
N LYS A 23 -1.50 36.78 -1.60
CA LYS A 23 -1.46 38.14 -2.10
C LYS A 23 -0.01 38.45 -2.47
N ASP A 24 0.92 37.95 -1.66
CA ASP A 24 2.34 38.19 -1.88
C ASP A 24 2.87 37.49 -3.13
N GLY A 25 2.20 36.43 -3.57
CA GLY A 25 2.69 35.71 -4.74
C GLY A 25 3.83 34.80 -4.45
N ASP A 26 4.00 34.44 -3.19
CA ASP A 26 5.12 33.61 -2.80
C ASP A 26 4.86 32.18 -3.26
N GLY A 27 3.59 31.84 -3.44
CA GLY A 27 3.19 30.53 -3.93
C GLY A 27 2.89 29.47 -2.88
N THR A 28 3.07 29.80 -1.63
CA THR A 28 2.83 28.88 -0.52
C THR A 28 2.04 29.56 0.59
N ILE A 29 1.49 28.78 1.51
CA ILE A 29 0.77 29.30 2.68
C ILE A 29 1.22 28.49 3.89
N THR A 30 0.99 29.04 5.08
CA THR A 30 1.28 28.35 6.32
C THR A 30 0.07 27.47 6.67
N THR A 31 0.31 26.46 7.51
CA THR A 31 -0.76 25.50 7.81
C THR A 31 -1.94 26.15 8.53
N LYS A 32 -1.72 27.21 9.30
CA LYS A 32 -2.84 27.83 10.04
C LYS A 32 -3.88 28.38 9.08
N GLN A 33 -3.41 28.92 7.97
CA GLN A 33 -4.32 29.50 6.98
C GLN A 33 -4.98 28.43 6.11
N LEU A 34 -4.45 27.20 6.07
CA LEU A 34 -5.13 26.14 5.30
C LEU A 34 -6.50 25.95 5.97
N GLY A 35 -6.54 26.02 7.29
CA GLY A 35 -7.82 25.91 7.95
C GLY A 35 -8.76 27.05 7.57
N THR A 36 -8.19 28.25 7.49
CA THR A 36 -8.99 29.43 7.16
C THR A 36 -9.57 29.30 5.74
N VAL A 37 -8.79 28.87 4.77
CA VAL A 37 -9.30 28.77 3.39
C VAL A 37 -10.40 27.70 3.33
N MET A 38 -10.28 26.63 4.12
CA MET A 38 -11.27 25.56 4.07
C MET A 38 -12.59 25.99 4.67
N ARG A 39 -12.60 26.99 5.54
CA ARG A 39 -13.85 27.49 6.10
C ARG A 39 -14.63 28.14 4.96
N SER A 40 -13.94 28.82 4.07
CA SER A 40 -14.62 29.47 2.94
C SER A 40 -15.20 28.45 1.96
N LEU A 41 -14.54 27.29 1.79
CA LEU A 41 -15.08 26.30 0.86
C LEU A 41 -16.27 25.58 1.48
N GLY A 42 -16.27 25.46 2.80
CA GLY A 42 -17.35 24.76 3.48
C GLY A 42 -18.47 25.64 4.01
N GLN A 43 -19.29 25.07 4.85
CA GLN A 43 -20.44 25.76 5.47
C GLN A 43 -20.23 25.67 6.98
N ASN A 44 -19.37 26.56 7.48
CA ASN A 44 -19.00 26.67 8.90
C ASN A 44 -18.52 25.30 9.42
N PRO A 45 -17.50 24.71 8.79
CA PRO A 45 -17.11 23.40 9.29
C PRO A 45 -16.46 23.46 10.67
N THR A 46 -16.57 22.35 11.39
CA THR A 46 -16.01 22.23 12.74
C THR A 46 -14.49 22.25 12.63
N GLU A 47 -13.79 22.73 13.65
CA GLU A 47 -12.32 22.83 13.58
C GLU A 47 -11.68 21.48 13.44
N ALA A 48 -12.35 20.44 13.90
CA ALA A 48 -11.81 19.08 13.75
C ALA A 48 -11.65 18.68 12.27
N GLU A 49 -12.54 19.15 11.40
CA GLU A 49 -12.47 18.82 9.96
C GLU A 49 -11.16 19.40 9.38
N LEU A 50 -10.80 20.59 9.85
CA LEU A 50 -9.60 21.29 9.44
C LEU A 50 -8.37 20.67 10.06
N GLN A 51 -8.49 20.25 11.32
CA GLN A 51 -7.38 19.64 12.06
C GLN A 51 -6.96 18.34 11.42
N ASP A 52 -7.94 17.65 10.91
CA ASP A 52 -7.71 16.34 10.27
C ASP A 52 -6.76 16.51 9.07
N MET A 53 -6.92 17.60 8.33
CA MET A 53 -6.13 17.89 7.15
C MET A 53 -4.81 18.65 7.38
N ILE A 54 -4.77 19.65 8.28
CA ILE A 54 -3.52 20.38 8.49
C ILE A 54 -2.49 19.51 9.19
N ASN A 55 -2.93 18.47 9.88
CA ASN A 55 -2.00 17.57 10.56
C ASN A 55 -1.29 16.64 9.57
N GLU A 56 -1.92 16.36 8.46
CA GLU A 56 -1.28 15.48 7.47
C GLU A 56 -0.02 16.13 6.90
N VAL A 57 -0.12 17.43 6.68
CA VAL A 57 0.97 18.22 6.10
C VAL A 57 1.99 18.75 7.11
N ASP A 58 1.60 18.96 8.36
CA ASP A 58 2.54 19.49 9.34
C ASP A 58 3.40 18.37 9.92
N ALA A 59 3.29 17.18 9.36
CA ALA A 59 4.05 16.02 9.79
C ALA A 59 5.53 16.31 9.53
N ASP A 60 5.85 17.02 8.47
CA ASP A 60 7.24 17.39 8.16
C ASP A 60 7.83 18.32 9.23
N GLY A 61 6.96 19.03 9.96
CA GLY A 61 7.39 19.95 11.00
C GLY A 61 7.89 21.27 10.49
N ASN A 62 7.62 21.62 9.22
CA ASN A 62 8.11 22.89 8.67
C ASN A 62 7.10 24.02 8.90
N GLY A 63 5.83 23.64 9.03
CA GLY A 63 4.76 24.62 9.27
C GLY A 63 4.29 25.36 8.01
N THR A 64 4.85 24.96 6.87
CA THR A 64 4.52 25.54 5.58
C THR A 64 4.05 24.42 4.64
N ILE A 65 3.39 24.79 3.56
CA ILE A 65 2.79 23.84 2.61
C ILE A 65 3.33 24.11 1.21
N ASP A 66 3.83 23.08 0.54
CA ASP A 66 4.34 23.27 -0.82
C ASP A 66 3.11 23.33 -1.72
N PHE A 67 3.13 24.10 -2.79
CA PHE A 67 1.94 24.22 -3.60
C PHE A 67 1.44 22.90 -4.20
N PRO A 68 2.31 22.03 -4.77
CA PRO A 68 1.70 20.81 -5.28
C PRO A 68 1.26 19.83 -4.20
N GLN A 69 1.77 19.98 -2.97
CA GLN A 69 1.35 19.09 -1.87
C GLN A 69 -0.13 19.32 -1.59
N PHE A 70 -0.58 20.56 -1.69
CA PHE A 70 -1.98 20.93 -1.49
C PHE A 70 -2.84 20.30 -2.58
N LEU A 71 -2.35 20.29 -3.80
CA LEU A 71 -3.11 19.75 -4.92
C LEU A 71 -3.39 18.26 -4.82
N THR A 72 -2.42 17.49 -4.39
CA THR A 72 -2.66 16.01 -4.31
C THR A 72 -3.62 15.70 -3.19
N MET A 73 -3.66 16.54 -2.16
CA MET A 73 -4.56 16.32 -1.06
C MET A 73 -5.98 16.63 -1.48
N MET A 74 -6.17 17.66 -2.28
CA MET A 74 -7.51 18.01 -2.67
C MET A 74 -8.03 17.01 -3.74
N ALA A 75 -7.13 16.56 -4.61
CA ALA A 75 -7.49 15.65 -5.68
C ALA A 75 -7.96 14.31 -5.15
N ARG A 76 -7.33 13.81 -4.10
CA ARG A 76 -7.65 12.49 -3.60
C ARG A 76 -9.04 12.39 -2.98
N LYS A 77 -9.43 13.47 -2.31
CA LYS A 77 -10.70 13.57 -1.60
C LYS A 77 -11.86 13.66 -2.53
N MET A 78 -11.67 14.17 -3.74
CA MET A 78 -12.82 14.33 -4.65
C MET A 78 -13.45 12.98 -5.07
N LYS A 79 -12.71 12.18 -5.83
CA LYS A 79 -13.30 10.93 -6.37
C LYS A 79 -12.98 9.72 -5.54
N ASP A 80 -11.69 9.60 -5.21
CA ASP A 80 -11.11 8.49 -4.40
C ASP A 80 -11.32 7.05 -4.96
N THR A 81 -11.87 6.94 -6.16
CA THR A 81 -12.22 5.66 -6.79
C THR A 81 -11.70 5.58 -8.24
N ASP A 82 -10.40 5.32 -8.39
CA ASP A 82 -9.73 5.24 -9.70
C ASP A 82 -8.85 4.00 -9.69
N SER A 83 -8.19 3.71 -10.81
CA SER A 83 -7.33 2.51 -10.93
C SER A 83 -6.20 2.53 -9.88
N GLU A 84 -5.81 3.73 -9.47
CA GLU A 84 -4.75 3.93 -8.50
C GLU A 84 -5.17 3.60 -7.06
N GLU A 85 -6.46 3.38 -6.83
CA GLU A 85 -6.91 3.12 -5.45
C GLU A 85 -6.26 1.87 -4.79
N GLU A 86 -5.90 0.88 -5.59
CA GLU A 86 -5.28 -0.34 -5.04
C GLU A 86 -3.87 -0.07 -4.53
N ILE A 87 -3.27 1.00 -5.03
CA ILE A 87 -1.90 1.40 -4.68
C ILE A 87 -1.90 1.97 -3.27
N ARG A 88 -2.98 2.63 -2.90
CA ARG A 88 -3.06 3.30 -1.59
C ARG A 88 -2.91 2.32 -0.47
N GLU A 89 -3.53 1.18 -0.62
CA GLU A 89 -3.50 0.21 0.42
C GLU A 89 -2.10 -0.35 0.55
N ALA A 90 -1.46 -0.59 -0.59
CA ALA A 90 -0.12 -1.19 -0.59
C ALA A 90 0.86 -0.21 0.02
N PHE A 91 0.66 1.08 -0.21
CA PHE A 91 1.60 2.08 0.26
C PHE A 91 1.40 2.34 1.76
N ARG A 92 0.15 2.53 2.19
CA ARG A 92 -0.14 2.82 3.62
C ARG A 92 0.17 1.66 4.53
N VAL A 93 -0.04 0.41 4.12
CA VAL A 93 0.31 -0.73 4.95
C VAL A 93 1.84 -0.83 5.01
N PHE A 94 2.50 -0.56 3.88
CA PHE A 94 3.96 -0.64 3.81
C PHE A 94 4.68 0.30 4.78
N ASP A 95 4.22 1.51 4.96
CA ASP A 95 4.90 2.42 5.88
C ASP A 95 3.97 2.86 7.02
N LYS A 96 4.08 2.15 8.13
CA LYS A 96 3.31 2.39 9.33
C LYS A 96 3.63 3.75 9.91
N ASP A 97 4.85 4.23 9.70
CA ASP A 97 5.30 5.50 10.27
C ASP A 97 4.70 6.73 9.56
N GLY A 98 4.15 6.55 8.35
CA GLY A 98 3.52 7.67 7.67
C GLY A 98 4.50 8.71 7.11
N ASN A 99 5.72 8.31 6.77
CA ASN A 99 6.74 9.24 6.30
C ASN A 99 6.39 9.81 4.92
N GLY A 100 5.63 9.00 4.20
CA GLY A 100 5.20 9.31 2.84
C GLY A 100 6.19 8.90 1.77
N TYR A 101 7.32 8.35 2.19
CA TYR A 101 8.35 7.88 1.24
C TYR A 101 8.90 6.53 1.74
N ILE A 102 9.34 5.71 0.79
CA ILE A 102 9.92 4.41 1.09
C ILE A 102 11.40 4.55 1.48
N SER A 103 11.76 3.97 2.63
CA SER A 103 13.13 3.88 3.11
C SER A 103 13.57 2.43 3.04
N ALA A 104 14.87 2.21 2.97
CA ALA A 104 15.42 0.85 2.89
C ALA A 104 15.00 0.03 4.11
N ALA A 105 14.89 0.69 5.25
CA ALA A 105 14.52 0.02 6.50
C ALA A 105 13.10 -0.51 6.36
N GLU A 106 12.25 0.25 5.67
CA GLU A 106 10.83 -0.16 5.49
C GLU A 106 10.72 -1.39 4.56
N LEU A 107 11.65 -1.57 3.63
CA LEU A 107 11.64 -2.73 2.74
C LEU A 107 12.05 -3.98 3.51
N ARG A 108 12.92 -3.83 4.49
CA ARG A 108 13.46 -4.98 5.25
C ARG A 108 12.32 -5.72 5.94
N HIS A 109 11.37 -4.93 6.37
CA HIS A 109 10.14 -5.40 7.03
C HIS A 109 9.29 -6.31 6.15
N VAL A 110 9.28 -6.07 4.83
CA VAL A 110 8.41 -6.84 3.95
C VAL A 110 8.95 -8.12 3.36
N MET A 111 10.18 -8.20 2.85
CA MET A 111 10.56 -9.46 2.21
C MET A 111 10.73 -10.56 3.24
N THR A 112 11.04 -10.20 4.47
CA THR A 112 11.22 -11.17 5.53
C THR A 112 9.90 -11.84 5.93
N ASN A 113 8.76 -11.22 5.62
CA ASN A 113 7.45 -11.79 5.91
C ASN A 113 7.20 -13.02 5.03
N LEU A 114 7.91 -13.09 3.90
CA LEU A 114 7.84 -14.22 2.97
C LEU A 114 9.01 -15.18 3.24
N GLY A 115 9.85 -14.80 4.18
CA GLY A 115 11.03 -15.57 4.54
C GLY A 115 12.19 -15.26 3.64
N GLU A 116 11.95 -14.46 2.62
CA GLU A 116 13.01 -14.09 1.69
C GLU A 116 14.00 -13.15 2.38
N LYS A 117 15.29 -13.27 2.13
CA LYS A 117 16.27 -12.36 2.80
C LYS A 117 17.28 -11.76 1.82
N LEU A 118 16.91 -10.67 1.16
CA LEU A 118 17.85 -9.94 0.31
C LEU A 118 18.90 -9.44 1.25
N THR A 119 20.11 -9.35 0.76
CA THR A 119 21.21 -8.86 1.58
C THR A 119 20.98 -7.39 1.88
N ASP A 120 21.54 -6.90 2.98
CA ASP A 120 21.36 -5.50 3.34
C ASP A 120 21.86 -4.62 2.22
N GLU A 121 22.96 -5.00 1.57
CA GLU A 121 23.54 -4.19 0.47
C GLU A 121 22.54 -4.10 -0.68
N GLU A 122 21.89 -5.21 -1.00
CA GLU A 122 20.97 -5.25 -2.15
C GLU A 122 19.75 -4.38 -1.88
N VAL A 123 19.33 -4.33 -0.62
CA VAL A 123 18.13 -3.52 -0.23
C VAL A 123 18.47 -2.04 -0.41
N ASP A 124 19.73 -1.69 -0.18
CA ASP A 124 20.21 -0.32 -0.37
C ASP A 124 20.20 0.04 -1.85
N GLU A 125 20.53 -0.95 -2.71
CA GLU A 125 20.51 -0.75 -4.16
C GLU A 125 19.08 -0.70 -4.71
N MET A 126 18.10 -1.23 -4.01
CA MET A 126 16.71 -1.25 -4.53
C MET A 126 16.25 0.14 -4.77
N ILE A 127 16.74 1.08 -3.97
CA ILE A 127 16.32 2.47 -4.09
C ILE A 127 16.81 2.99 -5.47
N ARG A 128 18.05 2.65 -5.86
CA ARG A 128 18.53 3.09 -7.16
C ARG A 128 17.77 2.44 -8.30
N GLU A 129 17.39 1.19 -8.12
CA GLU A 129 16.67 0.47 -9.17
C GLU A 129 15.34 1.13 -9.47
N ALA A 130 14.65 1.59 -8.43
CA ALA A 130 13.37 2.24 -8.62
C ALA A 130 13.53 3.68 -9.18
N ASP A 131 14.53 4.38 -8.64
CA ASP A 131 14.77 5.77 -9.04
C ASP A 131 15.20 5.92 -10.46
N ILE A 132 14.66 6.91 -11.15
CA ILE A 132 15.22 7.35 -12.41
C ILE A 132 15.97 8.66 -12.14
N ASP A 133 15.66 9.28 -11.03
CA ASP A 133 16.20 10.58 -10.66
C ASP A 133 17.40 10.61 -9.68
N GLY A 134 17.57 9.56 -8.87
CA GLY A 134 18.68 9.54 -7.93
C GLY A 134 18.46 10.37 -6.68
N ASP A 135 17.22 10.65 -6.33
CA ASP A 135 16.92 11.47 -5.15
C ASP A 135 17.01 10.68 -3.84
N GLY A 136 17.18 9.37 -3.92
CA GLY A 136 17.44 8.58 -2.72
C GLY A 136 16.20 8.15 -2.00
N GLN A 137 15.02 8.37 -2.57
CA GLN A 137 13.76 8.02 -1.92
C GLN A 137 12.77 7.65 -2.99
N VAL A 138 11.83 6.79 -2.65
CA VAL A 138 10.83 6.31 -3.62
C VAL A 138 9.43 6.73 -3.14
N ASN A 139 8.69 7.34 -4.05
CA ASN A 139 7.36 7.89 -3.78
C ASN A 139 6.27 7.06 -4.48
N TYR A 140 5.04 7.50 -4.33
CA TYR A 140 3.87 6.84 -4.86
C TYR A 140 3.90 6.64 -6.38
N GLU A 141 4.28 7.68 -7.12
CA GLU A 141 4.33 7.59 -8.57
C GLU A 141 5.37 6.59 -9.09
N GLU A 142 6.51 6.45 -8.43
CA GLU A 142 7.55 5.50 -8.84
C GLU A 142 7.18 4.07 -8.48
N PHE A 143 6.31 3.93 -7.50
CA PHE A 143 5.83 2.64 -7.04
C PHE A 143 4.95 2.03 -8.11
N VAL A 144 4.18 2.86 -8.80
CA VAL A 144 3.31 2.40 -9.89
C VAL A 144 4.08 2.20 -11.20
N GLN A 145 4.96 3.16 -11.48
CA GLN A 145 5.73 3.20 -12.71
C GLN A 145 6.66 1.99 -12.94
N MET A 146 7.13 1.35 -11.91
CA MET A 146 8.01 0.17 -12.11
C MET A 146 7.28 -0.98 -12.84
N MET A 147 5.95 -0.96 -12.88
CA MET A 147 5.21 -1.98 -13.63
C MET A 147 4.79 -1.57 -15.06
N THR A 148 4.92 -0.29 -15.36
CA THR A 148 4.59 0.26 -16.69
C THR A 148 5.86 0.68 -17.47
N ALA A 149 6.99 0.62 -16.79
CA ALA A 149 8.30 1.00 -17.31
C ALA A 149 9.30 0.03 -16.68
N LYS A 150 10.58 0.39 -16.72
CA LYS A 150 11.63 -0.47 -16.14
C LYS A 150 11.42 -0.59 -14.62
N GLY B 1 27.04 62.72 -10.16
CA GLY B 1 26.62 61.70 -9.18
C GLY B 1 27.80 60.94 -8.66
N ALA B 2 27.57 60.17 -7.59
CA ALA B 2 28.65 59.41 -6.96
C ALA B 2 29.25 58.30 -7.87
N ASP B 3 28.45 57.63 -8.68
CA ASP B 3 28.94 56.55 -9.55
C ASP B 3 28.08 56.41 -10.80
N LYS B 4 28.65 55.79 -11.82
CA LYS B 4 27.95 55.43 -13.06
C LYS B 4 28.36 54.04 -13.48
N GLU B 5 27.42 53.29 -14.04
CA GLU B 5 27.72 51.93 -14.56
C GLU B 5 27.21 51.75 -15.98
N ASP B 6 27.96 51.03 -16.79
CA ASP B 6 27.52 50.75 -18.15
C ASP B 6 28.13 49.39 -18.61
N ASP B 7 27.43 48.61 -19.39
CA ASP B 7 27.95 47.35 -19.95
C ASP B 7 27.51 47.22 -21.40
N GLN B 8 28.48 47.26 -22.33
CA GLN B 8 28.18 47.15 -23.74
C GLN B 8 27.59 45.77 -24.12
N GLU B 9 28.11 44.72 -23.49
CA GLU B 9 27.67 43.30 -23.72
C GLU B 9 27.79 42.76 -25.15
N HIS B 10 28.47 43.50 -26.00
CA HIS B 10 28.66 43.12 -27.42
C HIS B 10 30.13 43.33 -27.84
N PRO B 11 31.06 42.50 -27.32
CA PRO B 11 32.43 42.77 -27.80
C PRO B 11 32.73 42.33 -29.26
N SER B 12 31.96 41.41 -29.80
CA SER B 12 32.17 40.91 -31.15
C SER B 12 30.88 40.37 -31.74
N GLU B 13 30.81 40.16 -33.04
CA GLU B 13 29.59 39.63 -33.68
C GLU B 13 29.83 38.41 -34.54
N LYS B 14 31.08 37.95 -34.63
CA LYS B 14 31.42 36.84 -35.52
C LYS B 14 30.60 35.58 -35.21
N GLN B 15 30.58 35.17 -33.94
CA GLN B 15 29.81 33.98 -33.56
C GLN B 15 29.36 34.03 -32.10
N PRO B 16 28.33 34.82 -31.78
CA PRO B 16 27.96 34.83 -30.37
C PRO B 16 27.39 33.47 -29.93
N SER B 17 26.79 32.74 -30.88
CA SER B 17 26.23 31.38 -30.68
C SER B 17 25.17 31.21 -29.57
N GLY B 18 24.62 32.28 -29.06
CA GLY B 18 23.61 32.15 -28.02
C GLY B 18 24.24 31.87 -26.66
N ALA B 19 25.52 32.20 -26.55
CA ALA B 19 26.29 31.92 -25.37
C ALA B 19 25.71 32.66 -24.18
N GLU B 20 25.96 32.08 -23.00
CA GLU B 20 25.49 32.60 -21.73
C GLU B 20 26.71 32.63 -20.81
N SER B 21 26.73 33.59 -19.88
CA SER B 21 27.85 33.77 -18.93
C SER B 21 28.10 32.55 -17.98
N GLY B 22 27.14 31.65 -17.90
CA GLY B 22 27.29 30.47 -17.04
C GLY B 22 26.74 30.75 -15.64
N THR B 23 25.77 31.65 -15.62
CA THR B 23 25.10 32.02 -14.38
C THR B 23 24.23 30.82 -13.94
N LEU B 24 24.41 30.36 -12.71
CA LEU B 24 23.67 29.20 -12.19
C LEU B 24 23.14 29.48 -10.80
N ALA B 25 22.00 28.91 -10.47
CA ALA B 25 21.44 29.08 -9.13
C ALA B 25 22.29 28.29 -8.13
N ARG B 26 22.76 27.13 -8.56
CA ARG B 26 23.59 26.20 -7.76
C ARG B 26 22.82 25.77 -6.49
N ALA B 27 21.56 25.41 -6.67
CA ALA B 27 20.72 25.01 -5.53
C ALA B 27 21.20 23.75 -4.76
N SER B 28 21.79 22.80 -5.46
CA SER B 28 22.28 21.55 -4.84
C SER B 28 23.46 21.01 -5.58
N LEU B 29 24.19 20.09 -4.93
CA LEU B 29 25.38 19.46 -5.50
C LEU B 29 25.04 18.05 -5.93
N ALA B 30 25.65 17.56 -6.99
CA ALA B 30 25.41 16.22 -7.47
C ALA B 30 26.04 15.20 -6.52
N LEU B 31 25.40 14.05 -6.45
CA LEU B 31 25.82 12.90 -5.64
C LEU B 31 26.11 11.76 -6.64
N PRO B 32 27.00 10.80 -6.25
CA PRO B 32 27.31 9.72 -7.16
C PRO B 32 26.15 8.74 -7.34
N THR B 33 25.16 8.78 -6.45
CA THR B 33 23.97 7.93 -6.58
C THR B 33 23.11 8.34 -7.80
N SER B 34 23.39 9.45 -8.44
CA SER B 34 22.67 9.83 -9.64
C SER B 34 23.16 9.07 -10.83
N SER B 35 24.36 8.47 -10.71
CA SER B 35 24.98 7.69 -11.78
C SER B 35 24.23 6.38 -11.89
N LEU B 36 24.29 5.73 -13.06
CA LEU B 36 23.55 4.49 -13.33
C LEU B 36 24.44 3.48 -14.03
N SER B 37 24.03 2.19 -14.00
CA SER B 37 24.78 1.11 -14.66
C SER B 37 26.18 0.92 -14.10
N ARG B 38 26.33 0.99 -12.77
CA ARG B 38 27.68 0.83 -12.18
C ARG B 38 28.17 -0.60 -12.30
N THR B 39 27.23 -1.53 -12.22
CA THR B 39 27.51 -2.97 -12.27
C THR B 39 26.53 -3.67 -13.22
N ALA B 40 26.76 -3.47 -14.51
CA ALA B 40 25.92 -4.03 -15.58
C ALA B 40 26.06 -5.53 -15.69
N SER B 41 27.17 -6.05 -15.18
CA SER B 41 27.49 -7.51 -15.24
C SER B 41 26.69 -8.35 -14.22
N GLN B 42 26.08 -7.71 -13.24
CA GLN B 42 25.28 -8.42 -12.23
C GLN B 42 23.94 -8.88 -12.79
N SER B 43 23.35 -9.87 -12.14
CA SER B 43 22.04 -10.37 -12.54
C SER B 43 21.05 -9.33 -12.09
N SER B 44 19.96 -9.16 -12.82
CA SER B 44 18.99 -8.09 -12.50
C SER B 44 18.42 -8.24 -11.08
N SER B 45 18.35 -7.14 -10.38
CA SER B 45 17.92 -7.09 -8.97
C SER B 45 16.56 -6.38 -8.79
N HIS B 46 16.00 -5.83 -9.86
CA HIS B 46 14.73 -5.10 -9.75
C HIS B 46 13.58 -5.98 -9.26
N ARG B 47 13.80 -7.27 -9.23
CA ARG B 47 12.83 -8.29 -8.78
C ARG B 47 12.42 -8.05 -7.31
N GLY B 48 13.27 -7.36 -6.58
CA GLY B 48 12.98 -7.08 -5.19
C GLY B 48 11.77 -6.19 -4.93
N TRP B 49 11.38 -5.32 -5.87
CA TRP B 49 10.18 -4.50 -5.66
C TRP B 49 8.94 -5.23 -6.13
N GLU B 50 9.14 -6.14 -7.08
CA GLU B 50 8.02 -6.82 -7.67
C GLU B 50 7.43 -7.80 -6.67
N ILE B 51 8.26 -8.35 -5.79
CA ILE B 51 7.77 -9.30 -4.80
C ILE B 51 6.77 -8.60 -3.85
N LEU B 52 6.98 -7.30 -3.63
CA LEU B 52 6.10 -6.51 -2.75
C LEU B 52 4.72 -6.43 -3.39
N ARG B 53 4.70 -6.19 -4.68
CA ARG B 53 3.40 -6.08 -5.37
C ARG B 53 2.70 -7.41 -5.38
N GLN B 54 3.42 -8.49 -5.61
CA GLN B 54 2.78 -9.79 -5.65
C GLN B 54 2.22 -10.20 -4.28
N ASN B 55 2.93 -9.91 -3.19
CA ASN B 55 2.45 -10.36 -1.89
C ASN B 55 1.28 -9.53 -1.38
N THR B 56 1.16 -8.30 -1.79
CA THR B 56 0.05 -7.45 -1.31
C THR B 56 -1.22 -7.67 -2.13
N LEU B 57 -1.05 -8.11 -3.37
CA LEU B 57 -2.22 -8.35 -4.22
C LEU B 57 -2.71 -9.78 -3.89
N GLY B 58 -1.79 -10.66 -3.50
CA GLY B 58 -2.13 -12.05 -3.21
C GLY B 58 -2.14 -12.81 -4.53
N HIS B 59 -1.52 -12.17 -5.50
CA HIS B 59 -1.40 -12.70 -6.85
C HIS B 59 -0.51 -13.95 -6.90
N LEU B 60 -0.80 -14.89 -7.77
CA LEU B 60 0.07 -16.06 -7.94
C LEU B 60 0.61 -15.96 -9.36
N ASN B 61 1.94 -15.91 -9.48
CA ASN B 61 2.60 -15.77 -10.79
C ASN B 61 3.66 -16.87 -10.99
N LEU B 62 3.75 -17.79 -10.03
CA LEU B 62 4.71 -18.90 -10.12
C LEU B 62 4.29 -19.75 -11.32
N GLY B 63 5.22 -20.05 -12.23
CA GLY B 63 4.87 -20.85 -13.41
C GLY B 63 5.34 -22.28 -13.28
N LEU B 64 4.64 -23.17 -13.98
CA LEU B 64 4.96 -24.61 -13.94
C LEU B 64 6.37 -24.83 -14.52
N ASN B 65 6.69 -24.06 -15.54
CA ASN B 65 7.98 -24.12 -16.24
C ASN B 65 9.21 -23.89 -15.34
N LEU B 66 9.05 -23.19 -14.22
CA LEU B 66 10.18 -22.96 -13.31
C LEU B 66 9.75 -23.32 -11.87
N SER B 67 8.81 -24.23 -11.77
CA SER B 67 8.22 -24.58 -10.48
C SER B 67 9.12 -25.46 -9.58
N GLU B 68 8.90 -25.29 -8.27
CA GLU B 68 9.57 -26.04 -7.20
C GLU B 68 8.46 -26.18 -6.16
N GLY B 69 8.57 -27.15 -5.24
CA GLY B 69 7.50 -27.28 -4.24
C GLY B 69 7.59 -26.10 -3.27
N ASP B 70 6.45 -25.45 -3.05
CA ASP B 70 6.40 -24.25 -2.22
C ASP B 70 5.17 -24.26 -1.28
N GLY B 71 4.59 -25.42 -1.01
CA GLY B 71 3.41 -25.47 -0.14
C GLY B 71 2.10 -25.36 -0.89
N GLU B 72 1.02 -25.07 -0.19
CA GLU B 72 -0.33 -24.97 -0.82
C GLU B 72 -0.54 -23.80 -1.75
N GLU B 73 0.15 -22.68 -1.54
CA GLU B 73 0.04 -21.51 -2.42
C GLU B 73 1.39 -21.13 -2.98
CA CA C . 9.27 4.38 8.41
CA CA D . 13.00 8.63 -6.62
N SER A 1 -18.64 18.16 4.86
CA SER A 1 -17.33 17.62 5.33
C SER A 1 -16.30 17.64 4.19
N MET A 2 -16.70 17.12 3.02
CA MET A 2 -15.81 17.02 1.86
C MET A 2 -14.51 16.30 2.21
N ALA A 3 -14.59 15.31 3.08
CA ALA A 3 -13.40 14.58 3.48
C ALA A 3 -13.01 13.54 2.40
N ASP A 4 -14.00 13.15 1.62
CA ASP A 4 -13.82 12.14 0.54
C ASP A 4 -12.87 12.63 -0.59
N GLN A 5 -12.64 13.93 -0.58
CA GLN A 5 -11.78 14.59 -1.57
C GLN A 5 -10.66 15.39 -0.89
N LEU A 6 -10.23 14.95 0.29
CA LEU A 6 -9.26 15.75 1.08
C LEU A 6 -7.88 15.94 0.44
N THR A 7 -7.30 17.06 0.87
CA THR A 7 -5.98 17.51 0.47
C THR A 7 -5.00 17.32 1.62
N GLU A 8 -3.71 17.52 1.36
CA GLU A 8 -2.68 17.42 2.40
C GLU A 8 -2.94 18.39 3.56
N GLU A 9 -3.56 19.51 3.30
CA GLU A 9 -3.87 20.47 4.37
C GLU A 9 -4.96 19.92 5.32
N GLN A 10 -5.87 19.14 4.76
CA GLN A 10 -6.98 18.55 5.52
C GLN A 10 -6.58 17.29 6.27
N ILE A 11 -5.67 16.48 5.73
CA ILE A 11 -5.28 15.24 6.43
C ILE A 11 -4.53 15.71 7.69
N ALA A 12 -3.81 16.81 7.58
CA ALA A 12 -3.08 17.37 8.70
C ALA A 12 -4.00 17.95 9.74
N GLU A 13 -5.16 18.41 9.31
CA GLU A 13 -6.10 19.03 10.25
C GLU A 13 -6.55 18.03 11.30
N PHE A 14 -6.78 16.78 10.88
CA PHE A 14 -7.23 15.81 11.88
C PHE A 14 -6.03 15.13 12.57
N LYS A 15 -4.81 15.20 11.99
CA LYS A 15 -3.64 14.59 12.67
C LYS A 15 -3.38 15.31 13.95
N GLU A 16 -3.47 16.61 13.90
CA GLU A 16 -3.21 17.44 15.05
C GLU A 16 -4.24 17.16 16.15
N ALA A 17 -5.50 17.02 15.76
CA ALA A 17 -6.56 16.79 16.73
C ALA A 17 -6.51 15.41 17.37
N PHE A 18 -6.16 14.41 16.57
CA PHE A 18 -6.12 13.00 17.01
C PHE A 18 -4.97 12.79 18.00
N SER A 19 -3.84 13.45 17.71
CA SER A 19 -2.63 13.36 18.55
C SER A 19 -2.84 13.99 19.95
N LEU A 20 -3.82 14.87 20.07
CA LEU A 20 -4.06 15.55 21.33
C LEU A 20 -4.42 14.51 22.40
N PHE A 21 -5.20 13.52 22.01
CA PHE A 21 -5.60 12.43 22.90
C PHE A 21 -4.46 11.47 23.23
N ASP A 22 -3.45 11.44 22.37
CA ASP A 22 -2.31 10.56 22.61
C ASP A 22 -1.22 11.21 23.46
N LYS A 23 -1.60 11.64 24.64
CA LYS A 23 -0.67 12.27 25.58
C LYS A 23 0.39 11.26 26.05
N ASP A 24 -0.04 10.03 26.23
CA ASP A 24 0.87 8.98 26.68
C ASP A 24 1.95 8.64 25.64
N GLY A 25 1.68 8.90 24.35
CA GLY A 25 2.66 8.56 23.33
C GLY A 25 2.56 7.06 23.03
N ASP A 26 1.43 6.48 23.40
CA ASP A 26 1.17 5.04 23.21
C ASP A 26 1.01 4.74 21.74
N GLY A 27 0.52 5.72 21.02
CA GLY A 27 0.30 5.58 19.59
C GLY A 27 -1.05 4.98 19.24
N THR A 28 -1.87 4.76 20.25
CA THR A 28 -3.19 4.18 20.11
C THR A 28 -4.23 4.95 20.93
N ILE A 29 -5.52 4.85 20.55
CA ILE A 29 -6.62 5.50 21.31
C ILE A 29 -7.70 4.45 21.50
N THR A 30 -8.64 4.70 22.38
CA THR A 30 -9.76 3.80 22.57
C THR A 30 -10.97 4.28 21.77
N THR A 31 -11.97 3.44 21.61
CA THR A 31 -13.11 3.82 20.80
C THR A 31 -13.89 4.98 21.44
N LYS A 32 -13.84 5.08 22.76
CA LYS A 32 -14.51 6.17 23.46
C LYS A 32 -13.83 7.49 23.18
N GLN A 33 -12.53 7.49 22.90
CA GLN A 33 -11.83 8.72 22.54
C GLN A 33 -12.12 9.09 21.10
N LEU A 34 -12.39 8.10 20.26
CA LEU A 34 -12.66 8.34 18.84
C LEU A 34 -13.98 9.12 18.70
N GLY A 35 -14.94 8.86 19.57
CA GLY A 35 -16.17 9.62 19.51
C GLY A 35 -15.91 11.09 19.87
N THR A 36 -15.05 11.28 20.86
CA THR A 36 -14.72 12.63 21.33
C THR A 36 -13.97 13.48 20.28
N VAL A 37 -13.02 12.89 19.57
CA VAL A 37 -12.26 13.67 18.56
C VAL A 37 -13.18 14.16 17.42
N MET A 38 -14.31 13.49 17.18
CA MET A 38 -15.19 13.92 16.06
C MET A 38 -15.75 15.29 16.31
N ARG A 39 -15.99 15.64 17.56
CA ARG A 39 -16.54 16.95 17.88
C ARG A 39 -15.41 18.01 17.79
N SER A 40 -14.17 17.60 17.94
CA SER A 40 -13.06 18.54 17.92
C SER A 40 -12.78 18.99 16.49
N LEU A 41 -13.21 18.18 15.53
CA LEU A 41 -13.12 18.52 14.13
C LEU A 41 -14.17 19.53 13.77
N GLY A 42 -15.13 19.74 14.68
CA GLY A 42 -16.18 20.71 14.43
C GLY A 42 -17.29 20.18 13.54
N GLN A 43 -17.53 18.88 13.65
CA GLN A 43 -18.59 18.22 12.88
C GLN A 43 -19.41 17.45 13.89
N ASN A 44 -20.67 17.20 13.55
CA ASN A 44 -21.62 16.61 14.49
C ASN A 44 -22.29 15.40 13.85
N PRO A 45 -21.57 14.27 13.75
CA PRO A 45 -22.24 13.14 13.11
C PRO A 45 -23.34 12.58 13.98
N THR A 46 -24.31 11.91 13.38
CA THR A 46 -25.38 11.31 14.16
C THR A 46 -24.80 10.12 14.91
N GLU A 47 -25.52 9.64 15.91
CA GLU A 47 -25.04 8.51 16.70
C GLU A 47 -24.88 7.26 15.83
N ALA A 48 -25.71 7.13 14.80
CA ALA A 48 -25.61 6.01 13.90
C ALA A 48 -24.33 6.14 13.03
N GLU A 49 -24.09 7.36 12.55
CA GLU A 49 -22.93 7.64 11.70
C GLU A 49 -21.62 7.48 12.49
N LEU A 50 -21.65 7.91 13.74
CA LEU A 50 -20.49 7.88 14.64
C LEU A 50 -20.19 6.42 14.99
N GLN A 51 -21.25 5.67 15.21
CA GLN A 51 -21.12 4.25 15.56
C GLN A 51 -20.52 3.49 14.40
N ASP A 52 -20.89 3.87 13.17
CA ASP A 52 -20.38 3.18 12.01
C ASP A 52 -18.84 3.31 11.99
N MET A 53 -18.32 4.44 12.45
CA MET A 53 -16.89 4.69 12.45
C MET A 53 -16.15 3.90 13.56
N ILE A 54 -16.67 3.90 14.78
CA ILE A 54 -15.94 3.26 15.88
C ILE A 54 -15.98 1.74 15.79
N ASN A 55 -16.99 1.20 15.14
CA ASN A 55 -17.11 -0.25 15.08
C ASN A 55 -16.30 -0.83 13.90
N GLU A 56 -16.13 -0.10 12.82
CA GLU A 56 -15.40 -0.60 11.64
C GLU A 56 -13.90 -0.74 11.86
N VAL A 57 -13.34 0.20 12.57
CA VAL A 57 -11.86 0.25 12.79
C VAL A 57 -11.41 -0.76 13.81
N ASP A 58 -12.34 -1.25 14.62
CA ASP A 58 -11.98 -2.28 15.62
C ASP A 58 -13.15 -3.28 15.83
N ALA A 59 -13.46 -3.98 14.75
CA ALA A 59 -14.59 -4.90 14.73
C ALA A 59 -14.44 -6.11 15.67
N ASP A 60 -13.24 -6.68 15.77
CA ASP A 60 -13.01 -7.87 16.58
C ASP A 60 -12.14 -7.62 17.83
N GLY A 61 -11.94 -6.36 18.18
CA GLY A 61 -11.03 -6.00 19.26
C GLY A 61 -11.62 -5.80 20.65
N ASN A 62 -10.75 -5.23 21.48
CA ASN A 62 -11.05 -4.92 22.88
C ASN A 62 -11.25 -3.41 23.09
N GLY A 63 -11.50 -2.70 22.00
CA GLY A 63 -11.75 -1.27 22.03
C GLY A 63 -10.52 -0.38 21.93
N THR A 64 -9.48 -0.89 21.26
CA THR A 64 -8.24 -0.13 21.07
C THR A 64 -7.96 0.03 19.57
N ILE A 65 -7.66 1.25 19.15
CA ILE A 65 -7.45 1.61 17.77
C ILE A 65 -6.04 2.17 17.53
N ASP A 66 -5.32 1.65 16.54
CA ASP A 66 -3.99 2.14 16.22
C ASP A 66 -4.13 3.50 15.50
N PHE A 67 -3.18 4.43 15.67
CA PHE A 67 -3.29 5.77 15.08
C PHE A 67 -3.45 5.77 13.54
N PRO A 68 -2.63 4.97 12.78
CA PRO A 68 -2.82 5.00 11.34
C PRO A 68 -4.07 4.26 10.87
N GLN A 69 -4.73 3.51 11.76
CA GLN A 69 -5.98 2.81 11.37
C GLN A 69 -7.05 3.85 10.94
N PHE A 70 -7.06 4.98 11.62
CA PHE A 70 -7.99 6.07 11.34
C PHE A 70 -7.71 6.65 9.93
N LEU A 71 -6.45 6.80 9.59
CA LEU A 71 -6.05 7.34 8.30
C LEU A 71 -6.41 6.38 7.20
N THR A 72 -6.22 5.09 7.44
CA THR A 72 -6.50 4.07 6.42
C THR A 72 -7.95 4.13 6.03
N MET A 73 -8.84 4.29 6.99
CA MET A 73 -10.27 4.25 6.69
C MET A 73 -10.63 5.36 5.69
N MET A 74 -10.17 6.57 5.96
CA MET A 74 -10.50 7.71 5.10
C MET A 74 -9.75 7.62 3.79
N ALA A 75 -8.48 7.23 3.82
CA ALA A 75 -7.70 7.18 2.60
C ALA A 75 -8.28 6.19 1.59
N ARG A 76 -8.72 5.07 2.12
CA ARG A 76 -9.25 4.02 1.27
C ARG A 76 -10.56 4.39 0.61
N LYS A 77 -11.45 5.06 1.35
CA LYS A 77 -12.77 5.42 0.80
C LYS A 77 -12.69 6.55 -0.21
N MET A 78 -11.66 7.39 -0.17
CA MET A 78 -11.56 8.48 -1.17
C MET A 78 -11.45 7.94 -2.58
N LYS A 79 -10.68 6.87 -2.74
CA LYS A 79 -10.49 6.24 -4.03
C LYS A 79 -11.37 5.01 -4.17
N ASP A 80 -12.13 4.73 -3.12
CA ASP A 80 -13.07 3.60 -3.07
C ASP A 80 -12.32 2.26 -3.28
N THR A 81 -13.01 1.21 -3.70
CA THR A 81 -12.40 -0.10 -3.96
C THR A 81 -11.91 -0.18 -5.40
N ASP A 82 -11.74 0.99 -6.03
CA ASP A 82 -11.26 1.08 -7.41
C ASP A 82 -9.86 0.43 -7.48
N SER A 83 -9.53 -0.10 -8.64
CA SER A 83 -8.25 -0.77 -8.83
C SER A 83 -7.04 0.12 -8.54
N GLU A 84 -7.15 1.42 -8.68
CA GLU A 84 -6.02 2.27 -8.40
C GLU A 84 -5.62 2.23 -6.91
N GLU A 85 -6.60 2.01 -6.04
CA GLU A 85 -6.40 1.95 -4.60
C GLU A 85 -5.51 0.76 -4.23
N GLU A 86 -5.56 -0.30 -5.01
CA GLU A 86 -4.73 -1.46 -4.73
C GLU A 86 -3.23 -1.08 -4.81
N ILE A 87 -2.88 -0.19 -5.72
CA ILE A 87 -1.47 0.23 -5.81
C ILE A 87 -1.15 1.08 -4.58
N ARG A 88 -2.10 1.92 -4.16
CA ARG A 88 -1.92 2.79 -3.02
C ARG A 88 -1.81 1.97 -1.74
N GLU A 89 -2.51 0.85 -1.70
CA GLU A 89 -2.44 -0.06 -0.56
C GLU A 89 -1.05 -0.64 -0.52
N ALA A 90 -0.50 -1.00 -1.66
CA ALA A 90 0.81 -1.66 -1.66
C ALA A 90 1.85 -0.70 -1.09
N PHE A 91 1.69 0.58 -1.39
CA PHE A 91 2.60 1.60 -0.88
C PHE A 91 2.39 1.82 0.63
N ARG A 92 1.14 2.05 1.03
CA ARG A 92 0.80 2.33 2.47
C ARG A 92 0.95 1.17 3.46
N VAL A 93 0.82 -0.10 3.05
CA VAL A 93 0.95 -1.19 4.02
C VAL A 93 2.40 -1.28 4.53
N PHE A 94 3.42 -1.19 3.69
CA PHE A 94 4.78 -1.28 4.23
C PHE A 94 5.16 0.02 4.91
N ASP A 95 4.48 1.11 4.55
CA ASP A 95 4.80 2.42 5.14
C ASP A 95 4.15 2.57 6.52
N LYS A 96 4.76 1.98 7.54
CA LYS A 96 4.24 1.99 8.90
C LYS A 96 4.37 3.39 9.48
N ASP A 97 5.47 4.06 9.17
CA ASP A 97 5.75 5.39 9.72
C ASP A 97 4.92 6.49 9.03
N GLY A 98 4.40 6.23 7.83
CA GLY A 98 3.50 7.17 7.15
C GLY A 98 4.14 8.41 6.52
N ASN A 99 5.43 8.41 6.28
CA ASN A 99 6.06 9.63 5.72
C ASN A 99 5.93 9.82 4.20
N GLY A 100 5.37 8.84 3.50
CA GLY A 100 5.17 8.98 2.06
C GLY A 100 6.38 8.65 1.21
N TYR A 101 7.44 8.17 1.84
CA TYR A 101 8.67 7.78 1.14
C TYR A 101 9.14 6.44 1.67
N ILE A 102 9.95 5.76 0.84
CA ILE A 102 10.47 4.45 1.17
C ILE A 102 11.92 4.48 1.67
N SER A 103 12.17 3.87 2.81
CA SER A 103 13.46 3.70 3.47
C SER A 103 13.85 2.23 3.39
N ALA A 104 15.12 1.92 3.60
CA ALA A 104 15.56 0.54 3.59
C ALA A 104 14.93 -0.27 4.75
N ALA A 105 14.75 0.38 5.89
CA ALA A 105 14.20 -0.30 7.05
C ALA A 105 12.81 -0.90 6.80
N GLU A 106 11.98 -0.12 6.13
CA GLU A 106 10.61 -0.56 5.88
C GLU A 106 10.54 -1.66 4.80
N LEU A 107 11.54 -1.74 3.96
CA LEU A 107 11.59 -2.82 2.98
C LEU A 107 12.03 -4.12 3.70
N ARG A 108 12.87 -4.00 4.73
CA ARG A 108 13.34 -5.18 5.48
C ARG A 108 12.17 -5.80 6.22
N HIS A 109 11.26 -4.93 6.65
CA HIS A 109 10.03 -5.32 7.33
C HIS A 109 9.20 -6.28 6.50
N VAL A 110 9.15 -6.06 5.19
CA VAL A 110 8.34 -6.91 4.33
C VAL A 110 9.11 -8.09 3.80
N MET A 111 10.33 -7.89 3.34
CA MET A 111 11.06 -8.97 2.70
C MET A 111 11.38 -10.15 3.66
N THR A 112 11.75 -9.86 4.88
CA THR A 112 12.06 -10.91 5.83
C THR A 112 10.76 -11.70 6.17
N ASN A 113 9.64 -11.00 6.21
CA ASN A 113 8.33 -11.58 6.54
C ASN A 113 7.87 -12.53 5.43
N LEU A 114 8.30 -12.27 4.20
CA LEU A 114 7.93 -13.11 3.06
C LEU A 114 8.99 -14.18 2.73
N GLY A 115 10.04 -14.23 3.53
CA GLY A 115 11.08 -15.25 3.36
C GLY A 115 12.20 -14.91 2.41
N GLU A 116 12.22 -13.68 1.95
CA GLU A 116 13.33 -13.20 1.10
C GLU A 116 14.51 -13.00 2.04
N LYS A 117 15.70 -13.04 1.45
CA LYS A 117 16.95 -12.89 2.18
C LYS A 117 17.81 -11.87 1.45
N LEU A 118 17.17 -10.77 1.07
CA LEU A 118 17.90 -9.68 0.42
C LEU A 118 18.97 -9.19 1.37
N THR A 119 20.12 -8.89 0.84
CA THR A 119 21.21 -8.39 1.67
C THR A 119 20.95 -6.92 1.97
N ASP A 120 21.59 -6.37 2.98
CA ASP A 120 21.38 -4.97 3.28
C ASP A 120 21.77 -4.11 2.08
N GLU A 121 22.79 -4.53 1.35
CA GLU A 121 23.25 -3.78 0.17
C GLU A 121 22.28 -3.91 -0.99
N GLU A 122 21.60 -5.04 -1.09
CA GLU A 122 20.62 -5.24 -2.16
C GLU A 122 19.41 -4.38 -1.86
N VAL A 123 19.05 -4.25 -0.59
CA VAL A 123 17.87 -3.47 -0.22
C VAL A 123 18.17 -2.01 -0.55
N ASP A 124 19.41 -1.64 -0.32
CA ASP A 124 19.88 -0.28 -0.59
C ASP A 124 19.85 -0.06 -2.10
N GLU A 125 20.22 -1.10 -2.83
CA GLU A 125 20.24 -1.07 -4.28
C GLU A 125 18.83 -0.94 -4.84
N MET A 126 17.84 -1.54 -4.19
CA MET A 126 16.46 -1.46 -4.68
C MET A 126 16.00 -0.03 -4.71
N ILE A 127 16.40 0.74 -3.71
CA ILE A 127 15.94 2.11 -3.66
C ILE A 127 16.53 2.84 -4.86
N ARG A 128 17.80 2.55 -5.18
CA ARG A 128 18.50 3.13 -6.30
C ARG A 128 17.91 2.65 -7.63
N GLU A 129 17.44 1.42 -7.65
CA GLU A 129 16.79 0.87 -8.85
C GLU A 129 15.47 1.54 -9.11
N ALA A 130 14.73 1.84 -8.06
CA ALA A 130 13.44 2.47 -8.24
C ALA A 130 13.60 3.91 -8.66
N ASP A 131 14.57 4.56 -8.02
CA ASP A 131 14.85 5.97 -8.24
C ASP A 131 15.42 6.23 -9.63
N ILE A 132 14.85 7.16 -10.36
CA ILE A 132 15.38 7.52 -11.67
C ILE A 132 16.05 8.89 -11.68
N ASP A 133 15.90 9.65 -10.61
CA ASP A 133 16.39 11.05 -10.60
C ASP A 133 17.45 11.39 -9.52
N GLY A 134 17.96 10.40 -8.82
CA GLY A 134 19.05 10.61 -7.86
C GLY A 134 18.71 11.27 -6.54
N ASP A 135 17.45 11.40 -6.21
CA ASP A 135 17.03 12.08 -4.97
C ASP A 135 17.20 11.19 -3.71
N GLY A 136 17.29 9.87 -3.90
CA GLY A 136 17.54 8.95 -2.79
C GLY A 136 16.29 8.54 -2.06
N GLN A 137 15.13 8.92 -2.59
CA GLN A 137 13.85 8.60 -1.96
C GLN A 137 12.91 8.18 -3.07
N VAL A 138 11.97 7.31 -2.73
CA VAL A 138 11.02 6.77 -3.71
C VAL A 138 9.64 7.23 -3.30
N ASN A 139 8.90 7.78 -4.29
CA ASN A 139 7.53 8.28 -4.09
C ASN A 139 6.54 7.37 -4.82
N TYR A 140 5.27 7.68 -4.69
CA TYR A 140 4.19 6.92 -5.29
C TYR A 140 4.22 6.79 -6.80
N GLU A 141 4.44 7.87 -7.55
CA GLU A 141 4.50 7.71 -9.02
C GLU A 141 5.67 6.86 -9.44
N GLU A 142 6.81 6.90 -8.78
CA GLU A 142 7.91 6.00 -9.14
C GLU A 142 7.46 4.51 -8.92
N PHE A 143 6.65 4.28 -7.88
CA PHE A 143 6.15 2.94 -7.57
C PHE A 143 5.08 2.47 -8.56
N VAL A 144 4.20 3.34 -8.98
CA VAL A 144 3.11 2.97 -9.93
C VAL A 144 3.67 2.51 -11.29
N GLN A 145 4.69 3.19 -11.74
CA GLN A 145 5.30 2.88 -13.05
C GLN A 145 5.93 1.50 -13.12
N MET A 146 6.11 0.81 -12.01
CA MET A 146 6.75 -0.49 -12.07
C MET A 146 5.88 -1.52 -12.81
N MET A 147 4.59 -1.61 -12.48
CA MET A 147 3.70 -2.57 -13.17
C MET A 147 2.82 -2.00 -14.29
N THR A 148 2.70 -0.69 -14.44
CA THR A 148 1.90 -0.13 -15.54
C THR A 148 2.76 -0.18 -16.81
N ALA A 149 4.05 -0.35 -16.62
CA ALA A 149 5.02 -0.54 -17.67
C ALA A 149 4.91 -2.01 -18.09
N LYS A 150 5.60 -2.34 -19.18
CA LYS A 150 5.64 -3.71 -19.67
C LYS A 150 6.29 -4.65 -18.64
N GLY B 1 -42.31 -72.51 -2.61
CA GLY B 1 -42.51 -71.14 -3.15
C GLY B 1 -41.21 -70.43 -3.38
N ALA B 2 -41.23 -69.35 -4.14
CA ALA B 2 -40.00 -68.58 -4.44
C ALA B 2 -39.44 -68.00 -3.12
N ASP B 3 -38.13 -67.79 -3.07
CA ASP B 3 -37.47 -67.28 -1.85
C ASP B 3 -36.21 -66.48 -2.17
N LYS B 4 -35.94 -65.44 -1.38
CA LYS B 4 -34.76 -64.56 -1.49
C LYS B 4 -34.73 -63.93 -2.87
N GLU B 5 -35.90 -63.53 -3.34
CA GLU B 5 -36.04 -62.97 -4.68
C GLU B 5 -35.33 -61.65 -4.82
N ASP B 6 -35.43 -60.87 -3.79
CA ASP B 6 -34.85 -59.53 -3.79
C ASP B 6 -33.33 -59.56 -3.53
N ASP B 7 -32.62 -58.60 -4.05
CA ASP B 7 -31.17 -58.51 -3.87
C ASP B 7 -30.89 -57.22 -3.10
N GLN B 8 -29.74 -57.16 -2.42
CA GLN B 8 -29.40 -56.02 -1.54
C GLN B 8 -27.97 -55.50 -1.79
N GLU B 9 -27.84 -54.20 -1.92
CA GLU B 9 -26.54 -53.54 -2.16
C GLU B 9 -26.30 -52.35 -1.22
N HIS B 10 -25.06 -52.31 -0.72
CA HIS B 10 -24.60 -51.27 0.19
C HIS B 10 -23.36 -50.60 -0.42
N PRO B 11 -23.54 -49.55 -1.27
CA PRO B 11 -22.34 -48.92 -1.84
C PRO B 11 -21.60 -48.05 -0.81
N SER B 12 -20.65 -48.66 -0.12
CA SER B 12 -19.88 -47.99 0.91
C SER B 12 -18.83 -47.07 0.29
N GLU B 13 -18.62 -45.94 0.97
CA GLU B 13 -17.68 -44.90 0.50
C GLU B 13 -16.71 -44.49 1.63
N LYS B 14 -15.60 -45.19 1.81
CA LYS B 14 -14.64 -44.85 2.90
C LYS B 14 -14.07 -43.44 2.70
N GLN B 15 -13.70 -43.10 1.45
CA GLN B 15 -13.19 -41.74 1.09
C GLN B 15 -12.03 -41.28 2.03
N PRO B 16 -10.91 -42.02 2.07
CA PRO B 16 -9.91 -41.56 3.03
C PRO B 16 -9.29 -40.20 2.74
N SER B 17 -8.97 -39.47 3.80
CA SER B 17 -8.40 -38.12 3.75
C SER B 17 -7.70 -37.83 5.06
N GLY B 18 -6.99 -36.72 5.13
CA GLY B 18 -6.35 -36.28 6.40
C GLY B 18 -4.90 -36.67 6.69
N ALA B 19 -4.14 -37.00 5.65
CA ALA B 19 -2.73 -37.35 5.81
C ALA B 19 -1.96 -36.11 6.31
N GLU B 20 -0.85 -36.29 6.99
CA GLU B 20 -0.03 -35.20 7.53
C GLU B 20 1.47 -35.58 7.67
N SER B 21 2.35 -34.59 7.61
CA SER B 21 3.82 -34.83 7.67
C SER B 21 4.54 -33.62 8.30
N GLY B 22 5.69 -33.88 8.96
CA GLY B 22 6.49 -32.83 9.57
C GLY B 22 7.44 -32.21 8.56
N THR B 23 8.06 -31.06 8.87
CA THR B 23 9.01 -30.40 7.95
C THR B 23 10.32 -31.18 7.90
N LEU B 24 11.12 -30.95 6.86
CA LEU B 24 12.41 -31.61 6.67
C LEU B 24 13.29 -30.75 5.76
N ALA B 25 14.59 -31.03 5.68
CA ALA B 25 15.48 -30.30 4.79
C ALA B 25 16.49 -31.26 4.14
N ARG B 26 16.96 -30.93 2.95
CA ARG B 26 17.91 -31.72 2.19
C ARG B 26 19.05 -30.81 1.73
N ALA B 27 20.24 -31.05 2.26
CA ALA B 27 21.40 -30.20 1.94
C ALA B 27 21.90 -30.43 0.51
N SER B 28 21.88 -31.69 0.08
CA SER B 28 22.37 -32.03 -1.26
C SER B 28 21.28 -31.84 -2.31
N LEU B 29 21.32 -30.74 -3.03
CA LEU B 29 20.32 -30.46 -4.06
C LEU B 29 20.96 -29.47 -5.04
N ALA B 30 20.79 -29.68 -6.34
CA ALA B 30 21.36 -28.78 -7.35
C ALA B 30 20.73 -27.37 -7.38
N LEU B 31 21.47 -26.41 -7.91
CA LEU B 31 20.98 -25.02 -8.04
C LEU B 31 20.98 -24.54 -9.50
N PRO B 32 20.04 -25.06 -10.32
CA PRO B 32 19.98 -24.59 -11.70
C PRO B 32 19.37 -23.18 -11.83
N THR B 33 20.23 -22.17 -11.87
CA THR B 33 19.82 -20.74 -11.94
C THR B 33 19.05 -20.47 -13.23
N SER B 34 19.36 -21.25 -14.26
CA SER B 34 18.71 -21.10 -15.56
C SER B 34 17.24 -21.51 -15.51
N SER B 35 16.88 -22.32 -14.54
CA SER B 35 15.52 -22.80 -14.38
C SER B 35 14.71 -21.81 -13.52
N LEU B 36 13.88 -20.99 -14.13
CA LEU B 36 13.04 -20.05 -13.37
C LEU B 36 12.05 -20.90 -12.57
N SER B 37 11.71 -20.44 -11.39
CA SER B 37 10.84 -21.15 -10.47
C SER B 37 10.05 -20.09 -9.68
N ARG B 38 8.89 -20.49 -9.23
CA ARG B 38 7.93 -19.61 -8.56
C ARG B 38 8.43 -18.99 -7.25
N THR B 39 9.38 -19.58 -6.55
CA THR B 39 9.86 -18.95 -5.32
C THR B 39 10.85 -17.80 -5.61
N ALA B 40 10.60 -16.70 -4.94
CA ALA B 40 11.39 -15.49 -5.11
C ALA B 40 12.46 -15.29 -4.02
N SER B 41 12.60 -16.29 -3.14
CA SER B 41 13.41 -16.15 -1.90
C SER B 41 14.88 -15.79 -1.95
N GLN B 42 15.52 -15.94 -3.10
CA GLN B 42 16.94 -15.60 -3.25
C GLN B 42 17.14 -14.51 -4.32
N SER B 43 16.22 -13.54 -4.36
CA SER B 43 16.33 -12.44 -5.34
C SER B 43 17.53 -11.54 -5.06
N SER B 44 18.12 -11.03 -6.14
CA SER B 44 19.23 -10.08 -6.09
C SER B 44 19.03 -9.07 -7.22
N SER B 45 17.76 -8.80 -7.53
CA SER B 45 17.40 -7.94 -8.67
C SER B 45 16.11 -7.13 -8.39
N HIS B 46 15.66 -6.40 -9.39
CA HIS B 46 14.50 -5.52 -9.32
C HIS B 46 13.19 -6.20 -8.99
N ARG B 47 13.17 -7.53 -9.00
CA ARG B 47 11.96 -8.26 -8.68
C ARG B 47 11.43 -7.97 -7.27
N GLY B 48 12.29 -7.50 -6.38
CA GLY B 48 11.83 -7.27 -5.01
C GLY B 48 10.73 -6.21 -4.92
N TRP B 49 10.70 -5.21 -5.80
CA TRP B 49 9.58 -4.24 -5.74
C TRP B 49 8.27 -4.85 -6.18
N GLU B 50 8.37 -5.82 -7.10
CA GLU B 50 7.19 -6.46 -7.62
C GLU B 50 6.56 -7.33 -6.55
N ILE B 51 7.37 -7.74 -5.59
CA ILE B 51 6.90 -8.59 -4.47
C ILE B 51 5.86 -7.77 -3.70
N LEU B 52 6.07 -6.46 -3.55
CA LEU B 52 5.18 -5.64 -2.74
C LEU B 52 3.78 -5.58 -3.28
N ARG B 53 3.59 -5.50 -4.59
CA ARG B 53 2.19 -5.48 -5.07
C ARG B 53 1.59 -6.86 -5.01
N GLN B 54 2.39 -7.86 -5.33
CA GLN B 54 1.91 -9.25 -5.36
C GLN B 54 1.51 -9.79 -3.97
N ASN B 55 2.27 -9.52 -2.90
CA ASN B 55 1.93 -10.13 -1.61
C ASN B 55 0.72 -9.48 -0.92
N THR B 56 0.47 -8.20 -1.13
CA THR B 56 -0.65 -7.53 -0.44
C THR B 56 -1.92 -7.84 -1.17
N LEU B 57 -1.82 -8.07 -2.47
CA LEU B 57 -2.98 -8.39 -3.29
C LEU B 57 -3.33 -9.88 -3.01
N GLY B 58 -2.30 -10.65 -2.70
CA GLY B 58 -2.49 -12.06 -2.41
C GLY B 58 -2.60 -12.79 -3.75
N HIS B 59 -2.00 -12.19 -4.77
CA HIS B 59 -2.04 -12.70 -6.16
C HIS B 59 -1.16 -13.94 -6.32
N LEU B 60 -0.18 -13.86 -7.22
CA LEU B 60 0.73 -14.97 -7.55
C LEU B 60 2.11 -14.33 -7.47
N ASN B 61 3.15 -15.11 -7.28
CA ASN B 61 4.50 -14.58 -7.26
C ASN B 61 5.24 -15.15 -8.45
N LEU B 62 5.78 -14.31 -9.32
CA LEU B 62 6.43 -14.79 -10.52
C LEU B 62 7.65 -15.65 -10.18
N GLY B 63 8.41 -15.29 -9.15
CA GLY B 63 9.57 -16.07 -8.75
C GLY B 63 10.88 -15.91 -9.51
N LEU B 64 12.01 -16.25 -8.87
CA LEU B 64 13.35 -16.25 -9.50
C LEU B 64 13.93 -17.65 -9.76
N ASN B 65 14.00 -18.45 -8.68
CA ASN B 65 14.74 -19.70 -8.73
C ASN B 65 14.27 -20.55 -7.55
N LEU B 66 14.44 -21.86 -7.61
CA LEU B 66 13.95 -22.73 -6.53
C LEU B 66 14.58 -22.41 -5.20
N SER B 67 13.79 -22.56 -4.15
CA SER B 67 14.26 -22.30 -2.78
C SER B 67 13.72 -23.33 -1.80
N GLU B 68 14.45 -23.52 -0.70
CA GLU B 68 14.01 -24.44 0.35
C GLU B 68 13.45 -23.62 1.54
N GLY B 69 12.53 -22.73 1.18
CA GLY B 69 11.87 -21.88 2.17
C GLY B 69 10.73 -21.12 1.54
N ASP B 70 10.00 -20.37 2.34
CA ASP B 70 8.85 -19.62 1.86
C ASP B 70 9.31 -18.46 0.97
N GLY B 71 8.48 -18.12 0.01
CA GLY B 71 8.80 -17.04 -0.93
C GLY B 71 7.89 -16.96 -2.11
N GLU B 72 6.67 -17.45 -2.00
CA GLU B 72 5.71 -17.43 -3.11
C GLU B 72 4.30 -17.31 -2.52
N GLU B 73 3.35 -16.81 -3.28
CA GLU B 73 1.99 -16.58 -2.76
C GLU B 73 1.15 -17.83 -2.81
CA CA C . 8.29 5.37 5.31
CA CA D . 13.35 9.95 -6.94
N SER A 1 -10.65 22.98 -6.35
CA SER A 1 -9.79 21.96 -5.69
C SER A 1 -10.15 20.56 -6.13
N MET A 2 -9.16 19.75 -6.41
CA MET A 2 -9.39 18.36 -6.77
C MET A 2 -9.72 17.59 -5.49
N ALA A 3 -10.69 16.71 -5.54
CA ALA A 3 -11.12 15.97 -4.37
C ALA A 3 -10.07 14.91 -3.91
N ASP A 4 -9.39 14.29 -4.87
CA ASP A 4 -8.40 13.24 -4.54
C ASP A 4 -7.21 13.82 -3.78
N GLN A 5 -6.87 15.07 -4.10
CA GLN A 5 -5.75 15.78 -3.49
C GLN A 5 -6.01 16.18 -2.03
N LEU A 6 -7.28 16.29 -1.62
CA LEU A 6 -7.66 16.71 -0.27
C LEU A 6 -6.90 18.00 0.07
N THR A 7 -7.16 19.00 -0.73
CA THR A 7 -6.50 20.31 -0.60
C THR A 7 -6.86 20.99 0.72
N GLU A 8 -6.09 22.02 1.04
CA GLU A 8 -6.30 22.81 2.23
C GLU A 8 -7.72 23.45 2.22
N GLU A 9 -8.26 23.83 1.06
CA GLU A 9 -9.62 24.37 0.99
C GLU A 9 -10.64 23.29 1.42
N GLN A 10 -10.45 22.07 0.97
CA GLN A 10 -11.40 21.02 1.30
C GLN A 10 -11.31 20.55 2.75
N ILE A 11 -10.10 20.46 3.28
CA ILE A 11 -9.94 19.95 4.63
C ILE A 11 -10.51 20.98 5.60
N ALA A 12 -10.35 22.25 5.28
CA ALA A 12 -10.81 23.32 6.15
C ALA A 12 -12.33 23.37 6.21
N GLU A 13 -12.98 22.97 5.14
CA GLU A 13 -14.43 23.03 5.08
C GLU A 13 -15.02 22.12 6.17
N PHE A 14 -14.50 20.92 6.35
CA PHE A 14 -15.04 20.10 7.43
C PHE A 14 -14.29 20.28 8.74
N LYS A 15 -13.03 20.74 8.70
CA LYS A 15 -12.26 20.88 9.95
C LYS A 15 -12.81 21.98 10.88
N GLU A 16 -13.23 23.12 10.33
CA GLU A 16 -13.75 24.17 11.21
C GLU A 16 -14.99 23.67 11.90
N ALA A 17 -15.83 22.94 11.18
CA ALA A 17 -17.09 22.44 11.74
C ALA A 17 -16.79 21.38 12.79
N PHE A 18 -15.77 20.58 12.54
CA PHE A 18 -15.40 19.55 13.46
C PHE A 18 -14.86 20.17 14.77
N SER A 19 -14.02 21.20 14.68
CA SER A 19 -13.40 21.81 15.85
C SER A 19 -14.42 22.56 16.70
N LEU A 20 -15.54 22.91 16.11
CA LEU A 20 -16.61 23.60 16.81
C LEU A 20 -17.11 22.72 17.93
N PHE A 21 -17.18 21.41 17.68
CA PHE A 21 -17.63 20.48 18.70
C PHE A 21 -16.45 19.96 19.55
N ASP A 22 -15.24 20.10 19.03
CA ASP A 22 -14.03 19.70 19.77
C ASP A 22 -13.56 20.91 20.59
N LYS A 23 -14.46 21.51 21.34
CA LYS A 23 -14.13 22.68 22.11
C LYS A 23 -13.19 22.33 23.29
N ASP A 24 -13.25 21.12 23.81
CA ASP A 24 -12.39 20.73 24.92
C ASP A 24 -10.92 20.62 24.47
N GLY A 25 -10.73 20.34 23.21
CA GLY A 25 -9.37 20.21 22.70
C GLY A 25 -8.76 18.86 23.05
N ASP A 26 -9.61 17.93 23.44
CA ASP A 26 -9.18 16.57 23.79
C ASP A 26 -8.97 15.74 22.51
N GLY A 27 -9.57 16.19 21.42
CA GLY A 27 -9.38 15.58 20.13
C GLY A 27 -10.34 14.46 19.76
N THR A 28 -11.35 14.14 20.58
CA THR A 28 -12.30 13.07 20.20
C THR A 28 -13.73 13.55 20.28
N ILE A 29 -14.60 12.99 19.43
CA ILE A 29 -16.03 13.34 19.43
C ILE A 29 -16.81 12.02 19.32
N THR A 30 -18.08 12.05 19.67
CA THR A 30 -18.95 10.89 19.56
C THR A 30 -19.61 10.82 18.19
N THR A 31 -20.25 9.72 17.87
CA THR A 31 -20.99 9.58 16.61
C THR A 31 -22.24 10.46 16.64
N LYS A 32 -22.66 10.77 17.85
CA LYS A 32 -23.83 11.60 18.09
C LYS A 32 -23.57 13.01 17.58
N GLN A 33 -22.33 13.49 17.74
CA GLN A 33 -21.92 14.79 17.21
C GLN A 33 -21.38 14.69 15.76
N LEU A 34 -20.98 13.53 15.27
CA LEU A 34 -20.51 13.43 13.88
C LEU A 34 -21.67 13.75 12.93
N GLY A 35 -22.85 13.31 13.34
CA GLY A 35 -24.04 13.60 12.57
C GLY A 35 -24.28 15.11 12.60
N THR A 36 -24.04 15.77 13.73
CA THR A 36 -24.22 17.21 13.88
C THR A 36 -23.21 17.99 13.02
N VAL A 37 -21.99 17.47 12.88
CA VAL A 37 -20.94 18.10 12.03
C VAL A 37 -21.49 18.14 10.59
N MET A 38 -22.13 17.09 10.13
CA MET A 38 -22.70 17.11 8.79
C MET A 38 -23.89 18.04 8.70
N ARG A 39 -24.61 18.25 9.79
CA ARG A 39 -25.72 19.21 9.79
C ARG A 39 -25.12 20.61 9.63
N SER A 40 -23.97 20.82 10.23
CA SER A 40 -23.28 22.11 10.13
C SER A 40 -22.76 22.41 8.71
N LEU A 41 -22.34 21.40 7.97
CA LEU A 41 -21.89 21.58 6.57
C LEU A 41 -23.10 21.78 5.66
N GLY A 42 -24.29 21.34 6.09
CA GLY A 42 -25.50 21.45 5.30
C GLY A 42 -25.76 20.13 4.62
N GLN A 43 -26.73 20.03 3.73
CA GLN A 43 -27.00 18.71 3.11
C GLN A 43 -25.88 18.32 2.16
N ASN A 44 -25.34 17.14 2.36
CA ASN A 44 -24.26 16.59 1.50
C ASN A 44 -24.34 15.04 1.46
N PRO A 45 -24.11 14.32 2.60
CA PRO A 45 -24.25 12.86 2.44
C PRO A 45 -25.71 12.45 2.36
N THR A 46 -25.97 11.27 1.82
CA THR A 46 -27.34 10.78 1.87
C THR A 46 -27.56 10.30 3.31
N GLU A 47 -28.80 10.11 3.74
CA GLU A 47 -29.05 9.64 5.12
C GLU A 47 -28.41 8.25 5.30
N ALA A 48 -28.43 7.47 4.24
CA ALA A 48 -27.84 6.14 4.28
C ALA A 48 -26.31 6.18 4.42
N GLU A 49 -25.67 7.10 3.70
CA GLU A 49 -24.23 7.29 3.81
C GLU A 49 -23.89 7.92 5.12
N LEU A 50 -24.80 8.71 5.67
CA LEU A 50 -24.54 9.34 6.95
C LEU A 50 -24.45 8.25 8.02
N GLN A 51 -25.34 7.27 7.96
CA GLN A 51 -25.38 6.19 8.92
C GLN A 51 -24.14 5.32 8.71
N ASP A 52 -23.75 5.19 7.46
CA ASP A 52 -22.57 4.38 7.15
C ASP A 52 -21.30 5.06 7.69
N MET A 53 -21.26 6.39 7.62
CA MET A 53 -20.09 7.12 8.08
C MET A 53 -19.90 7.05 9.59
N ILE A 54 -20.98 7.15 10.36
CA ILE A 54 -20.85 7.15 11.83
C ILE A 54 -20.56 5.74 12.33
N ASN A 55 -20.97 4.75 11.54
CA ASN A 55 -20.80 3.35 11.93
C ASN A 55 -19.42 2.77 11.62
N GLU A 56 -18.90 3.04 10.43
CA GLU A 56 -17.61 2.49 10.05
C GLU A 56 -16.47 2.99 10.94
N VAL A 57 -16.50 4.26 11.36
CA VAL A 57 -15.41 4.79 12.23
C VAL A 57 -15.59 4.28 13.67
N ASP A 58 -16.82 3.94 14.02
CA ASP A 58 -17.13 3.42 15.35
C ASP A 58 -16.62 1.94 15.40
N ALA A 59 -16.62 1.27 14.26
CA ALA A 59 -16.13 -0.10 14.16
C ALA A 59 -14.65 -0.16 14.47
N ASP A 60 -13.93 0.94 14.23
CA ASP A 60 -12.52 1.05 14.55
C ASP A 60 -12.30 1.81 15.88
N GLY A 61 -13.31 1.76 16.75
CA GLY A 61 -13.23 2.47 18.01
C GLY A 61 -14.03 1.77 19.10
N ASN A 62 -14.05 2.36 20.30
CA ASN A 62 -14.74 1.77 21.48
C ASN A 62 -16.04 2.50 21.85
N GLY A 63 -16.65 3.14 20.87
CA GLY A 63 -17.85 3.92 21.09
C GLY A 63 -17.53 5.43 21.20
N THR A 64 -16.22 5.70 21.08
CA THR A 64 -15.69 7.04 21.05
C THR A 64 -14.79 6.92 19.84
N ILE A 65 -14.79 7.92 18.96
CA ILE A 65 -14.05 7.86 17.71
C ILE A 65 -12.64 8.47 17.93
N ASP A 66 -11.61 7.85 17.42
CA ASP A 66 -10.25 8.40 17.54
C ASP A 66 -10.06 9.57 16.53
N PHE A 67 -9.21 9.47 15.51
CA PHE A 67 -9.02 10.61 14.57
C PHE A 67 -8.70 10.29 13.09
N PRO A 68 -7.73 9.39 12.81
CA PRO A 68 -7.47 9.17 11.36
C PRO A 68 -8.62 8.41 10.66
N GLN A 69 -9.53 7.84 11.43
CA GLN A 69 -10.73 7.20 10.88
C GLN A 69 -11.64 8.19 10.16
N PHE A 70 -11.71 9.44 10.63
CA PHE A 70 -12.53 10.41 9.90
C PHE A 70 -11.92 10.68 8.51
N LEU A 71 -10.61 10.83 8.50
CA LEU A 71 -9.90 11.19 7.28
C LEU A 71 -9.89 10.01 6.29
N THR A 72 -9.78 8.80 6.81
CA THR A 72 -9.76 7.61 5.96
C THR A 72 -11.14 7.48 5.34
N MET A 73 -12.18 7.72 6.14
CA MET A 73 -13.55 7.61 5.66
C MET A 73 -13.87 8.66 4.63
N MET A 74 -13.34 9.85 4.82
CA MET A 74 -13.58 10.95 3.91
C MET A 74 -12.88 10.67 2.58
N ALA A 75 -11.69 10.10 2.66
CA ALA A 75 -10.93 9.83 1.45
C ALA A 75 -11.66 8.88 0.50
N ARG A 76 -12.29 7.85 1.06
CA ARG A 76 -13.01 6.90 0.22
C ARG A 76 -14.18 7.55 -0.48
N LYS A 77 -14.86 8.47 0.19
CA LYS A 77 -15.99 9.18 -0.41
C LYS A 77 -15.50 10.06 -1.59
N MET A 78 -14.35 10.67 -1.43
CA MET A 78 -13.77 11.58 -2.44
C MET A 78 -13.18 10.90 -3.67
N LYS A 79 -12.63 9.68 -3.54
CA LYS A 79 -11.93 9.04 -4.70
C LYS A 79 -12.85 8.55 -5.80
N ASP A 80 -13.71 7.57 -5.52
CA ASP A 80 -14.56 6.94 -6.54
C ASP A 80 -13.73 6.44 -7.77
N THR A 81 -12.60 5.78 -7.53
CA THR A 81 -11.70 5.34 -8.62
C THR A 81 -11.63 3.85 -8.85
N ASP A 82 -10.98 3.52 -9.97
CA ASP A 82 -10.78 2.17 -10.46
C ASP A 82 -9.57 1.52 -9.67
N SER A 83 -9.11 0.35 -10.10
CA SER A 83 -8.05 -0.45 -9.50
C SER A 83 -6.71 0.22 -9.24
N GLU A 84 -6.47 1.40 -9.78
CA GLU A 84 -5.25 2.12 -9.48
C GLU A 84 -5.15 2.41 -7.97
N GLU A 85 -6.31 2.54 -7.32
CA GLU A 85 -6.39 2.79 -5.89
C GLU A 85 -5.79 1.65 -5.03
N GLU A 86 -5.70 0.45 -5.59
CA GLU A 86 -5.16 -0.71 -4.86
C GLU A 86 -3.68 -0.52 -4.51
N ILE A 87 -2.98 0.21 -5.38
CA ILE A 87 -1.56 0.50 -5.20
C ILE A 87 -1.38 1.43 -3.97
N ARG A 88 -2.38 2.25 -3.68
CA ARG A 88 -2.28 3.14 -2.51
C ARG A 88 -2.27 2.35 -1.23
N GLU A 89 -3.00 1.26 -1.17
CA GLU A 89 -3.01 0.44 0.04
C GLU A 89 -1.66 -0.23 0.14
N ALA A 90 -1.13 -0.70 -0.98
CA ALA A 90 0.13 -1.45 -1.02
C ALA A 90 1.30 -0.60 -0.53
N PHE A 91 1.26 0.68 -0.82
CA PHE A 91 2.35 1.54 -0.40
C PHE A 91 2.32 1.69 1.10
N ARG A 92 1.11 1.82 1.65
CA ARG A 92 0.92 2.02 3.10
C ARG A 92 1.25 0.81 3.94
N VAL A 93 1.14 -0.38 3.36
CA VAL A 93 1.48 -1.60 4.10
C VAL A 93 2.98 -1.59 4.49
N PHE A 94 3.85 -1.23 3.56
CA PHE A 94 5.28 -1.20 3.87
C PHE A 94 5.75 0.13 4.43
N ASP A 95 5.01 1.22 4.23
CA ASP A 95 5.42 2.50 4.79
C ASP A 95 4.90 2.55 6.22
N LYS A 96 5.70 2.10 7.16
CA LYS A 96 5.31 2.07 8.57
C LYS A 96 5.19 3.49 9.12
N ASP A 97 6.01 4.39 8.59
CA ASP A 97 6.04 5.77 9.05
C ASP A 97 4.91 6.64 8.51
N GLY A 98 4.31 6.21 7.41
CA GLY A 98 3.21 6.95 6.81
C GLY A 98 3.66 8.23 6.12
N ASN A 99 4.95 8.42 5.85
CA ASN A 99 5.45 9.69 5.33
C ASN A 99 5.45 9.81 3.80
N GLY A 100 5.04 8.76 3.12
CA GLY A 100 4.97 8.80 1.65
C GLY A 100 6.24 8.43 0.90
N TYR A 101 7.31 8.07 1.61
CA TYR A 101 8.56 7.67 0.95
C TYR A 101 9.15 6.39 1.52
N ILE A 102 10.05 5.76 0.76
CA ILE A 102 10.72 4.50 1.15
C ILE A 102 12.20 4.60 1.52
N SER A 103 12.50 4.11 2.71
CA SER A 103 13.85 3.95 3.24
C SER A 103 14.15 2.45 3.21
N ALA A 104 15.41 2.03 3.28
CA ALA A 104 15.77 0.58 3.24
C ALA A 104 15.07 -0.20 4.36
N ALA A 105 14.89 0.46 5.49
CA ALA A 105 14.20 -0.14 6.63
C ALA A 105 12.72 -0.49 6.35
N GLU A 106 12.04 0.30 5.53
CA GLU A 106 10.60 0.08 5.29
C GLU A 106 10.39 -1.28 4.56
N LEU A 107 11.31 -1.63 3.69
CA LEU A 107 11.24 -2.87 2.88
C LEU A 107 11.51 -4.15 3.67
N ARG A 108 12.27 -4.04 4.75
CA ARG A 108 12.63 -5.20 5.57
C ARG A 108 11.37 -5.79 6.22
N HIS A 109 10.41 -4.92 6.46
CA HIS A 109 9.14 -5.30 7.06
C HIS A 109 8.40 -6.32 6.19
N VAL A 110 8.35 -6.09 4.90
CA VAL A 110 7.63 -6.98 4.02
C VAL A 110 8.29 -8.31 3.84
N MET A 111 9.60 -8.30 3.65
CA MET A 111 10.30 -9.54 3.32
C MET A 111 10.33 -10.50 4.51
N THR A 112 10.56 -9.99 5.71
CA THR A 112 10.63 -10.86 6.87
C THR A 112 9.25 -11.46 7.15
N ASN A 113 8.19 -10.71 6.95
CA ASN A 113 6.85 -11.22 7.16
C ASN A 113 6.53 -12.25 6.08
N LEU A 114 7.04 -12.09 4.87
CA LEU A 114 6.77 -13.03 3.78
C LEU A 114 7.62 -14.31 3.95
N GLY A 115 8.66 -14.24 4.75
CA GLY A 115 9.49 -15.40 4.99
C GLY A 115 10.60 -15.51 3.97
N GLU A 116 10.98 -14.37 3.39
CA GLU A 116 12.05 -14.25 2.41
C GLU A 116 13.01 -13.21 2.94
N LYS A 117 14.25 -13.27 2.51
CA LYS A 117 15.27 -12.33 2.92
C LYS A 117 16.05 -11.90 1.69
N LEU A 118 16.58 -10.68 1.75
CA LEU A 118 17.43 -10.11 0.72
C LEU A 118 18.61 -9.65 1.51
N THR A 119 19.76 -9.64 0.91
CA THR A 119 20.96 -9.16 1.60
C THR A 119 20.81 -7.63 1.84
N ASP A 120 21.50 -7.10 2.84
CA ASP A 120 21.39 -5.68 3.21
C ASP A 120 21.89 -4.78 2.10
N GLU A 121 22.86 -5.26 1.35
CA GLU A 121 23.38 -4.47 0.20
C GLU A 121 22.39 -4.42 -0.94
N GLU A 122 21.63 -5.48 -1.05
CA GLU A 122 20.64 -5.55 -2.10
C GLU A 122 19.54 -4.52 -1.94
N VAL A 123 19.11 -4.36 -0.69
CA VAL A 123 17.98 -3.50 -0.38
C VAL A 123 18.41 -2.05 -0.58
N ASP A 124 19.67 -1.75 -0.29
CA ASP A 124 20.18 -0.40 -0.46
C ASP A 124 20.14 -0.01 -1.96
N GLU A 125 20.47 -0.96 -2.83
CA GLU A 125 20.50 -0.74 -4.27
C GLU A 125 19.13 -0.66 -4.92
N MET A 126 18.13 -1.31 -4.33
CA MET A 126 16.77 -1.29 -4.86
C MET A 126 16.24 0.10 -4.91
N ILE A 127 16.64 0.92 -3.94
CA ILE A 127 16.18 2.32 -3.87
C ILE A 127 16.83 3.12 -5.01
N ARG A 128 18.12 2.88 -5.24
CA ARG A 128 18.82 3.62 -6.29
C ARG A 128 18.28 3.25 -7.67
N GLU A 129 17.94 1.99 -7.89
CA GLU A 129 17.42 1.58 -9.20
C GLU A 129 15.98 2.01 -9.43
N ALA A 130 15.18 2.04 -8.38
CA ALA A 130 13.79 2.50 -8.51
C ALA A 130 13.65 4.02 -8.72
N ASP A 131 14.45 4.82 -8.03
CA ASP A 131 14.33 6.27 -8.11
C ASP A 131 14.81 6.73 -9.49
N ILE A 132 13.96 7.43 -10.24
CA ILE A 132 14.29 7.84 -11.61
C ILE A 132 15.03 9.16 -11.56
N ASP A 133 14.56 10.04 -10.71
CA ASP A 133 15.10 11.38 -10.57
C ASP A 133 16.36 11.38 -9.68
N GLY A 134 16.60 10.28 -8.96
CA GLY A 134 17.85 10.15 -8.19
C GLY A 134 17.92 10.90 -6.88
N ASP A 135 16.81 11.26 -6.29
CA ASP A 135 16.81 12.01 -5.01
C ASP A 135 17.02 11.14 -3.77
N GLY A 136 17.19 9.85 -3.98
CA GLY A 136 17.45 8.90 -2.91
C GLY A 136 16.22 8.34 -2.21
N GLN A 137 15.02 8.76 -2.59
CA GLN A 137 13.78 8.29 -1.99
C GLN A 137 12.77 7.92 -3.09
N VAL A 138 12.20 6.75 -2.97
CA VAL A 138 11.18 6.30 -3.88
C VAL A 138 9.88 6.90 -3.35
N ASN A 139 9.13 7.56 -4.23
CA ASN A 139 7.86 8.15 -3.86
C ASN A 139 6.75 7.34 -4.50
N TYR A 140 5.53 7.70 -4.19
CA TYR A 140 4.37 6.95 -4.66
C TYR A 140 4.26 6.83 -6.16
N GLU A 141 4.38 7.91 -6.93
CA GLU A 141 4.24 7.81 -8.39
C GLU A 141 5.30 6.89 -9.00
N GLU A 142 6.50 6.88 -8.45
CA GLU A 142 7.55 6.01 -8.97
C GLU A 142 7.19 4.55 -8.72
N PHE A 143 6.54 4.31 -7.59
CA PHE A 143 6.12 2.94 -7.20
C PHE A 143 4.97 2.47 -8.07
N VAL A 144 4.06 3.34 -8.45
CA VAL A 144 2.92 2.93 -9.30
C VAL A 144 3.38 2.45 -10.68
N GLN A 145 4.35 3.14 -11.26
CA GLN A 145 4.84 2.83 -12.61
C GLN A 145 5.59 1.51 -12.63
N MET A 146 5.92 0.96 -11.47
CA MET A 146 6.62 -0.31 -11.47
C MET A 146 5.69 -1.42 -11.94
N MET A 147 4.43 -1.38 -11.49
CA MET A 147 3.46 -2.43 -11.86
C MET A 147 2.46 -2.10 -13.00
N THR A 148 2.15 -0.83 -13.20
CA THR A 148 1.14 -0.42 -14.21
C THR A 148 1.77 -0.20 -15.58
N ALA A 149 3.07 -0.39 -15.66
CA ALA A 149 3.84 -0.20 -16.88
C ALA A 149 4.95 -1.24 -16.79
N LYS A 150 5.58 -1.55 -17.90
CA LYS A 150 6.64 -2.59 -17.90
C LYS A 150 7.75 -2.12 -16.98
N GLY B 1 -37.73 56.05 -52.65
CA GLY B 1 -37.62 54.64 -53.08
C GLY B 1 -38.37 53.74 -52.18
N ALA B 2 -38.57 52.50 -52.60
CA ALA B 2 -39.30 51.51 -51.81
C ALA B 2 -38.79 50.14 -52.17
N ASP B 3 -38.93 49.21 -51.23
CA ASP B 3 -38.52 47.84 -51.45
C ASP B 3 -39.31 47.21 -52.58
N LYS B 4 -38.63 46.46 -53.45
CA LYS B 4 -39.31 45.76 -54.54
C LYS B 4 -38.70 44.37 -54.77
N GLU B 5 -37.37 44.26 -54.91
CA GLU B 5 -36.71 42.96 -55.11
C GLU B 5 -35.31 42.99 -54.57
N ASP B 6 -34.83 41.84 -54.13
CA ASP B 6 -33.45 41.65 -53.67
C ASP B 6 -32.87 40.44 -54.36
N ASP B 7 -31.58 40.47 -54.64
CA ASP B 7 -30.88 39.33 -55.27
C ASP B 7 -29.49 39.22 -54.64
N GLN B 8 -28.95 38.02 -54.55
CA GLN B 8 -27.68 37.79 -53.89
C GLN B 8 -26.88 36.77 -54.68
N GLU B 9 -25.57 36.82 -54.52
CA GLU B 9 -24.67 35.88 -55.21
C GLU B 9 -23.81 35.20 -54.18
N HIS B 10 -24.40 34.30 -53.39
CA HIS B 10 -23.66 33.60 -52.34
C HIS B 10 -23.91 32.10 -52.44
N PRO B 11 -23.43 31.47 -53.52
CA PRO B 11 -23.64 30.01 -53.52
C PRO B 11 -22.74 29.30 -52.54
N SER B 12 -23.11 28.12 -52.12
CA SER B 12 -22.23 27.39 -51.21
C SER B 12 -20.98 26.95 -51.95
N GLU B 13 -19.86 26.94 -51.27
CA GLU B 13 -18.60 26.56 -51.91
C GLU B 13 -17.64 25.92 -50.86
N LYS B 14 -17.75 24.60 -50.67
CA LYS B 14 -16.94 23.94 -49.63
C LYS B 14 -15.45 23.88 -49.99
N GLN B 15 -15.12 23.95 -51.27
CA GLN B 15 -13.71 23.93 -51.76
C GLN B 15 -12.96 22.66 -51.25
N PRO B 16 -13.46 21.45 -51.54
CA PRO B 16 -12.70 20.33 -50.97
C PRO B 16 -11.32 20.17 -51.60
N SER B 17 -10.35 19.65 -50.84
CA SER B 17 -8.97 19.48 -51.34
C SER B 17 -8.93 18.33 -52.32
N GLY B 18 -9.65 17.25 -52.03
CA GLY B 18 -9.69 16.08 -52.90
C GLY B 18 -8.53 15.13 -52.69
N ALA B 19 -7.62 15.49 -51.79
CA ALA B 19 -6.43 14.73 -51.54
C ALA B 19 -5.99 14.99 -50.08
N GLU B 20 -5.14 14.13 -49.54
CA GLU B 20 -4.60 14.29 -48.19
C GLU B 20 -3.07 13.90 -48.23
N SER B 21 -2.31 14.40 -47.26
CA SER B 21 -0.86 14.10 -47.17
C SER B 21 -0.63 12.65 -46.72
N GLY B 22 0.55 12.11 -46.99
CA GLY B 22 0.85 10.75 -46.55
C GLY B 22 2.35 10.44 -46.50
N THR B 23 2.70 9.28 -45.95
CA THR B 23 4.10 8.84 -45.77
C THR B 23 4.17 7.33 -46.02
N LEU B 24 5.37 6.78 -46.14
CA LEU B 24 5.55 5.34 -46.36
C LEU B 24 6.10 4.63 -45.11
N ALA B 25 5.57 3.44 -44.81
CA ALA B 25 6.02 2.64 -43.66
C ALA B 25 7.37 1.98 -43.99
N ARG B 26 8.16 1.63 -42.98
CA ARG B 26 9.44 0.96 -43.16
C ARG B 26 9.53 -0.33 -42.36
N ALA B 27 10.27 -1.31 -42.90
CA ALA B 27 10.44 -2.64 -42.27
C ALA B 27 11.88 -2.81 -41.72
N SER B 28 12.58 -1.72 -41.51
CA SER B 28 13.99 -1.74 -41.12
C SER B 28 14.27 -2.54 -39.83
N LEU B 29 15.43 -3.20 -39.83
CA LEU B 29 15.90 -4.07 -38.75
C LEU B 29 16.40 -3.24 -37.54
N ALA B 30 16.05 -3.71 -36.35
CA ALA B 30 16.49 -3.08 -35.10
C ALA B 30 16.62 -4.11 -33.98
N LEU B 31 17.52 -3.85 -33.05
CA LEU B 31 17.74 -4.75 -31.91
C LEU B 31 16.44 -4.71 -31.09
N PRO B 32 16.07 -5.86 -30.46
CA PRO B 32 14.81 -5.71 -29.74
C PRO B 32 14.92 -4.81 -28.52
N THR B 33 13.86 -4.08 -28.25
CA THR B 33 13.81 -3.22 -27.08
C THR B 33 12.88 -3.77 -26.02
N SER B 34 11.94 -4.62 -26.44
CA SER B 34 10.95 -5.17 -25.52
C SER B 34 11.48 -6.34 -24.69
N SER B 35 12.46 -7.07 -25.24
CA SER B 35 13.01 -8.25 -24.52
C SER B 35 13.86 -7.79 -23.32
N LEU B 36 13.88 -8.57 -22.27
CA LEU B 36 14.69 -8.27 -21.08
C LEU B 36 16.00 -9.00 -21.19
N SER B 37 17.05 -8.42 -20.64
CA SER B 37 18.38 -9.01 -20.65
C SER B 37 18.42 -10.12 -19.63
N ARG B 38 19.41 -11.01 -19.72
CA ARG B 38 19.55 -12.12 -18.75
C ARG B 38 19.80 -11.48 -17.39
N THR B 39 20.37 -10.28 -17.42
CA THR B 39 20.64 -9.46 -16.25
C THR B 39 21.58 -10.24 -15.36
N ALA B 40 22.63 -10.77 -15.97
CA ALA B 40 23.58 -11.59 -15.22
C ALA B 40 24.63 -10.71 -14.53
N SER B 41 25.02 -9.61 -15.17
CA SER B 41 26.09 -8.73 -14.61
C SER B 41 25.56 -7.67 -13.66
N GLN B 42 24.35 -7.18 -13.90
CA GLN B 42 23.71 -6.25 -13.00
C GLN B 42 22.79 -7.06 -12.12
N SER B 43 22.49 -6.56 -10.92
CA SER B 43 21.57 -7.27 -10.05
C SER B 43 20.17 -6.95 -10.53
N SER B 44 19.24 -7.88 -10.38
CA SER B 44 17.86 -7.63 -10.74
C SER B 44 17.20 -7.02 -9.52
N SER B 45 17.43 -5.73 -9.32
CA SER B 45 16.96 -5.02 -8.15
C SER B 45 15.44 -4.90 -8.24
N HIS B 46 14.92 -4.89 -9.47
CA HIS B 46 13.50 -4.80 -9.67
C HIS B 46 12.80 -6.04 -9.14
N ARG B 47 13.48 -7.18 -9.05
CA ARG B 47 12.84 -8.40 -8.52
C ARG B 47 12.45 -8.24 -7.08
N GLY B 48 13.15 -7.43 -6.31
CA GLY B 48 12.75 -7.27 -4.93
C GLY B 48 11.47 -6.47 -4.82
N TRP B 49 11.25 -5.53 -5.76
CA TRP B 49 10.00 -4.75 -5.74
C TRP B 49 8.86 -5.69 -6.15
N GLU B 50 9.20 -6.66 -6.99
CA GLU B 50 8.22 -7.61 -7.47
C GLU B 50 7.73 -8.46 -6.33
N ILE B 51 8.51 -8.65 -5.28
CA ILE B 51 8.04 -9.47 -4.15
C ILE B 51 6.88 -8.72 -3.52
N LEU B 52 7.02 -7.40 -3.34
CA LEU B 52 5.94 -6.61 -2.75
C LEU B 52 4.76 -6.56 -3.72
N ARG B 53 5.05 -6.43 -4.99
CA ARG B 53 3.99 -6.36 -6.02
C ARG B 53 3.20 -7.68 -6.09
N GLN B 54 3.85 -8.81 -5.89
CA GLN B 54 3.13 -10.06 -5.89
C GLN B 54 2.42 -10.33 -4.60
N ASN B 55 3.02 -10.07 -3.43
CA ASN B 55 2.33 -10.44 -2.20
C ASN B 55 1.20 -9.48 -1.84
N THR B 56 1.30 -8.23 -2.26
CA THR B 56 0.31 -7.23 -1.86
C THR B 56 -0.96 -7.33 -2.70
N LEU B 57 -0.80 -7.77 -3.95
CA LEU B 57 -1.95 -7.90 -4.84
C LEU B 57 -2.62 -9.24 -4.55
N GLY B 58 -1.82 -10.22 -4.13
CA GLY B 58 -2.41 -11.53 -3.90
C GLY B 58 -2.76 -12.17 -5.23
N HIS B 59 -1.85 -12.05 -6.18
CA HIS B 59 -2.08 -12.55 -7.56
C HIS B 59 -2.17 -14.08 -7.62
N LEU B 60 -1.72 -14.68 -6.53
CA LEU B 60 -1.77 -16.12 -6.38
C LEU B 60 -2.48 -16.34 -5.09
N ASN B 61 -3.53 -17.18 -5.10
CA ASN B 61 -4.33 -17.42 -3.90
C ASN B 61 -3.52 -18.26 -2.88
N LEU B 62 -2.55 -19.03 -3.36
CA LEU B 62 -1.74 -19.89 -2.54
C LEU B 62 -0.61 -19.10 -1.89
N GLY B 63 -0.17 -19.53 -0.72
CA GLY B 63 0.96 -18.89 -0.07
C GLY B 63 1.30 -19.70 1.15
N LEU B 64 2.55 -19.59 1.62
CA LEU B 64 2.95 -20.35 2.80
C LEU B 64 2.84 -19.49 4.04
N ASN B 65 2.85 -18.17 3.85
CA ASN B 65 2.81 -17.24 4.96
C ASN B 65 1.75 -16.17 4.67
N LEU B 66 0.54 -16.63 4.37
CA LEU B 66 -0.57 -15.67 4.18
C LEU B 66 -0.81 -15.03 5.53
N SER B 67 -1.00 -13.71 5.59
CA SER B 67 -1.15 -13.02 6.85
C SER B 67 -2.44 -13.40 7.53
N GLU B 68 -2.44 -13.40 8.84
CA GLU B 68 -3.65 -13.67 9.61
C GLU B 68 -4.58 -12.42 9.50
N GLY B 69 -3.98 -11.30 9.12
CA GLY B 69 -4.66 -10.01 8.99
C GLY B 69 -3.64 -8.98 9.39
N ASP B 70 -4.09 -7.74 9.61
CA ASP B 70 -3.21 -6.64 10.02
C ASP B 70 -2.65 -6.93 11.42
N GLY B 71 -3.48 -7.54 12.25
CA GLY B 71 -3.07 -7.92 13.60
C GLY B 71 -4.06 -7.43 14.62
N GLU B 72 -3.80 -7.69 15.89
CA GLU B 72 -4.74 -7.34 16.95
C GLU B 72 -3.99 -7.13 18.26
N GLU B 73 -4.70 -6.54 19.23
CA GLU B 73 -4.12 -6.26 20.51
C GLU B 73 -3.67 -7.54 21.21
CA CA C . 8.87 5.66 5.47
CA CA D . 12.76 10.03 -6.35
N SER A 1 -12.47 -2.33 17.97
CA SER A 1 -11.47 -1.42 17.40
C SER A 1 -11.50 -1.42 15.87
N MET A 2 -11.88 -2.52 15.21
CA MET A 2 -11.86 -2.56 13.74
C MET A 2 -12.96 -1.71 13.09
N ALA A 3 -14.11 -1.59 13.74
CA ALA A 3 -15.15 -0.71 13.24
C ALA A 3 -14.81 0.74 13.55
N ASP A 4 -14.10 0.95 14.67
CA ASP A 4 -13.70 2.26 15.18
C ASP A 4 -12.64 3.01 14.32
N GLN A 5 -12.18 2.42 13.21
CA GLN A 5 -11.21 3.09 12.33
C GLN A 5 -11.89 4.34 11.72
N LEU A 6 -13.16 4.20 11.33
CA LEU A 6 -13.94 5.36 10.82
C LEU A 6 -14.21 6.29 12.01
N THR A 7 -14.30 7.58 11.80
CA THR A 7 -14.58 8.46 12.92
C THR A 7 -16.03 8.21 13.29
N GLU A 8 -16.40 8.40 14.53
CA GLU A 8 -17.78 8.16 14.94
C GLU A 8 -18.64 9.19 14.22
N GLU A 9 -18.07 10.36 13.97
CA GLU A 9 -18.76 11.43 13.25
C GLU A 9 -19.14 10.98 11.84
N GLN A 10 -18.21 10.34 11.13
CA GLN A 10 -18.54 9.98 9.75
C GLN A 10 -19.45 8.76 9.61
N ILE A 11 -19.33 7.79 10.53
CA ILE A 11 -20.20 6.62 10.45
C ILE A 11 -21.62 7.08 10.74
N ALA A 12 -21.77 8.06 11.63
CA ALA A 12 -23.08 8.47 12.12
C ALA A 12 -23.95 9.08 11.01
N GLU A 13 -23.34 9.77 10.04
CA GLU A 13 -24.13 10.44 9.00
C GLU A 13 -24.97 9.47 8.17
N PHE A 14 -24.33 8.41 7.67
CA PHE A 14 -25.06 7.46 6.81
C PHE A 14 -25.73 6.28 7.56
N LYS A 15 -25.20 5.96 8.74
CA LYS A 15 -25.72 4.84 9.50
C LYS A 15 -27.11 5.07 10.08
N GLU A 16 -27.34 6.26 10.64
CA GLU A 16 -28.64 6.53 11.24
C GLU A 16 -29.71 6.57 10.13
N ALA A 17 -29.31 7.00 8.94
CA ALA A 17 -30.21 7.07 7.79
C ALA A 17 -30.58 5.64 7.31
N PHE A 18 -29.62 4.74 7.42
CA PHE A 18 -29.83 3.33 7.01
C PHE A 18 -30.84 2.68 7.94
N SER A 19 -30.69 2.96 9.23
CA SER A 19 -31.53 2.38 10.28
C SER A 19 -32.96 2.87 10.19
N LEU A 20 -33.16 4.03 9.58
CA LEU A 20 -34.53 4.57 9.42
C LEU A 20 -35.34 3.62 8.53
N PHE A 21 -34.73 3.08 7.49
CA PHE A 21 -35.47 2.18 6.58
C PHE A 21 -35.45 0.77 7.15
N ASP A 22 -34.47 0.49 8.00
CA ASP A 22 -34.39 -0.80 8.71
C ASP A 22 -35.21 -0.65 9.99
N LYS A 23 -36.44 -0.20 9.80
CA LYS A 23 -37.36 0.09 10.90
C LYS A 23 -37.64 -1.19 11.67
N ASP A 24 -37.70 -2.30 10.94
CA ASP A 24 -37.93 -3.61 11.54
C ASP A 24 -36.75 -4.06 12.40
N GLY A 25 -35.55 -3.54 12.15
CA GLY A 25 -34.38 -3.92 12.94
C GLY A 25 -33.83 -5.27 12.52
N ASP A 26 -34.11 -5.70 11.29
CA ASP A 26 -33.68 -7.02 10.81
C ASP A 26 -32.17 -7.03 10.47
N GLY A 27 -31.62 -5.87 10.19
CA GLY A 27 -30.22 -5.76 9.84
C GLY A 27 -30.01 -6.10 8.38
N THR A 28 -31.10 -6.20 7.65
CA THR A 28 -31.01 -6.49 6.22
C THR A 28 -31.96 -5.60 5.46
N ILE A 29 -31.60 -5.20 4.25
CA ILE A 29 -32.50 -4.47 3.34
C ILE A 29 -32.36 -5.16 1.99
N THR A 30 -33.34 -5.03 1.10
CA THR A 30 -33.24 -5.65 -0.22
C THR A 30 -32.40 -4.72 -1.09
N THR A 31 -31.95 -5.18 -2.24
CA THR A 31 -31.19 -4.33 -3.17
C THR A 31 -32.09 -3.22 -3.69
N LYS A 32 -33.38 -3.47 -3.71
CA LYS A 32 -34.37 -2.53 -4.19
C LYS A 32 -34.44 -1.32 -3.24
N GLN A 33 -34.12 -1.54 -1.97
CA GLN A 33 -34.12 -0.48 -0.98
C GLN A 33 -32.89 0.37 -1.02
N LEU A 34 -31.81 -0.11 -1.63
CA LEU A 34 -30.55 0.66 -1.60
C LEU A 34 -30.66 2.00 -2.29
N GLY A 35 -31.41 2.04 -3.38
CA GLY A 35 -31.56 3.31 -4.08
C GLY A 35 -32.23 4.32 -3.18
N THR A 36 -33.25 3.89 -2.44
CA THR A 36 -33.98 4.76 -1.51
C THR A 36 -33.07 5.22 -0.35
N VAL A 37 -32.25 4.32 0.18
CA VAL A 37 -31.37 4.72 1.29
C VAL A 37 -30.36 5.73 0.79
N MET A 38 -29.74 5.50 -0.36
CA MET A 38 -28.74 6.40 -0.88
C MET A 38 -29.33 7.76 -1.25
N ARG A 39 -30.60 7.79 -1.63
CA ARG A 39 -31.22 9.09 -1.90
C ARG A 39 -31.33 9.87 -0.60
N SER A 40 -31.61 9.18 0.49
CA SER A 40 -31.78 9.79 1.81
C SER A 40 -30.47 10.43 2.32
N LEU A 41 -29.31 9.85 1.99
CA LEU A 41 -28.03 10.41 2.37
C LEU A 41 -27.78 11.78 1.74
N GLY A 42 -28.38 11.99 0.58
CA GLY A 42 -28.23 13.25 -0.11
C GLY A 42 -27.17 13.04 -1.17
N GLN A 43 -27.16 13.98 -2.11
CA GLN A 43 -26.25 13.95 -3.27
C GLN A 43 -26.54 12.62 -4.02
N ASN A 44 -27.83 12.40 -4.32
CA ASN A 44 -28.25 11.15 -4.95
C ASN A 44 -27.56 10.95 -6.30
N PRO A 45 -26.81 9.84 -6.47
CA PRO A 45 -26.18 9.63 -7.75
C PRO A 45 -27.19 9.16 -8.80
N THR A 46 -26.79 9.19 -10.06
CA THR A 46 -27.63 8.75 -11.17
C THR A 46 -28.03 7.28 -10.95
N GLU A 47 -29.14 6.89 -11.58
CA GLU A 47 -29.68 5.54 -11.44
C GLU A 47 -28.67 4.48 -11.86
N ALA A 48 -27.85 4.78 -12.87
CA ALA A 48 -26.82 3.85 -13.33
C ALA A 48 -25.78 3.54 -12.23
N GLU A 49 -25.39 4.55 -11.46
CA GLU A 49 -24.47 4.32 -10.34
C GLU A 49 -25.15 3.58 -9.20
N LEU A 50 -26.42 3.81 -9.01
CA LEU A 50 -27.19 3.15 -7.95
C LEU A 50 -27.26 1.68 -8.35
N GLN A 51 -27.45 1.43 -9.63
CA GLN A 51 -27.55 0.08 -10.14
C GLN A 51 -26.18 -0.59 -10.07
N ASP A 52 -25.13 0.20 -10.31
CA ASP A 52 -23.79 -0.32 -10.23
C ASP A 52 -23.48 -0.74 -8.80
N MET A 53 -24.00 -0.02 -7.83
CA MET A 53 -23.71 -0.36 -6.42
C MET A 53 -24.52 -1.58 -5.94
N ILE A 54 -25.73 -1.77 -6.44
CA ILE A 54 -26.50 -2.99 -6.03
C ILE A 54 -25.77 -4.21 -6.61
N ASN A 55 -24.98 -4.00 -7.65
CA ASN A 55 -24.17 -5.08 -8.20
C ASN A 55 -22.97 -5.29 -7.30
N GLU A 56 -22.37 -4.24 -6.77
CA GLU A 56 -21.19 -4.39 -5.90
C GLU A 56 -21.54 -5.05 -4.56
N VAL A 57 -22.68 -4.71 -3.97
CA VAL A 57 -23.08 -5.31 -2.68
C VAL A 57 -23.78 -6.64 -2.87
N ASP A 58 -24.14 -7.00 -4.10
CA ASP A 58 -24.87 -8.25 -4.34
C ASP A 58 -24.39 -8.96 -5.58
N ALA A 59 -23.09 -9.06 -5.73
CA ALA A 59 -22.49 -9.72 -6.90
C ALA A 59 -22.81 -11.21 -6.92
N ASP A 60 -23.03 -11.78 -5.76
CA ASP A 60 -23.40 -13.20 -5.67
C ASP A 60 -24.89 -13.44 -5.90
N GLY A 61 -25.68 -12.38 -6.05
CA GLY A 61 -27.08 -12.53 -6.37
C GLY A 61 -28.06 -12.86 -5.26
N ASN A 62 -27.79 -12.52 -4.00
CA ASN A 62 -28.72 -12.89 -2.91
C ASN A 62 -30.00 -12.09 -2.97
N GLY A 63 -29.95 -10.88 -3.53
CA GLY A 63 -31.11 -10.01 -3.62
C GLY A 63 -31.34 -9.19 -2.36
N THR A 64 -30.44 -9.36 -1.40
CA THR A 64 -30.53 -8.67 -0.13
C THR A 64 -29.15 -8.19 0.24
N ILE A 65 -29.07 -7.27 1.20
CA ILE A 65 -27.82 -6.64 1.61
C ILE A 65 -27.67 -6.76 3.10
N ASP A 66 -26.52 -7.28 3.52
CA ASP A 66 -26.23 -7.41 4.93
C ASP A 66 -25.85 -6.04 5.48
N PHE A 67 -26.20 -5.74 6.72
CA PHE A 67 -25.90 -4.40 7.27
C PHE A 67 -24.43 -4.00 7.18
N PRO A 68 -23.48 -4.88 7.57
CA PRO A 68 -22.11 -4.37 7.49
C PRO A 68 -21.59 -4.25 6.08
N GLN A 69 -22.25 -4.86 5.10
CA GLN A 69 -21.78 -4.81 3.74
C GLN A 69 -21.78 -3.35 3.26
N PHE A 70 -22.81 -2.60 3.60
CA PHE A 70 -22.85 -1.20 3.14
C PHE A 70 -21.74 -0.38 3.77
N LEU A 71 -21.54 -0.60 5.07
CA LEU A 71 -20.55 0.15 5.85
C LEU A 71 -19.13 -0.16 5.42
N THR A 72 -18.86 -1.43 5.19
CA THR A 72 -17.52 -1.84 4.81
C THR A 72 -17.17 -1.27 3.45
N MET A 73 -18.12 -1.31 2.53
CA MET A 73 -17.86 -0.85 1.19
C MET A 73 -17.77 0.67 1.12
N MET A 74 -18.62 1.36 1.85
CA MET A 74 -18.60 2.81 1.79
C MET A 74 -17.29 3.28 2.37
N ALA A 75 -16.77 2.59 3.38
CA ALA A 75 -15.51 2.96 3.99
C ALA A 75 -14.38 2.93 2.99
N ARG A 76 -14.33 1.90 2.15
CA ARG A 76 -13.27 1.78 1.15
C ARG A 76 -13.42 2.81 0.07
N LYS A 77 -14.66 3.12 -0.31
CA LYS A 77 -14.92 4.10 -1.39
C LYS A 77 -14.51 5.50 -1.00
N MET A 78 -14.56 5.79 0.29
CA MET A 78 -14.14 7.10 0.78
C MET A 78 -12.62 7.25 0.58
N LYS A 79 -11.87 6.16 0.55
CA LYS A 79 -10.42 6.25 0.33
C LYS A 79 -10.21 6.48 -1.17
N ASP A 80 -10.69 5.53 -1.97
CA ASP A 80 -10.58 5.59 -3.42
C ASP A 80 -11.65 4.64 -3.96
N THR A 81 -12.15 4.84 -5.16
CA THR A 81 -13.14 3.90 -5.77
C THR A 81 -12.50 3.26 -7.00
N ASP A 82 -11.33 3.78 -7.35
CA ASP A 82 -10.57 3.34 -8.52
C ASP A 82 -9.73 2.11 -8.21
N SER A 83 -9.23 1.47 -9.25
CA SER A 83 -8.37 0.28 -9.13
C SER A 83 -7.01 0.66 -8.57
N GLU A 84 -6.74 1.96 -8.48
CA GLU A 84 -5.51 2.52 -7.91
C GLU A 84 -5.44 2.23 -6.42
N GLU A 85 -6.56 1.85 -5.82
CA GLU A 85 -6.61 1.51 -4.39
C GLU A 85 -5.63 0.38 -4.09
N GLU A 86 -5.46 -0.56 -4.99
CA GLU A 86 -4.56 -1.67 -4.76
C GLU A 86 -3.14 -1.18 -4.56
N ILE A 87 -2.79 -0.18 -5.36
CA ILE A 87 -1.45 0.39 -5.34
C ILE A 87 -1.29 1.26 -4.07
N ARG A 88 -2.36 1.97 -3.70
CA ARG A 88 -2.33 2.78 -2.48
C ARG A 88 -2.19 1.93 -1.25
N GLU A 89 -2.86 0.80 -1.19
CA GLU A 89 -2.76 -0.03 -0.01
C GLU A 89 -1.38 -0.66 0.06
N ALA A 90 -0.83 -1.00 -1.10
CA ALA A 90 0.49 -1.63 -1.15
C ALA A 90 1.57 -0.69 -0.62
N PHE A 91 1.42 0.62 -0.88
CA PHE A 91 2.42 1.60 -0.41
C PHE A 91 2.35 1.76 1.11
N ARG A 92 1.13 1.81 1.64
CA ARG A 92 0.89 1.99 3.08
C ARG A 92 1.30 0.81 3.95
N VAL A 93 1.31 -0.39 3.41
CA VAL A 93 1.67 -1.59 4.24
C VAL A 93 3.07 -1.44 4.80
N PHE A 94 4.03 -1.00 4.01
CA PHE A 94 5.37 -0.83 4.54
C PHE A 94 5.65 0.56 5.11
N ASP A 95 4.97 1.60 4.67
CA ASP A 95 5.30 2.96 5.17
C ASP A 95 4.44 3.29 6.40
N LYS A 96 4.91 2.86 7.56
CA LYS A 96 4.22 3.07 8.80
C LYS A 96 4.16 4.54 9.17
N ASP A 97 5.24 5.22 8.86
CA ASP A 97 5.43 6.61 9.24
C ASP A 97 4.59 7.62 8.49
N GLY A 98 4.11 7.25 7.33
CA GLY A 98 3.35 8.21 6.54
C GLY A 98 4.27 9.22 5.89
N ASN A 99 5.54 8.87 5.74
CA ASN A 99 6.55 9.81 5.20
C ASN A 99 6.25 10.13 3.75
N GLY A 100 5.59 9.22 3.04
CA GLY A 100 5.32 9.39 1.61
C GLY A 100 6.54 8.95 0.81
N TYR A 101 7.56 8.51 1.53
CA TYR A 101 8.79 8.02 0.94
C TYR A 101 9.13 6.65 1.56
N ILE A 102 9.69 5.79 0.72
CA ILE A 102 10.10 4.42 1.07
C ILE A 102 11.45 4.41 1.78
N SER A 103 11.54 3.71 2.90
CA SER A 103 12.81 3.55 3.62
C SER A 103 13.26 2.09 3.43
N ALA A 104 14.56 1.81 3.48
CA ALA A 104 15.08 0.45 3.24
C ALA A 104 14.62 -0.56 4.27
N ALA A 105 14.48 -0.17 5.53
CA ALA A 105 14.06 -1.09 6.58
C ALA A 105 12.62 -1.56 6.38
N GLU A 106 11.83 -0.70 5.79
CA GLU A 106 10.40 -0.96 5.58
C GLU A 106 10.18 -2.08 4.57
N LEU A 107 11.06 -2.21 3.60
CA LEU A 107 10.93 -3.27 2.59
C LEU A 107 11.26 -4.60 3.20
N ARG A 108 12.16 -4.58 4.16
CA ARG A 108 12.59 -5.80 4.83
C ARG A 108 11.49 -6.23 5.81
N HIS A 109 10.71 -5.29 6.31
CA HIS A 109 9.62 -5.58 7.24
C HIS A 109 8.55 -6.45 6.59
N VAL A 110 8.15 -6.15 5.36
CA VAL A 110 7.12 -6.95 4.69
C VAL A 110 7.73 -8.30 4.27
N MET A 111 8.98 -8.25 3.83
CA MET A 111 9.68 -9.44 3.33
C MET A 111 9.85 -10.49 4.42
N THR A 112 10.13 -10.03 5.64
CA THR A 112 10.27 -10.91 6.79
C THR A 112 8.98 -11.66 7.11
N ASN A 113 7.83 -11.03 6.94
CA ASN A 113 6.58 -11.72 7.26
C ASN A 113 6.37 -12.86 6.22
N LEU A 114 6.80 -12.70 4.97
CA LEU A 114 6.74 -13.76 3.96
C LEU A 114 7.69 -14.91 4.32
N GLY A 115 8.67 -14.62 5.18
CA GLY A 115 9.59 -15.64 5.62
C GLY A 115 10.68 -15.88 4.61
N GLU A 116 10.91 -14.85 3.80
CA GLU A 116 11.88 -14.84 2.74
C GLU A 116 12.81 -13.68 3.00
N LYS A 117 13.94 -13.61 2.30
CA LYS A 117 14.90 -12.53 2.49
C LYS A 117 15.38 -11.91 1.18
N LEU A 118 15.76 -10.63 1.28
CA LEU A 118 16.40 -9.87 0.22
C LEU A 118 17.77 -9.58 0.78
N THR A 119 18.77 -9.44 -0.07
CA THR A 119 20.10 -9.10 0.46
C THR A 119 20.14 -7.60 0.80
N ASP A 120 21.06 -7.22 1.67
CA ASP A 120 21.25 -5.84 2.07
C ASP A 120 21.64 -5.06 0.83
N GLU A 121 22.46 -5.70 0.00
CA GLU A 121 22.94 -5.05 -1.22
C GLU A 121 21.82 -4.80 -2.22
N GLU A 122 20.92 -5.77 -2.35
CA GLU A 122 19.79 -5.66 -3.28
C GLU A 122 18.87 -4.51 -2.84
N VAL A 123 18.65 -4.34 -1.54
CA VAL A 123 17.76 -3.30 -1.10
C VAL A 123 18.40 -1.94 -1.36
N ASP A 124 19.69 -1.84 -1.12
CA ASP A 124 20.37 -0.57 -1.27
C ASP A 124 20.39 -0.18 -2.75
N GLU A 125 20.66 -1.14 -3.65
CA GLU A 125 20.70 -0.83 -5.08
C GLU A 125 19.31 -0.59 -5.67
N MET A 126 18.30 -1.27 -5.17
CA MET A 126 16.96 -1.08 -5.70
C MET A 126 16.43 0.33 -5.53
N ILE A 127 16.85 1.05 -4.49
CA ILE A 127 16.47 2.45 -4.34
C ILE A 127 17.11 3.27 -5.47
N ARG A 128 18.37 2.98 -5.79
CA ARG A 128 19.09 3.69 -6.84
C ARG A 128 18.48 3.38 -8.21
N GLU A 129 18.00 2.16 -8.41
CA GLU A 129 17.36 1.79 -9.69
C GLU A 129 15.97 2.38 -9.78
N ALA A 130 15.29 2.50 -8.65
CA ALA A 130 13.93 3.04 -8.68
C ALA A 130 13.95 4.51 -9.11
N ASP A 131 14.90 5.24 -8.54
CA ASP A 131 15.06 6.65 -8.84
C ASP A 131 15.59 6.85 -10.23
N ILE A 132 14.86 7.59 -11.06
CA ILE A 132 15.36 7.98 -12.38
C ILE A 132 16.04 9.34 -12.16
N ASP A 133 15.44 10.10 -11.26
CA ASP A 133 15.87 11.44 -10.90
C ASP A 133 17.10 11.51 -9.98
N GLY A 134 17.43 10.44 -9.30
CA GLY A 134 18.63 10.44 -8.48
C GLY A 134 18.51 11.27 -7.20
N ASP A 135 17.30 11.46 -6.74
CA ASP A 135 17.03 12.29 -5.55
C ASP A 135 17.38 11.56 -4.22
N GLY A 136 17.47 10.22 -4.25
CA GLY A 136 17.78 9.44 -3.07
C GLY A 136 16.56 9.05 -2.23
N GLN A 137 15.36 9.33 -2.75
CA GLN A 137 14.10 8.97 -2.04
C GLN A 137 13.05 8.56 -3.08
N VAL A 138 12.29 7.51 -2.74
CA VAL A 138 11.29 6.98 -3.65
C VAL A 138 9.88 7.30 -3.14
N ASN A 139 9.06 7.90 -4.00
CA ASN A 139 7.66 8.27 -3.68
C ASN A 139 6.65 7.41 -4.41
N TYR A 140 5.37 7.68 -4.21
CA TYR A 140 4.29 6.89 -4.81
C TYR A 140 4.28 6.79 -6.33
N GLU A 141 4.44 7.88 -7.07
CA GLU A 141 4.40 7.78 -8.57
C GLU A 141 5.54 6.87 -9.07
N GLU A 142 6.67 6.93 -8.40
CA GLU A 142 7.84 6.10 -8.74
C GLU A 142 7.53 4.64 -8.42
N PHE A 143 6.75 4.40 -7.37
CA PHE A 143 6.34 3.06 -6.94
C PHE A 143 5.29 2.46 -7.89
N VAL A 144 4.39 3.30 -8.40
CA VAL A 144 3.37 2.87 -9.37
C VAL A 144 4.09 2.38 -10.62
N GLN A 145 5.13 3.11 -10.99
CA GLN A 145 5.92 2.85 -12.19
C GLN A 145 6.54 1.46 -12.20
N MET A 146 6.88 0.93 -11.04
CA MET A 146 7.59 -0.36 -10.98
C MET A 146 6.86 -1.58 -11.60
N MET A 147 5.54 -1.54 -11.60
CA MET A 147 4.76 -2.60 -12.24
C MET A 147 4.27 -2.23 -13.65
N THR A 148 4.40 -0.97 -14.05
CA THR A 148 3.88 -0.52 -15.35
C THR A 148 5.02 -0.21 -16.34
N ALA A 149 6.22 -0.16 -15.79
CA ALA A 149 7.44 0.19 -16.53
C ALA A 149 8.57 -0.39 -15.64
N LYS A 150 9.82 -0.31 -16.09
CA LYS A 150 10.92 -0.74 -15.26
C LYS A 150 11.01 0.18 -14.06
N GLY B 1 113.71 1.29 29.12
CA GLY B 1 113.75 0.16 28.19
C GLY B 1 113.01 0.44 26.91
N ALA B 2 113.20 -0.39 25.91
CA ALA B 2 112.54 -0.26 24.61
C ALA B 2 111.73 -1.52 24.25
N ASP B 3 110.50 -1.57 24.72
CA ASP B 3 109.56 -2.67 24.48
C ASP B 3 108.53 -2.22 23.41
N LYS B 4 107.63 -3.12 23.03
CA LYS B 4 106.58 -2.80 22.05
C LYS B 4 105.27 -3.49 22.46
N GLU B 5 104.14 -2.89 22.09
CA GLU B 5 102.78 -3.39 22.39
C GLU B 5 101.87 -3.05 21.19
N ASP B 6 100.74 -3.75 21.04
CA ASP B 6 99.81 -3.49 19.92
C ASP B 6 98.33 -3.79 20.25
N ASP B 7 97.44 -3.05 19.61
CA ASP B 7 95.98 -3.23 19.78
C ASP B 7 95.33 -3.54 18.44
N GLN B 8 94.25 -4.31 18.49
CA GLN B 8 93.54 -4.69 17.26
C GLN B 8 92.05 -4.53 17.37
N GLU B 9 91.37 -4.33 16.25
CA GLU B 9 89.93 -4.22 16.20
C GLU B 9 89.42 -5.20 15.16
N HIS B 10 88.40 -5.97 15.52
CA HIS B 10 87.79 -6.99 14.64
C HIS B 10 86.26 -6.89 14.63
N PRO B 11 85.73 -5.77 14.12
CA PRO B 11 84.25 -5.63 14.09
C PRO B 11 83.58 -6.50 13.04
N SER B 12 82.27 -6.72 13.23
CA SER B 12 81.44 -7.55 12.37
C SER B 12 80.07 -6.97 12.40
N GLU B 13 79.22 -7.33 11.43
CA GLU B 13 77.87 -6.79 11.31
C GLU B 13 76.93 -7.86 10.69
N LYS B 14 75.69 -7.92 11.11
CA LYS B 14 74.78 -8.95 10.61
C LYS B 14 74.39 -8.69 9.15
N GLN B 15 74.22 -7.43 8.77
CA GLN B 15 73.85 -7.03 7.39
C GLN B 15 72.52 -7.68 6.89
N PRO B 16 71.40 -7.53 7.63
CA PRO B 16 70.19 -8.14 7.08
C PRO B 16 69.66 -7.42 5.81
N SER B 17 69.03 -8.16 4.90
CA SER B 17 68.59 -7.59 3.66
C SER B 17 67.31 -6.75 3.78
N GLY B 18 66.43 -7.06 4.74
CA GLY B 18 65.22 -6.28 4.96
C GLY B 18 64.11 -6.55 3.94
N ALA B 19 64.17 -7.67 3.25
CA ALA B 19 63.21 -7.99 2.19
C ALA B 19 61.77 -8.18 2.73
N GLU B 20 60.81 -7.85 1.89
CA GLU B 20 59.40 -7.99 2.21
C GLU B 20 58.70 -8.62 0.99
N SER B 21 57.61 -9.34 1.25
CA SER B 21 56.86 -9.96 0.14
C SER B 21 56.10 -8.84 -0.58
N GLY B 22 55.74 -9.04 -1.84
CA GLY B 22 54.98 -8.03 -2.58
C GLY B 22 53.54 -7.97 -2.15
N THR B 23 52.77 -7.08 -2.75
CA THR B 23 51.33 -6.95 -2.39
C THR B 23 50.64 -8.22 -2.78
N LEU B 24 49.91 -8.80 -1.85
CA LEU B 24 49.20 -10.06 -2.15
C LEU B 24 48.03 -9.82 -3.09
N ALA B 25 48.01 -10.54 -4.20
CA ALA B 25 46.91 -10.39 -5.18
C ALA B 25 45.65 -10.99 -4.58
N ARG B 26 44.50 -10.41 -4.90
CA ARG B 26 43.25 -10.95 -4.35
C ARG B 26 43.00 -12.36 -4.89
N ALA B 27 42.52 -13.24 -4.04
CA ALA B 27 42.24 -14.60 -4.46
C ALA B 27 40.88 -14.65 -5.18
N SER B 28 39.97 -13.81 -4.69
CA SER B 28 38.60 -13.81 -5.21
C SER B 28 38.44 -13.14 -6.56
N LEU B 29 37.41 -13.53 -7.31
CA LEU B 29 37.11 -12.99 -8.63
C LEU B 29 35.93 -12.03 -8.51
N ALA B 30 35.91 -10.97 -9.33
CA ALA B 30 34.85 -10.00 -9.28
C ALA B 30 33.50 -10.64 -9.60
N LEU B 31 32.47 -10.26 -8.87
CA LEU B 31 31.12 -10.84 -9.00
C LEU B 31 30.45 -10.40 -10.32
N PRO B 32 29.63 -11.29 -10.92
CA PRO B 32 28.90 -11.03 -12.17
C PRO B 32 27.63 -10.22 -11.92
N THR B 33 27.78 -9.08 -11.26
CA THR B 33 26.63 -8.27 -10.82
C THR B 33 25.81 -7.64 -11.94
N SER B 34 26.30 -7.71 -13.17
CA SER B 34 25.52 -7.20 -14.29
C SER B 34 24.36 -8.14 -14.56
N SER B 35 24.48 -9.40 -14.20
CA SER B 35 23.41 -10.37 -14.42
C SER B 35 22.31 -10.23 -13.34
N LEU B 36 21.08 -10.59 -13.68
CA LEU B 36 19.98 -10.55 -12.71
C LEU B 36 19.36 -11.95 -12.65
N SER B 37 19.22 -12.46 -11.44
CA SER B 37 18.70 -13.79 -11.20
C SER B 37 17.78 -13.78 -10.00
N ARG B 38 16.90 -14.75 -9.92
CA ARG B 38 15.97 -14.89 -8.78
C ARG B 38 16.78 -15.24 -7.52
N THR B 39 17.83 -16.00 -7.69
CA THR B 39 18.69 -16.41 -6.55
C THR B 39 19.37 -15.21 -5.86
N ALA B 40 19.57 -15.33 -4.57
CA ALA B 40 20.15 -14.28 -3.72
C ALA B 40 21.67 -14.16 -3.88
N SER B 41 22.30 -14.98 -4.70
CA SER B 41 23.74 -14.90 -4.90
C SER B 41 24.12 -13.67 -5.72
N GLN B 42 23.19 -13.16 -6.51
CA GLN B 42 23.42 -11.93 -7.25
C GLN B 42 23.30 -10.72 -6.34
N SER B 43 23.88 -9.62 -6.80
CA SER B 43 23.90 -8.36 -6.06
C SER B 43 22.52 -7.80 -5.97
N SER B 44 21.75 -7.84 -7.05
CA SER B 44 20.42 -7.28 -7.07
C SER B 44 19.57 -7.82 -8.22
N SER B 45 18.27 -7.59 -8.13
CA SER B 45 17.33 -7.88 -9.21
C SER B 45 16.20 -6.93 -9.04
N HIS B 46 15.56 -6.52 -10.13
CA HIS B 46 14.44 -5.59 -10.09
C HIS B 46 13.24 -6.28 -9.47
N ARG B 47 13.32 -7.58 -9.32
CA ARG B 47 12.24 -8.36 -8.72
C ARG B 47 11.90 -7.97 -7.31
N GLY B 48 12.85 -7.39 -6.57
CA GLY B 48 12.64 -7.14 -5.16
C GLY B 48 11.46 -6.26 -4.81
N TRP B 49 11.12 -5.28 -5.65
CA TRP B 49 9.96 -4.44 -5.37
C TRP B 49 8.68 -5.23 -5.65
N GLU B 50 8.76 -6.17 -6.60
CA GLU B 50 7.58 -6.91 -7.07
C GLU B 50 7.13 -7.95 -6.07
N ILE B 51 8.02 -8.45 -5.22
CA ILE B 51 7.60 -9.44 -4.18
C ILE B 51 6.63 -8.78 -3.26
N LEU B 52 6.84 -7.54 -2.87
CA LEU B 52 5.89 -6.88 -1.95
C LEU B 52 4.53 -6.66 -2.59
N ARG B 53 4.52 -6.32 -3.87
CA ARG B 53 3.25 -6.10 -4.59
C ARG B 53 2.47 -7.41 -4.68
N GLN B 54 3.17 -8.51 -4.82
CA GLN B 54 2.51 -9.81 -4.94
C GLN B 54 2.07 -10.35 -3.60
N ASN B 55 2.86 -10.17 -2.53
CA ASN B 55 2.41 -10.71 -1.23
C ASN B 55 1.30 -9.89 -0.58
N THR B 56 1.23 -8.59 -0.88
CA THR B 56 0.18 -7.72 -0.35
C THR B 56 -1.12 -7.99 -1.13
N LEU B 57 -0.98 -8.45 -2.37
CA LEU B 57 -2.13 -8.81 -3.21
C LEU B 57 -2.71 -10.09 -2.65
N GLY B 58 -1.86 -10.87 -2.05
CA GLY B 58 -2.28 -12.12 -1.45
C GLY B 58 -2.17 -13.24 -2.43
N HIS B 59 -1.44 -13.02 -3.52
CA HIS B 59 -1.20 -14.06 -4.52
C HIS B 59 -0.35 -15.13 -3.83
N LEU B 60 0.62 -14.67 -3.05
CA LEU B 60 1.45 -15.55 -2.22
C LEU B 60 0.91 -15.17 -0.82
N ASN B 61 0.56 -16.15 -0.01
CA ASN B 61 0.02 -15.80 1.29
C ASN B 61 1.18 -15.46 2.23
N LEU B 62 0.90 -14.60 3.19
CA LEU B 62 1.97 -14.18 4.13
C LEU B 62 2.14 -15.28 5.18
N GLY B 63 1.09 -16.04 5.42
CA GLY B 63 1.08 -17.11 6.43
C GLY B 63 -0.25 -17.80 6.49
N LEU B 64 -0.45 -18.68 7.46
CA LEU B 64 -1.72 -19.40 7.61
C LEU B 64 -2.75 -18.59 8.39
N ASN B 65 -2.32 -17.50 9.01
CA ASN B 65 -3.23 -16.57 9.76
C ASN B 65 -2.81 -15.12 9.53
N LEU B 66 -3.73 -14.30 9.04
CA LEU B 66 -3.46 -12.89 8.80
C LEU B 66 -3.34 -12.12 10.11
N SER B 67 -2.70 -10.97 10.04
CA SER B 67 -2.54 -10.09 11.19
C SER B 67 -2.78 -8.67 10.70
N GLU B 68 -3.02 -7.76 11.64
CA GLU B 68 -3.33 -6.35 11.32
C GLU B 68 -2.73 -5.50 12.43
N GLY B 69 -2.18 -4.36 12.09
CA GLY B 69 -1.43 -3.58 13.07
C GLY B 69 -1.68 -2.09 13.07
N ASP B 70 -2.90 -1.62 12.88
CA ASP B 70 -3.21 -0.16 12.87
C ASP B 70 -2.40 0.57 11.77
N GLY B 71 -2.39 -0.04 10.59
CA GLY B 71 -1.65 0.49 9.46
C GLY B 71 -2.36 1.58 8.64
N GLU B 72 -3.45 2.13 9.18
CA GLU B 72 -4.16 3.24 8.52
C GLU B 72 -4.37 4.36 9.52
N GLU B 73 -4.08 5.58 9.05
CA GLU B 73 -4.18 6.77 9.88
C GLU B 73 -5.00 7.83 9.20
CA CA C . 8.94 5.37 6.40
CA CA D . 13.13 9.90 -6.57
N SER A 1 -0.77 9.32 10.00
CA SER A 1 0.41 9.44 9.12
C SER A 1 0.87 10.86 9.04
N MET A 2 2.17 11.07 9.06
CA MET A 2 2.75 12.41 9.04
C MET A 2 2.63 13.09 7.69
N ALA A 3 2.23 12.36 6.65
CA ALA A 3 2.06 12.92 5.33
C ALA A 3 1.00 14.01 5.30
N ASP A 4 0.12 14.02 6.30
CA ASP A 4 -0.93 15.05 6.39
C ASP A 4 -0.37 16.45 6.67
N GLN A 5 0.90 16.55 7.05
CA GLN A 5 1.50 17.86 7.28
C GLN A 5 1.72 18.59 5.96
N LEU A 6 1.75 17.86 4.86
CA LEU A 6 1.91 18.43 3.52
C LEU A 6 3.08 19.39 3.53
N THR A 7 4.26 18.81 3.69
CA THR A 7 5.50 19.53 3.77
C THR A 7 5.72 20.26 2.45
N GLU A 8 6.66 21.19 2.41
CA GLU A 8 6.87 21.99 1.21
C GLU A 8 7.17 21.12 -0.04
N GLU A 9 7.80 19.96 0.12
CA GLU A 9 8.02 19.05 -1.01
C GLU A 9 6.68 18.51 -1.54
N GLN A 10 5.76 18.20 -0.64
CA GLN A 10 4.47 17.65 -0.99
C GLN A 10 3.46 18.68 -1.47
N ILE A 11 3.39 19.83 -0.79
CA ILE A 11 2.35 20.82 -1.04
C ILE A 11 2.59 21.34 -2.46
N ALA A 12 3.86 21.40 -2.84
CA ALA A 12 4.27 21.89 -4.16
C ALA A 12 3.84 20.97 -5.27
N GLU A 13 3.63 19.68 -4.98
CA GLU A 13 3.30 18.75 -6.04
C GLU A 13 2.02 19.17 -6.71
N PHE A 14 0.99 19.41 -5.92
CA PHE A 14 -0.30 19.86 -6.47
C PHE A 14 -0.40 21.37 -6.56
N LYS A 15 0.39 22.12 -5.78
CA LYS A 15 0.25 23.58 -5.79
C LYS A 15 0.82 24.15 -7.04
N GLU A 16 1.85 23.53 -7.56
CA GLU A 16 2.51 24.03 -8.78
C GLU A 16 1.50 24.02 -9.95
N ALA A 17 0.62 23.01 -9.97
CA ALA A 17 -0.40 22.90 -10.99
C ALA A 17 -1.51 23.91 -10.67
N PHE A 18 -1.78 24.12 -9.39
CA PHE A 18 -2.85 25.02 -8.96
C PHE A 18 -2.50 26.47 -9.34
N SER A 19 -1.24 26.81 -9.15
CA SER A 19 -0.67 28.12 -9.48
C SER A 19 -0.67 28.38 -11.00
N LEU A 20 -0.72 27.34 -11.80
CA LEU A 20 -0.75 27.50 -13.26
C LEU A 20 -1.97 28.33 -13.57
N PHE A 21 -3.08 27.95 -12.94
CA PHE A 21 -4.36 28.59 -13.20
C PHE A 21 -4.64 29.80 -12.30
N ASP A 22 -4.15 29.74 -11.06
CA ASP A 22 -4.32 30.84 -10.13
C ASP A 22 -3.07 31.65 -10.15
N LYS A 23 -2.63 32.01 -11.33
CA LYS A 23 -1.40 32.78 -11.48
C LYS A 23 -1.57 34.20 -10.95
N ASP A 24 -2.80 34.67 -11.03
CA ASP A 24 -3.17 36.01 -10.56
C ASP A 24 -3.01 36.09 -9.05
N GLY A 25 -3.03 34.94 -8.36
CA GLY A 25 -2.83 34.95 -6.93
C GLY A 25 -4.03 35.34 -6.11
N ASP A 26 -5.21 34.99 -6.60
CA ASP A 26 -6.48 35.30 -5.94
C ASP A 26 -6.68 34.36 -4.75
N GLY A 27 -6.03 33.23 -4.84
CA GLY A 27 -6.13 32.20 -3.81
C GLY A 27 -7.35 31.31 -4.00
N THR A 28 -8.09 31.57 -5.05
CA THR A 28 -9.30 30.81 -5.38
C THR A 28 -9.31 30.37 -6.85
N ILE A 29 -10.04 29.30 -7.09
CA ILE A 29 -10.25 28.71 -8.43
C ILE A 29 -11.74 28.40 -8.52
N THR A 30 -12.21 28.13 -9.71
CA THR A 30 -13.62 27.80 -9.96
C THR A 30 -13.72 26.37 -10.43
N THR A 31 -14.92 25.80 -10.48
CA THR A 31 -15.08 24.39 -10.93
C THR A 31 -14.68 24.25 -12.39
N LYS A 32 -14.76 25.33 -13.14
CA LYS A 32 -14.36 25.37 -14.56
C LYS A 32 -12.87 25.02 -14.71
N GLN A 33 -12.07 25.50 -13.77
CA GLN A 33 -10.63 25.26 -13.78
C GLN A 33 -10.25 23.97 -13.03
N LEU A 34 -11.11 23.50 -12.13
CA LEU A 34 -10.79 22.29 -11.40
C LEU A 34 -10.73 21.07 -12.31
N GLY A 35 -11.58 20.95 -13.33
CA GLY A 35 -11.47 19.80 -14.20
C GLY A 35 -10.12 19.80 -14.89
N THR A 36 -9.67 20.97 -15.33
CA THR A 36 -8.38 21.06 -16.00
C THR A 36 -7.19 20.85 -15.03
N VAL A 37 -7.23 21.42 -13.82
CA VAL A 37 -6.08 21.27 -12.90
C VAL A 37 -5.92 19.80 -12.46
N MET A 38 -7.02 19.07 -12.31
CA MET A 38 -6.93 17.63 -11.94
C MET A 38 -6.37 16.84 -13.11
N ARG A 39 -6.67 17.27 -14.33
CA ARG A 39 -6.14 16.59 -15.50
C ARG A 39 -4.64 16.87 -15.57
N SER A 40 -4.24 18.08 -15.19
CA SER A 40 -2.84 18.46 -15.22
C SER A 40 -2.00 17.79 -14.11
N LEU A 41 -2.57 17.55 -12.92
CA LEU A 41 -1.81 16.99 -11.77
C LEU A 41 -1.94 15.47 -11.62
N GLY A 42 -2.74 14.87 -12.49
CA GLY A 42 -2.98 13.45 -12.39
C GLY A 42 -3.15 12.84 -13.79
N GLN A 43 -3.61 11.59 -13.88
CA GLN A 43 -3.77 10.95 -15.18
C GLN A 43 -5.02 10.08 -15.42
N ASN A 44 -5.64 10.33 -16.57
CA ASN A 44 -6.83 9.63 -17.07
C ASN A 44 -8.04 9.58 -16.12
N PRO A 45 -8.48 10.72 -15.56
CA PRO A 45 -9.66 10.56 -14.72
C PRO A 45 -10.91 10.37 -15.58
N THR A 46 -11.95 9.73 -15.08
CA THR A 46 -13.19 9.63 -15.86
C THR A 46 -13.90 10.96 -15.68
N GLU A 47 -14.81 11.33 -16.58
CA GLU A 47 -15.52 12.59 -16.46
C GLU A 47 -16.37 12.53 -15.19
N ALA A 48 -16.79 11.33 -14.84
CA ALA A 48 -17.60 11.09 -13.64
C ALA A 48 -16.77 11.38 -12.40
N GLU A 49 -15.48 11.03 -12.41
CA GLU A 49 -14.63 11.25 -11.25
C GLU A 49 -14.46 12.76 -11.02
N LEU A 50 -14.42 13.49 -12.11
CA LEU A 50 -14.30 14.95 -12.05
C LEU A 50 -15.60 15.56 -11.57
N GLN A 51 -16.70 14.98 -12.02
CA GLN A 51 -18.04 15.46 -11.66
C GLN A 51 -18.27 15.26 -10.17
N ASP A 52 -17.74 14.15 -9.67
CA ASP A 52 -17.85 13.86 -8.24
C ASP A 52 -17.13 14.95 -7.42
N MET A 53 -16.01 15.45 -7.93
CA MET A 53 -15.24 16.43 -7.22
C MET A 53 -15.81 17.85 -7.34
N ILE A 54 -16.22 18.25 -8.55
CA ILE A 54 -16.69 19.61 -8.74
C ILE A 54 -18.06 19.87 -8.12
N ASN A 55 -18.89 18.84 -7.93
CA ASN A 55 -20.19 19.06 -7.33
C ASN A 55 -20.06 19.06 -5.79
N GLU A 56 -19.10 18.29 -5.29
CA GLU A 56 -18.89 18.24 -3.85
C GLU A 56 -18.27 19.52 -3.33
N VAL A 57 -17.31 20.07 -4.07
CA VAL A 57 -16.57 21.21 -3.59
C VAL A 57 -17.42 22.52 -3.64
N ASP A 58 -18.33 22.62 -4.60
CA ASP A 58 -19.16 23.83 -4.75
C ASP A 58 -20.54 23.56 -4.15
N ALA A 59 -20.60 22.54 -3.31
CA ALA A 59 -21.87 22.14 -2.68
C ALA A 59 -22.45 23.27 -1.83
N ASP A 60 -21.58 24.09 -1.24
CA ASP A 60 -22.05 25.23 -0.43
C ASP A 60 -22.62 26.36 -1.27
N GLY A 61 -22.36 26.36 -2.57
CA GLY A 61 -22.91 27.36 -3.47
C GLY A 61 -22.13 28.66 -3.49
N ASN A 62 -20.92 28.65 -2.92
CA ASN A 62 -20.14 29.89 -2.86
C ASN A 62 -19.71 30.29 -4.31
N GLY A 63 -19.63 29.29 -5.20
CA GLY A 63 -19.27 29.53 -6.60
C GLY A 63 -17.78 29.62 -6.88
N THR A 64 -17.00 29.61 -5.81
CA THR A 64 -15.55 29.65 -5.89
C THR A 64 -15.05 28.63 -4.93
N ILE A 65 -13.78 28.28 -5.03
CA ILE A 65 -13.16 27.30 -4.14
C ILE A 65 -11.98 27.95 -3.44
N ASP A 66 -11.99 27.88 -2.13
CA ASP A 66 -10.89 28.39 -1.29
C ASP A 66 -9.75 27.38 -1.37
N PHE A 67 -8.53 27.84 -1.24
CA PHE A 67 -7.40 26.91 -1.30
C PHE A 67 -7.51 25.81 -0.21
N PRO A 68 -7.80 26.17 1.08
CA PRO A 68 -7.93 25.02 1.98
C PRO A 68 -9.18 24.14 1.72
N GLN A 69 -10.19 24.65 1.01
CA GLN A 69 -11.38 23.86 0.70
C GLN A 69 -10.91 22.69 -0.19
N PHE A 70 -9.96 23.00 -1.06
CA PHE A 70 -9.37 22.05 -2.04
C PHE A 70 -8.40 21.07 -1.35
N LEU A 71 -7.69 21.52 -0.34
CA LEU A 71 -6.66 20.71 0.35
C LEU A 71 -7.18 19.48 1.06
N THR A 72 -8.31 19.58 1.74
CA THR A 72 -8.71 18.48 2.57
C THR A 72 -9.16 17.29 1.75
N MET A 73 -9.67 17.57 0.55
CA MET A 73 -10.10 16.52 -0.37
C MET A 73 -8.91 16.03 -1.22
N MET A 74 -8.02 16.96 -1.57
CA MET A 74 -6.87 16.64 -2.43
C MET A 74 -5.95 15.68 -1.72
N ALA A 75 -5.88 15.75 -0.38
CA ALA A 75 -5.00 14.86 0.36
C ALA A 75 -5.32 13.39 0.09
N ARG A 76 -6.60 13.05 0.05
CA ARG A 76 -6.97 11.66 -0.23
C ARG A 76 -6.56 11.28 -1.65
N LYS A 77 -6.73 12.22 -2.56
CA LYS A 77 -6.44 11.94 -3.98
C LYS A 77 -4.96 11.74 -4.26
N MET A 78 -4.07 12.20 -3.39
CA MET A 78 -2.64 12.00 -3.62
C MET A 78 -2.34 10.52 -3.62
N LYS A 79 -3.09 9.72 -2.88
CA LYS A 79 -2.96 8.28 -2.90
C LYS A 79 -4.01 7.58 -3.80
N ASP A 80 -5.23 8.08 -3.77
CA ASP A 80 -6.36 7.45 -4.41
C ASP A 80 -6.64 7.80 -5.90
N THR A 81 -6.18 6.94 -6.79
CA THR A 81 -6.47 7.07 -8.24
C THR A 81 -7.07 5.69 -8.61
N ASP A 82 -7.86 5.53 -9.66
CA ASP A 82 -8.57 4.26 -9.91
C ASP A 82 -7.72 3.00 -9.96
N SER A 83 -6.64 2.97 -10.72
CA SER A 83 -5.79 1.77 -10.80
C SER A 83 -4.80 1.70 -9.64
N GLU A 84 -4.51 2.86 -9.06
CA GLU A 84 -3.53 2.99 -8.00
C GLU A 84 -4.00 2.44 -6.68
N GLU A 85 -5.26 2.09 -6.56
CA GLU A 85 -5.77 1.52 -5.34
C GLU A 85 -5.01 0.25 -4.96
N GLU A 86 -4.63 -0.57 -5.93
CA GLU A 86 -3.82 -1.80 -5.70
C GLU A 86 -2.43 -1.43 -5.20
N ILE A 87 -1.94 -0.31 -5.68
CA ILE A 87 -0.64 0.22 -5.30
C ILE A 87 -0.71 0.76 -3.87
N ARG A 88 -1.82 1.36 -3.44
CA ARG A 88 -1.87 1.95 -2.09
C ARG A 88 -1.73 0.93 -0.98
N GLU A 89 -2.33 -0.24 -1.16
CA GLU A 89 -2.24 -1.23 -0.07
C GLU A 89 -0.85 -1.77 -0.02
N ALA A 90 -0.25 -1.88 -1.20
CA ALA A 90 1.10 -2.39 -1.32
C ALA A 90 2.08 -1.41 -0.69
N PHE A 91 1.82 -0.13 -0.85
CA PHE A 91 2.67 0.90 -0.33
C PHE A 91 2.67 0.85 1.20
N ARG A 92 1.50 0.63 1.78
CA ARG A 92 1.40 0.56 3.24
C ARG A 92 1.87 -0.74 3.85
N VAL A 93 2.05 -1.79 3.07
CA VAL A 93 2.55 -3.07 3.67
C VAL A 93 3.96 -2.78 4.22
N PHE A 94 4.78 -2.04 3.47
CA PHE A 94 6.09 -1.66 3.94
C PHE A 94 6.09 -0.34 4.72
N ASP A 95 5.37 0.68 4.25
CA ASP A 95 5.45 1.98 4.92
C ASP A 95 4.48 1.99 6.08
N LYS A 96 5.02 1.53 7.18
CA LYS A 96 4.28 1.33 8.42
C LYS A 96 3.71 2.64 8.97
N ASP A 97 4.47 3.72 8.89
CA ASP A 97 4.03 4.99 9.47
C ASP A 97 3.40 5.95 8.46
N GLY A 98 3.37 5.63 7.17
CA GLY A 98 2.80 6.57 6.24
C GLY A 98 3.64 7.78 5.85
N ASN A 99 4.97 7.66 5.84
CA ASN A 99 5.89 8.75 5.47
C ASN A 99 5.71 9.18 3.99
N GLY A 100 5.26 8.29 3.13
CA GLY A 100 5.06 8.63 1.71
C GLY A 100 6.28 8.51 0.81
N TYR A 101 7.40 8.13 1.39
CA TYR A 101 8.65 7.93 0.66
C TYR A 101 9.10 6.60 1.19
N ILE A 102 9.98 5.94 0.44
CA ILE A 102 10.41 4.62 0.83
C ILE A 102 11.82 4.63 1.36
N SER A 103 12.02 4.13 2.57
CA SER A 103 13.36 4.03 3.15
C SER A 103 13.68 2.54 3.18
N ALA A 104 14.95 2.19 3.26
CA ALA A 104 15.34 0.76 3.27
C ALA A 104 14.73 -0.04 4.46
N ALA A 105 14.61 0.63 5.59
CA ALA A 105 14.04 0.03 6.78
C ALA A 105 12.58 -0.43 6.58
N GLU A 106 11.82 0.26 5.75
CA GLU A 106 10.42 -0.12 5.58
C GLU A 106 10.29 -1.51 4.93
N LEU A 107 11.21 -1.83 4.01
CA LEU A 107 11.20 -3.12 3.30
C LEU A 107 11.70 -4.22 4.21
N ARG A 108 12.48 -3.86 5.23
CA ARG A 108 12.98 -4.83 6.20
C ARG A 108 11.81 -5.51 6.87
N HIS A 109 10.75 -4.75 7.11
CA HIS A 109 9.52 -5.30 7.68
C HIS A 109 8.88 -6.39 6.80
N VAL A 110 8.80 -6.12 5.50
CA VAL A 110 8.14 -7.04 4.57
C VAL A 110 9.00 -8.28 4.35
N MET A 111 10.30 -8.11 4.22
CA MET A 111 11.14 -9.27 3.91
C MET A 111 11.23 -10.25 5.05
N THR A 112 11.21 -9.76 6.29
CA THR A 112 11.30 -10.65 7.44
C THR A 112 9.98 -11.45 7.61
N ASN A 113 8.88 -10.88 7.14
CA ASN A 113 7.58 -11.52 7.20
C ASN A 113 7.52 -12.66 6.19
N LEU A 114 8.35 -12.56 5.16
CA LEU A 114 8.38 -13.58 4.12
C LEU A 114 9.48 -14.60 4.31
N GLY A 115 10.19 -14.60 5.43
CA GLY A 115 11.23 -15.60 5.63
C GLY A 115 12.59 -15.19 5.10
N GLU A 116 12.79 -13.88 5.04
CA GLU A 116 14.04 -13.25 4.62
C GLU A 116 14.40 -13.58 3.19
N LYS A 117 13.42 -13.34 2.32
CA LYS A 117 13.59 -13.54 0.88
C LYS A 117 14.52 -12.53 0.23
N LEU A 118 14.70 -11.40 0.90
CA LEU A 118 15.56 -10.31 0.45
C LEU A 118 16.58 -9.99 1.55
N THR A 119 17.76 -9.48 1.21
CA THR A 119 18.76 -9.09 2.22
C THR A 119 18.74 -7.58 2.39
N ASP A 120 19.15 -7.09 3.54
CA ASP A 120 19.03 -5.63 3.84
C ASP A 120 19.88 -4.69 2.99
N GLU A 121 21.05 -5.13 2.58
CA GLU A 121 21.88 -4.29 1.75
C GLU A 121 21.30 -4.26 0.33
N GLU A 122 20.67 -5.34 -0.09
CA GLU A 122 20.07 -5.44 -1.42
C GLU A 122 18.95 -4.41 -1.54
N VAL A 123 18.26 -4.16 -0.44
CA VAL A 123 17.14 -3.20 -0.39
C VAL A 123 17.62 -1.80 -0.77
N ASP A 124 18.83 -1.45 -0.36
CA ASP A 124 19.32 -0.10 -0.67
C ASP A 124 19.45 0.05 -2.20
N GLU A 125 19.84 -1.03 -2.85
CA GLU A 125 20.07 -1.05 -4.29
C GLU A 125 18.73 -1.01 -5.05
N MET A 126 17.69 -1.51 -4.38
CA MET A 126 16.35 -1.55 -4.99
C MET A 126 15.83 -0.15 -5.22
N ILE A 127 16.19 0.75 -4.32
CA ILE A 127 15.72 2.11 -4.36
C ILE A 127 16.31 2.76 -5.59
N ARG A 128 17.55 2.47 -5.90
CA ARG A 128 18.21 3.07 -7.04
C ARG A 128 17.51 2.69 -8.33
N GLU A 129 17.08 1.44 -8.44
CA GLU A 129 16.44 0.98 -9.66
C GLU A 129 15.01 1.54 -9.81
N ALA A 130 14.32 1.69 -8.70
CA ALA A 130 12.97 2.23 -8.72
C ALA A 130 12.98 3.73 -9.00
N ASP A 131 13.95 4.43 -8.47
CA ASP A 131 14.02 5.90 -8.61
C ASP A 131 14.22 6.35 -10.08
N ILE A 132 13.44 7.32 -10.52
CA ILE A 132 13.49 7.89 -11.89
C ILE A 132 14.39 9.14 -11.92
N ASP A 133 14.17 10.04 -10.98
CA ASP A 133 14.95 11.28 -10.90
C ASP A 133 16.37 11.06 -10.30
N GLY A 134 16.55 9.98 -9.56
CA GLY A 134 17.87 9.65 -9.01
C GLY A 134 18.29 10.39 -7.73
N ASP A 135 17.34 10.94 -6.99
CA ASP A 135 17.66 11.71 -5.75
C ASP A 135 17.86 10.83 -4.49
N GLY A 136 17.82 9.51 -4.69
CA GLY A 136 18.06 8.57 -3.61
C GLY A 136 16.86 8.13 -2.78
N GLN A 137 15.67 8.61 -3.14
CA GLN A 137 14.46 8.22 -2.44
C GLN A 137 13.38 7.95 -3.49
N VAL A 138 12.40 7.14 -3.12
CA VAL A 138 11.32 6.83 -4.05
C VAL A 138 10.02 7.35 -3.45
N ASN A 139 9.30 8.15 -4.20
CA ASN A 139 8.04 8.69 -3.74
C ASN A 139 6.91 7.84 -4.34
N TYR A 140 5.67 8.10 -3.94
CA TYR A 140 4.52 7.29 -4.35
C TYR A 140 4.34 7.20 -5.85
N GLU A 141 4.46 8.31 -6.58
CA GLU A 141 4.28 8.24 -8.04
C GLU A 141 5.33 7.34 -8.74
N GLU A 142 6.57 7.36 -8.24
CA GLU A 142 7.64 6.53 -8.79
C GLU A 142 7.36 5.05 -8.47
N PHE A 143 6.71 4.80 -7.36
CA PHE A 143 6.35 3.46 -6.94
C PHE A 143 5.21 2.89 -7.81
N VAL A 144 4.31 3.77 -8.18
CA VAL A 144 3.21 3.41 -9.11
C VAL A 144 3.78 3.11 -10.48
N GLN A 145 4.78 3.88 -10.88
CA GLN A 145 5.37 3.82 -12.20
C GLN A 145 5.95 2.43 -12.55
N MET A 146 6.49 1.74 -11.55
CA MET A 146 7.04 0.40 -11.81
C MET A 146 5.97 -0.59 -12.25
N MET A 147 4.74 -0.48 -11.75
CA MET A 147 3.68 -1.38 -12.14
C MET A 147 2.81 -0.86 -13.23
N THR A 148 2.71 0.46 -13.42
CA THR A 148 1.86 0.96 -14.48
C THR A 148 2.57 0.82 -15.84
N ALA A 149 3.89 0.71 -15.79
CA ALA A 149 4.65 0.59 -17.04
C ALA A 149 4.39 -0.76 -17.67
N LYS A 150 4.17 -0.77 -18.98
CA LYS A 150 3.90 -1.98 -19.72
C LYS A 150 5.20 -2.55 -20.19
N GLY B 1 -55.92 38.77 11.99
CA GLY B 1 -54.89 39.74 11.53
C GLY B 1 -54.75 39.75 10.02
N ALA B 2 -54.15 40.77 9.45
CA ALA B 2 -54.02 40.83 8.00
C ALA B 2 -53.20 39.66 7.45
N ASP B 3 -52.10 39.35 8.12
CA ASP B 3 -51.24 38.21 7.74
C ASP B 3 -50.50 37.69 8.96
N LYS B 4 -50.13 36.42 8.93
CA LYS B 4 -49.41 35.77 10.04
C LYS B 4 -48.03 35.31 9.55
N GLU B 5 -47.76 35.63 8.28
CA GLU B 5 -46.57 35.16 7.58
C GLU B 5 -45.24 35.72 8.07
N ASP B 6 -44.22 34.90 7.92
CA ASP B 6 -42.86 35.23 8.34
C ASP B 6 -41.91 35.11 7.14
N ASP B 7 -40.83 35.86 7.16
CA ASP B 7 -39.83 35.84 6.05
C ASP B 7 -38.42 36.01 6.60
N GLN B 8 -37.50 35.14 6.15
CA GLN B 8 -36.11 35.18 6.57
C GLN B 8 -35.18 34.68 5.46
N GLU B 9 -33.92 35.14 5.52
CA GLU B 9 -32.88 34.75 4.57
C GLU B 9 -31.50 34.75 5.26
N HIS B 10 -30.56 33.99 4.68
CA HIS B 10 -29.22 33.86 5.24
C HIS B 10 -28.14 34.25 4.21
N PRO B 11 -28.02 35.56 3.92
CA PRO B 11 -27.02 35.94 2.92
C PRO B 11 -25.55 35.86 3.38
N SER B 12 -24.63 35.84 2.42
CA SER B 12 -23.19 35.81 2.69
C SER B 12 -22.47 36.44 1.49
N GLU B 13 -21.25 36.95 1.69
CA GLU B 13 -20.53 37.59 0.57
C GLU B 13 -19.94 36.50 -0.35
N LYS B 14 -20.10 36.66 -1.65
CA LYS B 14 -19.65 35.65 -2.63
C LYS B 14 -18.15 35.71 -2.92
N GLN B 15 -17.58 36.92 -2.99
CA GLN B 15 -16.12 37.12 -3.26
C GLN B 15 -15.64 36.31 -4.48
N PRO B 16 -16.17 36.61 -5.71
CA PRO B 16 -15.70 35.87 -6.87
C PRO B 16 -14.21 36.15 -7.21
N SER B 17 -13.61 35.19 -7.90
CA SER B 17 -12.20 35.27 -8.25
C SER B 17 -12.05 36.32 -9.32
N GLY B 18 -12.94 36.28 -10.30
CA GLY B 18 -12.99 37.26 -11.38
C GLY B 18 -12.04 37.08 -12.55
N ALA B 19 -11.17 36.09 -12.51
CA ALA B 19 -10.17 35.91 -13.57
C ALA B 19 -9.63 34.48 -13.64
N GLU B 20 -9.12 34.12 -14.82
CA GLU B 20 -8.51 32.84 -15.10
C GLU B 20 -7.14 33.21 -15.71
N SER B 21 -6.12 32.41 -15.50
CA SER B 21 -4.75 32.78 -15.97
C SER B 21 -3.98 31.56 -16.48
N GLY B 22 -2.92 31.79 -17.24
CA GLY B 22 -2.11 30.68 -17.77
C GLY B 22 -0.80 31.09 -18.39
N THR B 23 0.24 31.11 -17.57
CA THR B 23 1.59 31.43 -18.02
C THR B 23 2.53 30.41 -17.45
N LEU B 24 3.77 30.34 -17.93
CA LEU B 24 4.73 29.35 -17.43
C LEU B 24 5.63 29.91 -16.35
N ALA B 25 5.81 29.15 -15.28
CA ALA B 25 6.65 29.53 -14.15
C ALA B 25 6.83 28.26 -13.31
N ARG B 26 7.90 28.15 -12.53
CA ARG B 26 8.11 26.95 -11.68
C ARG B 26 8.95 27.22 -10.45
N ALA B 27 8.62 26.54 -9.35
CA ALA B 27 9.36 26.67 -8.10
C ALA B 27 10.14 25.37 -7.83
N SER B 28 10.27 24.53 -8.86
CA SER B 28 10.89 23.23 -8.72
C SER B 28 12.40 23.25 -8.46
N LEU B 29 12.89 22.17 -7.87
CA LEU B 29 14.28 21.96 -7.44
C LEU B 29 15.25 21.60 -8.58
N ALA B 30 16.54 21.90 -8.42
CA ALA B 30 17.57 21.61 -9.41
C ALA B 30 17.79 20.09 -9.55
N LEU B 31 18.30 19.68 -10.69
CA LEU B 31 18.60 18.26 -10.96
C LEU B 31 20.05 17.96 -10.56
N PRO B 32 20.35 16.68 -10.21
CA PRO B 32 21.71 16.28 -9.81
C PRO B 32 22.68 16.25 -11.00
N THR B 33 23.97 16.46 -10.70
CA THR B 33 25.02 16.55 -11.75
C THR B 33 26.02 15.38 -11.86
N SER B 34 26.03 14.40 -10.95
CA SER B 34 27.10 13.37 -11.02
C SER B 34 27.04 12.51 -12.30
N SER B 35 25.87 12.03 -12.71
CA SER B 35 25.65 11.25 -13.95
C SER B 35 26.68 10.12 -14.22
N LEU B 36 26.88 9.18 -13.31
CA LEU B 36 27.82 8.06 -13.55
C LEU B 36 27.20 6.71 -13.19
N SER B 37 27.42 5.76 -14.08
CA SER B 37 26.91 4.40 -13.90
C SER B 37 27.74 3.39 -14.70
N ARG B 38 27.88 2.17 -14.18
CA ARG B 38 28.60 1.11 -14.89
C ARG B 38 27.61 0.18 -15.59
N THR B 39 26.46 0.01 -14.96
CA THR B 39 25.37 -0.92 -15.39
C THR B 39 25.81 -2.34 -15.78
N ALA B 40 27.05 -2.70 -15.49
CA ALA B 40 27.63 -3.97 -15.86
C ALA B 40 27.11 -5.13 -15.00
N SER B 41 26.69 -4.81 -13.79
CA SER B 41 26.25 -5.86 -12.87
C SER B 41 25.02 -6.60 -13.34
N GLN B 42 24.11 -5.93 -14.04
CA GLN B 42 22.89 -6.54 -14.53
C GLN B 42 22.15 -7.16 -13.33
N SER B 43 22.04 -6.33 -12.30
CA SER B 43 21.43 -6.74 -11.04
C SER B 43 19.93 -7.00 -11.12
N SER B 44 19.45 -7.82 -10.21
CA SER B 44 18.04 -8.15 -10.12
C SER B 44 17.37 -7.43 -8.96
N SER B 45 17.81 -6.21 -8.68
CA SER B 45 17.27 -5.47 -7.55
C SER B 45 15.83 -5.06 -7.78
N HIS B 46 15.47 -4.80 -9.04
CA HIS B 46 14.07 -4.42 -9.37
C HIS B 46 13.08 -5.49 -8.95
N ARG B 47 13.53 -6.75 -8.96
CA ARG B 47 12.66 -7.87 -8.54
C ARG B 47 12.17 -7.75 -7.13
N GLY B 48 12.87 -7.10 -6.21
CA GLY B 48 12.37 -7.02 -4.86
C GLY B 48 11.04 -6.31 -4.76
N TRP B 49 10.79 -5.34 -5.61
CA TRP B 49 9.52 -4.64 -5.58
C TRP B 49 8.42 -5.53 -6.12
N GLU B 50 8.78 -6.47 -6.97
CA GLU B 50 7.81 -7.34 -7.57
C GLU B 50 7.30 -8.33 -6.54
N ILE B 51 8.19 -8.84 -5.69
CA ILE B 51 7.78 -9.79 -4.63
C ILE B 51 6.87 -9.03 -3.69
N LEU B 52 7.19 -7.76 -3.45
CA LEU B 52 6.42 -6.99 -2.49
C LEU B 52 4.96 -6.84 -2.96
N ARG B 53 4.77 -6.55 -4.23
CA ARG B 53 3.39 -6.42 -4.74
C ARG B 53 2.73 -7.77 -4.89
N GLN B 54 3.50 -8.75 -5.35
CA GLN B 54 2.91 -10.07 -5.58
C GLN B 54 2.43 -10.72 -4.29
N ASN B 55 3.14 -10.61 -3.19
CA ASN B 55 2.69 -11.31 -1.97
C ASN B 55 1.43 -10.68 -1.41
N THR B 56 1.25 -9.37 -1.63
CA THR B 56 0.08 -8.71 -1.03
C THR B 56 -1.15 -8.85 -1.90
N LEU B 57 -0.95 -8.96 -3.20
CA LEU B 57 -2.05 -9.06 -4.15
C LEU B 57 -2.48 -10.53 -4.30
N GLY B 58 -1.52 -11.42 -4.13
CA GLY B 58 -1.70 -12.85 -4.25
C GLY B 58 -1.42 -13.36 -5.66
N HIS B 59 -1.10 -12.42 -6.55
CA HIS B 59 -0.75 -12.65 -7.95
C HIS B 59 0.61 -13.33 -8.00
N LEU B 60 0.85 -14.15 -9.00
CA LEU B 60 2.17 -14.79 -9.20
C LEU B 60 2.46 -14.58 -10.68
N ASN B 61 3.74 -14.51 -11.07
CA ASN B 61 4.05 -14.16 -12.46
C ASN B 61 3.69 -15.33 -13.40
N LEU B 62 2.89 -15.03 -14.41
CA LEU B 62 2.36 -16.01 -15.37
C LEU B 62 3.19 -16.09 -16.65
N GLY B 63 4.40 -15.54 -16.63
CA GLY B 63 5.28 -15.59 -17.79
C GLY B 63 5.15 -14.32 -18.61
N LEU B 64 4.77 -13.26 -17.89
CA LEU B 64 4.55 -11.95 -18.49
C LEU B 64 5.83 -11.35 -19.12
N ASN B 65 6.95 -11.54 -18.43
CA ASN B 65 8.27 -10.94 -18.84
C ASN B 65 9.16 -11.93 -19.62
N LEU B 66 9.27 -11.73 -20.91
CA LEU B 66 10.09 -12.58 -21.78
C LEU B 66 11.59 -12.51 -21.37
N SER B 67 12.05 -11.34 -20.95
CA SER B 67 13.46 -11.15 -20.60
C SER B 67 13.68 -10.25 -19.39
N GLU B 68 14.74 -10.53 -18.65
CA GLU B 68 15.09 -9.79 -17.45
C GLU B 68 15.60 -8.37 -17.78
N GLY B 69 15.43 -7.46 -16.83
CA GLY B 69 15.88 -6.11 -16.96
C GLY B 69 17.33 -6.00 -16.52
N ASP B 70 17.92 -4.83 -16.65
CA ASP B 70 19.30 -4.58 -16.24
C ASP B 70 19.30 -3.98 -14.82
N GLY B 71 20.49 -3.69 -14.27
CA GLY B 71 20.59 -3.08 -12.96
C GLY B 71 22.05 -2.87 -12.58
N GLU B 72 22.30 -2.28 -11.43
CA GLU B 72 23.65 -2.00 -10.99
C GLU B 72 23.79 -2.17 -9.49
N GLU B 73 24.87 -2.79 -9.05
CA GLU B 73 25.15 -3.02 -7.62
C GLU B 73 26.65 -2.89 -7.47
CA CA C . 8.29 4.90 7.18
CA CA D . 13.23 10.04 -6.62
N SER A 1 4.09 -10.52 10.22
CA SER A 1 2.74 -10.12 10.65
C SER A 1 2.37 -8.78 10.06
N MET A 2 1.15 -8.66 9.54
CA MET A 2 0.65 -7.44 8.89
C MET A 2 -0.63 -6.91 9.54
N ALA A 3 -1.00 -7.50 10.67
CA ALA A 3 -2.21 -7.15 11.41
C ALA A 3 -2.15 -5.72 12.00
N ASP A 4 -0.94 -5.21 12.17
CA ASP A 4 -0.65 -3.91 12.72
C ASP A 4 -1.19 -2.71 11.90
N GLN A 5 -1.66 -2.97 10.68
CA GLN A 5 -2.20 -1.92 9.81
C GLN A 5 -3.54 -1.41 10.34
N LEU A 6 -4.18 -2.20 11.18
CA LEU A 6 -5.41 -1.78 11.85
C LEU A 6 -5.08 -1.46 13.30
N THR A 7 -5.74 -0.47 13.89
CA THR A 7 -5.51 -0.14 15.29
C THR A 7 -6.30 -1.11 16.16
N GLU A 8 -5.98 -1.20 17.44
CA GLU A 8 -6.65 -2.14 18.32
C GLU A 8 -8.15 -1.89 18.44
N GLU A 9 -8.57 -0.62 18.39
CA GLU A 9 -9.98 -0.26 18.45
C GLU A 9 -10.73 -0.77 17.23
N GLN A 10 -10.03 -0.78 16.10
CA GLN A 10 -10.65 -1.26 14.88
C GLN A 10 -10.74 -2.78 14.95
N ILE A 11 -9.74 -3.43 15.54
CA ILE A 11 -9.79 -4.88 15.70
C ILE A 11 -10.91 -5.27 16.69
N ALA A 12 -11.04 -4.52 17.76
CA ALA A 12 -11.98 -4.85 18.80
C ALA A 12 -13.45 -4.80 18.35
N GLU A 13 -13.82 -3.90 17.45
CA GLU A 13 -15.21 -3.82 17.09
C GLU A 13 -15.72 -5.13 16.43
N PHE A 14 -14.95 -5.70 15.53
CA PHE A 14 -15.40 -6.94 14.91
C PHE A 14 -14.97 -8.20 15.67
N LYS A 15 -13.92 -8.11 16.50
CA LYS A 15 -13.34 -9.33 17.10
C LYS A 15 -14.24 -9.88 18.19
N GLU A 16 -14.83 -9.01 18.99
CA GLU A 16 -15.72 -9.50 20.05
C GLU A 16 -16.92 -10.20 19.42
N ALA A 17 -17.39 -9.70 18.28
CA ALA A 17 -18.49 -10.34 17.54
C ALA A 17 -18.04 -11.71 16.97
N PHE A 18 -16.79 -11.81 16.55
CA PHE A 18 -16.27 -13.04 15.95
C PHE A 18 -16.10 -14.10 17.03
N SER A 19 -15.56 -13.69 18.17
CA SER A 19 -15.25 -14.60 19.23
C SER A 19 -16.51 -15.07 19.93
N LEU A 20 -17.61 -14.34 19.73
CA LEU A 20 -18.91 -14.73 20.27
C LEU A 20 -19.29 -16.09 19.69
N PHE A 21 -19.03 -16.29 18.41
CA PHE A 21 -19.34 -17.56 17.77
C PHE A 21 -18.20 -18.55 17.90
N ASP A 22 -16.98 -18.03 17.86
CA ASP A 22 -15.80 -18.87 18.03
C ASP A 22 -15.38 -18.97 19.50
N LYS A 23 -16.00 -19.85 20.25
CA LYS A 23 -15.70 -19.96 21.69
C LYS A 23 -14.31 -20.58 21.94
N ASP A 24 -13.91 -21.54 21.13
CA ASP A 24 -12.60 -22.21 21.31
C ASP A 24 -11.45 -21.30 20.85
N GLY A 25 -11.71 -20.35 19.95
CA GLY A 25 -10.66 -19.46 19.45
C GLY A 25 -9.79 -20.11 18.35
N ASP A 26 -10.36 -21.08 17.64
CA ASP A 26 -9.65 -21.79 16.57
C ASP A 26 -9.33 -20.82 15.43
N GLY A 27 -10.16 -19.81 15.28
CA GLY A 27 -9.95 -18.77 14.27
C GLY A 27 -10.35 -19.17 12.88
N THR A 28 -11.11 -20.23 12.73
CA THR A 28 -11.54 -20.66 11.43
C THR A 28 -13.04 -20.68 11.34
N ILE A 29 -13.59 -20.12 10.27
CA ILE A 29 -15.03 -20.11 10.01
C ILE A 29 -15.23 -20.41 8.54
N THR A 30 -16.45 -20.79 8.18
CA THR A 30 -16.83 -21.07 6.80
C THR A 30 -17.76 -19.96 6.36
N THR A 31 -18.15 -19.89 5.10
CA THR A 31 -19.07 -18.83 4.63
C THR A 31 -20.44 -18.98 5.27
N LYS A 32 -20.72 -20.19 5.72
CA LYS A 32 -21.98 -20.50 6.37
C LYS A 32 -22.11 -19.64 7.65
N GLN A 33 -21.00 -19.49 8.36
CA GLN A 33 -20.97 -18.65 9.58
C GLN A 33 -20.60 -17.19 9.30
N LEU A 34 -19.99 -16.92 8.18
CA LEU A 34 -19.65 -15.52 7.85
C LEU A 34 -20.87 -14.67 7.71
N GLY A 35 -21.94 -15.23 7.14
CA GLY A 35 -23.17 -14.46 7.01
C GLY A 35 -23.75 -14.14 8.38
N THR A 36 -23.68 -15.12 9.29
CA THR A 36 -24.20 -14.97 10.65
C THR A 36 -23.40 -13.93 11.44
N VAL A 37 -22.07 -13.98 11.39
CA VAL A 37 -21.28 -13.01 12.16
C VAL A 37 -21.43 -11.59 11.56
N MET A 38 -21.58 -11.46 10.25
CA MET A 38 -21.77 -10.13 9.69
C MET A 38 -23.13 -9.52 10.06
N ARG A 39 -24.18 -10.34 10.13
CA ARG A 39 -25.50 -9.79 10.52
C ARG A 39 -25.51 -9.42 11.99
N SER A 40 -24.58 -10.00 12.73
CA SER A 40 -24.43 -9.68 14.14
C SER A 40 -23.82 -8.27 14.34
N LEU A 41 -22.92 -7.82 13.48
CA LEU A 41 -22.36 -6.45 13.65
C LEU A 41 -23.47 -5.45 13.27
N GLY A 42 -24.33 -5.86 12.35
CA GLY A 42 -25.46 -5.08 11.99
C GLY A 42 -26.20 -5.71 10.85
N GLN A 43 -27.48 -5.36 10.64
CA GLN A 43 -28.28 -5.96 9.56
C GLN A 43 -28.41 -5.01 8.36
N ASN A 44 -27.66 -3.91 8.40
CA ASN A 44 -27.70 -2.92 7.31
C ASN A 44 -27.36 -3.44 5.92
N PRO A 45 -26.36 -4.37 5.78
CA PRO A 45 -26.19 -4.75 4.37
C PRO A 45 -27.34 -5.61 3.84
N THR A 46 -27.52 -5.60 2.53
CA THR A 46 -28.58 -6.40 1.92
C THR A 46 -28.04 -7.83 1.78
N GLU A 47 -28.93 -8.78 1.57
CA GLU A 47 -28.50 -10.18 1.40
C GLU A 47 -27.60 -10.30 0.17
N ALA A 48 -27.87 -9.52 -0.88
CA ALA A 48 -27.02 -9.52 -2.08
C ALA A 48 -25.58 -9.01 -1.77
N GLU A 49 -25.45 -7.97 -0.96
CA GLU A 49 -24.12 -7.46 -0.60
C GLU A 49 -23.39 -8.45 0.31
N LEU A 50 -24.15 -9.13 1.16
CA LEU A 50 -23.60 -10.12 2.07
C LEU A 50 -23.08 -11.32 1.26
N GLN A 51 -23.84 -11.70 0.24
CA GLN A 51 -23.50 -12.80 -0.61
C GLN A 51 -22.30 -12.42 -1.47
N ASP A 52 -22.21 -11.19 -1.85
CA ASP A 52 -21.06 -10.71 -2.63
C ASP A 52 -19.79 -10.90 -1.79
N MET A 53 -19.89 -10.64 -0.50
CA MET A 53 -18.74 -10.77 0.39
C MET A 53 -18.31 -12.23 0.52
N ILE A 54 -19.27 -13.16 0.65
CA ILE A 54 -18.91 -14.58 0.82
C ILE A 54 -18.36 -15.16 -0.48
N ASN A 55 -18.66 -14.50 -1.59
CA ASN A 55 -18.19 -14.96 -2.87
C ASN A 55 -16.75 -14.57 -3.08
N GLU A 56 -16.36 -13.35 -2.72
CA GLU A 56 -14.98 -12.89 -2.91
C GLU A 56 -13.97 -13.66 -2.07
N VAL A 57 -14.32 -14.00 -0.85
CA VAL A 57 -13.35 -14.60 0.06
C VAL A 57 -12.89 -16.03 -0.22
N ASP A 58 -13.75 -16.89 -0.75
CA ASP A 58 -13.34 -18.29 -0.99
C ASP A 58 -13.75 -18.85 -2.35
N ALA A 59 -13.68 -17.99 -3.37
CA ALA A 59 -14.07 -18.34 -4.76
C ALA A 59 -13.31 -19.55 -5.27
N ASP A 60 -12.13 -19.74 -4.75
CA ASP A 60 -11.24 -20.86 -5.10
C ASP A 60 -11.83 -22.23 -4.69
N GLY A 61 -12.83 -22.27 -3.80
CA GLY A 61 -13.43 -23.55 -3.42
C GLY A 61 -12.72 -24.22 -2.22
N ASN A 62 -12.06 -23.39 -1.43
CA ASN A 62 -11.26 -23.85 -0.29
C ASN A 62 -12.08 -24.49 0.85
N GLY A 63 -13.34 -24.13 0.97
CA GLY A 63 -14.22 -24.71 1.98
C GLY A 63 -14.20 -24.00 3.32
N THR A 64 -13.17 -23.21 3.57
CA THR A 64 -13.02 -22.48 4.82
C THR A 64 -12.53 -21.08 4.47
N ILE A 65 -12.58 -20.18 5.45
CA ILE A 65 -12.12 -18.80 5.25
C ILE A 65 -10.94 -18.60 6.20
N ASP A 66 -9.85 -18.13 5.63
CA ASP A 66 -8.64 -17.85 6.41
C ASP A 66 -8.90 -16.59 7.22
N PHE A 67 -8.41 -16.54 8.45
CA PHE A 67 -8.69 -15.37 9.32
C PHE A 67 -8.24 -14.02 8.75
N PRO A 68 -7.00 -13.89 8.22
CA PRO A 68 -6.64 -12.57 7.66
C PRO A 68 -7.32 -12.25 6.34
N GLN A 69 -8.00 -13.21 5.69
CA GLN A 69 -8.71 -12.86 4.47
C GLN A 69 -9.83 -11.87 4.87
N PHE A 70 -10.40 -12.11 6.05
CA PHE A 70 -11.43 -11.20 6.56
C PHE A 70 -10.82 -9.84 6.84
N LEU A 71 -9.63 -9.86 7.45
CA LEU A 71 -8.98 -8.61 7.88
C LEU A 71 -8.53 -7.73 6.70
N THR A 72 -8.00 -8.36 5.67
CA THR A 72 -7.49 -7.60 4.54
C THR A 72 -8.66 -6.99 3.78
N MET A 73 -9.83 -7.61 3.81
CA MET A 73 -10.97 -7.04 3.10
C MET A 73 -11.43 -5.81 3.83
N MET A 74 -11.53 -5.90 5.14
CA MET A 74 -12.10 -4.83 5.95
C MET A 74 -11.16 -3.62 5.94
N ALA A 75 -9.85 -3.86 5.87
CA ALA A 75 -8.86 -2.77 5.83
C ALA A 75 -9.05 -1.88 4.59
N ARG A 76 -9.35 -2.47 3.44
CA ARG A 76 -9.58 -1.75 2.17
C ARG A 76 -10.83 -0.94 2.24
N LYS A 77 -11.83 -1.47 2.92
CA LYS A 77 -13.13 -0.79 3.10
C LYS A 77 -13.02 0.38 4.04
N MET A 78 -12.00 0.44 4.88
CA MET A 78 -11.89 1.57 5.79
C MET A 78 -11.71 2.89 5.02
N LYS A 79 -10.94 2.86 3.93
CA LYS A 79 -10.73 4.10 3.14
C LYS A 79 -11.57 4.19 1.86
N ASP A 80 -11.63 3.07 1.14
CA ASP A 80 -12.35 2.92 -0.17
C ASP A 80 -12.86 4.15 -0.93
N THR A 81 -12.03 4.71 -1.81
CA THR A 81 -12.46 5.90 -2.61
C THR A 81 -12.35 5.75 -4.13
N ASP A 82 -11.52 4.82 -4.60
CA ASP A 82 -11.29 4.65 -6.04
C ASP A 82 -10.72 3.24 -6.23
N SER A 83 -10.61 2.76 -7.47
CA SER A 83 -10.05 1.45 -7.77
C SER A 83 -8.54 1.56 -7.51
N GLU A 84 -8.05 2.80 -7.56
CA GLU A 84 -6.63 3.14 -7.26
C GLU A 84 -6.28 2.89 -5.82
N GLU A 85 -7.29 2.79 -4.98
CA GLU A 85 -7.05 2.59 -3.55
C GLU A 85 -6.30 1.26 -3.33
N GLU A 86 -6.53 0.30 -4.22
CA GLU A 86 -5.86 -1.00 -4.19
C GLU A 86 -4.37 -0.80 -4.43
N ILE A 87 -4.05 0.17 -5.28
CA ILE A 87 -2.66 0.52 -5.61
C ILE A 87 -2.08 1.20 -4.38
N ARG A 88 -2.85 2.04 -3.71
CA ARG A 88 -2.33 2.71 -2.51
C ARG A 88 -2.06 1.75 -1.38
N GLU A 89 -2.81 0.68 -1.31
CA GLU A 89 -2.58 -0.32 -0.27
C GLU A 89 -1.21 -0.95 -0.48
N ALA A 90 -0.81 -1.09 -1.72
CA ALA A 90 0.48 -1.66 -2.01
C ALA A 90 1.59 -0.73 -1.47
N PHE A 91 1.34 0.57 -1.54
CA PHE A 91 2.31 1.52 -1.00
C PHE A 91 2.24 1.68 0.54
N ARG A 92 1.04 1.96 1.05
CA ARG A 92 0.89 2.30 2.47
C ARG A 92 1.20 1.19 3.45
N VAL A 93 0.96 -0.06 3.11
CA VAL A 93 1.18 -1.16 4.08
C VAL A 93 2.64 -1.25 4.53
N PHE A 94 3.60 -1.16 3.62
CA PHE A 94 4.96 -1.27 4.07
C PHE A 94 5.51 0.03 4.67
N ASP A 95 4.91 1.18 4.34
CA ASP A 95 5.36 2.45 4.93
C ASP A 95 4.54 2.70 6.20
N LYS A 96 4.89 2.02 7.28
CA LYS A 96 4.16 2.11 8.54
C LYS A 96 4.21 3.52 9.14
N ASP A 97 5.31 4.22 8.92
CA ASP A 97 5.48 5.58 9.47
C ASP A 97 4.63 6.61 8.74
N GLY A 98 4.18 6.33 7.52
CA GLY A 98 3.40 7.32 6.83
C GLY A 98 4.33 8.40 6.29
N ASN A 99 5.59 8.03 5.99
CA ASN A 99 6.59 9.01 5.57
C ASN A 99 6.26 9.58 4.18
N GLY A 100 5.57 8.83 3.34
CA GLY A 100 5.20 9.28 2.00
C GLY A 100 6.29 9.00 0.98
N TYR A 101 7.37 8.42 1.47
CA TYR A 101 8.50 8.00 0.64
C TYR A 101 8.96 6.64 1.14
N ILE A 102 9.71 5.91 0.32
CA ILE A 102 10.17 4.58 0.69
C ILE A 102 11.61 4.63 1.25
N SER A 103 11.76 4.10 2.45
CA SER A 103 13.07 4.00 3.11
C SER A 103 13.44 2.53 3.10
N ALA A 104 14.72 2.16 3.25
CA ALA A 104 15.11 0.75 3.21
C ALA A 104 14.54 -0.08 4.32
N ALA A 105 14.36 0.51 5.49
CA ALA A 105 13.79 -0.20 6.62
C ALA A 105 12.36 -0.62 6.36
N GLU A 106 11.63 0.16 5.59
CA GLU A 106 10.23 -0.13 5.34
C GLU A 106 10.08 -1.43 4.56
N LEU A 107 11.03 -1.69 3.69
CA LEU A 107 11.01 -2.89 2.85
C LEU A 107 11.50 -4.08 3.61
N ARG A 108 12.38 -3.82 4.55
CA ARG A 108 12.99 -4.86 5.36
C ARG A 108 11.90 -5.53 6.18
N HIS A 109 10.93 -4.74 6.63
CA HIS A 109 9.84 -5.28 7.41
C HIS A 109 9.05 -6.33 6.63
N VAL A 110 8.78 -6.07 5.36
CA VAL A 110 7.98 -7.02 4.59
C VAL A 110 8.78 -8.22 4.13
N MET A 111 10.01 -8.00 3.68
CA MET A 111 10.79 -9.12 3.13
C MET A 111 11.07 -10.16 4.19
N THR A 112 11.23 -9.73 5.43
CA THR A 112 11.50 -10.66 6.52
C THR A 112 10.31 -11.59 6.78
N ASN A 113 9.11 -11.07 6.59
CA ASN A 113 7.90 -11.87 6.76
C ASN A 113 7.86 -13.05 5.77
N LEU A 114 8.56 -12.92 4.65
CA LEU A 114 8.61 -13.93 3.59
C LEU A 114 9.96 -14.67 3.56
N GLY A 115 10.77 -14.53 4.60
CA GLY A 115 12.06 -15.23 4.69
C GLY A 115 13.30 -14.44 4.44
N GLU A 116 13.18 -13.21 3.96
CA GLU A 116 14.31 -12.31 3.71
C GLU A 116 15.37 -12.93 2.79
N LYS A 117 14.96 -13.41 1.62
CA LYS A 117 15.86 -14.10 0.69
C LYS A 117 16.93 -13.18 0.11
N LEU A 118 16.62 -11.91 -0.06
CA LEU A 118 17.58 -10.93 -0.57
C LEU A 118 18.51 -10.47 0.55
N THR A 119 19.70 -10.05 0.18
CA THR A 119 20.70 -9.58 1.15
C THR A 119 20.30 -8.18 1.54
N ASP A 120 20.80 -7.72 2.69
CA ASP A 120 20.51 -6.37 3.18
C ASP A 120 20.94 -5.32 2.15
N GLU A 121 22.09 -5.53 1.50
CA GLU A 121 22.59 -4.56 0.51
C GLU A 121 21.69 -4.47 -0.73
N GLU A 122 21.11 -5.60 -1.15
CA GLU A 122 20.20 -5.58 -2.31
C GLU A 122 18.96 -4.74 -1.98
N VAL A 123 18.51 -4.70 -0.73
CA VAL A 123 17.35 -3.89 -0.35
C VAL A 123 17.68 -2.43 -0.58
N ASP A 124 18.90 -2.06 -0.26
CA ASP A 124 19.35 -0.68 -0.43
C ASP A 124 19.57 -0.36 -1.92
N GLU A 125 20.06 -1.35 -2.65
CA GLU A 125 20.40 -1.21 -4.07
C GLU A 125 19.14 -1.02 -4.93
N MET A 126 18.06 -1.67 -4.50
CA MET A 126 16.79 -1.53 -5.22
C MET A 126 16.26 -0.10 -5.18
N ILE A 127 16.59 0.69 -4.18
CA ILE A 127 16.16 2.08 -4.16
C ILE A 127 16.82 2.83 -5.31
N ARG A 128 18.12 2.62 -5.53
CA ARG A 128 18.85 3.33 -6.57
C ARG A 128 18.37 2.84 -7.93
N GLU A 129 17.99 1.57 -8.04
CA GLU A 129 17.51 1.02 -9.32
C GLU A 129 16.19 1.66 -9.67
N ALA A 130 15.38 1.92 -8.66
CA ALA A 130 14.09 2.54 -8.90
C ALA A 130 14.19 4.02 -9.27
N ASP A 131 15.03 4.76 -8.55
CA ASP A 131 15.12 6.18 -8.79
C ASP A 131 15.64 6.51 -10.18
N ILE A 132 14.87 7.27 -10.95
CA ILE A 132 15.34 7.76 -12.25
C ILE A 132 16.34 8.86 -11.94
N ASP A 133 15.94 9.67 -10.96
CA ASP A 133 16.65 10.89 -10.53
C ASP A 133 17.82 10.66 -9.58
N GLY A 134 17.90 9.54 -8.90
CA GLY A 134 19.00 9.31 -8.00
C GLY A 134 18.91 10.08 -6.68
N ASP A 135 17.72 10.51 -6.30
CA ASP A 135 17.51 11.37 -5.08
C ASP A 135 17.64 10.51 -3.80
N GLY A 136 17.57 9.19 -3.92
CA GLY A 136 17.74 8.26 -2.79
C GLY A 136 16.46 7.82 -2.07
N GLN A 137 15.32 8.35 -2.48
CA GLN A 137 14.01 8.01 -1.90
C GLN A 137 12.93 7.91 -3.02
N VAL A 138 12.19 6.81 -2.98
CA VAL A 138 11.13 6.58 -3.97
C VAL A 138 9.81 7.17 -3.48
N ASN A 139 9.15 8.03 -4.26
CA ASN A 139 7.89 8.66 -3.83
C ASN A 139 6.72 7.84 -4.37
N TYR A 140 5.50 8.22 -4.08
CA TYR A 140 4.33 7.42 -4.50
C TYR A 140 4.19 7.19 -5.98
N GLU A 141 4.29 8.24 -6.79
CA GLU A 141 4.12 8.05 -8.23
C GLU A 141 5.18 7.16 -8.87
N GLU A 142 6.40 7.18 -8.35
CA GLU A 142 7.49 6.34 -8.86
C GLU A 142 7.14 4.85 -8.62
N PHE A 143 6.45 4.56 -7.52
CA PHE A 143 6.07 3.20 -7.17
C PHE A 143 4.95 2.65 -8.07
N VAL A 144 4.05 3.52 -8.48
CA VAL A 144 2.95 3.16 -9.41
C VAL A 144 3.54 2.76 -10.78
N GLN A 145 4.59 3.46 -11.21
CA GLN A 145 5.27 3.15 -12.47
C GLN A 145 5.88 1.74 -12.49
N MET A 146 6.26 1.25 -11.32
CA MET A 146 6.89 -0.08 -11.27
C MET A 146 5.92 -1.17 -11.72
N MET A 147 4.64 -0.92 -11.55
CA MET A 147 3.64 -1.88 -11.95
C MET A 147 3.53 -1.99 -13.45
N THR A 148 3.86 -0.91 -14.14
CA THR A 148 3.68 -0.82 -15.59
C THR A 148 4.95 -0.79 -16.42
N ALA A 149 6.12 -0.67 -15.79
CA ALA A 149 7.35 -0.49 -16.55
C ALA A 149 8.60 -1.05 -15.87
N LYS A 150 9.64 -1.22 -16.68
CA LYS A 150 10.95 -1.73 -16.23
C LYS A 150 11.52 -0.74 -15.21
N GLY B 1 61.19 16.62 13.20
CA GLY B 1 60.09 17.11 12.35
C GLY B 1 59.41 15.97 11.62
N ALA B 2 58.17 16.20 11.20
CA ALA B 2 57.39 15.16 10.52
C ALA B 2 56.35 15.79 9.59
N ASP B 3 55.87 15.01 8.63
CA ASP B 3 54.85 15.47 7.68
C ASP B 3 53.46 14.94 8.10
N LYS B 4 52.60 15.81 8.57
CA LYS B 4 51.25 15.41 8.99
C LYS B 4 50.25 15.95 7.96
N GLU B 5 49.28 15.13 7.63
CA GLU B 5 48.23 15.49 6.67
C GLU B 5 46.88 15.18 7.25
N ASP B 6 45.89 15.95 6.85
CA ASP B 6 44.52 15.75 7.30
C ASP B 6 43.67 15.49 6.06
N ASP B 7 42.62 14.72 6.20
CA ASP B 7 41.78 14.35 5.07
C ASP B 7 40.31 14.60 5.38
N GLN B 8 39.63 15.15 4.39
CA GLN B 8 38.22 15.48 4.49
C GLN B 8 37.70 15.48 3.04
N GLU B 9 36.39 15.36 2.84
CA GLU B 9 35.79 15.43 1.49
C GLU B 9 34.34 15.92 1.58
N HIS B 10 33.89 16.57 0.51
CA HIS B 10 32.54 17.06 0.41
C HIS B 10 32.07 16.96 -1.01
N PRO B 11 31.52 15.82 -1.44
CA PRO B 11 31.15 15.83 -2.87
C PRO B 11 29.97 16.73 -3.15
N SER B 12 29.95 17.25 -4.35
CA SER B 12 28.89 18.16 -4.76
C SER B 12 27.76 17.36 -5.42
N GLU B 13 26.56 17.89 -5.36
CA GLU B 13 25.41 17.28 -6.02
C GLU B 13 24.71 18.37 -6.83
N LYS B 14 24.14 17.98 -7.96
CA LYS B 14 23.44 18.92 -8.86
C LYS B 14 21.92 18.80 -8.74
N GLN B 15 21.46 17.67 -8.19
CA GLN B 15 20.04 17.44 -7.88
C GLN B 15 19.03 17.71 -9.01
N PRO B 16 19.05 16.91 -10.10
CA PRO B 16 18.05 17.21 -11.12
C PRO B 16 16.66 16.91 -10.57
N SER B 17 15.67 17.70 -10.96
CA SER B 17 14.33 17.60 -10.36
C SER B 17 13.22 17.86 -11.37
N GLY B 18 12.04 17.43 -11.00
CA GLY B 18 10.83 17.69 -11.79
C GLY B 18 10.40 16.59 -12.77
N ALA B 19 11.15 15.50 -12.85
CA ALA B 19 10.78 14.43 -13.76
C ALA B 19 9.49 13.76 -13.23
N GLU B 20 8.58 13.37 -14.12
CA GLU B 20 7.33 12.69 -13.70
C GLU B 20 6.86 11.85 -14.87
N SER B 21 6.21 10.71 -14.60
CA SER B 21 5.78 9.82 -15.68
C SER B 21 4.66 8.86 -15.25
N GLY B 22 3.90 8.40 -16.22
CA GLY B 22 2.88 7.42 -15.96
C GLY B 22 2.31 6.95 -17.27
N THR B 23 1.83 5.71 -17.32
CA THR B 23 1.22 5.09 -18.50
C THR B 23 -0.01 4.38 -18.03
N LEU B 24 -0.87 3.98 -18.96
CA LEU B 24 -2.09 3.24 -18.66
C LEU B 24 -1.82 1.76 -18.77
N ALA B 25 -2.45 0.95 -17.93
CA ALA B 25 -2.30 -0.49 -17.97
C ALA B 25 -3.63 -1.09 -17.46
N ARG B 26 -3.99 -2.27 -17.92
CA ARG B 26 -5.27 -2.83 -17.53
C ARG B 26 -5.26 -3.46 -16.12
N ALA B 27 -5.74 -2.71 -15.13
CA ALA B 27 -5.85 -3.20 -13.74
C ALA B 27 -7.15 -3.99 -13.62
N SER B 28 -8.09 -3.66 -14.47
CA SER B 28 -9.44 -4.23 -14.45
C SER B 28 -9.43 -5.67 -14.91
N LEU B 29 -10.47 -6.41 -14.53
CA LEU B 29 -10.65 -7.83 -14.88
C LEU B 29 -9.53 -8.69 -14.31
N ALA B 30 -9.26 -8.48 -13.04
CA ALA B 30 -8.29 -9.23 -12.28
C ALA B 30 -8.86 -9.14 -10.88
N LEU B 31 -8.61 -10.13 -10.03
CA LEU B 31 -9.14 -10.13 -8.66
C LEU B 31 -8.08 -10.58 -7.66
N PRO B 32 -7.13 -9.69 -7.33
CA PRO B 32 -6.09 -10.08 -6.37
C PRO B 32 -6.59 -10.15 -4.92
N THR B 33 -7.76 -9.55 -4.66
CA THR B 33 -8.31 -9.54 -3.31
C THR B 33 -8.82 -10.92 -2.85
N SER B 34 -8.92 -11.86 -3.76
CA SER B 34 -9.34 -13.22 -3.47
C SER B 34 -8.11 -14.12 -3.24
N SER B 35 -6.92 -13.52 -3.25
CA SER B 35 -5.66 -14.27 -3.16
C SER B 35 -4.61 -13.59 -2.27
N LEU B 36 -3.58 -14.34 -1.88
CA LEU B 36 -2.44 -13.84 -1.11
C LEU B 36 -1.26 -14.59 -1.72
N SER B 37 -0.05 -14.04 -1.69
CA SER B 37 1.02 -14.71 -2.38
C SER B 37 1.61 -15.84 -1.52
N ARG B 38 1.69 -17.01 -2.06
CA ARG B 38 2.22 -18.20 -1.37
C ARG B 38 3.66 -18.50 -1.73
N THR B 39 4.09 -18.10 -2.92
CA THR B 39 5.42 -18.51 -3.36
C THR B 39 6.60 -17.92 -2.52
N ALA B 40 7.52 -18.79 -2.18
CA ALA B 40 8.72 -18.45 -1.41
C ALA B 40 9.94 -18.30 -2.36
N SER B 41 9.69 -18.50 -3.65
CA SER B 41 10.72 -18.60 -4.69
C SER B 41 11.35 -17.31 -5.15
N GLN B 42 11.00 -16.19 -4.56
CA GLN B 42 11.61 -14.93 -4.99
C GLN B 42 13.10 -14.92 -4.57
N SER B 43 13.99 -14.91 -5.56
CA SER B 43 15.43 -14.97 -5.29
C SER B 43 16.35 -14.32 -6.38
N SER B 44 15.99 -13.14 -6.85
CA SER B 44 16.80 -12.42 -7.83
C SER B 44 16.74 -10.97 -7.37
N SER B 45 17.73 -10.12 -7.69
CA SER B 45 17.70 -8.78 -7.16
C SER B 45 16.50 -7.98 -7.65
N HIS B 46 16.10 -8.16 -8.90
CA HIS B 46 14.97 -7.36 -9.45
C HIS B 46 13.62 -7.73 -8.83
N ARG B 47 13.61 -8.83 -8.08
CA ARG B 47 12.40 -9.20 -7.37
C ARG B 47 12.17 -8.32 -6.18
N GLY B 48 13.13 -7.48 -5.77
CA GLY B 48 12.97 -6.69 -4.57
C GLY B 48 11.75 -5.76 -4.54
N TRP B 49 11.36 -5.19 -5.66
CA TRP B 49 10.14 -4.38 -5.66
C TRP B 49 8.96 -5.29 -5.95
N GLU B 50 9.25 -6.32 -6.76
CA GLU B 50 8.23 -7.23 -7.21
C GLU B 50 7.66 -8.06 -6.08
N ILE B 51 8.42 -8.23 -5.01
CA ILE B 51 7.97 -9.04 -3.88
C ILE B 51 6.77 -8.32 -3.26
N LEU B 52 6.77 -6.99 -3.24
CA LEU B 52 5.63 -6.26 -2.69
C LEU B 52 4.48 -6.30 -3.64
N ARG B 53 4.81 -6.26 -4.92
CA ARG B 53 3.79 -6.26 -5.96
C ARG B 53 3.04 -7.56 -5.87
N GLN B 54 3.72 -8.62 -5.53
CA GLN B 54 3.02 -9.89 -5.41
C GLN B 54 2.40 -10.14 -4.04
N ASN B 55 3.07 -9.86 -2.92
CA ASN B 55 2.47 -10.23 -1.61
C ASN B 55 1.52 -9.22 -1.00
N THR B 56 1.84 -7.97 -1.15
CA THR B 56 1.04 -6.92 -0.54
C THR B 56 -0.29 -6.82 -1.31
N LEU B 57 -0.19 -6.95 -2.63
CA LEU B 57 -1.40 -6.93 -3.44
C LEU B 57 -2.15 -8.25 -3.34
N GLY B 58 -1.44 -9.35 -3.09
CA GLY B 58 -2.07 -10.65 -3.02
C GLY B 58 -2.22 -11.30 -4.39
N HIS B 59 -1.27 -11.07 -5.27
CA HIS B 59 -1.32 -11.57 -6.66
C HIS B 59 -1.17 -13.11 -6.79
N LEU B 60 -2.34 -13.76 -6.87
CA LEU B 60 -2.53 -15.21 -7.09
C LEU B 60 -2.07 -16.09 -5.92
N ASN B 61 -2.73 -17.24 -5.73
CA ASN B 61 -2.45 -18.16 -4.61
C ASN B 61 -2.68 -19.64 -4.97
N LEU B 62 -2.09 -20.55 -4.20
CA LEU B 62 -2.29 -22.01 -4.40
C LEU B 62 -3.16 -22.61 -3.28
N GLY B 63 -3.46 -21.80 -2.27
CA GLY B 63 -4.28 -22.27 -1.16
C GLY B 63 -4.64 -21.10 -0.28
N LEU B 64 -5.73 -21.19 0.46
CA LEU B 64 -6.20 -20.08 1.32
C LEU B 64 -5.95 -20.36 2.79
N ASN B 65 -6.30 -21.55 3.27
CA ASN B 65 -6.12 -21.88 4.70
C ASN B 65 -4.83 -22.65 4.91
N LEU B 66 -3.78 -21.96 5.36
CA LEU B 66 -2.51 -22.60 5.60
C LEU B 66 -2.22 -22.93 7.07
N SER B 67 -2.42 -21.96 7.96
CA SER B 67 -1.98 -22.14 9.38
C SER B 67 -3.05 -22.01 10.47
N GLU B 68 -4.19 -21.44 10.15
CA GLU B 68 -5.20 -21.22 11.18
C GLU B 68 -5.81 -22.54 11.70
N GLY B 69 -6.27 -22.54 12.95
CA GLY B 69 -6.86 -23.76 13.55
C GLY B 69 -6.47 -23.91 15.00
N ASP B 70 -5.38 -23.33 15.44
CA ASP B 70 -4.94 -23.44 16.84
C ASP B 70 -5.72 -22.46 17.71
N GLY B 71 -5.97 -22.80 18.97
CA GLY B 71 -6.73 -21.90 19.82
C GLY B 71 -6.00 -20.68 20.33
N GLU B 72 -6.67 -19.54 20.28
CA GLU B 72 -6.07 -18.26 20.72
C GLU B 72 -6.78 -17.75 22.01
N GLU B 73 -8.05 -18.10 22.17
CA GLU B 73 -8.84 -17.71 23.35
C GLU B 73 -8.24 -18.38 24.57
CA CA C . 8.73 4.93 6.68
CA CA D . 13.14 9.57 -6.47
N SER A 1 -7.90 15.18 13.01
CA SER A 1 -7.25 16.17 12.12
C SER A 1 -6.39 15.51 11.07
N MET A 2 -6.23 16.13 9.91
CA MET A 2 -5.46 15.54 8.80
C MET A 2 -4.49 16.56 8.23
N ALA A 3 -4.08 17.49 9.09
CA ALA A 3 -3.09 18.49 8.73
C ALA A 3 -1.75 17.78 8.48
N ASP A 4 -1.60 16.59 9.02
CA ASP A 4 -0.39 15.80 8.79
C ASP A 4 -0.37 15.17 7.38
N GLN A 5 -1.53 15.01 6.77
CA GLN A 5 -1.67 14.33 5.49
C GLN A 5 -1.80 15.27 4.31
N LEU A 6 -2.52 16.34 4.51
CA LEU A 6 -2.67 17.39 3.50
C LEU A 6 -1.61 18.39 3.88
N THR A 7 -1.12 19.21 2.96
CA THR A 7 -0.11 20.19 3.34
C THR A 7 -0.75 21.23 4.25
N GLU A 8 0.02 21.83 5.12
CA GLU A 8 -0.54 22.79 6.05
C GLU A 8 -1.06 23.99 5.26
N GLU A 9 -0.43 24.28 4.13
CA GLU A 9 -0.92 25.35 3.28
C GLU A 9 -2.30 25.03 2.66
N GLN A 10 -2.51 23.81 2.16
CA GLN A 10 -3.78 23.50 1.51
C GLN A 10 -4.92 23.20 2.49
N ILE A 11 -4.64 22.64 3.65
CA ILE A 11 -5.73 22.35 4.59
C ILE A 11 -6.29 23.68 5.05
N ALA A 12 -5.43 24.67 5.15
CA ALA A 12 -5.79 26.01 5.59
C ALA A 12 -6.68 26.75 4.58
N GLU A 13 -6.56 26.41 3.29
CA GLU A 13 -7.29 27.13 2.28
C GLU A 13 -8.80 27.03 2.52
N PHE A 14 -9.28 25.81 2.75
CA PHE A 14 -10.70 25.62 2.97
C PHE A 14 -11.07 25.76 4.45
N LYS A 15 -10.10 25.56 5.35
CA LYS A 15 -10.45 25.58 6.78
C LYS A 15 -10.89 26.99 7.19
N GLU A 16 -10.16 27.96 6.67
CA GLU A 16 -10.42 29.34 7.04
C GLU A 16 -11.79 29.85 6.57
N ALA A 17 -12.22 29.38 5.41
CA ALA A 17 -13.53 29.76 4.86
C ALA A 17 -14.66 28.94 5.45
N PHE A 18 -14.43 27.65 5.72
CA PHE A 18 -15.52 26.77 6.19
C PHE A 18 -16.02 27.21 7.57
N SER A 19 -15.10 27.56 8.47
CA SER A 19 -15.43 27.93 9.85
C SER A 19 -16.20 29.26 9.93
N LEU A 20 -16.11 30.07 8.90
CA LEU A 20 -16.75 31.38 8.90
C LEU A 20 -18.27 31.21 9.00
N PHE A 21 -18.72 30.17 8.32
CA PHE A 21 -20.15 29.88 8.27
C PHE A 21 -20.63 29.09 9.48
N ASP A 22 -19.70 28.53 10.24
CA ASP A 22 -20.04 27.87 11.52
C ASP A 22 -19.79 28.89 12.64
N LYS A 23 -20.33 30.08 12.48
CA LYS A 23 -20.12 31.17 13.43
C LYS A 23 -20.86 30.98 14.77
N ASP A 24 -22.02 30.37 14.71
CA ASP A 24 -22.78 30.10 15.92
C ASP A 24 -22.02 29.07 16.78
N GLY A 25 -21.16 28.28 16.13
CA GLY A 25 -20.41 27.27 16.85
C GLY A 25 -21.27 26.05 17.11
N ASP A 26 -22.34 25.95 16.32
CA ASP A 26 -23.28 24.84 16.41
C ASP A 26 -22.56 23.57 16.00
N GLY A 27 -21.53 23.76 15.18
CA GLY A 27 -20.69 22.66 14.77
C GLY A 27 -20.99 22.07 13.42
N THR A 28 -22.03 22.51 12.75
CA THR A 28 -22.41 22.01 11.42
C THR A 28 -22.78 23.18 10.50
N ILE A 29 -22.83 22.90 9.21
CA ILE A 29 -23.30 23.88 8.20
C ILE A 29 -24.30 23.19 7.31
N THR A 30 -25.13 23.92 6.58
CA THR A 30 -26.10 23.29 5.70
C THR A 30 -25.52 23.14 4.31
N THR A 31 -26.15 22.35 3.45
CA THR A 31 -25.64 22.15 2.10
C THR A 31 -25.82 23.43 1.29
N LYS A 32 -26.78 24.24 1.71
CA LYS A 32 -27.02 25.49 1.05
C LYS A 32 -25.77 26.39 1.21
N GLN A 33 -25.17 26.38 2.40
CA GLN A 33 -23.96 27.15 2.67
C GLN A 33 -22.68 26.54 2.08
N LEU A 34 -22.67 25.25 1.77
CA LEU A 34 -21.48 24.64 1.17
C LEU A 34 -21.22 25.28 -0.20
N GLY A 35 -22.29 25.61 -0.91
CA GLY A 35 -22.12 26.32 -2.18
C GLY A 35 -21.50 27.70 -1.94
N THR A 36 -21.89 28.35 -0.84
CA THR A 36 -21.37 29.68 -0.50
C THR A 36 -19.87 29.57 -0.15
N VAL A 37 -19.47 28.47 0.48
CA VAL A 37 -18.07 28.26 0.83
C VAL A 37 -17.26 28.17 -0.48
N MET A 38 -17.80 27.48 -1.47
CA MET A 38 -17.10 27.36 -2.74
C MET A 38 -17.03 28.70 -3.48
N ARG A 39 -18.02 29.56 -3.25
CA ARG A 39 -17.99 30.89 -3.85
C ARG A 39 -16.88 31.71 -3.23
N SER A 40 -16.69 31.54 -1.93
CA SER A 40 -15.69 32.30 -1.20
C SER A 40 -14.26 31.94 -1.62
N LEU A 41 -14.01 30.69 -2.04
CA LEU A 41 -12.71 30.27 -2.55
C LEU A 41 -12.49 30.87 -3.93
N GLY A 42 -13.56 31.11 -4.68
CA GLY A 42 -13.48 31.76 -5.97
C GLY A 42 -13.41 30.83 -7.18
N GLN A 43 -12.63 29.76 -7.07
CA GLN A 43 -12.55 28.74 -8.13
C GLN A 43 -13.62 27.69 -7.80
N ASN A 44 -14.88 28.10 -7.88
CA ASN A 44 -15.98 27.20 -7.57
C ASN A 44 -16.12 26.12 -8.69
N PRO A 45 -16.55 24.89 -8.32
CA PRO A 45 -16.70 23.81 -9.31
C PRO A 45 -17.89 24.03 -10.26
N THR A 46 -17.91 23.25 -11.36
CA THR A 46 -18.97 23.29 -12.36
C THR A 46 -20.28 23.00 -11.62
N GLU A 47 -21.39 23.62 -11.99
CA GLU A 47 -22.65 23.46 -11.27
C GLU A 47 -23.04 21.96 -11.13
N ALA A 48 -22.83 21.20 -12.18
CA ALA A 48 -23.13 19.76 -12.14
C ALA A 48 -22.24 19.01 -11.13
N GLU A 49 -20.95 19.39 -11.05
CA GLU A 49 -20.01 18.79 -10.09
C GLU A 49 -20.36 19.18 -8.68
N LEU A 50 -20.82 20.41 -8.54
CA LEU A 50 -21.18 20.99 -7.25
C LEU A 50 -22.43 20.31 -6.71
N GLN A 51 -23.35 20.05 -7.62
CA GLN A 51 -24.62 19.42 -7.27
C GLN A 51 -24.33 18.01 -6.78
N ASP A 52 -23.35 17.38 -7.41
CA ASP A 52 -23.02 16.02 -7.05
C ASP A 52 -22.39 15.97 -5.64
N MET A 53 -21.56 16.99 -5.34
CA MET A 53 -20.92 17.06 -4.03
C MET A 53 -21.89 17.35 -2.90
N ILE A 54 -22.85 18.26 -3.09
CA ILE A 54 -23.78 18.58 -2.00
C ILE A 54 -24.74 17.43 -1.74
N ASN A 55 -24.93 16.56 -2.74
CA ASN A 55 -25.81 15.41 -2.56
C ASN A 55 -25.04 14.22 -1.99
N GLU A 56 -23.74 14.11 -2.30
CA GLU A 56 -22.93 13.01 -1.80
C GLU A 56 -22.86 13.06 -0.29
N VAL A 57 -22.74 14.28 0.22
CA VAL A 57 -22.55 14.53 1.64
C VAL A 57 -23.87 14.39 2.43
N ASP A 58 -25.00 14.60 1.74
CA ASP A 58 -26.31 14.61 2.41
C ASP A 58 -27.38 13.80 1.61
N ALA A 59 -26.99 12.61 1.18
CA ALA A 59 -27.85 11.82 0.30
C ALA A 59 -29.21 11.46 0.90
N ASP A 60 -29.26 11.31 2.22
CA ASP A 60 -30.52 10.98 2.88
C ASP A 60 -31.42 12.19 3.06
N GLY A 61 -30.95 13.38 2.70
CA GLY A 61 -31.78 14.56 2.82
C GLY A 61 -31.86 15.17 4.21
N ASN A 62 -30.92 14.80 5.05
CA ASN A 62 -30.84 15.27 6.44
C ASN A 62 -30.69 16.80 6.57
N GLY A 63 -30.11 17.45 5.56
CA GLY A 63 -29.99 18.89 5.52
C GLY A 63 -28.78 19.57 6.18
N THR A 64 -27.86 18.82 6.78
CA THR A 64 -26.68 19.46 7.38
C THR A 64 -25.43 18.61 7.15
N ILE A 65 -24.26 19.20 7.38
CA ILE A 65 -22.96 18.59 7.13
C ILE A 65 -22.08 18.67 8.38
N ASP A 66 -21.50 17.52 8.77
CA ASP A 66 -20.65 17.49 9.95
C ASP A 66 -19.26 18.07 9.58
N PHE A 67 -18.59 18.72 10.53
CA PHE A 67 -17.29 19.36 10.26
C PHE A 67 -16.17 18.45 9.68
N PRO A 68 -15.94 17.22 10.23
CA PRO A 68 -14.83 16.44 9.63
C PRO A 68 -15.19 15.77 8.30
N GLN A 69 -16.48 15.77 7.94
CA GLN A 69 -16.94 15.17 6.70
C GLN A 69 -16.37 15.87 5.45
N PHE A 70 -16.25 17.19 5.49
CA PHE A 70 -15.69 17.95 4.35
C PHE A 70 -14.25 17.50 4.04
N LEU A 71 -13.44 17.31 5.05
CA LEU A 71 -12.06 16.90 4.85
C LEU A 71 -11.97 15.50 4.29
N THR A 72 -12.85 14.64 4.75
CA THR A 72 -12.80 13.24 4.32
C THR A 72 -13.13 13.15 2.85
N MET A 73 -14.17 13.88 2.45
CA MET A 73 -14.68 13.80 1.09
C MET A 73 -13.68 14.42 0.12
N MET A 74 -13.07 15.53 0.50
CA MET A 74 -12.12 16.21 -0.35
C MET A 74 -10.84 15.39 -0.52
N ALA A 75 -10.42 14.76 0.57
CA ALA A 75 -9.18 14.01 0.53
C ALA A 75 -9.31 12.79 -0.38
N ARG A 76 -10.49 12.19 -0.42
CA ARG A 76 -10.67 10.95 -1.22
C ARG A 76 -10.53 11.19 -2.70
N LYS A 77 -11.02 12.37 -3.09
CA LYS A 77 -11.01 12.78 -4.50
C LYS A 77 -9.67 13.11 -5.07
N MET A 78 -8.63 13.32 -4.28
CA MET A 78 -7.37 13.80 -4.87
C MET A 78 -6.76 12.84 -5.93
N LYS A 79 -6.79 11.53 -5.77
CA LYS A 79 -6.39 10.64 -6.90
C LYS A 79 -7.56 10.08 -7.63
N ASP A 80 -8.33 9.23 -7.00
CA ASP A 80 -9.44 8.57 -7.68
C ASP A 80 -10.27 7.90 -6.60
N THR A 81 -11.54 7.66 -6.83
CA THR A 81 -12.43 6.98 -5.84
C THR A 81 -12.72 5.57 -6.31
N ASP A 82 -12.07 5.21 -7.40
CA ASP A 82 -12.17 3.89 -8.04
C ASP A 82 -11.29 2.81 -7.30
N SER A 83 -11.27 1.61 -7.83
CA SER A 83 -10.51 0.49 -7.27
C SER A 83 -8.98 0.73 -7.14
N GLU A 84 -8.48 1.79 -7.77
CA GLU A 84 -7.06 2.24 -7.59
C GLU A 84 -6.77 2.61 -6.13
N GLU A 85 -7.81 2.81 -5.32
CA GLU A 85 -7.62 3.05 -3.89
C GLU A 85 -6.94 1.86 -3.21
N GLU A 86 -7.05 0.64 -3.73
CA GLU A 86 -6.38 -0.50 -3.09
C GLU A 86 -4.86 -0.36 -3.12
N ILE A 87 -4.40 0.40 -4.10
CA ILE A 87 -2.99 0.64 -4.29
C ILE A 87 -2.48 1.53 -3.15
N ARG A 88 -3.34 2.43 -2.71
CA ARG A 88 -2.97 3.36 -1.61
C ARG A 88 -2.79 2.54 -0.37
N GLU A 89 -3.59 1.53 -0.21
CA GLU A 89 -3.54 0.69 0.96
C GLU A 89 -2.25 -0.11 0.97
N ALA A 90 -1.79 -0.52 -0.21
CA ALA A 90 -0.55 -1.29 -0.30
C ALA A 90 0.61 -0.43 0.21
N PHE A 91 0.56 0.87 -0.07
CA PHE A 91 1.62 1.77 0.34
C PHE A 91 1.53 2.02 1.86
N ARG A 92 0.32 2.12 2.40
CA ARG A 92 0.11 2.35 3.85
C ARG A 92 0.51 1.12 4.68
N VAL A 93 0.32 -0.08 4.16
CA VAL A 93 0.73 -1.29 4.87
C VAL A 93 2.29 -1.32 4.87
N PHE A 94 2.85 -0.94 3.74
CA PHE A 94 4.28 -0.94 3.57
C PHE A 94 4.96 0.20 4.36
N ASP A 95 4.30 1.33 4.46
CA ASP A 95 4.85 2.48 5.17
C ASP A 95 3.85 2.89 6.26
N LYS A 96 3.84 2.09 7.32
CA LYS A 96 2.97 2.27 8.47
C LYS A 96 3.27 3.57 9.20
N ASP A 97 4.51 3.98 9.07
CA ASP A 97 5.02 5.19 9.67
C ASP A 97 4.48 6.46 9.03
N GLY A 98 3.96 6.37 7.80
CA GLY A 98 3.41 7.53 7.13
C GLY A 98 4.47 8.51 6.62
N ASN A 99 5.69 8.03 6.32
CA ASN A 99 6.77 8.92 5.84
C ASN A 99 6.49 9.43 4.42
N GLY A 100 5.70 8.67 3.66
CA GLY A 100 5.37 9.05 2.29
C GLY A 100 6.39 8.60 1.24
N TYR A 101 7.46 7.97 1.68
CA TYR A 101 8.50 7.46 0.79
C TYR A 101 8.96 6.10 1.26
N ILE A 102 9.62 5.36 0.38
CA ILE A 102 10.13 4.06 0.70
C ILE A 102 11.57 4.17 1.15
N SER A 103 11.84 3.62 2.33
CA SER A 103 13.16 3.62 2.95
C SER A 103 13.69 2.17 2.93
N ALA A 104 15.00 2.00 3.13
CA ALA A 104 15.62 0.68 3.12
C ALA A 104 15.08 -0.15 4.29
N ALA A 105 14.85 0.52 5.41
CA ALA A 105 14.37 -0.16 6.61
C ALA A 105 12.94 -0.68 6.39
N GLU A 106 12.14 0.10 5.69
CA GLU A 106 10.77 -0.27 5.41
C GLU A 106 10.69 -1.48 4.45
N LEU A 107 11.62 -1.59 3.52
CA LEU A 107 11.60 -2.69 2.58
C LEU A 107 11.87 -3.99 3.37
N ARG A 108 12.65 -3.92 4.43
CA ARG A 108 12.95 -5.10 5.26
C ARG A 108 11.69 -5.61 5.93
N HIS A 109 10.80 -4.70 6.28
CA HIS A 109 9.59 -5.07 6.99
C HIS A 109 8.72 -6.05 6.22
N VAL A 110 8.60 -5.85 4.91
CA VAL A 110 7.76 -6.77 4.11
C VAL A 110 8.54 -7.95 3.58
N MET A 111 9.75 -7.74 3.12
CA MET A 111 10.47 -8.86 2.55
C MET A 111 10.75 -9.96 3.57
N THR A 112 10.94 -9.58 4.81
CA THR A 112 11.15 -10.52 5.89
C THR A 112 9.86 -11.32 6.13
N ASN A 113 8.69 -10.67 5.98
CA ASN A 113 7.37 -11.27 6.21
C ASN A 113 7.12 -12.34 5.17
N LEU A 114 7.68 -12.23 3.97
CA LEU A 114 7.53 -13.26 2.93
C LEU A 114 8.56 -14.39 3.09
N GLY A 115 9.43 -14.24 4.07
CA GLY A 115 10.44 -15.25 4.33
C GLY A 115 11.70 -15.08 3.50
N GLU A 116 11.89 -13.92 2.92
CA GLU A 116 13.11 -13.61 2.16
C GLU A 116 13.99 -12.82 3.11
N LYS A 117 15.30 -12.87 2.87
CA LYS A 117 16.29 -12.17 3.71
C LYS A 117 17.30 -11.43 2.82
N LEU A 118 16.88 -10.32 2.24
CA LEU A 118 17.74 -9.54 1.37
C LEU A 118 18.92 -8.98 2.15
N THR A 119 20.06 -8.91 1.49
CA THR A 119 21.26 -8.35 2.10
C THR A 119 20.98 -6.87 2.34
N ASP A 120 21.41 -6.35 3.46
CA ASP A 120 21.11 -4.94 3.82
C ASP A 120 21.64 -3.93 2.82
N GLU A 121 22.86 -4.13 2.38
CA GLU A 121 23.48 -3.21 1.44
C GLU A 121 22.80 -3.32 0.08
N GLU A 122 22.36 -4.52 -0.26
CA GLU A 122 21.67 -4.77 -1.52
C GLU A 122 20.40 -3.94 -1.58
N VAL A 123 19.72 -3.77 -0.45
CA VAL A 123 18.45 -3.01 -0.41
C VAL A 123 18.75 -1.52 -0.65
N ASP A 124 19.88 -1.05 -0.14
CA ASP A 124 20.25 0.36 -0.31
C ASP A 124 20.52 0.65 -1.80
N GLU A 125 21.17 -0.29 -2.46
CA GLU A 125 21.48 -0.16 -3.87
C GLU A 125 20.23 -0.36 -4.75
N MET A 126 19.30 -1.16 -4.27
CA MET A 126 18.06 -1.45 -4.99
C MET A 126 17.18 -0.22 -5.13
N ILE A 127 17.26 0.66 -4.14
CA ILE A 127 16.48 1.92 -4.19
C ILE A 127 17.09 2.85 -5.27
N ARG A 128 18.42 2.89 -5.33
CA ARG A 128 19.09 3.71 -6.33
C ARG A 128 18.89 3.17 -7.70
N GLU A 129 18.72 1.87 -7.76
CA GLU A 129 18.48 1.19 -9.03
C GLU A 129 17.12 1.61 -9.59
N ALA A 130 16.14 1.74 -8.69
CA ALA A 130 14.78 2.15 -9.08
C ALA A 130 14.67 3.61 -9.53
N ASP A 131 15.36 4.50 -8.83
CA ASP A 131 15.33 5.92 -9.18
C ASP A 131 16.11 6.20 -10.42
N ILE A 132 15.45 6.88 -11.34
CA ILE A 132 16.09 7.36 -12.56
C ILE A 132 16.78 8.66 -12.13
N ASP A 133 16.14 9.37 -11.21
CA ASP A 133 16.58 10.68 -10.72
C ASP A 133 17.75 10.64 -9.72
N GLY A 134 17.98 9.51 -9.07
CA GLY A 134 19.09 9.41 -8.13
C GLY A 134 18.92 10.10 -6.79
N ASP A 135 17.68 10.39 -6.42
CA ASP A 135 17.41 11.10 -5.15
C ASP A 135 17.46 10.21 -3.92
N GLY A 136 17.48 8.90 -4.10
CA GLY A 136 17.65 7.97 -2.98
C GLY A 136 16.40 7.55 -2.26
N GLN A 137 15.23 7.88 -2.75
CA GLN A 137 13.96 7.47 -2.13
C GLN A 137 12.91 7.32 -3.22
N VAL A 138 11.92 6.49 -3.00
CA VAL A 138 10.85 6.24 -4.01
C VAL A 138 9.50 6.65 -3.42
N ASN A 139 8.75 7.45 -4.17
CA ASN A 139 7.44 7.96 -3.69
C ASN A 139 6.33 7.10 -4.30
N TYR A 140 5.10 7.39 -3.94
CA TYR A 140 3.97 6.60 -4.37
C TYR A 140 3.75 6.52 -5.87
N GLU A 141 3.82 7.66 -6.56
CA GLU A 141 3.60 7.61 -8.02
C GLU A 141 4.68 6.82 -8.70
N GLU A 142 5.93 6.87 -8.23
CA GLU A 142 6.99 6.06 -8.84
C GLU A 142 6.67 4.58 -8.63
N PHE A 143 6.08 4.24 -7.50
CA PHE A 143 5.75 2.86 -7.20
C PHE A 143 4.65 2.38 -8.12
N VAL A 144 3.66 3.20 -8.37
CA VAL A 144 2.57 2.81 -9.27
C VAL A 144 3.12 2.59 -10.68
N GLN A 145 4.01 3.48 -11.11
CA GLN A 145 4.58 3.41 -12.46
C GLN A 145 5.55 2.25 -12.64
N MET A 146 6.05 1.63 -11.59
CA MET A 146 6.87 0.43 -11.83
C MET A 146 5.95 -0.72 -12.25
N MET A 147 4.73 -0.71 -11.77
CA MET A 147 3.79 -1.82 -12.00
C MET A 147 2.91 -1.63 -13.24
N THR A 148 2.44 -0.43 -13.48
CA THR A 148 1.51 -0.15 -14.58
C THR A 148 2.22 0.31 -15.87
N ALA A 149 3.53 0.47 -15.79
CA ALA A 149 4.32 0.92 -16.91
C ALA A 149 5.71 0.32 -16.78
N LYS A 150 6.46 0.36 -17.87
CA LYS A 150 7.84 -0.16 -17.91
C LYS A 150 8.69 0.66 -16.98
N GLY B 1 -51.09 -53.06 -7.08
CA GLY B 1 -52.46 -52.52 -7.33
C GLY B 1 -53.04 -53.06 -8.63
N ALA B 2 -53.84 -52.27 -9.32
CA ALA B 2 -54.44 -52.67 -10.58
C ALA B 2 -53.36 -52.69 -11.68
N ASP B 3 -53.59 -53.44 -12.74
CA ASP B 3 -52.67 -53.57 -13.90
C ASP B 3 -51.33 -54.19 -13.47
N LYS B 4 -51.34 -54.98 -12.41
CA LYS B 4 -50.09 -55.58 -11.88
C LYS B 4 -49.61 -56.65 -12.87
N GLU B 5 -50.58 -57.28 -13.53
CA GLU B 5 -50.37 -58.35 -14.52
C GLU B 5 -49.61 -59.58 -13.96
N ASP B 6 -49.39 -59.61 -12.67
CA ASP B 6 -48.67 -60.73 -12.07
C ASP B 6 -49.48 -62.03 -12.12
N ASP B 7 -48.78 -63.15 -12.27
CA ASP B 7 -49.41 -64.46 -12.38
C ASP B 7 -48.47 -65.50 -11.74
N GLN B 8 -49.03 -66.64 -11.35
CA GLN B 8 -48.23 -67.67 -10.72
C GLN B 8 -47.38 -68.49 -11.72
N GLU B 9 -46.28 -69.04 -11.26
CA GLU B 9 -45.36 -69.83 -12.05
C GLU B 9 -44.54 -70.68 -11.08
N HIS B 10 -43.74 -71.63 -11.54
CA HIS B 10 -42.91 -72.42 -10.64
C HIS B 10 -41.45 -72.14 -10.96
N PRO B 11 -40.61 -72.03 -9.93
CA PRO B 11 -39.20 -71.67 -10.19
C PRO B 11 -38.37 -72.86 -10.71
N SER B 12 -37.29 -72.54 -11.39
CA SER B 12 -36.40 -73.58 -11.95
C SER B 12 -35.37 -74.00 -10.91
N GLU B 13 -34.75 -75.16 -11.03
CA GLU B 13 -33.68 -75.54 -10.09
C GLU B 13 -32.44 -74.70 -10.34
N LYS B 14 -31.70 -74.37 -9.29
CA LYS B 14 -30.56 -73.48 -9.47
C LYS B 14 -29.28 -74.17 -10.00
N GLN B 15 -28.86 -75.27 -9.35
CA GLN B 15 -27.64 -76.00 -9.73
C GLN B 15 -26.47 -75.02 -9.98
N PRO B 16 -26.05 -74.24 -8.96
CA PRO B 16 -25.00 -73.26 -9.26
C PRO B 16 -23.64 -73.85 -9.58
N SER B 17 -22.90 -73.16 -10.43
CA SER B 17 -21.53 -73.54 -10.84
C SER B 17 -20.88 -72.29 -11.43
N GLY B 18 -19.56 -72.21 -11.44
CA GLY B 18 -18.91 -71.06 -12.06
C GLY B 18 -18.75 -69.87 -11.15
N ALA B 19 -18.59 -70.12 -9.85
CA ALA B 19 -18.39 -69.05 -8.88
C ALA B 19 -17.12 -68.24 -9.19
N GLU B 20 -17.14 -66.99 -8.80
CA GLU B 20 -16.06 -66.01 -9.02
C GLU B 20 -14.79 -66.40 -8.22
N SER B 21 -13.66 -65.89 -8.66
CA SER B 21 -12.37 -66.15 -8.02
C SER B 21 -11.66 -64.81 -7.97
N GLY B 22 -10.84 -64.63 -6.96
CA GLY B 22 -10.14 -63.35 -6.77
C GLY B 22 -8.92 -63.16 -7.66
N THR B 23 -8.25 -62.03 -7.48
CA THR B 23 -7.08 -61.63 -8.24
C THR B 23 -5.94 -61.33 -7.27
N LEU B 24 -4.73 -61.79 -7.59
CA LEU B 24 -3.56 -61.59 -6.73
C LEU B 24 -3.29 -60.11 -6.52
N ALA B 25 -3.06 -59.73 -5.28
CA ALA B 25 -2.79 -58.32 -4.92
C ALA B 25 -1.44 -57.83 -5.52
N ARG B 26 -1.39 -56.56 -5.90
CA ARG B 26 -0.20 -55.93 -6.45
C ARG B 26 0.74 -55.62 -5.26
N ALA B 27 2.04 -55.79 -5.51
CA ALA B 27 3.10 -55.60 -4.48
C ALA B 27 3.97 -54.36 -4.69
N SER B 28 3.52 -53.41 -5.51
CA SER B 28 4.35 -52.22 -5.79
C SER B 28 4.75 -51.50 -4.50
N LEU B 29 5.99 -51.00 -4.47
CA LEU B 29 6.52 -50.29 -3.29
C LEU B 29 6.30 -48.79 -3.38
N ALA B 30 6.27 -48.16 -2.21
CA ALA B 30 6.10 -46.72 -2.07
C ALA B 30 7.32 -45.94 -2.56
N LEU B 31 7.11 -44.69 -2.94
CA LEU B 31 8.17 -43.80 -3.43
C LEU B 31 8.63 -42.94 -2.25
N PRO B 32 9.91 -42.51 -2.23
CA PRO B 32 10.29 -41.72 -1.05
C PRO B 32 9.70 -40.29 -1.03
N THR B 33 9.55 -39.78 0.20
CA THR B 33 8.96 -38.47 0.51
C THR B 33 10.05 -37.38 0.58
N SER B 34 11.25 -37.75 0.18
CA SER B 34 12.43 -36.87 0.27
C SER B 34 12.44 -35.53 -0.43
N SER B 35 11.54 -35.24 -1.34
CA SER B 35 11.57 -33.95 -2.02
C SER B 35 11.21 -32.78 -1.11
N LEU B 36 12.04 -31.71 -1.17
CA LEU B 36 11.84 -30.50 -0.36
C LEU B 36 12.03 -29.25 -1.22
N SER B 37 11.23 -28.20 -1.03
CA SER B 37 11.42 -26.98 -1.85
C SER B 37 12.51 -26.10 -1.19
N ARG B 38 13.63 -25.96 -1.85
CA ARG B 38 14.77 -25.17 -1.29
C ARG B 38 14.84 -23.72 -1.80
N THR B 39 14.15 -23.45 -2.91
CA THR B 39 14.04 -22.12 -3.52
C THR B 39 15.38 -21.37 -3.60
N ALA B 40 16.36 -22.02 -4.23
CA ALA B 40 17.71 -21.46 -4.39
C ALA B 40 17.72 -20.29 -5.41
N SER B 41 16.63 -20.16 -6.14
CA SER B 41 16.52 -19.12 -7.15
C SER B 41 16.27 -17.76 -6.52
N GLN B 42 15.92 -17.70 -5.24
CA GLN B 42 15.69 -16.44 -4.55
C GLN B 42 17.00 -15.83 -4.03
N SER B 43 18.01 -15.90 -4.89
CA SER B 43 19.35 -15.32 -4.63
C SER B 43 19.20 -13.80 -4.75
N SER B 44 20.21 -13.05 -4.31
CA SER B 44 20.15 -11.58 -4.39
C SER B 44 19.89 -11.15 -5.85
N SER B 45 18.89 -10.33 -6.05
CA SER B 45 18.45 -9.89 -7.38
C SER B 45 17.67 -8.59 -7.32
N HIS B 46 17.46 -7.98 -8.48
CA HIS B 46 16.66 -6.76 -8.61
C HIS B 46 15.18 -7.00 -8.31
N ARG B 47 14.78 -8.27 -8.19
CA ARG B 47 13.39 -8.68 -7.89
C ARG B 47 12.76 -8.08 -6.62
N GLY B 48 13.47 -7.40 -5.76
CA GLY B 48 12.84 -6.86 -4.56
C GLY B 48 11.64 -5.94 -4.83
N TRP B 49 11.57 -5.22 -5.95
CA TRP B 49 10.37 -4.39 -6.19
C TRP B 49 9.23 -5.24 -6.74
N GLU B 50 9.59 -6.32 -7.41
CA GLU B 50 8.60 -7.29 -7.94
C GLU B 50 7.89 -7.91 -6.76
N ILE B 51 8.62 -8.13 -5.68
CA ILE B 51 8.06 -8.71 -4.47
C ILE B 51 6.96 -7.81 -3.95
N LEU B 52 7.19 -6.51 -3.94
CA LEU B 52 6.18 -5.61 -3.39
C LEU B 52 4.97 -5.45 -4.30
N ARG B 53 5.21 -5.52 -5.60
CA ARG B 53 4.10 -5.39 -6.55
C ARG B 53 3.23 -6.64 -6.51
N GLN B 54 3.82 -7.82 -6.36
CA GLN B 54 3.04 -9.03 -6.34
C GLN B 54 2.45 -9.43 -4.98
N ASN B 55 3.11 -9.14 -3.85
CA ASN B 55 2.56 -9.62 -2.58
C ASN B 55 1.26 -8.87 -2.23
N THR B 56 1.11 -7.70 -2.75
CA THR B 56 -0.06 -6.92 -2.43
C THR B 56 -1.21 -7.23 -3.38
N LEU B 57 -0.91 -7.72 -4.57
CA LEU B 57 -1.98 -8.04 -5.53
C LEU B 57 -2.78 -9.25 -5.06
N GLY B 58 -2.12 -10.17 -4.35
CA GLY B 58 -2.82 -11.29 -3.75
C GLY B 58 -3.31 -12.29 -4.80
N HIS B 59 -2.67 -12.29 -5.98
CA HIS B 59 -3.12 -13.11 -7.10
C HIS B 59 -2.61 -14.55 -7.00
N LEU B 60 -1.35 -14.81 -7.36
CA LEU B 60 -0.82 -16.18 -7.33
C LEU B 60 0.68 -16.21 -7.09
N ASN B 61 1.13 -17.09 -6.22
CA ASN B 61 2.58 -17.32 -6.05
C ASN B 61 2.73 -18.79 -5.76
N LEU B 62 3.90 -19.34 -6.10
CA LEU B 62 4.18 -20.75 -5.93
C LEU B 62 5.68 -20.96 -6.11
N GLY B 63 6.32 -21.74 -5.21
CA GLY B 63 7.74 -22.01 -5.39
C GLY B 63 7.98 -22.90 -6.62
N LEU B 64 9.00 -22.58 -7.37
CA LEU B 64 9.33 -23.30 -8.63
C LEU B 64 10.59 -24.13 -8.45
N ASN B 65 11.59 -23.54 -7.80
CA ASN B 65 12.90 -24.17 -7.60
C ASN B 65 12.94 -25.11 -6.39
N LEU B 66 12.84 -26.40 -6.67
CA LEU B 66 12.85 -27.46 -5.64
C LEU B 66 14.32 -27.74 -5.25
N SER B 67 15.20 -27.74 -6.26
CA SER B 67 16.66 -27.97 -6.07
C SER B 67 17.04 -29.32 -5.44
N GLU B 68 16.53 -30.40 -6.00
CA GLU B 68 16.87 -31.75 -5.52
C GLU B 68 18.38 -32.05 -5.74
N GLY B 69 18.98 -32.82 -4.83
CA GLY B 69 20.37 -33.25 -4.99
C GLY B 69 20.63 -34.49 -4.13
N ASP B 70 21.73 -35.18 -4.34
CA ASP B 70 21.94 -36.49 -3.67
C ASP B 70 22.64 -36.42 -2.31
N GLY B 71 23.31 -35.32 -2.03
CA GLY B 71 24.04 -35.18 -0.78
C GLY B 71 25.33 -35.94 -0.87
N GLU B 72 26.13 -36.00 0.19
CA GLU B 72 27.39 -36.78 0.16
C GLU B 72 27.76 -37.17 1.59
N GLU B 73 28.36 -38.35 1.71
CA GLU B 73 28.82 -38.91 3.01
C GLU B 73 29.95 -38.07 3.58
CA CA C . 8.61 4.71 6.89
CA CA D . 13.20 9.27 -6.40
N SER A 1 -5.33 17.16 13.96
CA SER A 1 -5.77 17.04 12.56
C SER A 1 -5.27 15.77 11.95
N MET A 2 -6.02 15.22 11.01
CA MET A 2 -5.68 13.95 10.35
C MET A 2 -5.03 14.21 9.00
N ALA A 3 -4.70 15.46 8.74
CA ALA A 3 -4.10 15.90 7.49
C ALA A 3 -2.73 15.31 7.23
N ASP A 4 -2.00 14.95 8.27
CA ASP A 4 -0.66 14.35 8.12
C ASP A 4 -0.67 12.96 7.53
N GLN A 5 -1.84 12.37 7.44
CA GLN A 5 -1.98 11.01 6.87
C GLN A 5 -1.80 11.13 5.36
N LEU A 6 -1.94 12.34 4.85
CA LEU A 6 -1.67 12.64 3.45
C LEU A 6 -0.30 13.34 3.39
N THR A 7 0.46 13.15 2.30
CA THR A 7 1.78 13.77 2.23
C THR A 7 1.53 15.26 2.08
N GLU A 8 2.48 16.07 2.51
CA GLU A 8 2.37 17.56 2.36
C GLU A 8 2.26 17.92 0.87
N GLU A 9 2.93 17.13 0.05
CA GLU A 9 2.92 17.31 -1.40
C GLU A 9 1.54 17.13 -2.04
N GLN A 10 0.79 16.10 -1.65
CA GLN A 10 -0.51 15.85 -2.27
C GLN A 10 -1.62 16.73 -1.72
N ILE A 11 -1.55 17.09 -0.44
CA ILE A 11 -2.63 17.85 0.16
C ILE A 11 -2.62 19.25 -0.47
N ALA A 12 -1.44 19.73 -0.84
CA ALA A 12 -1.29 21.07 -1.36
C ALA A 12 -1.91 21.17 -2.76
N GLU A 13 -1.93 20.06 -3.50
CA GLU A 13 -2.46 20.12 -4.86
C GLU A 13 -3.93 20.47 -4.93
N PHE A 14 -4.76 19.85 -4.10
CA PHE A 14 -6.19 20.10 -4.16
C PHE A 14 -6.65 21.23 -3.25
N LYS A 15 -5.86 21.54 -2.22
CA LYS A 15 -6.28 22.55 -1.27
C LYS A 15 -6.29 23.92 -1.93
N GLU A 16 -5.30 24.18 -2.77
CA GLU A 16 -5.22 25.47 -3.43
C GLU A 16 -6.40 25.71 -4.35
N ALA A 17 -6.86 24.67 -5.03
CA ALA A 17 -7.98 24.76 -5.94
C ALA A 17 -9.26 25.00 -5.18
N PHE A 18 -9.40 24.39 -4.01
CA PHE A 18 -10.61 24.54 -3.21
C PHE A 18 -10.66 25.95 -2.62
N SER A 19 -9.50 26.42 -2.18
CA SER A 19 -9.44 27.74 -1.54
C SER A 19 -9.75 28.85 -2.56
N LEU A 20 -9.61 28.57 -3.85
CA LEU A 20 -9.91 29.55 -4.88
C LEU A 20 -11.41 29.96 -4.80
N PHE A 21 -12.27 29.01 -4.50
CA PHE A 21 -13.70 29.32 -4.36
C PHE A 21 -13.96 30.15 -3.11
N ASP A 22 -13.22 29.89 -2.05
CA ASP A 22 -13.35 30.60 -0.78
C ASP A 22 -12.27 31.68 -0.67
N LYS A 23 -12.13 32.50 -1.68
CA LYS A 23 -11.03 33.52 -1.65
C LYS A 23 -11.29 34.53 -0.53
N ASP A 24 -12.57 34.74 -0.24
CA ASP A 24 -13.01 35.63 0.86
C ASP A 24 -12.71 35.07 2.25
N GLY A 25 -12.52 33.76 2.39
CA GLY A 25 -12.14 33.17 3.68
C GLY A 25 -13.26 32.97 4.69
N ASP A 26 -14.50 32.93 4.24
CA ASP A 26 -15.64 32.68 5.15
C ASP A 26 -15.53 31.26 5.67
N GLY A 27 -14.89 30.42 4.88
CA GLY A 27 -14.72 29.03 5.20
C GLY A 27 -15.92 28.21 4.75
N THR A 28 -16.79 28.77 3.93
CA THR A 28 -17.95 28.04 3.44
C THR A 28 -18.15 28.16 1.94
N ILE A 29 -18.65 27.07 1.32
CA ILE A 29 -19.07 27.04 -0.10
C ILE A 29 -20.42 26.31 -0.12
N THR A 30 -21.20 26.48 -1.17
CA THR A 30 -22.48 25.81 -1.25
C THR A 30 -22.29 24.42 -1.84
N THR A 31 -23.27 23.54 -1.73
CA THR A 31 -23.14 22.18 -2.26
C THR A 31 -23.06 22.21 -3.78
N LYS A 32 -23.65 23.21 -4.39
CA LYS A 32 -23.55 23.36 -5.84
C LYS A 32 -22.08 23.50 -6.24
N GLN A 33 -21.33 24.29 -5.46
CA GLN A 33 -19.93 24.55 -5.77
C GLN A 33 -19.08 23.33 -5.48
N LEU A 34 -19.54 22.42 -4.63
CA LEU A 34 -18.79 21.19 -4.39
C LEU A 34 -18.76 20.41 -5.70
N GLY A 35 -19.84 20.40 -6.46
CA GLY A 35 -19.81 19.72 -7.75
C GLY A 35 -18.83 20.41 -8.66
N THR A 36 -18.79 21.73 -8.60
CA THR A 36 -17.91 22.53 -9.45
C THR A 36 -16.43 22.31 -9.12
N VAL A 37 -16.09 22.26 -7.84
CA VAL A 37 -14.67 22.07 -7.48
C VAL A 37 -14.22 20.67 -7.88
N MET A 38 -15.10 19.67 -7.82
CA MET A 38 -14.72 18.29 -8.18
C MET A 38 -14.46 18.23 -9.68
N ARG A 39 -15.19 19.05 -10.41
CA ARG A 39 -15.00 19.13 -11.85
C ARG A 39 -13.70 19.86 -12.19
N SER A 40 -13.38 20.86 -11.41
CA SER A 40 -12.17 21.69 -11.63
C SER A 40 -10.93 20.95 -11.26
N LEU A 41 -11.06 19.93 -10.42
CA LEU A 41 -9.91 19.11 -9.99
C LEU A 41 -9.48 18.15 -11.08
N GLY A 42 -10.24 18.05 -12.17
CA GLY A 42 -9.89 17.13 -13.23
C GLY A 42 -10.77 15.90 -13.24
N GLN A 43 -10.19 14.73 -13.46
CA GLN A 43 -10.97 13.48 -13.47
C GLN A 43 -11.71 13.34 -12.14
N ASN A 44 -12.97 12.95 -12.22
CA ASN A 44 -13.86 12.93 -11.04
C ASN A 44 -14.72 11.67 -11.04
N PRO A 45 -15.34 11.33 -9.89
CA PRO A 45 -16.18 10.14 -9.81
C PRO A 45 -17.48 10.28 -10.57
N THR A 46 -18.22 9.20 -10.68
CA THR A 46 -19.44 9.18 -11.47
C THR A 46 -20.50 10.08 -10.86
N GLU A 47 -21.49 10.48 -11.66
CA GLU A 47 -22.50 11.44 -11.18
C GLU A 47 -23.28 10.92 -10.00
N ALA A 48 -23.58 9.64 -9.98
CA ALA A 48 -24.30 9.10 -8.82
C ALA A 48 -23.43 9.19 -7.57
N GLU A 49 -22.11 8.98 -7.71
CA GLU A 49 -21.18 9.07 -6.58
C GLU A 49 -20.99 10.54 -6.15
N LEU A 50 -21.04 11.44 -7.12
CA LEU A 50 -20.85 12.87 -6.88
C LEU A 50 -22.04 13.47 -6.18
N GLN A 51 -23.24 13.06 -6.60
CA GLN A 51 -24.44 13.54 -5.94
C GLN A 51 -24.47 12.95 -4.54
N ASP A 52 -24.00 11.73 -4.40
CA ASP A 52 -23.98 11.11 -3.07
C ASP A 52 -23.10 11.95 -2.14
N MET A 53 -21.96 12.39 -2.69
CA MET A 53 -21.02 13.14 -1.87
C MET A 53 -21.53 14.52 -1.45
N ILE A 54 -22.22 15.26 -2.33
CA ILE A 54 -22.69 16.61 -1.93
C ILE A 54 -23.82 16.50 -0.92
N ASN A 55 -24.50 15.37 -0.90
CA ASN A 55 -25.57 15.14 0.06
C ASN A 55 -25.04 14.59 1.37
N GLU A 56 -23.95 13.86 1.28
CA GLU A 56 -23.30 13.22 2.45
C GLU A 56 -22.81 14.30 3.41
N VAL A 57 -22.30 15.37 2.84
CA VAL A 57 -21.76 16.47 3.61
C VAL A 57 -22.92 17.38 4.11
N ASP A 58 -24.01 17.42 3.36
CA ASP A 58 -25.15 18.29 3.68
C ASP A 58 -26.21 17.65 4.57
N ALA A 59 -25.79 16.94 5.61
CA ALA A 59 -26.73 16.27 6.50
C ALA A 59 -27.68 17.28 7.20
N ASP A 60 -27.16 18.46 7.50
CA ASP A 60 -27.93 19.53 8.13
C ASP A 60 -28.98 20.09 7.19
N GLY A 61 -28.75 19.97 5.90
CA GLY A 61 -29.67 20.50 4.91
C GLY A 61 -29.48 21.99 4.70
N ASN A 62 -28.43 22.54 5.25
CA ASN A 62 -28.15 23.99 5.14
C ASN A 62 -27.74 24.34 3.70
N GLY A 63 -27.22 23.38 2.98
CA GLY A 63 -26.77 23.59 1.60
C GLY A 63 -25.39 24.20 1.57
N THR A 64 -24.71 24.20 2.70
CA THR A 64 -23.35 24.74 2.84
C THR A 64 -22.40 23.66 3.35
N ILE A 65 -21.12 23.89 3.12
CA ILE A 65 -20.08 22.95 3.44
C ILE A 65 -18.93 23.65 4.20
N ASP A 66 -18.54 23.06 5.32
CA ASP A 66 -17.46 23.61 6.13
C ASP A 66 -16.11 23.38 5.45
N PHE A 67 -15.18 24.32 5.55
CA PHE A 67 -13.88 24.23 4.84
C PHE A 67 -13.03 22.97 5.14
N PRO A 68 -12.81 22.61 6.43
CA PRO A 68 -11.92 21.45 6.56
C PRO A 68 -12.58 20.14 6.22
N GLN A 69 -13.91 20.12 6.10
CA GLN A 69 -14.63 18.89 5.80
C GLN A 69 -14.26 18.35 4.41
N PHE A 70 -13.98 19.25 3.48
CA PHE A 70 -13.56 18.83 2.14
C PHE A 70 -12.30 18.00 2.18
N LEU A 71 -11.37 18.31 3.08
CA LEU A 71 -10.07 17.65 3.09
C LEU A 71 -10.19 16.14 3.38
N THR A 72 -11.08 15.76 4.28
CA THR A 72 -11.23 14.35 4.62
C THR A 72 -12.04 13.63 3.57
N MET A 73 -12.94 14.33 2.91
CA MET A 73 -13.77 13.70 1.90
C MET A 73 -12.99 13.50 0.59
N MET A 74 -12.12 14.45 0.28
CA MET A 74 -11.34 14.39 -0.95
C MET A 74 -10.24 13.34 -0.90
N ALA A 75 -9.74 13.04 0.29
CA ALA A 75 -8.62 12.13 0.43
C ALA A 75 -8.84 10.79 -0.22
N ARG A 76 -10.03 10.21 -0.12
CA ARG A 76 -10.27 8.88 -0.74
C ARG A 76 -10.35 8.98 -2.26
N LYS A 77 -10.92 10.07 -2.75
CA LYS A 77 -11.03 10.32 -4.19
C LYS A 77 -9.70 10.75 -4.81
N MET A 78 -8.76 11.22 -4.01
CA MET A 78 -7.53 11.80 -4.52
C MET A 78 -6.73 10.79 -5.35
N LYS A 79 -6.64 9.55 -4.88
CA LYS A 79 -5.98 8.52 -5.65
C LYS A 79 -6.92 7.59 -6.40
N ASP A 80 -8.17 7.46 -5.95
CA ASP A 80 -9.13 6.57 -6.60
C ASP A 80 -9.74 7.20 -7.86
N THR A 81 -9.15 6.92 -9.02
CA THR A 81 -9.67 7.48 -10.28
C THR A 81 -9.78 6.39 -11.34
N ASP A 82 -8.87 5.43 -11.29
CA ASP A 82 -8.73 4.37 -12.27
C ASP A 82 -8.39 3.06 -11.52
N SER A 83 -8.05 1.99 -12.22
CA SER A 83 -7.69 0.70 -11.65
C SER A 83 -6.42 0.79 -10.76
N GLU A 84 -5.77 1.94 -10.85
CA GLU A 84 -4.59 2.28 -10.08
C GLU A 84 -4.87 2.31 -8.57
N GLU A 85 -6.15 2.35 -8.23
CA GLU A 85 -6.58 2.39 -6.82
C GLU A 85 -6.10 1.15 -6.04
N GLU A 86 -5.82 0.06 -6.73
CA GLU A 86 -5.34 -1.17 -6.10
C GLU A 86 -4.00 -0.92 -5.40
N ILE A 87 -3.16 -0.07 -6.00
CA ILE A 87 -1.82 0.24 -5.49
C ILE A 87 -1.93 0.96 -4.13
N ARG A 88 -3.05 1.58 -3.83
CA ARG A 88 -3.15 2.33 -2.56
C ARG A 88 -2.99 1.42 -1.39
N GLU A 89 -3.53 0.22 -1.45
CA GLU A 89 -3.36 -0.66 -0.33
C GLU A 89 -1.90 -1.12 -0.25
N ALA A 90 -1.29 -1.41 -1.39
CA ALA A 90 0.07 -1.95 -1.45
C ALA A 90 1.08 -1.01 -0.79
N PHE A 91 0.91 0.30 -0.96
CA PHE A 91 1.88 1.24 -0.39
C PHE A 91 1.66 1.40 1.10
N ARG A 92 0.39 1.50 1.51
CA ARG A 92 0.04 1.76 2.92
C ARG A 92 0.35 0.62 3.87
N VAL A 93 0.30 -0.62 3.41
CA VAL A 93 0.58 -1.77 4.30
C VAL A 93 2.02 -1.78 4.80
N PHE A 94 3.02 -1.50 3.95
CA PHE A 94 4.40 -1.57 4.41
C PHE A 94 4.95 -0.32 5.02
N ASP A 95 4.35 0.84 4.69
CA ASP A 95 4.90 2.09 5.18
C ASP A 95 4.33 2.41 6.55
N LYS A 96 4.94 1.83 7.57
CA LYS A 96 4.45 1.93 8.95
C LYS A 96 4.55 3.32 9.56
N ASP A 97 5.62 4.04 9.26
CA ASP A 97 5.81 5.35 9.88
C ASP A 97 5.06 6.54 9.24
N GLY A 98 4.60 6.39 8.01
CA GLY A 98 3.80 7.42 7.39
C GLY A 98 4.58 8.64 6.93
N ASN A 99 5.86 8.47 6.69
CA ASN A 99 6.77 9.58 6.35
C ASN A 99 6.69 10.03 4.89
N GLY A 100 5.93 9.38 4.04
CA GLY A 100 5.82 9.78 2.65
C GLY A 100 6.87 9.28 1.68
N TYR A 101 7.84 8.48 2.14
CA TYR A 101 8.85 7.96 1.21
C TYR A 101 9.35 6.58 1.68
N ILE A 102 9.96 5.84 0.75
CA ILE A 102 10.46 4.49 1.04
C ILE A 102 11.98 4.53 1.35
N SER A 103 12.32 3.97 2.50
CA SER A 103 13.73 3.80 2.93
C SER A 103 13.97 2.29 2.87
N ALA A 104 15.22 1.86 3.02
CA ALA A 104 15.50 0.40 3.00
C ALA A 104 14.73 -0.25 4.15
N ALA A 105 14.58 0.48 5.24
CA ALA A 105 13.86 -0.03 6.41
C ALA A 105 12.40 -0.35 6.12
N GLU A 106 11.75 0.42 5.28
CA GLU A 106 10.33 0.21 4.95
C GLU A 106 10.14 -1.12 4.16
N LEU A 107 11.12 -1.47 3.35
CA LEU A 107 11.03 -2.68 2.52
C LEU A 107 11.32 -3.93 3.35
N ARG A 108 12.17 -3.78 4.35
CA ARG A 108 12.59 -4.88 5.21
C ARG A 108 11.40 -5.48 5.91
N HIS A 109 10.44 -4.63 6.23
CA HIS A 109 9.21 -5.06 6.89
C HIS A 109 8.39 -6.12 6.13
N VAL A 110 8.30 -6.05 4.82
CA VAL A 110 7.48 -7.02 4.08
C VAL A 110 8.20 -8.31 3.87
N MET A 111 9.45 -8.18 3.47
CA MET A 111 10.18 -9.34 3.04
C MET A 111 10.54 -10.24 4.21
N THR A 112 10.80 -9.67 5.38
CA THR A 112 11.12 -10.54 6.51
C THR A 112 9.88 -11.30 6.99
N ASN A 113 8.68 -10.76 6.74
CA ASN A 113 7.45 -11.43 7.15
C ASN A 113 7.12 -12.63 6.25
N LEU A 114 7.60 -12.57 5.02
CA LEU A 114 7.38 -13.63 4.04
C LEU A 114 8.47 -14.69 4.14
N GLY A 115 9.45 -14.47 5.02
CA GLY A 115 10.53 -15.44 5.16
C GLY A 115 11.51 -15.31 4.04
N GLU A 116 11.59 -14.12 3.46
CA GLU A 116 12.51 -13.81 2.38
C GLU A 116 13.70 -13.10 2.98
N LYS A 117 14.90 -13.41 2.50
CA LYS A 117 16.09 -12.79 3.08
C LYS A 117 17.04 -12.30 2.01
N LEU A 118 16.88 -11.04 1.64
CA LEU A 118 17.72 -10.42 0.63
C LEU A 118 18.99 -9.93 1.32
N THR A 119 20.04 -9.71 0.57
CA THR A 119 21.28 -9.18 1.09
C THR A 119 21.02 -7.73 1.56
N ASP A 120 21.64 -7.30 2.63
CA ASP A 120 21.46 -5.95 3.16
C ASP A 120 21.83 -4.92 2.08
N GLU A 121 22.85 -5.22 1.28
CA GLU A 121 23.24 -4.33 0.17
C GLU A 121 22.20 -4.36 -0.94
N GLU A 122 21.58 -5.51 -1.15
CA GLU A 122 20.54 -5.62 -2.18
C GLU A 122 19.37 -4.71 -1.88
N VAL A 123 18.96 -4.61 -0.62
CA VAL A 123 17.80 -3.80 -0.27
C VAL A 123 18.18 -2.33 -0.49
N ASP A 124 19.43 -2.01 -0.18
CA ASP A 124 19.95 -0.65 -0.32
C ASP A 124 19.94 -0.22 -1.80
N GLU A 125 20.28 -1.15 -2.68
CA GLU A 125 20.30 -0.92 -4.13
C GLU A 125 18.92 -0.80 -4.72
N MET A 126 17.87 -1.30 -4.06
CA MET A 126 16.51 -1.23 -4.64
C MET A 126 16.07 0.21 -4.82
N ILE A 127 16.50 1.09 -3.93
CA ILE A 127 16.07 2.49 -3.98
C ILE A 127 16.73 3.16 -5.18
N ARG A 128 18.00 2.85 -5.37
CA ARG A 128 18.77 3.41 -6.48
C ARG A 128 18.27 2.89 -7.79
N GLU A 129 17.83 1.64 -7.79
CA GLU A 129 17.33 0.99 -9.01
C GLU A 129 16.01 1.60 -9.45
N ALA A 130 15.18 1.95 -8.48
CA ALA A 130 13.87 2.54 -8.77
C ALA A 130 13.96 3.97 -9.36
N ASP A 131 14.88 4.76 -8.83
CA ASP A 131 15.05 6.12 -9.35
C ASP A 131 15.80 6.16 -10.63
N ILE A 132 15.18 6.77 -11.65
CA ILE A 132 15.89 7.06 -12.89
C ILE A 132 16.36 8.53 -12.77
N ASP A 133 15.78 9.24 -11.81
CA ASP A 133 16.09 10.65 -11.55
C ASP A 133 17.36 10.85 -10.71
N GLY A 134 17.74 9.82 -9.95
CA GLY A 134 18.95 9.88 -9.12
C GLY A 134 18.81 10.66 -7.84
N ASP A 135 17.61 11.00 -7.40
CA ASP A 135 17.43 11.81 -6.20
C ASP A 135 17.58 11.00 -4.89
N GLY A 136 17.50 9.67 -4.96
CA GLY A 136 17.71 8.82 -3.80
C GLY A 136 16.51 8.56 -2.91
N GLN A 137 15.33 9.00 -3.30
CA GLN A 137 14.12 8.77 -2.50
C GLN A 137 13.00 8.26 -3.41
N VAL A 138 12.20 7.35 -2.93
CA VAL A 138 11.11 6.81 -3.73
C VAL A 138 9.80 7.20 -3.11
N ASN A 139 8.94 7.88 -3.91
CA ASN A 139 7.60 8.31 -3.46
C ASN A 139 6.50 7.42 -4.06
N TYR A 140 5.27 7.72 -3.71
CA TYR A 140 4.12 6.91 -4.17
C TYR A 140 3.99 6.76 -5.66
N GLU A 141 4.09 7.84 -6.43
CA GLU A 141 3.91 7.72 -7.89
C GLU A 141 4.97 6.80 -8.46
N GLU A 142 6.18 6.87 -7.95
CA GLU A 142 7.27 6.06 -8.49
C GLU A 142 7.04 4.58 -8.20
N PHE A 143 6.34 4.30 -7.12
CA PHE A 143 6.01 2.92 -6.76
C PHE A 143 4.99 2.39 -7.78
N VAL A 144 4.04 3.24 -8.18
CA VAL A 144 3.02 2.86 -9.17
C VAL A 144 3.63 2.61 -10.58
N GLN A 145 4.58 3.46 -10.99
CA GLN A 145 5.15 3.36 -12.34
C GLN A 145 5.83 2.06 -12.62
N MET A 146 6.48 1.49 -11.63
CA MET A 146 7.20 0.23 -11.85
C MET A 146 6.26 -0.94 -12.14
N MET A 147 5.05 -0.89 -11.63
CA MET A 147 4.12 -2.01 -11.85
C MET A 147 3.20 -1.88 -13.09
N THR A 148 2.87 -0.68 -13.48
CA THR A 148 1.91 -0.52 -14.61
C THR A 148 2.56 -0.90 -15.96
N ALA A 149 3.87 -0.78 -16.03
CA ALA A 149 4.61 -1.16 -17.22
C ALA A 149 4.67 -2.68 -17.38
N LYS A 150 4.72 -3.16 -18.62
CA LYS A 150 4.95 -4.57 -18.90
C LYS A 150 6.46 -4.76 -18.92
N GLY B 1 20.45 6.97 88.06
CA GLY B 1 20.38 7.30 86.65
C GLY B 1 21.09 6.27 85.79
N ALA B 2 20.98 6.44 84.47
CA ALA B 2 21.62 5.54 83.53
C ALA B 2 21.88 6.28 82.24
N ASP B 3 22.88 5.84 81.48
CA ASP B 3 23.15 6.45 80.19
C ASP B 3 22.32 5.75 79.16
N LYS B 4 21.65 6.48 78.27
CA LYS B 4 20.79 5.83 77.26
C LYS B 4 21.73 5.25 76.21
N GLU B 5 21.79 3.93 76.12
CA GLU B 5 22.70 3.26 75.19
C GLU B 5 21.99 2.15 74.46
N ASP B 6 22.60 1.67 73.38
CA ASP B 6 22.07 0.57 72.59
C ASP B 6 23.13 -0.49 72.35
N ASP B 7 22.70 -1.73 72.20
CA ASP B 7 23.59 -2.87 71.98
C ASP B 7 23.24 -3.56 70.66
N GLN B 8 23.02 -2.78 69.60
CA GLN B 8 22.63 -3.31 68.29
C GLN B 8 23.50 -2.73 67.20
N GLU B 9 24.34 -3.56 66.57
CA GLU B 9 25.24 -3.10 65.50
C GLU B 9 25.60 -4.26 64.61
N HIS B 10 25.92 -3.99 63.35
CA HIS B 10 26.26 -5.02 62.34
C HIS B 10 27.11 -4.37 61.22
N PRO B 11 28.24 -5.01 60.81
CA PRO B 11 28.99 -4.36 59.71
C PRO B 11 28.32 -4.47 58.36
N SER B 12 27.44 -5.46 58.20
CA SER B 12 26.70 -5.72 56.97
C SER B 12 27.59 -5.81 55.70
N GLU B 13 28.68 -6.60 55.75
CA GLU B 13 29.56 -6.76 54.60
C GLU B 13 28.77 -7.44 53.46
N LYS B 14 29.01 -7.08 52.20
CA LYS B 14 28.23 -7.61 51.06
C LYS B 14 29.01 -8.70 50.27
N GLN B 15 30.31 -8.49 50.07
CA GLN B 15 31.18 -9.47 49.38
C GLN B 15 30.62 -9.91 48.01
N PRO B 16 30.52 -8.96 47.03
CA PRO B 16 29.94 -9.34 45.74
C PRO B 16 30.84 -10.27 44.90
N SER B 17 30.22 -11.09 44.04
CA SER B 17 30.94 -11.97 43.12
C SER B 17 30.68 -11.55 41.66
N GLY B 18 29.55 -10.88 41.42
CA GLY B 18 29.18 -10.51 40.06
C GLY B 18 28.73 -11.67 39.19
N ALA B 19 28.35 -12.75 39.83
CA ALA B 19 27.97 -13.96 39.14
C ALA B 19 26.73 -13.78 38.29
N GLU B 20 26.67 -14.51 37.21
CA GLU B 20 25.58 -14.52 36.25
C GLU B 20 25.63 -15.86 35.49
N SER B 21 24.53 -16.22 34.89
CA SER B 21 24.45 -17.44 34.05
C SER B 21 24.83 -17.09 32.62
N GLY B 22 26.14 -17.01 32.37
CA GLY B 22 26.66 -16.58 31.08
C GLY B 22 27.25 -17.66 30.22
N THR B 23 26.75 -18.88 30.32
CA THR B 23 27.26 -20.00 29.52
C THR B 23 26.95 -19.78 28.04
N LEU B 24 27.81 -20.32 27.17
CA LEU B 24 27.64 -20.17 25.75
C LEU B 24 27.25 -21.48 25.10
N ALA B 25 26.32 -21.40 24.15
CA ALA B 25 25.90 -22.57 23.38
C ALA B 25 26.99 -22.85 22.34
N ARG B 26 27.16 -24.09 21.89
CA ARG B 26 28.10 -24.37 20.82
C ARG B 26 27.61 -23.70 19.56
N ALA B 27 28.51 -23.16 18.77
CA ALA B 27 28.15 -22.42 17.56
C ALA B 27 27.52 -23.37 16.55
N SER B 28 28.03 -24.59 16.45
CA SER B 28 27.54 -25.63 15.51
C SER B 28 27.44 -25.07 14.10
N LEU B 29 28.45 -24.34 13.67
CA LEU B 29 28.40 -23.67 12.36
C LEU B 29 28.30 -24.69 11.22
N ALA B 30 27.39 -24.44 10.28
CA ALA B 30 27.19 -25.34 9.15
C ALA B 30 26.52 -24.61 8.03
N LEU B 31 26.61 -25.18 6.83
CA LEU B 31 25.96 -24.64 5.63
C LEU B 31 25.14 -25.77 5.07
N PRO B 32 23.93 -25.99 5.60
CA PRO B 32 23.14 -27.12 5.08
C PRO B 32 22.59 -26.89 3.68
N THR B 33 22.40 -27.98 2.94
CA THR B 33 21.88 -27.92 1.57
C THR B 33 20.34 -27.92 1.53
N SER B 34 19.74 -28.26 2.66
CA SER B 34 18.28 -28.32 2.77
C SER B 34 17.72 -26.92 3.02
N SER B 35 18.60 -25.96 3.31
CA SER B 35 18.22 -24.57 3.58
C SER B 35 17.78 -23.79 2.36
N LEU B 36 17.06 -22.69 2.60
CA LEU B 36 16.50 -21.84 1.56
C LEU B 36 16.99 -20.40 1.73
N SER B 37 16.80 -19.60 0.68
CA SER B 37 17.18 -18.20 0.65
C SER B 37 18.67 -17.94 0.88
N ARG B 38 19.54 -18.70 0.21
CA ARG B 38 20.98 -18.49 0.37
C ARG B 38 21.36 -17.16 -0.25
N THR B 39 20.61 -16.74 -1.26
CA THR B 39 20.74 -15.42 -1.90
C THR B 39 22.06 -15.09 -2.61
N ALA B 40 23.07 -15.95 -2.51
CA ALA B 40 24.35 -15.68 -3.15
C ALA B 40 24.25 -15.63 -4.68
N SER B 41 23.44 -16.49 -5.26
CA SER B 41 23.30 -16.57 -6.72
C SER B 41 22.47 -15.43 -7.29
N GLN B 42 21.70 -14.75 -6.43
CA GLN B 42 20.93 -13.60 -6.89
C GLN B 42 21.72 -12.28 -6.69
N SER B 43 21.96 -11.59 -7.80
CA SER B 43 22.58 -10.26 -7.78
C SER B 43 21.41 -9.30 -7.59
N SER B 44 21.66 -8.05 -7.25
CA SER B 44 20.56 -7.13 -7.05
C SER B 44 19.84 -6.95 -8.40
N SER B 45 18.52 -6.91 -8.30
CA SER B 45 17.68 -6.88 -9.51
C SER B 45 16.43 -6.10 -9.23
N HIS B 46 15.75 -5.62 -10.26
CA HIS B 46 14.44 -4.96 -10.09
C HIS B 46 13.41 -5.95 -9.57
N ARG B 47 13.72 -7.23 -9.55
CA ARG B 47 12.84 -8.26 -9.00
C ARG B 47 12.52 -7.99 -7.54
N GLY B 48 13.36 -7.30 -6.79
CA GLY B 48 13.11 -7.13 -5.38
C GLY B 48 11.82 -6.38 -5.04
N TRP B 49 11.44 -5.40 -5.88
CA TRP B 49 10.19 -4.68 -5.68
C TRP B 49 9.03 -5.63 -6.02
N GLU B 50 9.31 -6.63 -6.85
CA GLU B 50 8.27 -7.55 -7.30
C GLU B 50 7.72 -8.37 -6.15
N ILE B 51 8.56 -8.72 -5.17
CA ILE B 51 8.06 -9.48 -3.99
C ILE B 51 7.00 -8.67 -3.26
N LEU B 52 7.16 -7.36 -3.08
CA LEU B 52 6.14 -6.60 -2.38
C LEU B 52 4.85 -6.52 -3.21
N ARG B 53 5.03 -6.45 -4.52
CA ARG B 53 3.90 -6.36 -5.45
C ARG B 53 3.15 -7.69 -5.55
N GLN B 54 3.86 -8.81 -5.44
CA GLN B 54 3.21 -10.11 -5.53
C GLN B 54 2.48 -10.51 -4.25
N ASN B 55 3.04 -10.27 -3.07
CA ASN B 55 2.37 -10.75 -1.86
C ASN B 55 1.15 -9.91 -1.46
N THR B 56 1.17 -8.64 -1.85
CA THR B 56 0.10 -7.73 -1.49
C THR B 56 -1.12 -8.02 -2.34
N LEU B 57 -0.93 -8.61 -3.52
CA LEU B 57 -2.06 -8.89 -4.42
C LEU B 57 -2.43 -10.34 -4.48
N GLY B 58 -1.48 -11.24 -4.24
CA GLY B 58 -1.75 -12.65 -4.38
C GLY B 58 -1.80 -12.99 -5.87
N HIS B 59 -1.13 -12.16 -6.67
CA HIS B 59 -1.08 -12.28 -8.13
C HIS B 59 0.38 -12.17 -8.65
N LEU B 60 0.57 -12.57 -9.91
CA LEU B 60 1.82 -12.57 -10.64
C LEU B 60 2.91 -13.38 -9.93
N ASN B 61 2.55 -14.32 -9.09
CA ASN B 61 3.53 -15.13 -8.40
C ASN B 61 3.72 -16.43 -9.19
N LEU B 62 4.73 -16.49 -10.07
CA LEU B 62 4.95 -17.68 -10.90
C LEU B 62 6.43 -17.87 -11.24
N GLY B 63 6.96 -19.08 -11.06
CA GLY B 63 8.36 -19.36 -11.34
C GLY B 63 8.54 -19.81 -12.77
N LEU B 64 8.85 -18.88 -13.67
CA LEU B 64 8.94 -19.18 -15.09
C LEU B 64 10.05 -20.18 -15.37
N ASN B 65 11.20 -20.00 -14.71
CA ASN B 65 12.37 -20.84 -14.92
C ASN B 65 13.17 -20.85 -13.61
N LEU B 66 14.01 -21.85 -13.42
CA LEU B 66 14.84 -21.99 -12.23
C LEU B 66 16.32 -21.99 -12.60
N SER B 67 17.11 -21.25 -11.83
CA SER B 67 18.53 -21.14 -12.07
C SER B 67 19.25 -22.47 -11.75
N GLU B 68 20.36 -22.72 -12.44
CA GLU B 68 21.17 -23.93 -12.23
C GLU B 68 22.63 -23.58 -11.85
N GLY B 69 23.24 -24.40 -11.01
CA GLY B 69 24.59 -24.20 -10.51
C GLY B 69 24.60 -24.08 -8.99
N ASP B 70 25.78 -24.24 -8.40
CA ASP B 70 25.94 -24.23 -6.94
C ASP B 70 27.39 -23.85 -6.57
N GLY B 71 27.58 -23.23 -5.42
CA GLY B 71 28.94 -22.87 -5.01
C GLY B 71 29.03 -22.90 -3.50
N GLU B 72 30.16 -23.35 -2.97
CA GLU B 72 30.43 -23.43 -1.52
C GLU B 72 31.95 -23.35 -1.39
N GLU B 73 32.40 -22.94 -0.20
CA GLU B 73 33.84 -22.74 0.09
C GLU B 73 34.63 -24.03 0.08
CA CA C . 7.85 5.23 5.57
CA CA D . 13.09 9.73 -6.89
N SER A 1 -1.62 10.69 -3.84
CA SER A 1 -2.67 11.27 -4.70
C SER A 1 -2.25 12.65 -5.16
N MET A 2 -2.75 13.09 -6.31
CA MET A 2 -2.43 14.41 -6.83
C MET A 2 -3.20 15.49 -6.06
N ALA A 3 -2.60 16.64 -5.85
CA ALA A 3 -3.27 17.76 -5.19
C ALA A 3 -4.44 18.20 -6.12
N ASP A 4 -4.22 18.02 -7.40
CA ASP A 4 -5.19 18.39 -8.43
C ASP A 4 -6.52 17.62 -8.39
N GLN A 5 -6.48 16.44 -7.79
CA GLN A 5 -7.65 15.54 -7.71
C GLN A 5 -8.85 16.20 -7.06
N LEU A 6 -8.62 16.99 -6.01
CA LEU A 6 -9.68 17.72 -5.31
C LEU A 6 -9.62 19.19 -5.72
N THR A 7 -10.79 19.76 -5.92
CA THR A 7 -10.94 21.15 -6.28
C THR A 7 -11.04 21.91 -4.97
N GLU A 8 -10.84 23.22 -4.94
CA GLU A 8 -10.90 23.96 -3.68
C GLU A 8 -12.33 23.85 -3.08
N GLU A 9 -13.32 23.74 -3.94
CA GLU A 9 -14.70 23.58 -3.50
C GLU A 9 -14.89 22.31 -2.64
N GLN A 10 -14.16 21.24 -2.96
CA GLN A 10 -14.23 19.99 -2.20
C GLN A 10 -13.36 19.96 -0.96
N ILE A 11 -12.18 20.53 -1.03
CA ILE A 11 -11.28 20.53 0.11
C ILE A 11 -11.96 21.40 1.18
N ALA A 12 -12.68 22.42 0.75
CA ALA A 12 -13.33 23.40 1.62
C ALA A 12 -14.41 22.75 2.46
N GLU A 13 -15.05 21.69 1.96
CA GLU A 13 -16.13 21.06 2.71
C GLU A 13 -15.61 20.59 4.05
N PHE A 14 -14.51 19.87 4.06
CA PHE A 14 -13.95 19.41 5.34
C PHE A 14 -12.93 20.37 5.97
N LYS A 15 -12.37 21.30 5.20
CA LYS A 15 -11.33 22.19 5.76
C LYS A 15 -11.87 23.10 6.86
N GLU A 16 -13.03 23.65 6.63
CA GLU A 16 -13.59 24.59 7.59
C GLU A 16 -13.95 23.87 8.87
N ALA A 17 -14.52 22.69 8.71
CA ALA A 17 -14.91 21.90 9.86
C ALA A 17 -13.73 21.29 10.62
N PHE A 18 -12.67 20.92 9.91
CA PHE A 18 -11.48 20.37 10.55
C PHE A 18 -10.81 21.46 11.39
N SER A 19 -10.78 22.65 10.81
CA SER A 19 -10.14 23.81 11.44
C SER A 19 -10.98 24.32 12.58
N LEU A 20 -12.28 24.03 12.61
CA LEU A 20 -13.19 24.55 13.64
C LEU A 20 -12.78 24.06 15.01
N PHE A 21 -12.39 22.79 15.11
CA PHE A 21 -12.06 22.20 16.40
C PHE A 21 -10.58 22.40 16.72
N ASP A 22 -9.81 22.85 15.74
CA ASP A 22 -8.41 23.17 15.96
C ASP A 22 -8.28 24.61 16.44
N LYS A 23 -8.74 24.83 17.66
CA LYS A 23 -8.74 26.15 18.28
C LYS A 23 -7.30 26.56 18.54
N ASP A 24 -6.47 25.57 18.89
CA ASP A 24 -5.06 25.82 19.16
C ASP A 24 -4.23 26.14 17.92
N GLY A 25 -4.69 25.83 16.71
CA GLY A 25 -3.91 26.15 15.54
C GLY A 25 -2.76 25.18 15.32
N ASP A 26 -2.91 23.98 15.86
CA ASP A 26 -1.89 22.93 15.79
C ASP A 26 -1.80 22.28 14.41
N GLY A 27 -2.88 22.40 13.66
CA GLY A 27 -2.97 21.85 12.32
C GLY A 27 -3.43 20.41 12.29
N THR A 28 -3.63 19.88 13.49
CA THR A 28 -4.10 18.50 13.68
C THR A 28 -5.22 18.54 14.68
N ILE A 29 -5.98 17.47 14.75
CA ILE A 29 -7.12 17.32 15.66
C ILE A 29 -7.03 15.96 16.35
N THR A 30 -7.80 15.76 17.42
CA THR A 30 -7.81 14.49 18.14
C THR A 30 -8.95 13.64 17.61
N THR A 31 -8.95 12.36 17.96
CA THR A 31 -9.97 11.46 17.45
C THR A 31 -11.37 11.79 17.94
N LYS A 32 -11.54 12.28 19.16
CA LYS A 32 -12.90 12.59 19.64
C LYS A 32 -13.43 13.75 18.80
N GLN A 33 -12.59 14.71 18.44
CA GLN A 33 -12.99 15.85 17.64
C GLN A 33 -13.41 15.40 16.24
N LEU A 34 -12.72 14.43 15.66
CA LEU A 34 -13.06 13.96 14.31
C LEU A 34 -14.47 13.40 14.31
N GLY A 35 -14.93 12.77 15.37
CA GLY A 35 -16.28 12.23 15.35
C GLY A 35 -17.27 13.37 15.17
N THR A 36 -17.05 14.48 15.86
CA THR A 36 -17.95 15.64 15.75
C THR A 36 -17.87 16.24 14.33
N VAL A 37 -16.67 16.26 13.73
CA VAL A 37 -16.51 16.77 12.35
C VAL A 37 -17.37 15.95 11.40
N MET A 38 -17.37 14.64 11.58
CA MET A 38 -18.14 13.76 10.71
C MET A 38 -19.64 13.89 10.95
N ARG A 39 -20.04 14.30 12.14
CA ARG A 39 -21.46 14.54 12.35
C ARG A 39 -21.85 15.81 11.61
N SER A 40 -20.99 16.82 11.61
CA SER A 40 -21.30 18.09 10.96
C SER A 40 -21.55 17.93 9.47
N LEU A 41 -20.72 17.13 8.82
CA LEU A 41 -20.84 16.87 7.39
C LEU A 41 -21.80 15.71 7.06
N GLY A 42 -22.07 14.88 8.04
CA GLY A 42 -22.93 13.72 7.83
C GLY A 42 -24.41 13.96 8.03
N GLN A 43 -25.17 12.88 8.03
CA GLN A 43 -26.62 12.90 8.18
C GLN A 43 -27.03 11.92 9.30
N ASN A 44 -26.82 12.40 10.52
CA ASN A 44 -27.10 11.70 11.78
C ASN A 44 -26.46 10.31 11.88
N PRO A 45 -25.14 10.19 11.72
CA PRO A 45 -24.57 8.85 11.82
C PRO A 45 -24.61 8.26 13.23
N THR A 46 -24.53 6.95 13.27
CA THR A 46 -24.57 6.25 14.56
C THR A 46 -23.21 6.40 15.22
N GLU A 47 -23.14 6.18 16.52
CA GLU A 47 -21.88 6.34 17.24
C GLU A 47 -20.87 5.31 16.75
N ALA A 48 -21.37 4.14 16.38
CA ALA A 48 -20.54 3.07 15.86
C ALA A 48 -19.96 3.49 14.51
N GLU A 49 -20.75 4.19 13.72
CA GLU A 49 -20.30 4.58 12.37
C GLU A 49 -19.16 5.57 12.47
N LEU A 50 -19.26 6.42 13.48
CA LEU A 50 -18.26 7.43 13.75
C LEU A 50 -17.00 6.81 14.29
N GLN A 51 -17.17 5.81 15.15
CA GLN A 51 -16.05 5.13 15.78
C GLN A 51 -15.26 4.37 14.74
N ASP A 52 -15.95 3.84 13.75
CA ASP A 52 -15.31 3.06 12.70
C ASP A 52 -14.22 3.90 12.05
N MET A 53 -14.48 5.18 11.81
CA MET A 53 -13.50 6.08 11.22
C MET A 53 -12.38 6.58 12.17
N ILE A 54 -12.74 7.03 13.35
CA ILE A 54 -11.71 7.66 14.22
C ILE A 54 -10.70 6.62 14.72
N ASN A 55 -11.09 5.36 14.79
CA ASN A 55 -10.19 4.30 15.23
C ASN A 55 -9.29 3.88 14.09
N GLU A 56 -9.80 4.01 12.86
CA GLU A 56 -9.06 3.63 11.67
C GLU A 56 -7.90 4.60 11.34
N VAL A 57 -8.16 5.88 11.54
CA VAL A 57 -7.17 6.92 11.19
C VAL A 57 -6.11 7.06 12.25
N ASP A 58 -6.37 6.49 13.42
CA ASP A 58 -5.43 6.51 14.53
C ASP A 58 -5.19 5.10 15.08
N ALA A 59 -4.93 4.17 14.17
CA ALA A 59 -4.65 2.77 14.55
C ALA A 59 -3.41 2.73 15.42
N ASP A 60 -2.44 3.61 15.18
CA ASP A 60 -1.23 3.70 15.97
C ASP A 60 -1.52 4.08 17.43
N GLY A 61 -2.64 4.75 17.68
CA GLY A 61 -2.94 5.17 19.06
C GLY A 61 -2.09 6.38 19.46
N ASN A 62 -1.67 7.14 18.44
CA ASN A 62 -0.82 8.30 18.61
C ASN A 62 -1.57 9.40 19.37
N GLY A 63 -2.90 9.39 19.29
CA GLY A 63 -3.74 10.37 19.96
C GLY A 63 -4.08 11.63 19.18
N THR A 64 -3.49 11.78 18.01
CA THR A 64 -3.74 12.91 17.13
C THR A 64 -3.94 12.33 15.74
N ILE A 65 -4.52 13.10 14.83
CA ILE A 65 -4.77 12.65 13.46
C ILE A 65 -3.97 13.49 12.50
N ASP A 66 -3.19 12.84 11.66
CA ASP A 66 -2.36 13.57 10.67
C ASP A 66 -3.29 14.07 9.56
N PHE A 67 -3.01 15.23 8.97
CA PHE A 67 -3.87 15.76 7.91
C PHE A 67 -3.86 14.88 6.63
N PRO A 68 -2.70 14.39 6.16
CA PRO A 68 -2.82 13.58 4.96
C PRO A 68 -3.50 12.22 5.20
N GLN A 69 -3.60 11.77 6.47
CA GLN A 69 -4.30 10.53 6.78
C GLN A 69 -5.78 10.72 6.47
N PHE A 70 -6.29 11.90 6.76
CA PHE A 70 -7.69 12.24 6.44
C PHE A 70 -7.90 12.19 4.93
N LEU A 71 -6.96 12.77 4.21
CA LEU A 71 -7.04 12.85 2.74
C LEU A 71 -7.02 11.50 2.05
N THR A 72 -6.29 10.56 2.59
CA THR A 72 -6.19 9.23 1.97
C THR A 72 -7.56 8.59 1.86
N MET A 73 -8.35 8.75 2.91
CA MET A 73 -9.67 8.13 2.95
C MET A 73 -10.66 8.84 1.99
N MET A 74 -10.58 10.15 1.91
CA MET A 74 -11.49 10.89 1.03
C MET A 74 -11.12 10.69 -0.43
N ALA A 75 -9.82 10.62 -0.72
CA ALA A 75 -9.38 10.46 -2.10
C ALA A 75 -9.89 9.14 -2.68
N ARG A 76 -9.92 8.09 -1.86
CA ARG A 76 -10.35 6.78 -2.33
C ARG A 76 -11.83 6.68 -2.66
N LYS A 77 -12.65 7.36 -1.84
CA LYS A 77 -14.12 7.35 -1.96
C LYS A 77 -14.69 8.15 -3.13
N MET A 78 -13.89 9.05 -3.70
CA MET A 78 -14.38 9.92 -4.79
C MET A 78 -14.87 9.11 -6.01
N LYS A 79 -13.96 8.34 -6.62
CA LYS A 79 -14.28 7.55 -7.80
C LYS A 79 -14.59 6.10 -7.46
N ASP A 80 -13.72 5.56 -6.62
CA ASP A 80 -13.80 4.19 -6.13
C ASP A 80 -13.78 3.15 -7.26
N THR A 81 -13.13 3.50 -8.36
CA THR A 81 -13.13 2.64 -9.55
C THR A 81 -11.71 2.53 -10.10
N ASP A 82 -10.77 1.90 -9.41
CA ASP A 82 -9.38 1.82 -9.91
C ASP A 82 -8.56 0.65 -9.34
N SER A 83 -7.64 0.11 -10.15
CA SER A 83 -6.73 -1.02 -9.75
C SER A 83 -5.63 -0.43 -8.87
N GLU A 84 -5.56 0.89 -8.85
CA GLU A 84 -4.62 1.60 -7.99
C GLU A 84 -4.85 1.25 -6.55
N GLU A 85 -6.03 0.82 -6.18
CA GLU A 85 -6.28 0.47 -4.77
C GLU A 85 -5.31 -0.64 -4.33
N GLU A 86 -4.98 -1.58 -5.21
CA GLU A 86 -4.00 -2.62 -4.86
C GLU A 86 -2.60 -2.04 -4.71
N ILE A 87 -2.28 -1.07 -5.56
CA ILE A 87 -0.94 -0.46 -5.55
C ILE A 87 -0.79 0.38 -4.28
N ARG A 88 -1.86 1.07 -3.91
CA ARG A 88 -1.83 1.92 -2.71
C ARG A 88 -1.73 1.00 -1.51
N GLU A 89 -2.36 -0.18 -1.58
CA GLU A 89 -2.30 -1.08 -0.44
C GLU A 89 -0.89 -1.58 -0.28
N ALA A 90 -0.23 -1.93 -1.38
CA ALA A 90 1.11 -2.46 -1.29
C ALA A 90 2.04 -1.43 -0.67
N PHE A 91 1.80 -0.15 -0.97
CA PHE A 91 2.62 0.91 -0.39
C PHE A 91 2.39 1.02 1.12
N ARG A 92 1.13 1.04 1.51
CA ARG A 92 0.75 1.16 2.93
C ARG A 92 1.11 -0.07 3.77
N VAL A 93 1.21 -1.24 3.16
CA VAL A 93 1.59 -2.41 3.93
C VAL A 93 3.01 -2.20 4.45
N PHE A 94 3.95 -1.71 3.65
CA PHE A 94 5.31 -1.56 4.20
C PHE A 94 5.54 -0.22 4.88
N ASP A 95 4.80 0.82 4.54
CA ASP A 95 5.05 2.12 5.17
C ASP A 95 4.21 2.30 6.43
N LYS A 96 4.78 1.89 7.55
CA LYS A 96 4.12 2.02 8.84
C LYS A 96 3.92 3.49 9.27
N ASP A 97 4.90 4.30 8.97
CA ASP A 97 4.88 5.72 9.36
C ASP A 97 4.06 6.60 8.42
N GLY A 98 3.78 6.17 7.19
CA GLY A 98 2.93 6.95 6.28
C GLY A 98 3.60 8.17 5.70
N ASN A 99 4.93 8.19 5.67
CA ASN A 99 5.65 9.40 5.24
C ASN A 99 5.55 9.65 3.72
N GLY A 100 5.03 8.67 3.01
CA GLY A 100 4.90 8.81 1.55
C GLY A 100 6.18 8.53 0.78
N TYR A 101 7.25 8.15 1.46
CA TYR A 101 8.51 7.81 0.81
C TYR A 101 8.98 6.47 1.33
N ILE A 102 9.83 5.78 0.59
CA ILE A 102 10.29 4.45 0.98
C ILE A 102 11.69 4.50 1.60
N SER A 103 11.82 4.01 2.83
CA SER A 103 13.11 3.92 3.55
C SER A 103 13.54 2.45 3.63
N ALA A 104 14.81 2.17 3.88
CA ALA A 104 15.30 0.77 3.97
C ALA A 104 14.63 0.01 5.14
N ALA A 105 14.35 0.71 6.22
CA ALA A 105 13.70 0.13 7.42
C ALA A 105 12.29 -0.38 7.05
N GLU A 106 11.62 0.38 6.20
CA GLU A 106 10.26 0.03 5.80
C GLU A 106 10.27 -1.26 4.97
N LEU A 107 11.30 -1.45 4.15
CA LEU A 107 11.40 -2.67 3.35
C LEU A 107 11.95 -3.81 4.21
N ARG A 108 12.62 -3.50 5.30
CA ARG A 108 13.06 -4.55 6.23
C ARG A 108 11.84 -5.30 6.79
N HIS A 109 10.75 -4.60 7.01
CA HIS A 109 9.50 -5.25 7.44
C HIS A 109 9.10 -6.29 6.43
N VAL A 110 9.20 -5.94 5.16
CA VAL A 110 8.83 -6.86 4.08
C VAL A 110 9.80 -7.99 4.04
N MET A 111 11.09 -7.67 4.17
CA MET A 111 12.15 -8.66 4.06
C MET A 111 11.97 -9.73 5.15
N THR A 112 11.62 -9.31 6.34
CA THR A 112 11.45 -10.23 7.44
C THR A 112 10.19 -11.10 7.30
N ASN A 113 9.09 -10.48 6.83
CA ASN A 113 7.80 -11.21 6.71
C ASN A 113 7.77 -12.19 5.53
N LEU A 114 8.59 -11.95 4.52
CA LEU A 114 8.71 -12.83 3.36
C LEU A 114 9.77 -13.92 3.59
N GLY A 115 10.36 -13.98 4.79
CA GLY A 115 11.30 -15.04 5.10
C GLY A 115 12.70 -14.76 4.67
N GLU A 116 13.04 -13.49 4.57
CA GLU A 116 14.36 -12.98 4.19
C GLU A 116 14.90 -13.53 2.85
N LYS A 117 13.97 -13.65 1.90
CA LYS A 117 14.32 -14.04 0.53
C LYS A 117 15.06 -12.88 -0.13
N LEU A 118 14.82 -11.66 0.36
CA LEU A 118 15.53 -10.45 -0.05
C LEU A 118 16.69 -10.31 0.90
N THR A 119 17.78 -9.71 0.46
CA THR A 119 18.92 -9.39 1.34
C THR A 119 18.99 -7.87 1.57
N ASP A 120 19.71 -7.43 2.60
CA ASP A 120 19.82 -6.00 2.88
C ASP A 120 20.49 -5.29 1.69
N GLU A 121 21.46 -5.92 1.06
CA GLU A 121 22.12 -5.34 -0.13
C GLU A 121 21.16 -5.22 -1.30
N GLU A 122 20.28 -6.18 -1.44
CA GLU A 122 19.28 -6.16 -2.49
C GLU A 122 18.35 -4.98 -2.30
N VAL A 123 18.06 -4.67 -1.05
CA VAL A 123 17.18 -3.52 -0.74
C VAL A 123 17.85 -2.24 -1.22
N ASP A 124 19.16 -2.14 -1.08
CA ASP A 124 19.87 -0.92 -1.51
C ASP A 124 19.82 -0.83 -3.05
N GLU A 125 19.97 -1.97 -3.73
CA GLU A 125 19.93 -1.99 -5.20
C GLU A 125 18.52 -1.66 -5.69
N MET A 126 17.52 -2.04 -4.92
CA MET A 126 16.13 -1.78 -5.30
C MET A 126 15.90 -0.29 -5.33
N ILE A 127 16.39 0.43 -4.34
CA ILE A 127 16.13 1.89 -4.26
C ILE A 127 16.90 2.65 -5.37
N ARG A 128 18.13 2.21 -5.66
CA ARG A 128 18.94 2.84 -6.71
C ARG A 128 18.41 2.75 -8.11
N GLU A 129 17.88 1.61 -8.46
CA GLU A 129 17.40 1.41 -9.81
C GLU A 129 16.03 2.05 -10.04
N ALA A 130 15.15 1.89 -9.07
CA ALA A 130 13.78 2.35 -9.23
C ALA A 130 13.57 3.83 -9.37
N ASP A 131 14.28 4.63 -8.59
CA ASP A 131 14.12 6.07 -8.70
C ASP A 131 14.62 6.47 -10.09
N ILE A 132 13.88 7.28 -10.81
CA ILE A 132 14.26 7.67 -12.14
C ILE A 132 15.34 8.75 -12.04
N ASP A 133 15.11 9.75 -11.20
CA ASP A 133 15.98 10.92 -11.11
C ASP A 133 17.22 10.76 -10.21
N GLY A 134 17.29 9.72 -9.36
CA GLY A 134 18.51 9.51 -8.56
C GLY A 134 18.67 10.34 -7.32
N ASP A 135 17.57 10.89 -6.81
CA ASP A 135 17.59 11.74 -5.59
C ASP A 135 17.72 10.87 -4.31
N GLY A 136 17.61 9.57 -4.48
CA GLY A 136 17.82 8.65 -3.38
C GLY A 136 16.61 8.28 -2.57
N GLN A 137 15.45 8.83 -2.85
CA GLN A 137 14.23 8.50 -2.12
C GLN A 137 13.13 8.26 -3.16
N VAL A 138 12.22 7.36 -2.85
CA VAL A 138 11.17 6.97 -3.79
C VAL A 138 9.82 7.35 -3.23
N ASN A 139 9.01 8.02 -4.04
CA ASN A 139 7.66 8.49 -3.66
C ASN A 139 6.62 7.64 -4.38
N TYR A 140 5.34 7.86 -4.09
CA TYR A 140 4.27 7.04 -4.64
C TYR A 140 4.20 7.06 -6.17
N GLU A 141 4.32 8.20 -6.82
CA GLU A 141 4.27 8.14 -8.29
C GLU A 141 5.45 7.37 -8.87
N GLU A 142 6.65 7.45 -8.24
CA GLU A 142 7.81 6.67 -8.72
C GLU A 142 7.54 5.18 -8.48
N PHE A 143 6.78 4.87 -7.44
CA PHE A 143 6.39 3.51 -7.10
C PHE A 143 5.41 2.93 -8.10
N VAL A 144 4.49 3.75 -8.58
CA VAL A 144 3.53 3.32 -9.62
C VAL A 144 4.24 3.09 -10.91
N GLN A 145 5.23 3.90 -11.20
CA GLN A 145 6.00 3.80 -12.43
C GLN A 145 6.67 2.40 -12.56
N MET A 146 6.99 1.79 -11.43
CA MET A 146 7.62 0.46 -11.43
C MET A 146 6.67 -0.60 -11.97
N MET A 147 5.39 -0.42 -11.69
CA MET A 147 4.36 -1.42 -12.02
C MET A 147 3.72 -1.22 -13.37
N THR A 148 3.82 -0.02 -13.92
CA THR A 148 3.23 0.23 -15.25
C THR A 148 4.24 -0.16 -16.32
N ALA A 149 5.48 -0.38 -15.93
CA ALA A 149 6.56 -0.75 -16.82
C ALA A 149 6.56 -2.27 -16.96
N LYS A 150 7.30 -2.73 -17.95
CA LYS A 150 7.47 -4.18 -18.21
C LYS A 150 8.21 -4.84 -17.07
N GLY B 1 -86.18 -33.72 -32.93
CA GLY B 1 -84.74 -34.02 -32.89
C GLY B 1 -83.91 -32.75 -32.76
N ALA B 2 -82.62 -32.90 -32.46
CA ALA B 2 -81.72 -31.75 -32.35
C ALA B 2 -81.54 -31.09 -33.72
N ASP B 3 -81.32 -29.80 -33.75
CA ASP B 3 -81.14 -29.06 -35.00
C ASP B 3 -80.32 -27.83 -34.62
N LYS B 4 -79.60 -27.25 -35.56
CA LYS B 4 -78.83 -26.03 -35.31
C LYS B 4 -78.85 -25.24 -36.60
N GLU B 5 -78.95 -23.93 -36.51
CA GLU B 5 -79.03 -23.09 -37.71
C GLU B 5 -77.76 -22.30 -37.98
N ASP B 6 -77.16 -21.78 -36.93
CA ASP B 6 -75.97 -20.89 -37.05
C ASP B 6 -74.71 -21.33 -36.29
N ASP B 7 -73.56 -21.07 -36.91
CA ASP B 7 -72.24 -21.33 -36.31
C ASP B 7 -71.20 -20.47 -37.02
N GLN B 8 -70.26 -19.89 -36.26
CA GLN B 8 -69.21 -19.03 -36.81
C GLN B 8 -67.84 -19.47 -36.28
N GLU B 9 -66.75 -19.02 -36.89
CA GLU B 9 -65.41 -19.38 -36.46
C GLU B 9 -64.46 -18.19 -36.68
N HIS B 10 -63.50 -18.05 -35.78
CA HIS B 10 -62.52 -16.95 -35.81
C HIS B 10 -61.23 -17.50 -35.21
N PRO B 11 -60.38 -18.15 -36.03
CA PRO B 11 -59.13 -18.74 -35.57
C PRO B 11 -58.03 -17.72 -35.18
N SER B 12 -57.11 -18.13 -34.34
CA SER B 12 -55.96 -17.27 -33.95
C SER B 12 -54.70 -18.10 -33.80
N GLU B 13 -53.55 -17.45 -33.85
CA GLU B 13 -52.26 -18.11 -33.61
C GLU B 13 -51.32 -17.12 -32.91
N LYS B 14 -50.36 -17.57 -32.14
CA LYS B 14 -49.44 -16.68 -31.42
C LYS B 14 -47.96 -16.90 -31.79
N GLN B 15 -47.48 -18.12 -31.60
CA GLN B 15 -46.08 -18.54 -31.87
C GLN B 15 -45.00 -17.59 -31.23
N PRO B 16 -45.01 -17.37 -29.89
CA PRO B 16 -43.98 -16.46 -29.39
C PRO B 16 -42.56 -17.01 -29.46
N SER B 17 -41.58 -16.11 -29.62
CA SER B 17 -40.16 -16.48 -29.76
C SER B 17 -39.28 -15.26 -29.37
N GLY B 18 -37.99 -15.48 -29.11
CA GLY B 18 -37.06 -14.38 -28.81
C GLY B 18 -36.77 -14.07 -27.35
N ALA B 19 -37.09 -15.03 -26.49
CA ALA B 19 -36.80 -14.86 -25.06
C ALA B 19 -35.27 -14.85 -24.89
N GLU B 20 -34.76 -14.21 -23.85
CA GLU B 20 -33.31 -14.15 -23.64
C GLU B 20 -32.96 -14.61 -22.20
N SER B 21 -31.76 -15.10 -22.06
CA SER B 21 -31.26 -15.59 -20.80
C SER B 21 -29.80 -15.21 -20.70
N GLY B 22 -29.38 -14.91 -19.47
CA GLY B 22 -28.02 -14.46 -19.24
C GLY B 22 -27.05 -15.57 -18.83
N THR B 23 -25.77 -15.36 -19.08
CA THR B 23 -24.73 -16.33 -18.73
C THR B 23 -23.44 -15.55 -18.48
N LEU B 24 -22.54 -16.10 -17.71
CA LEU B 24 -21.23 -15.46 -17.49
C LEU B 24 -20.18 -16.55 -17.52
N ALA B 25 -19.19 -16.36 -18.40
CA ALA B 25 -18.14 -17.38 -18.56
C ALA B 25 -17.32 -17.58 -17.31
N ARG B 26 -16.98 -18.83 -17.05
CA ARG B 26 -16.14 -19.18 -15.91
C ARG B 26 -14.72 -18.89 -16.33
N ALA B 27 -13.86 -18.47 -15.42
CA ALA B 27 -12.48 -18.13 -15.78
C ALA B 27 -11.76 -19.37 -16.31
N SER B 28 -11.99 -20.49 -15.61
CA SER B 28 -11.42 -21.82 -15.93
C SER B 28 -9.96 -21.76 -16.46
N LEU B 29 -9.07 -21.06 -15.76
CA LEU B 29 -7.68 -20.90 -16.23
C LEU B 29 -6.79 -22.06 -15.74
N ALA B 30 -5.98 -22.61 -16.64
CA ALA B 30 -5.04 -23.68 -16.28
C ALA B 30 -4.05 -23.10 -15.29
N LEU B 31 -3.51 -23.95 -14.41
CA LEU B 31 -2.55 -23.47 -13.39
C LEU B 31 -1.20 -24.19 -13.54
N PRO B 32 -0.23 -23.57 -14.25
CA PRO B 32 1.09 -24.18 -14.47
C PRO B 32 1.95 -24.15 -13.20
N THR B 33 2.98 -25.01 -13.18
CA THR B 33 3.94 -25.02 -12.07
C THR B 33 5.29 -24.46 -12.53
N SER B 34 5.34 -23.94 -13.75
CA SER B 34 6.58 -23.44 -14.35
C SER B 34 7.18 -22.20 -13.74
N SER B 35 6.39 -21.39 -13.05
CA SER B 35 6.89 -20.16 -12.44
C SER B 35 7.54 -20.42 -11.07
N LEU B 36 8.87 -20.61 -11.05
CA LEU B 36 9.64 -20.77 -9.81
C LEU B 36 10.14 -19.38 -9.40
N SER B 37 10.50 -18.57 -10.39
CA SER B 37 10.97 -17.23 -10.17
C SER B 37 9.79 -16.29 -9.95
N ARG B 38 9.96 -15.28 -9.14
CA ARG B 38 8.88 -14.32 -8.85
C ARG B 38 8.90 -13.23 -9.92
N THR B 39 10.07 -12.96 -10.49
CA THR B 39 10.24 -11.94 -11.52
C THR B 39 10.75 -12.55 -12.82
N ALA B 40 10.03 -12.26 -13.92
CA ALA B 40 10.41 -12.75 -15.26
C ALA B 40 11.21 -11.73 -16.08
N SER B 41 11.02 -10.46 -15.78
CA SER B 41 11.62 -9.38 -16.55
C SER B 41 13.13 -9.18 -16.37
N GLN B 42 13.66 -9.57 -15.23
CA GLN B 42 15.11 -9.39 -14.98
C GLN B 42 15.61 -10.41 -13.95
N SER B 43 16.91 -10.67 -14.00
CA SER B 43 17.59 -11.56 -13.07
C SER B 43 18.29 -10.80 -11.92
N SER B 44 18.39 -9.49 -12.09
CA SER B 44 19.09 -8.60 -11.16
C SER B 44 18.29 -8.41 -9.84
N SER B 45 19.03 -7.94 -8.85
CA SER B 45 18.54 -7.66 -7.50
C SER B 45 17.38 -6.66 -7.42
N HIS B 46 17.32 -5.75 -8.40
CA HIS B 46 16.31 -4.72 -8.45
C HIS B 46 14.89 -5.30 -8.55
N ARG B 47 14.79 -6.59 -8.82
CA ARG B 47 13.55 -7.30 -9.00
C ARG B 47 12.62 -7.34 -7.80
N GLY B 48 13.13 -6.94 -6.67
CA GLY B 48 12.39 -7.00 -5.44
C GLY B 48 11.11 -6.19 -5.37
N TRP B 49 10.93 -5.11 -6.09
CA TRP B 49 9.69 -4.31 -5.95
C TRP B 49 8.44 -5.12 -6.30
N GLU B 50 8.59 -6.11 -7.18
CA GLU B 50 7.46 -6.91 -7.59
C GLU B 50 6.93 -7.77 -6.45
N ILE B 51 7.75 -8.07 -5.47
CA ILE B 51 7.29 -8.91 -4.36
C ILE B 51 6.17 -8.18 -3.58
N LEU B 52 6.21 -6.85 -3.65
CA LEU B 52 5.24 -6.04 -2.93
C LEU B 52 3.88 -6.15 -3.56
N ARG B 53 3.84 -6.26 -4.89
CA ARG B 53 2.53 -6.41 -5.55
C ARG B 53 2.04 -7.78 -5.14
N GLN B 54 2.93 -8.73 -5.18
CA GLN B 54 2.57 -10.10 -4.92
C GLN B 54 2.13 -10.35 -3.47
N ASN B 55 2.75 -9.74 -2.48
CA ASN B 55 2.39 -10.07 -1.09
C ASN B 55 1.02 -9.57 -0.68
N THR B 56 0.56 -8.50 -1.29
CA THR B 56 -0.78 -7.96 -1.00
C THR B 56 -1.84 -8.79 -1.81
N LEU B 57 -1.43 -9.39 -2.92
CA LEU B 57 -2.34 -10.18 -3.75
C LEU B 57 -2.34 -11.70 -3.42
N GLY B 58 -1.53 -12.12 -2.48
CA GLY B 58 -1.47 -13.56 -2.17
C GLY B 58 -0.72 -14.32 -3.23
N HIS B 59 0.21 -13.63 -3.88
CA HIS B 59 1.07 -14.13 -4.95
C HIS B 59 0.28 -14.61 -6.16
N LEU B 60 -0.76 -13.85 -6.49
CA LEU B 60 -1.55 -14.11 -7.68
C LEU B 60 -0.79 -13.48 -8.87
N ASN B 61 -0.21 -14.36 -9.71
CA ASN B 61 0.53 -13.91 -10.90
C ASN B 61 0.34 -14.95 -12.00
N LEU B 62 0.00 -14.52 -13.19
CA LEU B 62 -0.24 -15.47 -14.27
C LEU B 62 1.05 -16.23 -14.63
N GLY B 63 2.18 -15.53 -14.57
CA GLY B 63 3.45 -16.18 -14.83
C GLY B 63 3.65 -16.49 -16.30
N LEU B 64 3.13 -15.63 -17.16
CA LEU B 64 3.17 -15.83 -18.61
C LEU B 64 4.58 -15.94 -19.24
N ASN B 65 5.55 -15.16 -18.82
CA ASN B 65 6.86 -15.21 -19.47
C ASN B 65 7.75 -16.31 -18.86
N LEU B 66 7.25 -17.09 -17.91
CA LEU B 66 8.08 -18.18 -17.35
C LEU B 66 7.53 -19.48 -17.88
N SER B 67 8.43 -20.33 -18.40
CA SER B 67 8.03 -21.60 -19.02
C SER B 67 9.03 -22.75 -18.75
N GLU B 68 9.77 -22.69 -17.65
CA GLU B 68 10.71 -23.74 -17.33
C GLU B 68 10.37 -24.36 -15.99
N GLY B 69 9.76 -25.51 -16.08
CA GLY B 69 9.28 -26.24 -14.91
C GLY B 69 10.29 -27.15 -14.26
N ASP B 70 11.56 -26.92 -14.53
CA ASP B 70 12.59 -27.72 -13.90
C ASP B 70 12.82 -27.22 -12.48
N GLY B 71 13.71 -27.87 -11.74
CA GLY B 71 14.04 -27.41 -10.42
C GLY B 71 14.19 -28.57 -9.44
N GLU B 72 14.63 -28.23 -8.23
CA GLU B 72 14.84 -29.21 -7.20
C GLU B 72 14.79 -28.44 -5.88
N GLU B 73 14.20 -29.01 -4.84
CA GLU B 73 14.08 -28.34 -3.56
C GLU B 73 14.60 -29.24 -2.46
CA CA C . 7.99 5.58 5.28
CA CA D . 13.36 10.50 -6.86
N SER A 1 -13.13 5.97 14.48
CA SER A 1 -11.71 6.40 14.40
C SER A 1 -10.87 5.31 13.83
N MET A 2 -9.72 5.68 13.26
CA MET A 2 -8.81 4.72 12.64
C MET A 2 -9.53 3.83 11.61
N ALA A 3 -10.28 4.45 10.70
CA ALA A 3 -11.04 3.67 9.70
C ALA A 3 -10.17 2.76 8.84
N ASP A 4 -9.04 3.24 8.33
CA ASP A 4 -8.15 2.35 7.56
C ASP A 4 -7.01 1.80 8.39
N GLN A 5 -6.04 2.66 8.76
CA GLN A 5 -5.03 2.35 9.77
C GLN A 5 -4.99 3.50 10.74
N LEU A 6 -4.74 4.66 10.15
CA LEU A 6 -4.48 5.96 10.81
C LEU A 6 -3.46 5.88 11.94
N THR A 7 -2.22 6.12 11.60
CA THR A 7 -1.14 6.14 12.56
C THR A 7 -1.20 7.43 13.37
N GLU A 8 -0.54 7.49 14.51
CA GLU A 8 -0.55 8.70 15.31
C GLU A 8 0.21 9.78 14.54
N GLU A 9 1.17 9.40 13.71
CA GLU A 9 1.93 10.36 12.90
C GLU A 9 1.08 11.06 11.84
N GLN A 10 0.21 10.34 11.16
CA GLN A 10 -0.59 10.95 10.11
C GLN A 10 -1.78 11.75 10.66
N ILE A 11 -2.41 11.25 11.72
CA ILE A 11 -3.57 11.92 12.28
C ILE A 11 -3.09 13.26 12.85
N ALA A 12 -1.85 13.28 13.34
CA ALA A 12 -1.30 14.44 14.01
C ALA A 12 -1.15 15.67 13.09
N GLU A 13 -0.84 15.48 11.80
CA GLU A 13 -0.63 16.65 10.92
C GLU A 13 -1.88 17.49 10.75
N PHE A 14 -3.03 16.87 10.54
CA PHE A 14 -4.27 17.64 10.37
C PHE A 14 -4.95 17.91 11.72
N LYS A 15 -4.61 17.14 12.75
CA LYS A 15 -5.21 17.36 14.07
C LYS A 15 -4.69 18.70 14.58
N GLU A 16 -3.42 19.00 14.32
CA GLU A 16 -2.85 20.24 14.79
C GLU A 16 -3.61 21.43 14.13
N ALA A 17 -4.03 21.24 12.89
CA ALA A 17 -4.76 22.25 12.15
C ALA A 17 -6.20 22.40 12.65
N PHE A 18 -6.80 21.30 13.06
CA PHE A 18 -8.19 21.32 13.56
C PHE A 18 -8.21 22.00 14.90
N SER A 19 -7.23 21.69 15.73
CA SER A 19 -7.20 22.24 17.07
C SER A 19 -6.84 23.72 17.10
N LEU A 20 -6.23 24.19 16.03
CA LEU A 20 -5.86 25.60 15.93
C LEU A 20 -7.12 26.45 15.97
N PHE A 21 -8.18 25.97 15.34
CA PHE A 21 -9.44 26.69 15.33
C PHE A 21 -10.31 26.30 16.52
N ASP A 22 -10.14 25.07 16.98
CA ASP A 22 -10.84 24.56 18.15
C ASP A 22 -10.07 24.85 19.43
N LYS A 23 -9.88 26.12 19.72
CA LYS A 23 -9.15 26.53 20.95
C LYS A 23 -9.99 26.18 22.15
N ASP A 24 -11.31 26.11 21.97
CA ASP A 24 -12.23 25.79 23.06
C ASP A 24 -12.04 24.32 23.49
N GLY A 25 -11.59 23.48 22.55
CA GLY A 25 -11.27 22.09 22.84
C GLY A 25 -12.46 21.15 22.93
N ASP A 26 -13.61 21.54 22.39
CA ASP A 26 -14.80 20.71 22.50
C ASP A 26 -14.81 19.62 21.39
N GLY A 27 -13.93 19.76 20.41
CA GLY A 27 -13.86 18.82 19.31
C GLY A 27 -14.89 19.14 18.24
N THR A 28 -15.54 20.28 18.34
CA THR A 28 -16.57 20.64 17.37
C THR A 28 -16.33 21.99 16.72
N ILE A 29 -16.52 22.06 15.41
CA ILE A 29 -16.36 23.28 14.62
C ILE A 29 -17.58 23.45 13.68
N THR A 30 -17.82 24.66 13.19
CA THR A 30 -18.96 24.93 12.29
C THR A 30 -18.55 24.69 10.84
N THR A 31 -19.52 24.63 9.94
CA THR A 31 -19.24 24.43 8.53
C THR A 31 -18.49 25.63 7.94
N LYS A 32 -18.72 26.83 8.47
CA LYS A 32 -17.98 28.00 7.97
C LYS A 32 -16.52 27.86 8.36
N GLN A 33 -16.29 27.37 9.57
CA GLN A 33 -14.92 27.21 10.08
C GLN A 33 -14.17 26.18 9.26
N LEU A 34 -14.85 25.11 8.84
CA LEU A 34 -14.21 24.05 8.05
C LEU A 34 -13.63 24.56 6.77
N GLY A 35 -14.27 25.53 6.12
CA GLY A 35 -13.70 26.02 4.84
C GLY A 35 -12.31 26.55 5.09
N THR A 36 -12.09 27.24 6.20
CA THR A 36 -10.76 27.77 6.54
C THR A 36 -9.79 26.62 6.89
N VAL A 37 -10.27 25.58 7.56
CA VAL A 37 -9.39 24.44 7.90
C VAL A 37 -8.92 23.78 6.60
N MET A 38 -9.81 23.62 5.62
CA MET A 38 -9.42 23.01 4.36
C MET A 38 -8.40 23.85 3.59
N ARG A 39 -8.41 25.15 3.85
CA ARG A 39 -7.47 26.07 3.20
C ARG A 39 -6.06 25.69 3.68
N SER A 40 -5.95 25.29 4.94
CA SER A 40 -4.67 24.94 5.52
C SER A 40 -4.23 23.52 5.17
N LEU A 41 -5.20 22.60 4.96
CA LEU A 41 -4.90 21.19 4.65
C LEU A 41 -4.45 20.98 3.20
N GLY A 42 -4.74 21.93 2.32
CA GLY A 42 -4.34 21.77 0.93
C GLY A 42 -3.97 23.07 0.26
N GLN A 43 -3.80 23.01 -1.05
CA GLN A 43 -3.44 24.18 -1.86
C GLN A 43 -4.60 25.16 -2.13
N ASN A 44 -5.23 25.64 -1.06
CA ASN A 44 -6.36 26.59 -1.18
C ASN A 44 -7.43 25.99 -2.11
N PRO A 45 -8.09 24.88 -1.72
CA PRO A 45 -9.05 24.30 -2.66
C PRO A 45 -10.20 25.24 -2.99
N THR A 46 -10.77 25.00 -4.18
CA THR A 46 -11.82 25.86 -4.75
C THR A 46 -13.12 25.79 -3.98
N GLU A 47 -13.96 26.80 -4.17
CA GLU A 47 -15.27 26.86 -3.50
C GLU A 47 -16.10 25.67 -3.91
N ALA A 48 -15.94 25.20 -5.13
CA ALA A 48 -16.69 24.02 -5.58
C ALA A 48 -16.42 22.80 -4.69
N GLU A 49 -15.17 22.62 -4.32
CA GLU A 49 -14.78 21.54 -3.46
C GLU A 49 -15.06 21.83 -1.98
N LEU A 50 -14.99 23.08 -1.55
CA LEU A 50 -15.27 23.44 -0.16
C LEU A 50 -16.73 23.14 0.15
N GLN A 51 -17.61 23.42 -0.79
CA GLN A 51 -19.05 23.18 -0.62
C GLN A 51 -19.34 21.70 -0.58
N ASP A 52 -18.60 20.92 -1.34
CA ASP A 52 -18.83 19.49 -1.34
C ASP A 52 -18.47 18.89 0.04
N MET A 53 -17.39 19.32 0.67
CA MET A 53 -17.00 18.73 1.94
C MET A 53 -17.86 19.20 3.13
N ILE A 54 -18.17 20.49 3.21
CA ILE A 54 -18.95 21.01 4.37
C ILE A 54 -20.34 20.42 4.36
N ASN A 55 -20.84 20.01 3.21
CA ASN A 55 -22.15 19.41 3.15
C ASN A 55 -22.10 17.94 3.61
N GLU A 56 -21.08 17.21 3.18
CA GLU A 56 -20.91 15.81 3.56
C GLU A 56 -20.68 15.60 5.05
N VAL A 57 -19.94 16.50 5.68
CA VAL A 57 -19.66 16.39 7.11
C VAL A 57 -20.88 16.82 7.89
N ASP A 58 -21.84 17.44 7.22
CA ASP A 58 -23.09 17.86 7.85
C ASP A 58 -24.23 17.13 7.13
N ALA A 59 -23.98 15.88 6.83
CA ALA A 59 -25.00 15.01 6.23
C ALA A 59 -26.02 14.74 7.33
N ASP A 60 -25.56 14.83 8.56
CA ASP A 60 -26.37 14.62 9.74
C ASP A 60 -27.46 15.69 9.89
N GLY A 61 -27.26 16.86 9.32
CA GLY A 61 -28.25 17.93 9.42
C GLY A 61 -28.18 18.61 10.79
N ASN A 62 -27.01 18.53 11.39
CA ASN A 62 -26.77 19.01 12.76
C ASN A 62 -26.31 20.47 12.74
N GLY A 63 -25.69 20.89 11.65
CA GLY A 63 -25.21 22.26 11.51
C GLY A 63 -23.83 22.51 12.13
N THR A 64 -23.32 21.49 12.79
CA THR A 64 -22.00 21.53 13.43
C THR A 64 -21.30 20.25 13.01
N ILE A 65 -19.99 20.19 13.19
CA ILE A 65 -19.23 19.04 12.73
C ILE A 65 -18.63 18.33 13.93
N ASP A 66 -18.92 17.05 14.05
CA ASP A 66 -18.40 16.25 15.14
C ASP A 66 -16.99 15.84 14.81
N PHE A 67 -16.15 15.63 15.82
CA PHE A 67 -14.78 15.22 15.57
C PHE A 67 -14.69 13.86 14.88
N PRO A 68 -15.44 12.83 15.33
CA PRO A 68 -15.23 11.65 14.52
C PRO A 68 -15.81 11.73 13.12
N GLN A 69 -16.76 12.63 12.88
CA GLN A 69 -17.31 12.77 11.54
C GLN A 69 -16.19 13.32 10.67
N PHE A 70 -15.42 14.25 11.24
CA PHE A 70 -14.27 14.84 10.54
C PHE A 70 -13.24 13.78 10.25
N LEU A 71 -12.99 12.89 11.21
CA LEU A 71 -11.98 11.86 10.99
C LEU A 71 -12.40 10.88 9.88
N THR A 72 -13.67 10.49 9.83
CA THR A 72 -14.10 9.53 8.81
C THR A 72 -13.94 10.14 7.43
N MET A 73 -14.32 11.41 7.30
CA MET A 73 -14.27 12.10 6.02
C MET A 73 -12.83 12.42 5.60
N MET A 74 -12.02 12.84 6.57
CA MET A 74 -10.64 13.23 6.31
C MET A 74 -9.75 12.06 5.94
N ALA A 75 -10.03 10.87 6.44
CA ALA A 75 -9.21 9.71 6.12
C ALA A 75 -9.23 9.45 4.64
N ARG A 76 -10.40 9.55 4.01
CA ARG A 76 -10.54 9.33 2.59
C ARG A 76 -9.92 10.47 1.80
N LYS A 77 -10.07 11.66 2.35
CA LYS A 77 -9.66 12.92 1.72
C LYS A 77 -8.16 13.21 1.66
N MET A 78 -7.36 12.42 2.34
CA MET A 78 -5.91 12.71 2.43
C MET A 78 -5.24 12.92 1.06
N LYS A 79 -5.41 12.00 0.10
CA LYS A 79 -4.93 12.26 -1.27
C LYS A 79 -6.10 12.71 -2.13
N ASP A 80 -7.06 11.82 -2.34
CA ASP A 80 -8.24 12.06 -3.19
C ASP A 80 -9.17 10.85 -3.03
N THR A 81 -10.49 10.98 -3.24
CA THR A 81 -11.38 9.82 -3.14
C THR A 81 -11.44 9.17 -4.51
N ASP A 82 -11.03 7.91 -4.65
CA ASP A 82 -11.02 7.24 -5.98
C ASP A 82 -10.90 5.72 -5.80
N SER A 83 -11.09 4.94 -6.87
CA SER A 83 -10.95 3.47 -6.85
C SER A 83 -9.44 3.14 -6.87
N GLU A 84 -8.64 4.15 -7.18
CA GLU A 84 -7.18 4.08 -7.23
C GLU A 84 -6.60 3.74 -5.86
N GLU A 85 -7.38 3.95 -4.82
CA GLU A 85 -6.92 3.68 -3.46
C GLU A 85 -6.47 2.24 -3.20
N GLU A 86 -6.97 1.25 -3.94
CA GLU A 86 -6.49 -0.12 -3.76
C GLU A 86 -4.96 -0.20 -4.04
N ILE A 87 -4.47 0.62 -4.96
CA ILE A 87 -3.06 0.65 -5.34
C ILE A 87 -2.28 1.34 -4.19
N ARG A 88 -2.90 2.35 -3.60
CA ARG A 88 -2.25 3.11 -2.52
C ARG A 88 -2.06 2.24 -1.29
N GLU A 89 -2.93 1.27 -1.10
CA GLU A 89 -2.77 0.35 0.03
C GLU A 89 -1.51 -0.47 -0.09
N ALA A 90 -1.15 -0.84 -1.32
CA ALA A 90 0.04 -1.66 -1.53
C ALA A 90 1.27 -0.87 -1.06
N PHE A 91 1.24 0.46 -1.24
CA PHE A 91 2.35 1.29 -0.80
C PHE A 91 2.35 1.42 0.74
N ARG A 92 1.16 1.64 1.29
CA ARG A 92 0.96 1.85 2.74
C ARG A 92 1.26 0.67 3.64
N VAL A 93 1.09 -0.55 3.15
CA VAL A 93 1.33 -1.73 3.98
C VAL A 93 2.81 -1.80 4.40
N PHE A 94 3.75 -1.57 3.50
CA PHE A 94 5.15 -1.63 3.88
C PHE A 94 5.76 -0.32 4.40
N ASP A 95 5.18 0.83 4.06
CA ASP A 95 5.73 2.12 4.53
C ASP A 95 5.13 2.32 5.91
N LYS A 96 5.79 1.74 6.88
CA LYS A 96 5.34 1.67 8.25
C LYS A 96 5.25 3.03 8.90
N ASP A 97 6.21 3.88 8.62
CA ASP A 97 6.21 5.22 9.24
C ASP A 97 5.36 6.25 8.49
N GLY A 98 4.92 5.91 7.29
CA GLY A 98 4.02 6.79 6.55
C GLY A 98 4.69 8.01 5.95
N ASN A 99 6.00 7.95 5.66
CA ASN A 99 6.72 9.12 5.11
C ASN A 99 6.14 9.50 3.77
N GLY A 100 5.54 8.54 3.08
CA GLY A 100 5.01 8.76 1.72
C GLY A 100 6.14 8.49 0.73
N TYR A 101 7.29 8.19 1.31
CA TYR A 101 8.51 7.87 0.60
C TYR A 101 9.04 6.55 1.17
N ILE A 102 9.55 5.70 0.29
CA ILE A 102 10.08 4.41 0.65
C ILE A 102 11.52 4.55 1.13
N SER A 103 11.81 4.03 2.29
CA SER A 103 13.18 4.01 2.81
C SER A 103 13.56 2.54 2.71
N ALA A 104 14.85 2.21 2.68
CA ALA A 104 15.27 0.80 2.63
C ALA A 104 14.76 0.06 3.88
N ALA A 105 14.68 0.77 4.99
CA ALA A 105 14.17 0.23 6.27
C ALA A 105 12.70 -0.24 6.20
N GLU A 106 11.89 0.38 5.35
CA GLU A 106 10.47 0.05 5.26
C GLU A 106 10.27 -1.35 4.67
N LEU A 107 11.17 -1.73 3.81
CA LEU A 107 11.11 -3.01 3.09
C LEU A 107 11.53 -4.20 4.00
N ARG A 108 12.29 -3.90 5.03
CA ARG A 108 12.71 -4.92 5.99
C ARG A 108 11.53 -5.49 6.74
N HIS A 109 10.51 -4.67 6.87
CA HIS A 109 9.26 -5.03 7.56
C HIS A 109 8.56 -6.20 6.85
N VAL A 110 8.56 -6.19 5.52
CA VAL A 110 7.92 -7.25 4.76
C VAL A 110 8.89 -8.38 4.49
N MET A 111 10.13 -8.07 4.18
CA MET A 111 11.12 -9.05 3.80
C MET A 111 11.26 -10.09 4.92
N THR A 112 11.20 -9.61 6.15
CA THR A 112 11.24 -10.52 7.33
C THR A 112 10.01 -11.43 7.41
N ASN A 113 8.85 -10.88 7.06
CA ASN A 113 7.58 -11.63 7.14
C ASN A 113 7.59 -12.75 6.08
N LEU A 114 8.40 -12.56 5.04
CA LEU A 114 8.53 -13.57 3.99
C LEU A 114 9.42 -14.72 4.46
N GLY A 115 9.95 -14.63 5.66
CA GLY A 115 10.82 -15.71 6.11
C GLY A 115 12.24 -15.52 5.63
N GLU A 116 12.62 -14.25 5.42
CA GLU A 116 13.98 -13.83 5.00
C GLU A 116 14.38 -14.41 3.63
N LYS A 117 13.90 -13.73 2.59
CA LYS A 117 14.11 -14.14 1.20
C LYS A 117 15.06 -13.28 0.36
N LEU A 118 15.38 -12.08 0.85
CA LEU A 118 16.24 -11.15 0.10
C LEU A 118 17.39 -10.72 0.97
N THR A 119 18.52 -10.39 0.35
CA THR A 119 19.66 -9.93 1.14
C THR A 119 19.36 -8.50 1.44
N ASP A 120 19.93 -7.94 2.52
CA ASP A 120 19.68 -6.56 2.92
C ASP A 120 20.47 -5.63 1.99
N GLU A 121 21.43 -6.22 1.29
CA GLU A 121 22.27 -5.44 0.38
C GLU A 121 21.50 -5.11 -0.90
N GLU A 122 20.69 -6.07 -1.38
CA GLU A 122 19.87 -5.86 -2.55
C GLU A 122 18.80 -4.85 -2.24
N VAL A 123 18.29 -4.90 -1.01
CA VAL A 123 17.20 -4.00 -0.62
C VAL A 123 17.69 -2.55 -0.63
N ASP A 124 18.90 -2.32 -0.14
CA ASP A 124 19.39 -0.96 -0.08
C ASP A 124 19.68 -0.44 -1.51
N GLU A 125 20.19 -1.32 -2.35
CA GLU A 125 20.55 -0.95 -3.72
C GLU A 125 19.32 -0.74 -4.62
N MET A 126 18.20 -1.38 -4.29
CA MET A 126 16.96 -1.18 -5.03
C MET A 126 16.48 0.21 -4.95
N ILE A 127 16.88 0.94 -3.91
CA ILE A 127 16.45 2.32 -3.77
C ILE A 127 17.04 3.16 -4.91
N ARG A 128 18.30 2.96 -5.27
CA ARG A 128 18.87 3.73 -6.37
C ARG A 128 18.27 3.31 -7.70
N GLU A 129 17.87 2.04 -7.81
CA GLU A 129 17.33 1.54 -9.07
C GLU A 129 15.95 2.17 -9.31
N ALA A 130 15.14 2.24 -8.28
CA ALA A 130 13.81 2.81 -8.40
C ALA A 130 13.86 4.31 -8.64
N ASP A 131 14.81 4.95 -8.01
CA ASP A 131 14.98 6.40 -8.10
C ASP A 131 15.31 6.83 -9.53
N ILE A 132 14.55 7.81 -10.02
CA ILE A 132 14.70 8.36 -11.39
C ILE A 132 15.11 9.84 -11.24
N ASP A 133 14.45 10.52 -10.32
CA ASP A 133 14.62 11.93 -10.01
C ASP A 133 15.94 12.20 -9.27
N GLY A 134 16.58 11.18 -8.71
CA GLY A 134 17.90 11.35 -8.11
C GLY A 134 17.88 11.96 -6.72
N ASP A 135 16.73 11.91 -6.07
CA ASP A 135 16.54 12.47 -4.74
C ASP A 135 16.91 11.45 -3.63
N GLY A 136 17.14 10.19 -4.00
CA GLY A 136 17.54 9.15 -3.04
C GLY A 136 16.36 8.50 -2.33
N GLN A 137 15.13 8.88 -2.69
CA GLN A 137 13.92 8.39 -2.00
C GLN A 137 12.89 8.03 -3.07
N VAL A 138 11.95 7.16 -2.80
CA VAL A 138 10.95 6.76 -3.82
C VAL A 138 9.56 7.14 -3.34
N ASN A 139 8.83 7.92 -4.12
CA ASN A 139 7.46 8.34 -3.74
C ASN A 139 6.45 7.38 -4.40
N TYR A 140 5.17 7.60 -4.16
CA TYR A 140 4.13 6.70 -4.68
C TYR A 140 4.14 6.53 -6.20
N GLU A 141 4.20 7.59 -6.98
CA GLU A 141 4.16 7.42 -8.45
C GLU A 141 5.39 6.65 -8.94
N GLU A 142 6.55 6.91 -8.36
CA GLU A 142 7.80 6.22 -8.75
C GLU A 142 7.69 4.74 -8.45
N PHE A 143 6.97 4.40 -7.40
CA PHE A 143 6.72 2.99 -7.09
C PHE A 143 5.73 2.34 -8.03
N VAL A 144 4.62 3.00 -8.33
CA VAL A 144 3.57 2.39 -9.18
C VAL A 144 4.09 2.17 -10.59
N GLN A 145 4.81 3.13 -11.12
CA GLN A 145 5.33 3.05 -12.48
C GLN A 145 6.31 1.91 -12.71
N MET A 146 6.96 1.40 -11.68
CA MET A 146 7.89 0.27 -11.91
C MET A 146 7.12 -1.03 -12.28
N MET A 147 5.85 -1.14 -11.90
CA MET A 147 5.03 -2.32 -12.25
C MET A 147 4.10 -2.08 -13.46
N THR A 148 3.60 -0.86 -13.57
CA THR A 148 2.63 -0.53 -14.62
C THR A 148 3.33 -0.11 -15.92
N ALA A 149 4.63 0.10 -15.87
CA ALA A 149 5.40 0.40 -17.07
C ALA A 149 6.69 -0.36 -16.88
N LYS A 150 7.15 -1.01 -17.94
CA LYS A 150 8.34 -1.84 -17.85
C LYS A 150 9.57 -0.99 -18.10
N GLY B 1 42.12 -14.62 23.74
CA GLY B 1 41.13 -13.59 23.45
C GLY B 1 39.72 -14.16 23.42
N ALA B 2 38.74 -13.28 23.35
CA ALA B 2 37.36 -13.67 23.29
C ALA B 2 36.98 -14.24 21.90
N ASP B 3 35.87 -14.97 21.84
CA ASP B 3 35.38 -15.58 20.60
C ASP B 3 34.46 -14.62 19.88
N LYS B 4 34.92 -13.41 19.70
CA LYS B 4 34.14 -12.35 19.04
C LYS B 4 35.11 -11.62 18.14
N GLU B 5 34.62 -10.82 17.20
CA GLU B 5 35.47 -10.05 16.29
C GLU B 5 34.94 -8.62 16.17
N ASP B 6 35.81 -7.67 15.88
CA ASP B 6 35.40 -6.28 15.59
C ASP B 6 36.41 -5.73 14.60
N ASP B 7 35.96 -4.95 13.62
CA ASP B 7 36.80 -4.34 12.58
C ASP B 7 37.65 -5.33 11.77
N GLN B 8 37.07 -6.48 11.50
CA GLN B 8 37.77 -7.57 10.79
C GLN B 8 36.90 -8.03 9.62
N GLU B 9 37.55 -8.59 8.61
CA GLU B 9 36.85 -9.10 7.44
C GLU B 9 36.23 -10.46 7.75
N HIS B 10 35.04 -10.45 8.34
CA HIS B 10 34.35 -11.67 8.75
C HIS B 10 32.89 -11.68 8.31
N PRO B 11 32.64 -11.79 7.00
CA PRO B 11 31.24 -11.80 6.57
C PRO B 11 30.55 -13.15 6.91
N SER B 12 29.22 -13.14 6.96
CA SER B 12 28.43 -14.34 7.22
C SER B 12 27.05 -14.21 6.59
N GLU B 13 26.35 -15.33 6.46
CA GLU B 13 24.98 -15.38 5.92
C GLU B 13 24.90 -14.71 4.54
N LYS B 14 25.74 -15.15 3.61
CA LYS B 14 25.79 -14.56 2.28
C LYS B 14 25.01 -15.40 1.25
N GLN B 15 25.27 -16.70 1.23
CA GLN B 15 24.63 -17.67 0.31
C GLN B 15 24.70 -17.15 -1.14
N PRO B 16 25.92 -16.96 -1.71
CA PRO B 16 25.90 -16.45 -3.08
C PRO B 16 25.37 -17.47 -4.09
N SER B 17 24.80 -16.98 -5.19
CA SER B 17 24.27 -17.86 -6.23
C SER B 17 25.35 -18.48 -7.10
N GLY B 18 26.46 -17.77 -7.24
CA GLY B 18 27.53 -18.23 -8.09
C GLY B 18 27.23 -17.98 -9.56
N ALA B 19 26.32 -17.05 -9.83
CA ALA B 19 25.88 -16.75 -11.19
C ALA B 19 27.00 -16.21 -12.11
N GLU B 20 26.98 -16.64 -13.36
CA GLU B 20 27.98 -16.26 -14.35
C GLU B 20 27.83 -14.79 -14.74
N SER B 21 28.98 -14.13 -14.97
CA SER B 21 29.05 -12.71 -15.39
C SER B 21 28.77 -12.62 -16.90
N GLY B 22 28.67 -11.40 -17.42
CA GLY B 22 28.47 -11.18 -18.83
C GLY B 22 27.07 -10.71 -19.18
N THR B 23 26.73 -10.81 -20.44
CA THR B 23 25.48 -10.30 -20.99
C THR B 23 24.66 -11.39 -21.67
N LEU B 24 23.38 -11.43 -21.39
CA LEU B 24 22.45 -12.45 -21.91
C LEU B 24 21.08 -11.84 -22.07
N ALA B 25 20.25 -12.52 -22.84
CA ALA B 25 18.88 -12.13 -23.10
C ALA B 25 18.08 -13.41 -23.26
N ARG B 26 16.77 -13.34 -22.97
CA ARG B 26 15.93 -14.54 -23.09
C ARG B 26 15.85 -14.95 -24.55
N ALA B 27 15.92 -16.27 -24.75
CA ALA B 27 15.84 -16.86 -26.09
C ALA B 27 14.55 -17.64 -26.29
N SER B 28 13.99 -18.17 -25.22
CA SER B 28 12.74 -18.98 -25.29
C SER B 28 11.93 -18.86 -23.98
N LEU B 29 10.64 -19.09 -24.09
CA LEU B 29 9.72 -19.01 -22.93
C LEU B 29 8.62 -20.07 -23.20
N ALA B 30 7.90 -20.46 -22.15
CA ALA B 30 6.84 -21.47 -22.21
C ALA B 30 5.93 -21.23 -21.02
N LEU B 31 4.73 -21.83 -21.07
CA LEU B 31 3.79 -21.75 -19.97
C LEU B 31 3.55 -23.18 -19.46
N PRO B 32 4.45 -23.70 -18.62
CA PRO B 32 4.19 -25.06 -18.12
C PRO B 32 3.02 -25.11 -17.16
N THR B 33 2.36 -26.27 -17.11
CA THR B 33 1.19 -26.45 -16.22
C THR B 33 1.50 -27.39 -15.05
N SER B 34 2.28 -28.44 -15.27
CA SER B 34 2.61 -29.41 -14.22
C SER B 34 4.01 -29.16 -13.63
N SER B 35 4.96 -28.75 -14.45
CA SER B 35 6.32 -28.48 -14.01
C SER B 35 6.40 -27.18 -13.20
N LEU B 36 7.33 -27.09 -12.27
CA LEU B 36 7.52 -25.87 -11.48
C LEU B 36 8.96 -25.92 -10.99
N SER B 37 9.71 -24.85 -11.17
CA SER B 37 11.14 -24.82 -10.82
C SER B 37 11.41 -24.56 -9.32
N ARG B 38 12.46 -25.19 -8.78
CA ARG B 38 12.78 -24.99 -7.36
C ARG B 38 13.22 -23.57 -7.10
N THR B 39 14.13 -23.10 -7.96
CA THR B 39 14.74 -21.76 -7.91
C THR B 39 15.18 -21.43 -6.48
N ALA B 40 15.97 -22.32 -5.89
CA ALA B 40 16.42 -22.17 -4.51
C ALA B 40 17.33 -20.98 -4.28
N SER B 41 18.20 -20.69 -5.25
CA SER B 41 19.17 -19.60 -5.12
C SER B 41 18.42 -18.27 -5.24
N GLN B 42 17.29 -18.30 -5.96
CA GLN B 42 16.37 -17.17 -6.13
C GLN B 42 17.05 -15.88 -6.62
N SER B 43 17.99 -16.03 -7.54
CA SER B 43 18.73 -14.88 -8.02
C SER B 43 17.81 -13.98 -8.84
N SER B 44 17.75 -12.72 -8.43
CA SER B 44 16.88 -11.73 -9.04
C SER B 44 17.45 -10.36 -8.69
N SER B 45 16.94 -9.34 -9.37
CA SER B 45 17.36 -7.96 -9.11
C SER B 45 16.14 -6.99 -9.17
N HIS B 46 15.65 -6.68 -10.37
CA HIS B 46 14.53 -5.73 -10.54
C HIS B 46 13.25 -6.29 -9.92
N ARG B 47 13.13 -7.61 -9.89
CA ARG B 47 11.96 -8.27 -9.27
C ARG B 47 11.86 -7.96 -7.77
N GLY B 48 12.88 -7.41 -7.10
CA GLY B 48 12.77 -7.17 -5.67
C GLY B 48 11.60 -6.28 -5.31
N TRP B 49 11.19 -5.36 -6.20
CA TRP B 49 10.04 -4.55 -5.90
C TRP B 49 8.77 -5.36 -6.24
N GLU B 50 8.90 -6.26 -7.22
CA GLU B 50 7.80 -7.06 -7.66
C GLU B 50 7.38 -8.10 -6.61
N ILE B 51 8.32 -8.70 -5.88
CA ILE B 51 7.96 -9.67 -4.81
C ILE B 51 7.18 -8.89 -3.76
N LEU B 52 7.57 -7.67 -3.51
CA LEU B 52 6.90 -6.87 -2.53
C LEU B 52 5.43 -6.65 -2.88
N ARG B 53 5.13 -6.48 -4.16
CA ARG B 53 3.74 -6.30 -4.55
C ARG B 53 2.99 -7.60 -4.58
N GLN B 54 3.64 -8.69 -4.98
CA GLN B 54 2.94 -9.97 -5.07
C GLN B 54 2.47 -10.44 -3.72
N ASN B 55 3.23 -10.23 -2.66
CA ASN B 55 2.76 -10.69 -1.35
C ASN B 55 1.57 -9.84 -0.81
N THR B 56 1.49 -8.58 -1.20
CA THR B 56 0.39 -7.73 -0.73
C THR B 56 -0.87 -7.83 -1.64
N LEU B 57 -0.67 -8.20 -2.91
CA LEU B 57 -1.78 -8.34 -3.88
C LEU B 57 -2.44 -9.71 -3.79
N GLY B 58 -1.94 -10.64 -3.00
CA GLY B 58 -2.53 -11.96 -2.98
C GLY B 58 -2.00 -12.82 -4.12
N HIS B 59 -0.81 -12.46 -4.57
CA HIS B 59 -0.10 -13.16 -5.65
C HIS B 59 -0.87 -13.16 -6.97
N LEU B 60 -1.65 -12.10 -7.23
CA LEU B 60 -2.32 -11.98 -8.49
C LEU B 60 -1.29 -11.31 -9.42
N ASN B 61 -0.53 -12.13 -10.13
CA ASN B 61 0.56 -11.66 -10.98
C ASN B 61 0.94 -12.83 -11.90
N LEU B 62 1.59 -12.54 -13.02
CA LEU B 62 2.04 -13.56 -13.93
C LEU B 62 3.50 -13.29 -14.22
N GLY B 63 4.33 -14.31 -14.20
CA GLY B 63 5.75 -14.16 -14.49
C GLY B 63 6.69 -15.01 -13.65
N LEU B 64 6.27 -15.40 -12.44
CA LEU B 64 7.13 -16.21 -11.58
C LEU B 64 7.18 -17.67 -12.06
N ASN B 65 6.15 -18.13 -12.79
CA ASN B 65 6.18 -19.52 -13.29
C ASN B 65 6.93 -19.42 -14.61
N LEU B 66 8.25 -19.71 -14.57
CA LEU B 66 9.13 -19.54 -15.71
C LEU B 66 10.31 -20.51 -15.61
N SER B 67 10.81 -20.98 -16.75
CA SER B 67 11.97 -21.86 -16.74
C SER B 67 13.21 -21.09 -16.27
N GLU B 68 14.19 -21.81 -15.78
CA GLU B 68 15.41 -21.23 -15.20
C GLU B 68 16.57 -22.20 -15.41
N GLY B 69 17.79 -21.74 -15.24
CA GLY B 69 18.93 -22.66 -15.37
C GLY B 69 20.21 -22.06 -14.80
N ASP B 70 21.26 -22.87 -14.73
CA ASP B 70 22.56 -22.45 -14.19
C ASP B 70 23.60 -23.25 -14.94
N GLY B 71 24.80 -22.71 -15.12
CA GLY B 71 25.86 -23.43 -15.80
C GLY B 71 26.47 -24.52 -14.94
N GLU B 72 27.23 -25.40 -15.55
CA GLU B 72 27.81 -26.54 -14.81
C GLU B 72 28.91 -26.13 -13.85
N GLU B 73 28.92 -26.76 -12.67
CA GLU B 73 29.95 -26.51 -11.66
C GLU B 73 31.29 -27.02 -12.16
CA CA C . 9.41 5.37 5.68
CA CA D . 12.64 9.92 -6.20
N SER A 1 -17.45 15.35 5.68
CA SER A 1 -16.13 14.99 6.24
C SER A 1 -15.51 16.19 6.91
N MET A 2 -14.39 15.98 7.58
CA MET A 2 -13.68 17.05 8.24
C MET A 2 -12.24 17.04 7.75
N ALA A 3 -11.62 18.21 7.70
CA ALA A 3 -10.27 18.33 7.18
C ALA A 3 -9.29 17.53 8.05
N ASP A 4 -9.60 17.47 9.34
CA ASP A 4 -8.74 16.78 10.34
C ASP A 4 -8.53 15.29 10.07
N GLN A 5 -9.44 14.69 9.33
CA GLN A 5 -9.39 13.26 8.96
C GLN A 5 -8.26 12.99 7.91
N LEU A 6 -7.82 14.04 7.26
CA LEU A 6 -6.73 13.96 6.27
C LEU A 6 -5.59 14.84 6.79
N THR A 7 -4.37 14.53 6.37
CA THR A 7 -3.23 15.37 6.75
C THR A 7 -3.33 16.63 5.89
N GLU A 8 -2.89 17.78 6.36
CA GLU A 8 -3.04 19.03 5.61
C GLU A 8 -2.30 18.95 4.26
N GLU A 9 -1.22 18.19 4.23
CA GLU A 9 -0.43 18.06 3.01
C GLU A 9 -1.19 17.41 1.87
N GLN A 10 -1.98 16.35 2.16
CA GLN A 10 -2.69 15.64 1.08
C GLN A 10 -3.91 16.39 0.59
N ILE A 11 -4.59 17.12 1.46
CA ILE A 11 -5.81 17.84 1.05
C ILE A 11 -5.41 19.06 0.24
N ALA A 12 -4.33 19.72 0.63
CA ALA A 12 -3.90 20.95 0.01
C ALA A 12 -3.50 20.72 -1.44
N GLU A 13 -2.98 19.53 -1.72
CA GLU A 13 -2.51 19.24 -3.07
C GLU A 13 -3.62 19.31 -4.10
N PHE A 14 -4.78 18.74 -3.82
CA PHE A 14 -5.85 18.78 -4.84
C PHE A 14 -6.71 20.03 -4.66
N LYS A 15 -6.62 20.63 -3.48
CA LYS A 15 -7.46 21.82 -3.17
C LYS A 15 -7.04 22.97 -4.03
N GLU A 16 -5.76 23.00 -4.37
CA GLU A 16 -5.21 24.06 -5.18
C GLU A 16 -5.92 24.13 -6.52
N ALA A 17 -6.18 22.99 -7.12
CA ALA A 17 -6.83 22.98 -8.45
C ALA A 17 -8.31 23.29 -8.33
N PHE A 18 -8.98 22.81 -7.28
CA PHE A 18 -10.42 23.00 -7.17
C PHE A 18 -10.72 24.46 -6.91
N SER A 19 -9.86 25.09 -6.10
CA SER A 19 -10.02 26.51 -5.75
C SER A 19 -9.85 27.40 -6.97
N LEU A 20 -9.17 26.94 -8.01
CA LEU A 20 -9.04 27.77 -9.22
C LEU A 20 -10.41 28.02 -9.80
N PHE A 21 -11.20 26.97 -9.90
CA PHE A 21 -12.53 27.06 -10.50
C PHE A 21 -13.48 27.83 -9.59
N ASP A 22 -13.31 27.69 -8.27
CA ASP A 22 -14.12 28.44 -7.29
C ASP A 22 -13.33 29.66 -6.82
N LYS A 23 -12.81 30.44 -7.76
CA LYS A 23 -11.96 31.60 -7.44
C LYS A 23 -12.73 32.67 -6.68
N ASP A 24 -13.97 32.82 -7.06
CA ASP A 24 -14.83 33.84 -6.45
C ASP A 24 -15.20 33.44 -5.03
N GLY A 25 -15.13 32.15 -4.72
CA GLY A 25 -15.50 31.71 -3.38
C GLY A 25 -17.02 31.61 -3.18
N ASP A 26 -17.74 31.42 -4.28
CA ASP A 26 -19.20 31.29 -4.21
C ASP A 26 -19.53 29.98 -3.50
N GLY A 27 -18.57 29.05 -3.52
CA GLY A 27 -18.70 27.83 -2.76
C GLY A 27 -19.28 26.63 -3.45
N THR A 28 -19.71 26.78 -4.69
CA THR A 28 -20.25 25.68 -5.47
C THR A 28 -19.67 25.63 -6.87
N ILE A 29 -19.78 24.47 -7.52
CA ILE A 29 -19.45 24.31 -8.96
C ILE A 29 -20.61 23.51 -9.57
N THR A 30 -20.74 23.53 -10.89
CA THR A 30 -21.79 22.77 -11.55
C THR A 30 -21.19 21.43 -11.97
N THR A 31 -22.01 20.44 -12.32
CA THR A 31 -21.48 19.10 -12.62
C THR A 31 -20.63 19.10 -13.90
N LYS A 32 -20.91 19.99 -14.84
CA LYS A 32 -20.06 20.03 -16.04
C LYS A 32 -18.66 20.52 -15.72
N GLN A 33 -18.53 21.33 -14.67
CA GLN A 33 -17.21 21.85 -14.27
C GLN A 33 -16.42 20.74 -13.58
N LEU A 34 -17.11 19.75 -13.04
CA LEU A 34 -16.43 18.65 -12.35
C LEU A 34 -15.59 17.87 -13.31
N GLY A 35 -16.07 17.74 -14.54
CA GLY A 35 -15.34 16.98 -15.54
C GLY A 35 -13.99 17.66 -15.83
N THR A 36 -14.01 18.97 -15.86
CA THR A 36 -12.82 19.77 -16.15
C THR A 36 -11.83 19.60 -14.98
N VAL A 37 -12.34 19.50 -13.77
CA VAL A 37 -11.47 19.32 -12.60
C VAL A 37 -10.80 17.96 -12.70
N MET A 38 -11.53 16.94 -13.12
CA MET A 38 -10.96 15.59 -13.22
C MET A 38 -9.87 15.54 -14.27
N ARG A 39 -9.97 16.38 -15.26
CA ARG A 39 -8.98 16.45 -16.31
C ARG A 39 -7.73 17.22 -15.87
N SER A 40 -7.87 18.25 -15.04
CA SER A 40 -6.71 19.01 -14.55
C SER A 40 -5.93 18.28 -13.48
N LEU A 41 -6.53 17.33 -12.75
CA LEU A 41 -5.81 16.59 -11.68
C LEU A 41 -4.87 15.54 -12.27
N GLY A 42 -5.19 14.97 -13.42
CA GLY A 42 -4.37 13.93 -13.99
C GLY A 42 -4.96 13.36 -15.27
N GLN A 43 -4.52 12.16 -15.65
CA GLN A 43 -5.08 11.52 -16.87
C GLN A 43 -6.59 11.39 -16.66
N ASN A 44 -7.36 11.76 -17.64
CA ASN A 44 -8.78 11.87 -17.48
C ASN A 44 -9.44 10.48 -17.50
N PRO A 45 -10.59 10.33 -16.76
CA PRO A 45 -11.33 9.05 -16.66
C PRO A 45 -11.92 8.62 -18.00
N THR A 46 -12.36 7.38 -18.08
CA THR A 46 -13.03 6.86 -19.27
C THR A 46 -14.35 7.57 -19.40
N GLU A 47 -14.98 7.42 -20.55
CA GLU A 47 -16.28 8.04 -20.77
C GLU A 47 -17.30 7.54 -19.73
N ALA A 48 -17.31 6.25 -19.46
CA ALA A 48 -18.26 5.68 -18.50
C ALA A 48 -17.96 6.12 -17.04
N GLU A 49 -16.68 6.08 -16.64
CA GLU A 49 -16.32 6.47 -15.29
C GLU A 49 -16.54 7.97 -15.07
N LEU A 50 -16.26 8.79 -16.08
CA LEU A 50 -16.45 10.24 -15.91
C LEU A 50 -17.93 10.53 -15.75
N GLN A 51 -18.74 9.84 -16.54
CA GLN A 51 -20.18 10.06 -16.49
C GLN A 51 -20.76 9.58 -15.17
N ASP A 52 -20.25 8.48 -14.64
CA ASP A 52 -20.76 7.95 -13.38
C ASP A 52 -20.42 8.93 -12.25
N MET A 53 -19.24 9.57 -12.35
CA MET A 53 -18.86 10.51 -11.28
C MET A 53 -19.79 11.73 -11.24
N ILE A 54 -20.12 12.30 -12.39
CA ILE A 54 -20.98 13.50 -12.38
C ILE A 54 -22.41 13.12 -11.97
N ASN A 55 -22.77 11.85 -12.11
CA ASN A 55 -24.11 11.40 -11.73
C ASN A 55 -24.16 10.99 -10.26
N GLU A 56 -23.08 10.51 -9.69
CA GLU A 56 -23.06 10.10 -8.28
C GLU A 56 -23.14 11.30 -7.35
N VAL A 57 -22.48 12.39 -7.72
CA VAL A 57 -22.44 13.56 -6.86
C VAL A 57 -23.81 14.22 -6.70
N ASP A 58 -24.65 14.16 -7.74
CA ASP A 58 -26.00 14.77 -7.70
C ASP A 58 -27.00 13.94 -8.56
N ALA A 59 -27.34 12.75 -8.08
CA ALA A 59 -28.22 11.86 -8.83
C ALA A 59 -29.68 12.37 -8.87
N ASP A 60 -30.18 12.78 -7.71
CA ASP A 60 -31.57 13.20 -7.55
C ASP A 60 -31.75 14.67 -7.13
N GLY A 61 -30.66 15.41 -7.18
CA GLY A 61 -30.64 16.79 -6.70
C GLY A 61 -30.89 17.88 -7.75
N ASN A 62 -30.28 19.02 -7.52
CA ASN A 62 -30.46 20.22 -8.37
C ASN A 62 -29.41 20.40 -9.46
N GLY A 63 -28.50 19.43 -9.61
CA GLY A 63 -27.45 19.52 -10.63
C GLY A 63 -26.27 20.43 -10.27
N THR A 64 -25.98 20.55 -8.97
CA THR A 64 -24.89 21.40 -8.49
C THR A 64 -24.03 20.61 -7.51
N ILE A 65 -22.83 21.10 -7.21
CA ILE A 65 -21.91 20.42 -6.32
C ILE A 65 -21.40 21.40 -5.26
N ASP A 66 -21.57 21.06 -3.99
CA ASP A 66 -21.11 21.91 -2.90
C ASP A 66 -19.62 21.65 -2.69
N PHE A 67 -18.88 22.60 -2.13
CA PHE A 67 -17.44 22.42 -1.91
C PHE A 67 -17.13 21.17 -1.06
N PRO A 68 -17.80 20.96 0.10
CA PRO A 68 -17.41 19.73 0.82
C PRO A 68 -17.93 18.44 0.16
N GLN A 69 -18.93 18.56 -0.72
CA GLN A 69 -19.44 17.39 -1.42
C GLN A 69 -18.33 16.81 -2.29
N PHE A 70 -17.55 17.72 -2.86
CA PHE A 70 -16.38 17.31 -3.63
C PHE A 70 -15.35 16.63 -2.71
N LEU A 71 -15.14 17.20 -1.53
CA LEU A 71 -14.09 16.72 -0.62
C LEU A 71 -14.33 15.30 -0.14
N THR A 72 -15.59 14.95 0.14
CA THR A 72 -15.87 13.58 0.63
C THR A 72 -15.64 12.51 -0.41
N MET A 73 -15.79 12.85 -1.68
CA MET A 73 -15.60 11.86 -2.74
C MET A 73 -14.13 11.87 -3.19
N MET A 74 -13.47 13.02 -3.01
CA MET A 74 -12.10 13.16 -3.46
C MET A 74 -11.17 12.19 -2.76
N ALA A 75 -11.48 11.82 -1.51
CA ALA A 75 -10.62 10.91 -0.79
C ALA A 75 -10.46 9.56 -1.52
N ARG A 76 -11.52 9.00 -2.08
CA ARG A 76 -11.44 7.72 -2.80
C ARG A 76 -10.72 7.83 -4.13
N LYS A 77 -10.97 8.94 -4.82
CA LYS A 77 -10.44 9.17 -6.15
C LYS A 77 -9.06 9.81 -6.26
N MET A 78 -8.56 10.26 -5.11
CA MET A 78 -7.46 11.22 -5.01
C MET A 78 -6.29 11.06 -5.96
N LYS A 79 -5.91 9.82 -6.27
CA LYS A 79 -4.85 9.60 -7.24
C LYS A 79 -5.52 9.39 -8.61
N ASP A 80 -6.41 8.44 -8.66
CA ASP A 80 -7.10 8.05 -9.89
C ASP A 80 -8.41 7.32 -9.54
N THR A 81 -9.32 7.23 -10.49
CA THR A 81 -10.58 6.48 -10.31
C THR A 81 -10.47 5.08 -10.87
N ASP A 82 -9.39 4.81 -11.56
CA ASP A 82 -9.12 3.52 -12.21
C ASP A 82 -8.58 2.49 -11.18
N SER A 83 -8.18 1.32 -11.64
CA SER A 83 -7.70 0.24 -10.78
C SER A 83 -6.31 0.52 -10.16
N GLU A 84 -5.62 1.56 -10.64
CA GLU A 84 -4.32 1.93 -10.10
C GLU A 84 -4.37 2.35 -8.63
N GLU A 85 -5.54 2.81 -8.21
CA GLU A 85 -5.76 3.25 -6.84
C GLU A 85 -5.57 2.09 -5.82
N GLU A 86 -5.74 0.85 -6.27
CA GLU A 86 -5.59 -0.32 -5.40
C GLU A 86 -4.16 -0.49 -4.89
N ILE A 87 -3.21 -0.05 -5.69
CA ILE A 87 -1.77 -0.13 -5.35
C ILE A 87 -1.49 0.74 -4.10
N ARG A 88 -2.33 1.72 -3.83
CA ARG A 88 -2.13 2.56 -2.65
C ARG A 88 -2.21 1.72 -1.38
N GLU A 89 -2.98 0.64 -1.41
CA GLU A 89 -3.13 -0.19 -0.22
C GLU A 89 -1.82 -0.86 0.16
N ALA A 90 -1.09 -1.42 -0.80
CA ALA A 90 0.17 -2.08 -0.48
C ALA A 90 1.19 -1.07 0.03
N PHE A 91 1.16 0.14 -0.54
CA PHE A 91 2.13 1.16 -0.16
C PHE A 91 2.00 1.55 1.34
N ARG A 92 0.76 1.68 1.76
CA ARG A 92 0.44 2.05 3.16
C ARG A 92 0.78 0.95 4.16
N VAL A 93 0.74 -0.32 3.76
CA VAL A 93 1.03 -1.38 4.71
C VAL A 93 2.50 -1.36 5.10
N PHE A 94 3.42 -1.26 4.16
CA PHE A 94 4.83 -1.39 4.57
C PHE A 94 5.38 -0.09 5.16
N ASP A 95 4.78 1.05 4.85
CA ASP A 95 5.26 2.33 5.42
C ASP A 95 4.66 2.55 6.81
N LYS A 96 5.37 2.10 7.83
CA LYS A 96 4.85 2.20 9.20
C LYS A 96 4.70 3.62 9.73
N ASP A 97 5.64 4.50 9.43
CA ASP A 97 5.54 5.89 9.93
C ASP A 97 4.55 6.73 9.08
N GLY A 98 4.22 6.29 7.87
CA GLY A 98 3.28 7.01 7.03
C GLY A 98 3.82 8.29 6.40
N ASN A 99 5.12 8.45 6.30
CA ASN A 99 5.68 9.70 5.77
C ASN A 99 5.53 9.85 4.24
N GLY A 100 4.99 8.83 3.60
CA GLY A 100 4.76 8.90 2.16
C GLY A 100 5.97 8.56 1.28
N TYR A 101 7.09 8.15 1.86
CA TYR A 101 8.25 7.78 1.04
C TYR A 101 8.79 6.43 1.52
N ILE A 102 9.54 5.74 0.67
CA ILE A 102 10.09 4.46 1.01
C ILE A 102 11.55 4.58 1.46
N SER A 103 11.85 4.05 2.63
CA SER A 103 13.19 3.95 3.20
C SER A 103 13.58 2.48 3.18
N ALA A 104 14.89 2.19 3.24
CA ALA A 104 15.37 0.81 3.25
C ALA A 104 14.78 0.08 4.47
N ALA A 105 14.57 0.85 5.54
CA ALA A 105 14.06 0.34 6.78
C ALA A 105 12.67 -0.24 6.57
N GLU A 106 11.89 0.38 5.71
CA GLU A 106 10.49 -0.07 5.45
C GLU A 106 10.49 -1.43 4.76
N LEU A 107 11.47 -1.64 3.89
CA LEU A 107 11.56 -2.85 3.09
C LEU A 107 12.13 -4.00 3.89
N ARG A 108 12.91 -3.69 4.90
CA ARG A 108 13.54 -4.69 5.77
C ARG A 108 12.48 -5.50 6.46
N HIS A 109 11.42 -4.81 6.81
CA HIS A 109 10.23 -5.40 7.43
C HIS A 109 9.56 -6.43 6.52
N VAL A 110 9.45 -6.14 5.24
CA VAL A 110 8.76 -7.05 4.29
C VAL A 110 9.66 -8.17 3.76
N MET A 111 10.91 -7.88 3.46
CA MET A 111 11.77 -8.90 2.84
C MET A 111 11.98 -10.11 3.76
N THR A 112 11.94 -9.87 5.06
CA THR A 112 12.08 -10.93 6.03
C THR A 112 10.83 -11.86 6.01
N ASN A 113 9.64 -11.31 5.73
CA ASN A 113 8.37 -12.05 5.73
C ASN A 113 8.39 -13.16 4.67
N LEU A 114 9.22 -13.02 3.64
CA LEU A 114 9.36 -14.00 2.56
C LEU A 114 10.55 -14.94 2.82
N GLY A 115 11.11 -14.94 4.03
CA GLY A 115 12.19 -15.83 4.40
C GLY A 115 13.55 -15.24 4.12
N GLU A 116 13.63 -13.91 3.97
CA GLU A 116 14.88 -13.20 3.67
C GLU A 116 15.50 -13.81 2.41
N LYS A 117 14.70 -13.86 1.37
CA LYS A 117 15.13 -14.44 0.09
C LYS A 117 16.15 -13.49 -0.51
N LEU A 118 15.94 -12.23 -0.20
CA LEU A 118 16.82 -11.14 -0.63
C LEU A 118 17.81 -10.88 0.48
N THR A 119 18.87 -10.18 0.15
CA THR A 119 19.87 -9.77 1.13
C THR A 119 19.68 -8.29 1.41
N ASP A 120 20.23 -7.75 2.48
CA ASP A 120 20.06 -6.32 2.74
C ASP A 120 20.77 -5.51 1.66
N GLU A 121 21.81 -6.09 1.08
CA GLU A 121 22.55 -5.42 0.02
C GLU A 121 21.66 -5.27 -1.22
N GLU A 122 20.87 -6.30 -1.51
CA GLU A 122 20.05 -6.26 -2.68
C GLU A 122 18.96 -5.20 -2.54
N VAL A 123 18.47 -5.06 -1.32
CA VAL A 123 17.41 -4.11 -1.01
C VAL A 123 17.93 -2.71 -1.15
N ASP A 124 19.18 -2.52 -0.76
CA ASP A 124 19.78 -1.19 -0.81
C ASP A 124 19.96 -0.76 -2.29
N GLU A 125 20.36 -1.71 -3.13
CA GLU A 125 20.56 -1.44 -4.53
C GLU A 125 19.24 -1.20 -5.23
N MET A 126 18.21 -1.86 -4.74
CA MET A 126 16.90 -1.75 -5.36
C MET A 126 16.37 -0.32 -5.30
N ILE A 127 16.75 0.39 -4.25
CA ILE A 127 16.36 1.80 -4.11
C ILE A 127 17.12 2.60 -5.16
N ARG A 128 18.40 2.28 -5.35
CA ARG A 128 19.21 3.00 -6.29
C ARG A 128 18.80 2.79 -7.74
N GLU A 129 18.32 1.60 -8.05
CA GLU A 129 17.82 1.29 -9.40
C GLU A 129 16.43 1.84 -9.66
N ALA A 130 15.61 1.91 -8.63
CA ALA A 130 14.26 2.43 -8.76
C ALA A 130 14.34 3.93 -9.04
N ASP A 131 15.25 4.57 -8.35
CA ASP A 131 15.43 5.98 -8.48
C ASP A 131 16.10 6.33 -9.80
N ILE A 132 15.47 7.18 -10.63
CA ILE A 132 16.09 7.56 -11.89
C ILE A 132 16.66 8.99 -11.79
N ASP A 133 16.07 9.81 -10.96
CA ASP A 133 16.49 11.20 -10.76
C ASP A 133 17.67 11.27 -9.73
N GLY A 134 17.87 10.24 -8.93
CA GLY A 134 18.96 10.24 -7.93
C GLY A 134 18.72 11.02 -6.65
N ASP A 135 17.48 11.26 -6.32
CA ASP A 135 17.10 11.96 -5.07
C ASP A 135 17.19 11.11 -3.79
N GLY A 136 17.32 9.80 -3.91
CA GLY A 136 17.54 8.96 -2.75
C GLY A 136 16.27 8.57 -2.02
N GLN A 137 15.14 8.85 -2.63
CA GLN A 137 13.82 8.59 -2.05
C GLN A 137 12.86 8.17 -3.17
N VAL A 138 11.84 7.43 -2.80
CA VAL A 138 10.85 6.92 -3.74
C VAL A 138 9.45 7.28 -3.24
N ASN A 139 8.68 7.93 -4.12
CA ASN A 139 7.33 8.36 -3.80
C ASN A 139 6.34 7.38 -4.46
N TYR A 140 5.05 7.57 -4.23
CA TYR A 140 4.02 6.67 -4.74
C TYR A 140 3.95 6.56 -6.27
N GLU A 141 3.91 7.68 -6.99
CA GLU A 141 3.83 7.55 -8.46
C GLU A 141 5.05 6.86 -9.00
N GLU A 142 6.20 7.14 -8.40
CA GLU A 142 7.45 6.49 -8.83
C GLU A 142 7.35 4.98 -8.64
N PHE A 143 6.66 4.55 -7.59
CA PHE A 143 6.37 3.13 -7.34
C PHE A 143 5.37 2.55 -8.33
N VAL A 144 4.35 3.29 -8.71
CA VAL A 144 3.36 2.81 -9.69
C VAL A 144 4.05 2.60 -11.04
N GLN A 145 4.95 3.51 -11.37
CA GLN A 145 5.72 3.43 -12.61
C GLN A 145 6.44 2.09 -12.73
N MET A 146 6.85 1.52 -11.61
CA MET A 146 7.59 0.26 -11.63
C MET A 146 6.75 -0.89 -12.17
N MET A 147 5.43 -0.83 -12.02
CA MET A 147 4.52 -1.85 -12.57
C MET A 147 4.13 -1.54 -14.02
N THR A 148 4.23 -0.30 -14.45
CA THR A 148 3.86 0.06 -15.83
C THR A 148 4.95 -0.39 -16.77
N ALA A 149 6.14 -0.56 -16.24
CA ALA A 149 7.30 -0.99 -17.00
C ALA A 149 8.19 -1.77 -16.06
N LYS A 150 7.90 -3.04 -15.87
CA LYS A 150 8.68 -3.88 -14.95
C LYS A 150 10.07 -4.04 -15.46
N GLY B 1 -68.56 -53.22 9.27
CA GLY B 1 -67.29 -53.12 8.53
C GLY B 1 -66.10 -53.59 9.35
N ALA B 2 -64.95 -53.69 8.71
CA ALA B 2 -63.70 -54.17 9.34
C ALA B 2 -62.50 -53.49 8.63
N ASP B 3 -61.35 -53.43 9.27
CA ASP B 3 -60.17 -52.83 8.67
C ASP B 3 -59.65 -53.62 7.47
N LYS B 4 -58.95 -52.93 6.58
CA LYS B 4 -58.34 -53.54 5.40
C LYS B 4 -56.82 -53.59 5.52
N GLU B 5 -56.24 -52.44 5.70
CA GLU B 5 -54.80 -52.26 5.81
C GLU B 5 -54.55 -50.96 6.58
N ASP B 6 -53.40 -50.87 7.21
CA ASP B 6 -52.97 -49.67 7.92
C ASP B 6 -51.89 -48.98 7.11
N ASP B 7 -51.08 -49.76 6.43
CA ASP B 7 -49.94 -49.24 5.66
C ASP B 7 -50.41 -48.46 4.42
N GLN B 8 -49.75 -47.32 4.08
CA GLN B 8 -50.15 -46.50 2.94
C GLN B 8 -48.92 -46.25 2.03
N GLU B 9 -49.08 -46.03 0.75
CA GLU B 9 -47.89 -45.86 -0.12
C GLU B 9 -47.26 -44.43 -0.10
N HIS B 10 -48.08 -43.40 -0.37
CA HIS B 10 -47.63 -41.98 -0.40
C HIS B 10 -46.38 -41.70 -1.30
N PRO B 11 -46.37 -42.10 -2.60
CA PRO B 11 -45.13 -41.71 -3.29
C PRO B 11 -45.04 -40.18 -3.40
N SER B 12 -43.85 -39.62 -3.32
CA SER B 12 -43.72 -38.15 -3.29
C SER B 12 -43.92 -37.46 -4.61
N GLU B 13 -43.47 -38.12 -5.69
CA GLU B 13 -43.58 -37.58 -7.04
C GLU B 13 -42.94 -36.18 -7.25
N LYS B 14 -42.17 -35.71 -6.29
CA LYS B 14 -41.55 -34.39 -6.35
C LYS B 14 -40.43 -34.32 -7.38
N GLN B 15 -39.75 -35.45 -7.55
CA GLN B 15 -38.62 -35.63 -8.51
C GLN B 15 -37.40 -34.74 -8.18
N PRO B 16 -36.17 -35.24 -8.41
CA PRO B 16 -34.96 -34.45 -8.11
C PRO B 16 -34.74 -33.29 -9.09
N SER B 17 -34.05 -32.25 -8.64
CA SER B 17 -33.75 -31.08 -9.49
C SER B 17 -32.25 -30.76 -9.64
N GLY B 18 -31.45 -31.06 -8.61
CA GLY B 18 -30.01 -30.78 -8.67
C GLY B 18 -29.63 -29.32 -8.75
N ALA B 19 -30.44 -28.45 -8.18
CA ALA B 19 -30.17 -27.00 -8.28
C ALA B 19 -29.05 -26.49 -7.35
N GLU B 20 -27.84 -26.41 -7.90
CA GLU B 20 -26.65 -25.99 -7.16
C GLU B 20 -26.68 -24.49 -6.78
N SER B 21 -25.93 -24.10 -5.77
CA SER B 21 -25.84 -22.75 -5.33
C SER B 21 -25.10 -21.92 -6.38
N GLY B 22 -25.40 -20.64 -6.45
CA GLY B 22 -24.79 -19.77 -7.46
C GLY B 22 -23.38 -19.34 -7.10
N THR B 23 -22.41 -20.16 -7.51
CA THR B 23 -20.99 -19.88 -7.23
C THR B 23 -20.47 -18.69 -8.07
N LEU B 24 -19.53 -17.92 -7.52
CA LEU B 24 -18.96 -16.77 -8.23
C LEU B 24 -18.01 -17.26 -9.31
N ALA B 25 -17.89 -16.45 -10.38
CA ALA B 25 -16.92 -16.77 -11.39
C ALA B 25 -15.56 -16.39 -10.82
N ARG B 26 -14.55 -17.22 -11.04
CA ARG B 26 -13.22 -16.98 -10.47
C ARG B 26 -12.19 -17.74 -11.28
N ALA B 27 -10.97 -17.24 -11.32
CA ALA B 27 -9.91 -17.86 -12.10
C ALA B 27 -9.57 -19.28 -11.59
N SER B 28 -9.67 -19.51 -10.28
CA SER B 28 -9.39 -20.82 -9.66
C SER B 28 -8.01 -21.32 -10.06
N LEU B 29 -7.01 -20.48 -9.90
CA LEU B 29 -5.66 -20.86 -10.28
C LEU B 29 -5.14 -22.06 -9.46
N ALA B 30 -4.34 -22.91 -10.11
CA ALA B 30 -3.74 -24.10 -9.49
C ALA B 30 -2.32 -23.77 -9.07
N LEU B 31 -1.65 -24.69 -8.39
CA LEU B 31 -0.25 -24.53 -7.99
C LEU B 31 0.64 -25.68 -8.49
N PRO B 32 0.85 -25.74 -9.82
CA PRO B 32 1.64 -26.79 -10.44
C PRO B 32 3.14 -26.69 -10.25
N THR B 33 3.80 -27.84 -10.39
CA THR B 33 5.28 -27.90 -10.33
C THR B 33 5.86 -28.10 -11.74
N SER B 34 5.00 -28.44 -12.69
CA SER B 34 5.45 -28.66 -14.07
C SER B 34 5.32 -27.40 -14.93
N SER B 35 4.61 -26.44 -14.38
CA SER B 35 4.23 -25.22 -15.10
C SER B 35 4.43 -23.97 -14.26
N LEU B 36 4.18 -22.82 -14.86
CA LEU B 36 4.27 -21.53 -14.17
C LEU B 36 3.42 -21.70 -12.88
N SER B 37 3.98 -21.25 -11.78
CA SER B 37 3.51 -21.59 -10.44
C SER B 37 3.29 -20.35 -9.55
N ARG B 38 2.93 -20.55 -8.28
CA ARG B 38 2.66 -19.48 -7.33
C ARG B 38 3.90 -19.05 -6.54
N THR B 39 5.04 -19.69 -6.78
CA THR B 39 6.20 -19.50 -5.87
C THR B 39 6.76 -18.09 -5.83
N ALA B 40 7.21 -17.72 -4.64
CA ALA B 40 7.76 -16.37 -4.37
C ALA B 40 9.29 -16.33 -4.54
N SER B 41 9.85 -17.45 -4.95
CA SER B 41 11.33 -17.55 -5.10
C SER B 41 11.81 -16.83 -6.36
N GLN B 42 10.92 -16.60 -7.32
CA GLN B 42 11.30 -15.99 -8.56
C GLN B 42 11.85 -14.58 -8.33
N SER B 43 13.07 -14.33 -8.80
CA SER B 43 13.69 -13.04 -8.61
C SER B 43 14.41 -12.57 -9.88
N SER B 44 14.50 -11.26 -9.97
CA SER B 44 15.16 -10.53 -11.03
C SER B 44 15.68 -9.34 -10.25
N SER B 45 16.63 -8.57 -10.75
CA SER B 45 17.13 -7.44 -9.95
C SER B 45 16.05 -6.37 -9.71
N HIS B 46 15.10 -6.17 -10.63
CA HIS B 46 14.06 -5.16 -10.43
C HIS B 46 12.82 -5.70 -9.72
N ARG B 47 12.72 -7.00 -9.56
CA ARG B 47 11.56 -7.65 -8.94
C ARG B 47 11.38 -7.47 -7.43
N GLY B 48 12.38 -6.98 -6.75
CA GLY B 48 12.21 -6.73 -5.34
C GLY B 48 11.07 -5.74 -5.07
N TRP B 49 10.76 -4.84 -6.01
CA TRP B 49 9.64 -3.90 -5.79
C TRP B 49 8.30 -4.56 -6.12
N GLU B 50 8.33 -5.54 -7.03
CA GLU B 50 7.12 -6.21 -7.45
C GLU B 50 6.58 -6.97 -6.24
N ILE B 51 7.52 -7.48 -5.45
CA ILE B 51 7.23 -8.34 -4.31
C ILE B 51 6.29 -7.68 -3.31
N LEU B 52 6.38 -6.34 -3.22
CA LEU B 52 5.55 -5.61 -2.26
C LEU B 52 4.08 -5.68 -2.59
N ARG B 53 3.74 -5.68 -3.87
CA ARG B 53 2.34 -5.87 -4.25
C ARG B 53 1.98 -7.33 -4.10
N GLN B 54 2.87 -8.21 -4.54
CA GLN B 54 2.56 -9.62 -4.57
C GLN B 54 2.33 -10.22 -3.20
N ASN B 55 3.11 -9.87 -2.16
CA ASN B 55 2.92 -10.53 -0.87
C ASN B 55 1.66 -10.02 -0.18
N THR B 56 1.28 -8.78 -0.43
CA THR B 56 0.11 -8.15 0.17
C THR B 56 -1.16 -8.61 -0.52
N LEU B 57 -1.14 -8.71 -1.84
CA LEU B 57 -2.37 -9.09 -2.54
C LEU B 57 -2.65 -10.59 -2.41
N GLY B 58 -1.58 -11.39 -2.26
CA GLY B 58 -1.74 -12.83 -2.15
C GLY B 58 -2.16 -13.44 -3.47
N HIS B 59 -1.82 -12.74 -4.54
CA HIS B 59 -2.18 -13.12 -5.92
C HIS B 59 -1.20 -12.34 -6.81
N LEU B 60 -1.10 -12.75 -8.06
CA LEU B 60 -0.15 -12.14 -9.05
C LEU B 60 1.29 -12.37 -8.59
N ASN B 61 1.44 -13.38 -7.75
CA ASN B 61 2.70 -13.78 -7.14
C ASN B 61 3.30 -14.95 -7.91
N LEU B 62 3.07 -14.96 -9.21
CA LEU B 62 3.50 -16.05 -10.07
C LEU B 62 5.02 -16.11 -10.17
N GLY B 63 5.54 -17.33 -10.22
CA GLY B 63 6.97 -17.58 -10.39
C GLY B 63 7.18 -18.76 -11.32
N LEU B 64 8.14 -18.60 -12.23
CA LEU B 64 8.44 -19.62 -13.25
C LEU B 64 9.23 -20.81 -12.70
N ASN B 65 10.21 -20.56 -11.86
CA ASN B 65 11.08 -21.64 -11.35
C ASN B 65 10.29 -22.57 -10.39
N LEU B 66 10.59 -23.86 -10.41
CA LEU B 66 9.94 -24.83 -9.52
C LEU B 66 10.55 -24.62 -8.14
N SER B 67 9.76 -24.42 -7.10
CA SER B 67 10.32 -24.15 -5.77
C SER B 67 9.36 -24.45 -4.59
N GLU B 68 9.94 -24.58 -3.40
CA GLU B 68 9.21 -24.73 -2.16
C GLU B 68 9.77 -23.67 -1.22
N GLY B 69 8.99 -23.22 -0.27
CA GLY B 69 9.48 -22.24 0.68
C GLY B 69 8.44 -21.23 1.10
N ASP B 70 7.40 -21.12 0.29
CA ASP B 70 6.27 -20.21 0.55
C ASP B 70 5.69 -20.50 1.91
N GLY B 71 5.11 -19.51 2.58
CA GLY B 71 4.47 -19.74 3.87
C GLY B 71 3.27 -18.82 4.07
N GLU B 72 3.32 -17.67 3.42
CA GLU B 72 2.23 -16.68 3.41
C GLU B 72 1.80 -16.29 4.84
N GLU B 73 2.77 -15.96 5.67
CA GLU B 73 2.46 -15.55 7.07
C GLU B 73 1.97 -14.07 7.14
CA CA C . 8.05 5.32 5.83
CA CA D . 13.45 9.56 -7.04
N SER A 1 -14.52 4.79 -7.82
CA SER A 1 -14.79 5.08 -6.40
C SER A 1 -16.26 5.38 -6.16
N MET A 2 -17.14 4.39 -6.31
CA MET A 2 -18.58 4.61 -6.06
C MET A 2 -19.15 3.52 -5.14
N ALA A 3 -20.13 3.91 -4.36
CA ALA A 3 -20.79 3.01 -3.40
C ALA A 3 -21.80 2.07 -4.02
N ASP A 4 -22.24 2.32 -5.26
CA ASP A 4 -23.27 1.48 -5.87
C ASP A 4 -22.76 0.09 -6.22
N GLN A 5 -21.45 -0.09 -6.15
CA GLN A 5 -20.84 -1.39 -6.40
C GLN A 5 -21.15 -2.38 -5.27
N LEU A 6 -21.55 -1.82 -4.14
CA LEU A 6 -21.97 -2.60 -2.99
C LEU A 6 -23.50 -2.40 -2.93
N THR A 7 -24.24 -3.38 -2.44
CA THR A 7 -25.72 -3.26 -2.35
C THR A 7 -26.12 -3.13 -0.89
N GLU A 8 -27.35 -2.70 -0.67
CA GLU A 8 -27.89 -2.54 0.66
C GLU A 8 -28.02 -3.94 1.31
N GLU A 9 -28.25 -4.93 0.49
CA GLU A 9 -28.40 -6.30 0.97
C GLU A 9 -27.07 -6.91 1.42
N GLN A 10 -26.00 -6.70 0.66
CA GLN A 10 -24.71 -7.30 1.01
C GLN A 10 -23.99 -6.55 2.12
N ILE A 11 -24.22 -5.26 2.24
CA ILE A 11 -23.54 -4.50 3.27
C ILE A 11 -24.13 -4.97 4.61
N ALA A 12 -25.42 -5.33 4.58
CA ALA A 12 -26.16 -5.73 5.75
C ALA A 12 -25.63 -7.04 6.34
N GLU A 13 -25.14 -7.92 5.49
CA GLU A 13 -24.69 -9.19 5.98
C GLU A 13 -23.56 -9.06 6.98
N PHE A 14 -22.59 -8.20 6.71
CA PHE A 14 -21.53 -8.00 7.68
C PHE A 14 -21.89 -6.90 8.65
N LYS A 15 -22.81 -6.01 8.30
CA LYS A 15 -23.15 -4.87 9.19
C LYS A 15 -23.80 -5.34 10.47
N GLU A 16 -24.65 -6.35 10.36
CA GLU A 16 -25.37 -6.87 11.52
C GLU A 16 -24.38 -7.33 12.59
N ALA A 17 -23.33 -8.03 12.17
CA ALA A 17 -22.35 -8.54 13.11
C ALA A 17 -21.43 -7.40 13.57
N PHE A 18 -21.15 -6.48 12.66
CA PHE A 18 -20.28 -5.37 12.95
C PHE A 18 -20.93 -4.43 14.00
N SER A 19 -22.22 -4.13 13.84
CA SER A 19 -22.96 -3.26 14.78
C SER A 19 -23.20 -3.90 16.15
N LEU A 20 -23.13 -5.22 16.20
CA LEU A 20 -23.37 -5.97 17.44
C LEU A 20 -22.37 -5.58 18.53
N PHE A 21 -21.11 -5.38 18.13
CA PHE A 21 -20.06 -5.05 19.10
C PHE A 21 -19.93 -3.53 19.31
N ASP A 22 -20.60 -2.75 18.48
CA ASP A 22 -20.56 -1.29 18.65
C ASP A 22 -21.50 -0.83 19.78
N LYS A 23 -20.96 -0.78 21.00
CA LYS A 23 -21.73 -0.35 22.16
C LYS A 23 -22.02 1.12 22.03
N ASP A 24 -21.05 1.87 21.50
CA ASP A 24 -21.20 3.33 21.40
C ASP A 24 -22.18 3.77 20.32
N GLY A 25 -22.40 2.95 19.31
CA GLY A 25 -23.31 3.33 18.25
C GLY A 25 -22.72 4.33 17.28
N ASP A 26 -21.38 4.39 17.25
CA ASP A 26 -20.62 5.34 16.41
C ASP A 26 -20.62 4.89 14.93
N GLY A 27 -20.93 3.63 14.72
CA GLY A 27 -20.94 3.05 13.39
C GLY A 27 -19.58 2.43 13.07
N THR A 28 -18.73 2.32 14.09
CA THR A 28 -17.41 1.70 13.92
C THR A 28 -17.03 0.95 15.19
N ILE A 29 -16.05 0.10 15.09
CA ILE A 29 -15.59 -0.76 16.18
C ILE A 29 -14.06 -0.67 16.32
N THR A 30 -13.52 -1.20 17.42
CA THR A 30 -12.08 -1.18 17.61
C THR A 30 -11.49 -2.39 16.84
N THR A 31 -10.18 -2.42 16.65
CA THR A 31 -9.57 -3.52 15.91
C THR A 31 -9.61 -4.89 16.60
N LYS A 32 -9.58 -4.96 17.92
CA LYS A 32 -9.68 -6.27 18.59
C LYS A 32 -11.04 -6.88 18.38
N GLN A 33 -12.05 -6.03 18.26
CA GLN A 33 -13.40 -6.49 18.02
C GLN A 33 -13.58 -6.94 16.55
N LEU A 34 -12.70 -6.50 15.64
CA LEU A 34 -12.84 -6.90 14.24
C LEU A 34 -12.62 -8.41 14.13
N GLY A 35 -11.70 -8.93 14.92
CA GLY A 35 -11.44 -10.36 14.89
C GLY A 35 -12.67 -11.13 15.34
N THR A 36 -13.34 -10.63 16.35
CA THR A 36 -14.52 -11.31 16.88
C THR A 36 -15.65 -11.32 15.80
N VAL A 37 -15.75 -10.24 15.03
CA VAL A 37 -16.75 -10.17 13.95
C VAL A 37 -16.46 -11.23 12.91
N MET A 38 -15.19 -11.42 12.58
CA MET A 38 -14.86 -12.38 11.53
C MET A 38 -15.09 -13.81 11.98
N ARG A 39 -15.00 -14.05 13.29
CA ARG A 39 -15.33 -15.36 13.87
C ARG A 39 -16.83 -15.55 13.80
N SER A 40 -17.58 -14.48 14.00
CA SER A 40 -19.04 -14.55 13.97
C SER A 40 -19.58 -14.71 12.53
N LEU A 41 -18.80 -14.32 11.53
CA LEU A 41 -19.17 -14.41 10.09
C LEU A 41 -18.93 -15.79 9.46
N GLY A 42 -18.10 -16.63 10.03
CA GLY A 42 -17.87 -17.94 9.44
C GLY A 42 -17.05 -18.86 10.28
N GLN A 43 -16.23 -19.68 9.64
CA GLN A 43 -15.38 -20.59 10.40
C GLN A 43 -14.29 -19.74 11.04
N ASN A 44 -13.65 -20.28 12.06
CA ASN A 44 -12.60 -19.56 12.78
C ASN A 44 -11.29 -19.39 12.00
N PRO A 45 -10.98 -18.16 11.54
CA PRO A 45 -9.71 -17.95 10.82
C PRO A 45 -8.49 -18.02 11.77
N THR A 46 -7.30 -18.24 11.24
CA THR A 46 -6.11 -18.31 12.11
C THR A 46 -5.67 -16.87 12.42
N GLU A 47 -4.83 -16.68 13.44
CA GLU A 47 -4.41 -15.34 13.89
C GLU A 47 -3.75 -14.50 12.80
N ALA A 48 -2.96 -15.11 11.94
CA ALA A 48 -2.27 -14.35 10.90
C ALA A 48 -3.27 -13.61 9.99
N GLU A 49 -4.35 -14.24 9.58
CA GLU A 49 -5.35 -13.55 8.72
C GLU A 49 -6.07 -12.38 9.44
N LEU A 50 -6.34 -12.49 10.73
CA LEU A 50 -6.95 -11.37 11.44
C LEU A 50 -5.97 -10.22 11.54
N GLN A 51 -4.71 -10.54 11.77
CA GLN A 51 -3.66 -9.52 11.96
C GLN A 51 -3.44 -8.77 10.68
N ASP A 52 -3.55 -9.47 9.57
CA ASP A 52 -3.40 -8.85 8.27
C ASP A 52 -4.49 -7.80 8.04
N MET A 53 -5.70 -8.08 8.50
CA MET A 53 -6.83 -7.16 8.31
C MET A 53 -6.86 -6.02 9.33
N ILE A 54 -6.55 -6.31 10.58
CA ILE A 54 -6.57 -5.22 11.56
C ILE A 54 -5.49 -4.22 11.23
N ASN A 55 -4.42 -4.66 10.57
CA ASN A 55 -3.37 -3.75 10.23
C ASN A 55 -3.72 -2.94 8.99
N GLU A 56 -4.50 -3.55 8.13
CA GLU A 56 -4.92 -2.96 6.87
C GLU A 56 -5.80 -1.73 7.08
N VAL A 57 -6.59 -1.79 8.15
CA VAL A 57 -7.53 -0.75 8.48
C VAL A 57 -7.01 0.18 9.55
N ASP A 58 -5.84 -0.15 10.11
CA ASP A 58 -5.26 0.67 11.18
C ASP A 58 -3.78 0.94 10.98
N ALA A 59 -3.48 1.73 9.97
CA ALA A 59 -2.11 2.11 9.68
C ALA A 59 -1.64 3.06 10.80
N ASP A 60 -2.58 3.76 11.45
CA ASP A 60 -2.26 4.69 12.55
C ASP A 60 -1.80 3.93 13.79
N GLY A 61 -2.21 2.69 13.93
CA GLY A 61 -1.79 1.92 15.09
C GLY A 61 -2.49 2.31 16.38
N ASN A 62 -3.63 2.98 16.29
CA ASN A 62 -4.34 3.45 17.50
C ASN A 62 -5.38 2.45 17.99
N GLY A 63 -5.57 1.36 17.26
CA GLY A 63 -6.50 0.32 17.67
C GLY A 63 -7.97 0.56 17.31
N THR A 64 -8.26 1.55 16.47
CA THR A 64 -9.67 1.84 16.10
C THR A 64 -9.83 1.77 14.59
N ILE A 65 -11.08 1.73 14.11
CA ILE A 65 -11.37 1.64 12.68
C ILE A 65 -12.33 2.79 12.39
N ASP A 66 -12.52 3.17 11.16
CA ASP A 66 -13.50 4.19 10.78
C ASP A 66 -14.49 3.54 9.79
N PHE A 67 -15.70 4.05 9.70
CA PHE A 67 -16.75 3.48 8.84
C PHE A 67 -16.37 3.38 7.35
N PRO A 68 -15.80 4.43 6.72
CA PRO A 68 -15.50 4.17 5.30
C PRO A 68 -14.27 3.26 5.11
N GLN A 69 -13.43 3.12 6.14
CA GLN A 69 -12.21 2.30 6.02
C GLN A 69 -12.57 0.82 5.82
N PHE A 70 -13.55 0.36 6.57
CA PHE A 70 -13.99 -1.03 6.45
C PHE A 70 -14.54 -1.24 5.05
N LEU A 71 -15.33 -0.30 4.55
CA LEU A 71 -15.95 -0.46 3.24
C LEU A 71 -14.91 -0.45 2.14
N THR A 72 -13.87 0.35 2.28
CA THR A 72 -12.84 0.42 1.24
C THR A 72 -12.17 -0.93 1.11
N MET A 73 -11.92 -1.59 2.23
CA MET A 73 -11.27 -2.86 2.20
C MET A 73 -12.13 -3.92 1.53
N MET A 74 -13.42 -3.96 1.84
CA MET A 74 -14.26 -5.00 1.24
C MET A 74 -14.55 -4.69 -0.23
N ALA A 75 -14.79 -3.41 -0.52
CA ALA A 75 -15.08 -3.00 -1.88
C ALA A 75 -13.89 -3.25 -2.80
N ARG A 76 -12.68 -3.07 -2.35
CA ARG A 76 -11.50 -3.30 -3.21
C ARG A 76 -11.42 -4.77 -3.60
N LYS A 77 -11.72 -5.67 -2.67
CA LYS A 77 -11.61 -7.09 -2.99
C LYS A 77 -12.64 -7.51 -4.01
N MET A 78 -13.84 -6.98 -3.93
CA MET A 78 -14.92 -7.35 -4.84
C MET A 78 -14.71 -6.70 -6.19
N LYS A 79 -14.12 -5.50 -6.24
CA LYS A 79 -13.94 -4.86 -7.54
C LYS A 79 -12.89 -5.54 -8.36
N ASP A 80 -11.72 -5.70 -7.76
CA ASP A 80 -10.54 -6.36 -8.33
C ASP A 80 -10.03 -5.83 -9.70
N THR A 81 -10.80 -5.02 -10.42
CA THR A 81 -10.34 -4.54 -11.73
C THR A 81 -9.71 -3.16 -11.64
N ASP A 82 -9.88 -2.48 -10.51
CA ASP A 82 -9.27 -1.18 -10.33
C ASP A 82 -7.84 -1.46 -9.83
N SER A 83 -6.93 -1.61 -10.77
CA SER A 83 -5.55 -1.95 -10.49
C SER A 83 -4.79 -0.79 -9.88
N GLU A 84 -5.20 0.43 -10.19
CA GLU A 84 -4.55 1.61 -9.65
C GLU A 84 -4.79 1.70 -8.14
N GLU A 85 -5.97 1.29 -7.69
CA GLU A 85 -6.35 1.37 -6.26
C GLU A 85 -5.53 0.37 -5.43
N GLU A 86 -5.22 -0.76 -6.02
CA GLU A 86 -4.48 -1.83 -5.32
C GLU A 86 -3.07 -1.39 -4.91
N ILE A 87 -2.51 -0.47 -5.68
CA ILE A 87 -1.20 0.06 -5.39
C ILE A 87 -1.24 0.82 -4.06
N ARG A 88 -2.35 1.48 -3.80
CA ARG A 88 -2.51 2.25 -2.55
C ARG A 88 -2.45 1.33 -1.35
N GLU A 89 -3.00 0.15 -1.48
CA GLU A 89 -3.04 -0.78 -0.38
C GLU A 89 -1.61 -1.15 -0.01
N ALA A 90 -0.76 -1.41 -1.00
CA ALA A 90 0.60 -1.85 -0.71
C ALA A 90 1.44 -0.71 -0.12
N PHE A 91 1.22 0.51 -0.60
CA PHE A 91 2.07 1.60 -0.18
C PHE A 91 1.81 1.93 1.29
N ARG A 92 0.54 1.85 1.69
CA ARG A 92 0.16 2.09 3.10
C ARG A 92 0.70 1.04 4.05
N VAL A 93 0.87 -0.20 3.63
CA VAL A 93 1.40 -1.23 4.55
C VAL A 93 2.92 -1.19 4.63
N PHE A 94 3.66 -1.09 3.54
CA PHE A 94 5.11 -1.00 3.68
C PHE A 94 5.48 0.37 4.21
N ASP A 95 4.61 1.35 4.11
CA ASP A 95 4.89 2.64 4.73
C ASP A 95 3.76 3.02 5.65
N LYS A 96 3.67 2.27 6.73
CA LYS A 96 2.67 2.46 7.77
C LYS A 96 2.83 3.80 8.49
N ASP A 97 4.05 4.27 8.56
CA ASP A 97 4.36 5.53 9.22
C ASP A 97 3.86 6.76 8.46
N GLY A 98 3.58 6.65 7.17
CA GLY A 98 3.09 7.80 6.45
C GLY A 98 4.20 8.77 6.08
N ASN A 99 5.46 8.31 5.92
CA ASN A 99 6.55 9.21 5.54
C ASN A 99 6.30 9.72 4.15
N GLY A 100 5.61 8.93 3.34
CA GLY A 100 5.35 9.28 1.96
C GLY A 100 6.50 8.86 1.07
N TYR A 101 7.55 8.33 1.68
CA TYR A 101 8.72 7.85 0.93
C TYR A 101 9.16 6.51 1.49
N ILE A 102 9.94 5.76 0.72
CA ILE A 102 10.43 4.47 1.13
C ILE A 102 11.91 4.52 1.42
N SER A 103 12.29 4.02 2.57
CA SER A 103 13.69 3.84 2.94
C SER A 103 13.94 2.34 2.93
N ALA A 104 15.19 1.91 3.01
CA ALA A 104 15.50 0.49 2.98
C ALA A 104 14.83 -0.26 4.13
N ALA A 105 14.71 0.39 5.27
CA ALA A 105 14.10 -0.21 6.44
C ALA A 105 12.63 -0.55 6.20
N GLU A 106 11.93 0.25 5.40
CA GLU A 106 10.50 0.02 5.14
C GLU A 106 10.27 -1.21 4.28
N LEU A 107 11.19 -1.46 3.36
CA LEU A 107 11.08 -2.63 2.48
C LEU A 107 11.54 -3.83 3.30
N ARG A 108 12.51 -3.61 4.18
CA ARG A 108 13.03 -4.69 5.07
C ARG A 108 11.95 -5.27 5.98
N HIS A 109 11.03 -4.40 6.37
CA HIS A 109 9.86 -4.74 7.17
C HIS A 109 8.98 -5.77 6.47
N VAL A 110 8.84 -5.67 5.16
CA VAL A 110 8.01 -6.61 4.46
C VAL A 110 8.78 -7.83 4.01
N MET A 111 10.01 -7.65 3.51
CA MET A 111 10.72 -8.79 2.94
C MET A 111 11.13 -9.80 4.02
N THR A 112 11.17 -9.39 5.28
CA THR A 112 11.45 -10.36 6.34
C THR A 112 10.31 -11.36 6.52
N ASN A 113 9.10 -10.99 6.07
CA ASN A 113 7.92 -11.88 6.17
C ASN A 113 8.04 -12.98 5.11
N LEU A 114 8.77 -12.70 4.05
CA LEU A 114 9.00 -13.65 2.95
C LEU A 114 10.14 -14.62 3.37
N GLY A 115 10.63 -14.48 4.58
CA GLY A 115 11.73 -15.31 5.04
C GLY A 115 13.05 -14.73 4.65
N GLU A 116 13.09 -13.42 4.46
CA GLU A 116 14.29 -12.68 4.09
C GLU A 116 14.95 -13.21 2.79
N LYS A 117 14.17 -13.33 1.72
CA LYS A 117 14.72 -13.75 0.43
C LYS A 117 15.71 -12.70 -0.08
N LEU A 118 15.53 -11.47 0.35
CA LEU A 118 16.39 -10.34 -0.08
C LEU A 118 17.46 -10.15 1.00
N THR A 119 18.56 -9.54 0.62
CA THR A 119 19.68 -9.30 1.57
C THR A 119 19.70 -7.79 1.91
N ASP A 120 20.32 -7.41 3.01
CA ASP A 120 20.31 -6.01 3.47
C ASP A 120 20.94 -5.04 2.45
N GLU A 121 22.04 -5.44 1.81
CA GLU A 121 22.68 -4.56 0.85
C GLU A 121 21.88 -4.52 -0.45
N GLU A 122 21.26 -5.65 -0.81
CA GLU A 122 20.45 -5.70 -2.03
C GLU A 122 19.25 -4.76 -1.94
N VAL A 123 18.66 -4.63 -0.75
CA VAL A 123 17.50 -3.76 -0.60
C VAL A 123 17.93 -2.31 -0.78
N ASP A 124 19.11 -1.96 -0.29
CA ASP A 124 19.62 -0.58 -0.40
C ASP A 124 19.92 -0.25 -1.87
N GLU A 125 20.36 -1.30 -2.57
CA GLU A 125 20.68 -1.21 -4.01
C GLU A 125 19.42 -1.03 -4.87
N MET A 126 18.31 -1.64 -4.49
CA MET A 126 17.06 -1.50 -5.23
C MET A 126 16.56 -0.09 -5.21
N ILE A 127 16.90 0.68 -4.18
CA ILE A 127 16.44 2.07 -4.11
C ILE A 127 17.18 2.87 -5.17
N ARG A 128 18.47 2.58 -5.35
CA ARG A 128 19.28 3.33 -6.26
C ARG A 128 18.84 3.07 -7.69
N GLU A 129 18.43 1.85 -7.93
CA GLU A 129 17.94 1.50 -9.26
C GLU A 129 16.56 2.07 -9.54
N ALA A 130 15.67 1.98 -8.56
CA ALA A 130 14.29 2.42 -8.69
C ALA A 130 14.06 3.92 -8.81
N ASP A 131 14.82 4.68 -8.02
CA ASP A 131 14.63 6.11 -7.95
C ASP A 131 14.91 6.71 -9.34
N ILE A 132 14.02 7.57 -9.84
CA ILE A 132 14.20 8.16 -11.16
C ILE A 132 15.00 9.45 -11.04
N ASP A 133 14.64 10.26 -10.06
CA ASP A 133 15.20 11.59 -9.86
C ASP A 133 16.53 11.62 -9.09
N GLY A 134 16.89 10.51 -8.44
CA GLY A 134 18.17 10.42 -7.75
C GLY A 134 18.31 11.05 -6.38
N ASP A 135 17.18 11.35 -5.73
CA ASP A 135 17.18 11.96 -4.37
C ASP A 135 17.44 10.92 -3.24
N GLY A 136 17.54 9.64 -3.61
CA GLY A 136 17.89 8.61 -2.65
C GLY A 136 16.73 8.01 -1.88
N GLN A 137 15.50 8.24 -2.32
CA GLN A 137 14.28 7.68 -1.70
C GLN A 137 13.28 7.49 -2.84
N VAL A 138 12.28 6.63 -2.63
CA VAL A 138 11.28 6.31 -3.66
C VAL A 138 9.93 6.78 -3.16
N ASN A 139 9.17 7.48 -4.02
CA ASN A 139 7.81 7.95 -3.67
C ASN A 139 6.75 7.14 -4.42
N TYR A 140 5.50 7.45 -4.17
CA TYR A 140 4.38 6.72 -4.75
C TYR A 140 4.29 6.70 -6.25
N GLU A 141 4.42 7.86 -6.91
CA GLU A 141 4.31 7.88 -8.37
C GLU A 141 5.46 7.05 -8.98
N GLU A 142 6.65 7.05 -8.40
CA GLU A 142 7.73 6.24 -8.95
C GLU A 142 7.37 4.76 -8.82
N PHE A 143 6.71 4.40 -7.72
CA PHE A 143 6.32 3.00 -7.47
C PHE A 143 5.23 2.54 -8.44
N VAL A 144 4.30 3.40 -8.81
CA VAL A 144 3.24 3.03 -9.76
C VAL A 144 3.85 2.68 -11.14
N GLN A 145 4.85 3.46 -11.55
CA GLN A 145 5.50 3.27 -12.84
C GLN A 145 6.15 1.91 -12.95
N MET A 146 6.59 1.34 -11.85
CA MET A 146 7.27 0.04 -11.90
C MET A 146 6.33 -1.11 -12.26
N MET A 147 5.05 -0.99 -11.91
CA MET A 147 4.07 -2.04 -12.20
C MET A 147 3.42 -1.88 -13.60
N THR A 148 3.47 -0.71 -14.18
CA THR A 148 2.93 -0.51 -15.53
C THR A 148 4.02 -0.84 -16.56
N ALA A 149 5.24 -0.98 -16.06
CA ALA A 149 6.41 -1.31 -16.81
C ALA A 149 6.50 -2.81 -17.08
N LYS A 150 7.58 -3.14 -17.77
CA LYS A 150 7.97 -4.52 -18.09
C LYS A 150 8.27 -5.32 -16.80
N GLY B 1 -36.25 63.48 -52.17
CA GLY B 1 -36.57 62.91 -53.48
C GLY B 1 -37.77 62.01 -53.45
N ALA B 2 -38.26 61.65 -54.63
CA ALA B 2 -39.41 60.77 -54.83
C ALA B 2 -39.12 59.32 -54.45
N ASP B 3 -37.86 58.93 -54.53
CA ASP B 3 -37.43 57.56 -54.30
C ASP B 3 -37.69 57.12 -52.87
N LYS B 4 -37.95 55.82 -52.71
CA LYS B 4 -38.31 55.23 -51.41
C LYS B 4 -37.19 54.28 -50.88
N GLU B 5 -36.47 53.66 -51.81
CA GLU B 5 -35.36 52.72 -51.50
C GLU B 5 -35.68 51.50 -50.65
N ASP B 6 -36.94 51.23 -50.33
CA ASP B 6 -37.28 50.09 -49.47
C ASP B 6 -37.20 48.75 -50.22
N ASP B 7 -36.96 47.67 -49.46
CA ASP B 7 -36.89 46.31 -50.04
C ASP B 7 -37.16 45.27 -48.95
N GLN B 8 -37.88 44.21 -49.27
CA GLN B 8 -38.18 43.15 -48.28
C GLN B 8 -38.02 41.77 -48.88
N GLU B 9 -37.15 40.97 -48.27
CA GLU B 9 -36.91 39.60 -48.70
C GLU B 9 -37.94 38.70 -47.98
N HIS B 10 -38.26 37.57 -48.58
CA HIS B 10 -39.22 36.64 -47.98
C HIS B 10 -38.65 35.21 -47.91
N PRO B 11 -37.63 35.01 -47.05
CA PRO B 11 -36.99 33.68 -46.86
C PRO B 11 -37.85 32.83 -45.97
N SER B 12 -37.56 31.55 -45.89
CA SER B 12 -38.30 30.63 -45.03
C SER B 12 -37.26 29.67 -44.44
N GLU B 13 -37.48 29.22 -43.22
CA GLU B 13 -36.56 28.25 -42.61
C GLU B 13 -37.34 27.33 -41.68
N LYS B 14 -36.79 26.12 -41.48
CA LYS B 14 -37.47 25.11 -40.61
C LYS B 14 -36.55 24.76 -39.44
N GLN B 15 -35.25 24.71 -39.74
CA GLN B 15 -34.19 24.35 -38.77
C GLN B 15 -34.44 23.02 -38.03
N PRO B 16 -34.70 21.92 -38.77
CA PRO B 16 -34.93 20.70 -37.99
C PRO B 16 -33.65 20.26 -37.30
N SER B 17 -33.79 19.66 -36.12
CA SER B 17 -32.61 19.26 -35.32
C SER B 17 -32.97 18.21 -34.26
N GLY B 18 -31.93 17.75 -33.59
CA GLY B 18 -32.12 16.80 -32.50
C GLY B 18 -32.07 15.34 -32.85
N ALA B 19 -31.57 14.97 -34.03
CA ALA B 19 -31.48 13.55 -34.39
C ALA B 19 -30.40 12.92 -33.50
N GLU B 20 -30.58 11.63 -33.17
CA GLU B 20 -29.59 10.93 -32.36
C GLU B 20 -29.31 9.57 -32.99
N SER B 21 -28.10 9.09 -32.85
CA SER B 21 -27.71 7.81 -33.46
C SER B 21 -26.63 7.19 -32.57
N GLY B 22 -26.51 5.88 -32.59
CA GLY B 22 -25.49 5.19 -31.82
C GLY B 22 -25.31 3.73 -32.22
N THR B 23 -24.40 3.06 -31.51
CA THR B 23 -24.07 1.64 -31.78
C THR B 23 -24.12 0.86 -30.46
N LEU B 24 -24.14 -0.47 -30.54
CA LEU B 24 -24.22 -1.34 -29.34
C LEU B 24 -23.07 -2.35 -29.44
N ALA B 25 -22.58 -2.83 -28.30
CA ALA B 25 -21.50 -3.81 -28.27
C ALA B 25 -21.51 -4.64 -26.95
N ARG B 26 -20.97 -5.85 -27.01
CA ARG B 26 -20.88 -6.73 -25.85
C ARG B 26 -19.59 -7.54 -25.97
N ALA B 27 -19.04 -7.98 -24.83
CA ALA B 27 -17.79 -8.74 -24.83
C ALA B 27 -18.02 -10.22 -24.43
N SER B 28 -18.92 -10.47 -23.46
CA SER B 28 -19.20 -11.83 -22.96
C SER B 28 -17.90 -12.55 -22.55
N LEU B 29 -17.02 -11.84 -21.84
CA LEU B 29 -15.71 -12.36 -21.44
C LEU B 29 -15.84 -13.34 -20.28
N ALA B 30 -14.85 -14.22 -20.15
CA ALA B 30 -14.81 -15.20 -19.07
C ALA B 30 -13.37 -15.66 -18.83
N LEU B 31 -13.08 -15.99 -17.58
CA LEU B 31 -11.76 -16.44 -17.19
C LEU B 31 -11.85 -17.42 -16.03
N PRO B 32 -10.84 -18.29 -15.87
CA PRO B 32 -10.90 -19.23 -14.74
C PRO B 32 -10.58 -18.56 -13.39
N THR B 33 -11.06 -19.16 -12.33
CA THR B 33 -10.84 -18.69 -10.96
C THR B 33 -9.91 -19.64 -10.21
N SER B 34 -9.64 -20.77 -10.86
CA SER B 34 -8.83 -21.82 -10.28
C SER B 34 -7.34 -21.55 -10.39
N SER B 35 -6.91 -20.62 -11.23
CA SER B 35 -5.48 -20.42 -11.42
C SER B 35 -4.81 -19.73 -10.21
N LEU B 36 -3.69 -20.30 -9.81
CA LEU B 36 -2.86 -19.79 -8.70
C LEU B 36 -1.42 -20.03 -9.08
N SER B 37 -0.48 -19.34 -8.45
CA SER B 37 0.97 -19.54 -8.70
C SER B 37 1.71 -19.33 -7.39
N ARG B 38 2.83 -20.02 -7.16
CA ARG B 38 3.56 -19.87 -5.91
C ARG B 38 4.56 -18.70 -6.02
N THR B 39 5.00 -18.37 -7.24
CA THR B 39 5.88 -17.22 -7.54
C THR B 39 7.15 -17.03 -6.72
N ALA B 40 7.65 -18.11 -6.14
CA ALA B 40 8.85 -18.03 -5.28
C ALA B 40 10.10 -17.58 -6.07
N SER B 41 10.15 -17.85 -7.35
CA SER B 41 11.32 -17.55 -8.19
C SER B 41 11.32 -16.10 -8.68
N GLN B 42 10.36 -15.28 -8.25
CA GLN B 42 10.29 -13.90 -8.75
C GLN B 42 11.14 -12.87 -7.94
N SER B 43 12.44 -12.80 -8.23
CA SER B 43 13.29 -11.81 -7.55
C SER B 43 14.33 -11.15 -8.52
N SER B 44 14.34 -9.83 -8.57
CA SER B 44 15.22 -8.98 -9.39
C SER B 44 15.23 -7.65 -8.63
N SER B 45 16.10 -6.71 -8.95
CA SER B 45 16.09 -5.43 -8.22
C SER B 45 14.73 -4.69 -8.44
N HIS B 46 14.13 -4.77 -9.63
CA HIS B 46 12.83 -4.16 -9.80
C HIS B 46 11.67 -5.10 -9.45
N ARG B 47 11.84 -6.43 -9.52
CA ARG B 47 10.78 -7.37 -9.04
C ARG B 47 10.73 -7.32 -7.52
N GLY B 48 11.78 -6.79 -6.95
CA GLY B 48 11.80 -6.60 -5.50
C GLY B 48 10.76 -5.57 -5.11
N TRP B 49 10.38 -4.66 -5.98
CA TRP B 49 9.33 -3.71 -5.63
C TRP B 49 7.96 -4.29 -5.98
N GLU B 50 7.94 -5.14 -7.01
CA GLU B 50 6.70 -5.76 -7.46
C GLU B 50 6.21 -6.79 -6.47
N ILE B 51 7.15 -7.45 -5.79
CA ILE B 51 6.82 -8.55 -4.84
C ILE B 51 6.06 -7.95 -3.67
N LEU B 52 6.29 -6.66 -3.43
CA LEU B 52 5.64 -5.99 -2.28
C LEU B 52 4.16 -5.97 -2.46
N ARG B 53 3.68 -5.76 -3.68
CA ARG B 53 2.22 -5.82 -3.89
C ARG B 53 1.73 -7.24 -3.88
N GLN B 54 2.50 -8.17 -4.41
CA GLN B 54 2.09 -9.56 -4.44
C GLN B 54 1.92 -10.13 -3.06
N ASN B 55 2.84 -9.84 -2.14
CA ASN B 55 2.70 -10.40 -0.81
C ASN B 55 1.63 -9.68 0.01
N THR B 56 1.45 -8.37 -0.24
CA THR B 56 0.46 -7.59 0.52
C THR B 56 -0.95 -7.99 0.12
N LEU B 57 -1.14 -8.23 -1.19
CA LEU B 57 -2.42 -8.61 -1.72
C LEU B 57 -2.79 -10.01 -1.26
N GLY B 58 -1.79 -10.86 -1.05
CA GLY B 58 -2.01 -12.22 -0.60
C GLY B 58 -2.59 -13.08 -1.71
N HIS B 59 -2.48 -12.64 -2.94
CA HIS B 59 -3.04 -13.34 -4.12
C HIS B 59 -2.10 -13.21 -5.28
N LEU B 60 -1.94 -14.26 -6.08
CA LEU B 60 -1.00 -14.29 -7.22
C LEU B 60 -1.73 -14.60 -8.51
N ASN B 61 -1.18 -14.17 -9.64
CA ASN B 61 -1.79 -14.35 -10.98
C ASN B 61 -1.38 -15.70 -11.58
N LEU B 62 -1.82 -15.99 -12.80
CA LEU B 62 -1.52 -17.27 -13.49
C LEU B 62 -0.01 -17.50 -13.61
N GLY B 63 0.41 -18.74 -13.40
CA GLY B 63 1.80 -19.14 -13.48
C GLY B 63 2.15 -19.72 -14.82
N LEU B 64 3.32 -20.34 -14.91
CA LEU B 64 3.78 -20.92 -16.17
C LEU B 64 2.88 -22.13 -16.54
N ASN B 65 2.58 -22.99 -15.57
CA ASN B 65 1.73 -24.15 -15.82
C ASN B 65 1.05 -24.58 -14.51
N LEU B 66 -0.05 -25.32 -14.62
CA LEU B 66 -0.76 -25.82 -13.45
C LEU B 66 -1.41 -27.15 -13.79
N SER B 67 -1.29 -28.15 -12.92
CA SER B 67 -1.90 -29.45 -13.11
C SER B 67 -2.25 -29.95 -11.71
N GLU B 68 -3.19 -30.89 -11.60
CA GLU B 68 -3.60 -31.40 -10.30
C GLU B 68 -3.79 -32.89 -10.36
N GLY B 69 -3.74 -33.53 -9.21
CA GLY B 69 -4.04 -34.96 -9.11
C GLY B 69 -5.55 -35.05 -9.06
N ASP B 70 -6.16 -33.94 -8.65
CA ASP B 70 -7.62 -33.83 -8.54
C ASP B 70 -8.29 -34.09 -9.90
N GLY B 71 -9.36 -34.86 -9.89
CA GLY B 71 -10.04 -35.19 -11.15
C GLY B 71 -10.88 -34.08 -11.72
N GLU B 72 -10.94 -34.02 -13.04
CA GLU B 72 -11.76 -33.02 -13.73
C GLU B 72 -13.26 -33.31 -13.52
N GLU B 73 -14.10 -32.26 -13.63
CA GLU B 73 -15.57 -32.36 -13.52
C GLU B 73 -15.97 -32.98 -12.19
CA CA C . 8.13 4.61 6.95
CA CA D . 13.42 9.71 -5.76
N SER A 1 -6.23 3.34 12.48
CA SER A 1 -6.31 4.80 12.35
C SER A 1 -5.38 5.28 11.25
N MET A 2 -5.53 6.51 10.77
CA MET A 2 -4.66 7.04 9.71
C MET A 2 -3.95 8.29 10.17
N ALA A 3 -3.95 8.57 11.46
CA ALA A 3 -3.31 9.78 11.98
C ALA A 3 -1.81 9.78 11.70
N ASP A 4 -1.17 8.62 11.82
CA ASP A 4 0.28 8.50 11.57
C ASP A 4 0.63 8.70 10.10
N GLN A 5 -0.35 8.42 9.26
CA GLN A 5 -0.18 8.47 7.77
C GLN A 5 -0.17 9.91 7.28
N LEU A 6 -0.66 10.82 8.13
CA LEU A 6 -0.61 12.24 7.83
C LEU A 6 0.55 12.84 8.61
N THR A 7 1.31 13.70 7.92
CA THR A 7 2.45 14.39 8.52
C THR A 7 1.94 15.55 9.38
N GLU A 8 2.85 16.11 10.19
CA GLU A 8 2.47 17.27 11.05
C GLU A 8 1.98 18.41 10.14
N GLU A 9 2.59 18.47 8.96
CA GLU A 9 2.25 19.47 7.96
C GLU A 9 0.84 19.30 7.43
N GLN A 10 0.47 18.05 7.18
CA GLN A 10 -0.87 17.75 6.63
C GLN A 10 -2.00 17.77 7.67
N ILE A 11 -1.76 17.31 8.89
CA ILE A 11 -2.84 17.25 9.87
C ILE A 11 -3.29 18.69 10.18
N ALA A 12 -2.38 19.64 10.13
CA ALA A 12 -2.72 21.04 10.44
C ALA A 12 -3.65 21.71 9.44
N GLU A 13 -3.56 21.29 8.19
CA GLU A 13 -4.35 21.95 7.13
C GLU A 13 -5.83 21.90 7.38
N PHE A 14 -6.37 20.74 7.73
CA PHE A 14 -7.82 20.68 7.88
C PHE A 14 -8.21 21.06 9.28
N LYS A 15 -7.29 20.93 10.21
CA LYS A 15 -7.62 21.08 11.62
C LYS A 15 -7.96 22.51 11.97
N GLU A 16 -7.16 23.43 11.48
CA GLU A 16 -7.35 24.82 11.81
C GLU A 16 -8.68 25.33 11.28
N ALA A 17 -9.11 24.84 10.15
CA ALA A 17 -10.41 25.28 9.59
C ALA A 17 -11.58 24.61 10.27
N PHE A 18 -11.46 23.34 10.63
CA PHE A 18 -12.59 22.61 11.21
C PHE A 18 -12.83 23.18 12.60
N SER A 19 -11.74 23.42 13.31
CA SER A 19 -11.81 23.89 14.69
C SER A 19 -12.36 25.28 14.82
N LEU A 20 -12.31 26.06 13.74
CA LEU A 20 -12.75 27.46 13.77
C LEU A 20 -14.27 27.48 14.11
N PHE A 21 -14.99 26.52 13.55
CA PHE A 21 -16.42 26.47 13.76
C PHE A 21 -16.78 26.08 15.19
N ASP A 22 -15.91 25.38 15.89
CA ASP A 22 -16.15 25.05 17.29
C ASP A 22 -15.52 26.10 18.19
N LYS A 23 -15.87 27.35 17.97
CA LYS A 23 -15.31 28.48 18.72
C LYS A 23 -15.74 28.32 20.21
N ASP A 24 -16.94 27.79 20.37
CA ASP A 24 -17.51 27.55 21.70
C ASP A 24 -16.76 26.46 22.50
N GLY A 25 -16.08 25.56 21.82
CA GLY A 25 -15.33 24.50 22.54
C GLY A 25 -16.23 23.39 23.03
N ASP A 26 -17.40 23.23 22.45
CA ASP A 26 -18.36 22.21 22.91
C ASP A 26 -17.85 20.81 22.62
N GLY A 27 -16.97 20.70 21.64
CA GLY A 27 -16.43 19.41 21.25
C GLY A 27 -17.17 18.85 20.07
N THR A 28 -18.18 19.55 19.60
CA THR A 28 -18.96 19.13 18.43
C THR A 28 -19.25 20.30 17.46
N ILE A 29 -19.60 19.97 16.23
CA ILE A 29 -20.05 20.99 15.26
C ILE A 29 -21.33 20.48 14.62
N THR A 30 -22.13 21.37 14.02
CA THR A 30 -23.37 20.98 13.36
C THR A 30 -23.11 20.65 11.91
N THR A 31 -24.05 20.01 11.21
CA THR A 31 -23.82 19.61 9.82
C THR A 31 -23.73 20.80 8.85
N LYS A 32 -24.31 21.95 9.17
CA LYS A 32 -24.21 23.10 8.24
C LYS A 32 -22.74 23.59 8.23
N GLN A 33 -22.07 23.46 9.36
CA GLN A 33 -20.69 23.94 9.50
C GLN A 33 -19.77 23.05 8.69
N LEU A 34 -20.03 21.74 8.71
CA LEU A 34 -19.23 20.80 7.92
C LEU A 34 -19.40 21.08 6.42
N GLY A 35 -20.58 21.51 6.00
CA GLY A 35 -20.75 21.82 4.59
C GLY A 35 -19.88 23.00 4.19
N THR A 36 -19.82 23.98 5.06
CA THR A 36 -19.03 25.18 4.81
C THR A 36 -17.52 24.89 4.73
N VAL A 37 -17.02 24.03 5.61
CA VAL A 37 -15.59 23.76 5.57
C VAL A 37 -15.24 22.97 4.28
N MET A 38 -16.17 22.14 3.77
CA MET A 38 -15.90 21.38 2.53
C MET A 38 -15.86 22.28 1.33
N ARG A 39 -16.77 23.25 1.26
CA ARG A 39 -16.81 24.10 0.08
C ARG A 39 -15.65 25.10 0.06
N SER A 40 -15.27 25.58 1.22
CA SER A 40 -14.21 26.58 1.31
C SER A 40 -12.83 26.00 1.03
N LEU A 41 -12.56 24.77 1.45
CA LEU A 41 -11.26 24.16 1.22
C LEU A 41 -11.23 23.39 -0.12
N GLY A 42 -12.39 23.08 -0.66
CA GLY A 42 -12.43 22.37 -1.92
C GLY A 42 -12.42 23.37 -3.07
N GLN A 43 -12.70 22.87 -4.27
CA GLN A 43 -12.73 23.68 -5.49
C GLN A 43 -14.00 23.40 -6.34
N ASN A 44 -14.99 24.28 -6.15
CA ASN A 44 -16.31 24.20 -6.76
C ASN A 44 -17.06 22.89 -6.61
N PRO A 45 -17.21 22.37 -5.38
CA PRO A 45 -17.97 21.11 -5.27
C PRO A 45 -19.46 21.35 -5.45
N THR A 46 -20.19 20.32 -5.87
CA THR A 46 -21.64 20.45 -6.04
C THR A 46 -22.26 20.51 -4.67
N GLU A 47 -23.46 21.06 -4.55
CA GLU A 47 -24.11 21.12 -3.23
C GLU A 47 -24.48 19.70 -2.79
N ALA A 48 -24.66 18.82 -3.78
CA ALA A 48 -24.93 17.40 -3.54
C ALA A 48 -23.71 16.71 -2.91
N GLU A 49 -22.51 17.12 -3.30
CA GLU A 49 -21.30 16.49 -2.77
C GLU A 49 -21.22 16.75 -1.25
N LEU A 50 -21.64 17.93 -0.82
CA LEU A 50 -21.61 18.29 0.62
C LEU A 50 -22.65 17.50 1.40
N GLN A 51 -23.81 17.36 0.80
CA GLN A 51 -24.89 16.61 1.38
C GLN A 51 -24.50 15.16 1.58
N ASP A 52 -23.70 14.63 0.67
CA ASP A 52 -23.25 13.25 0.81
C ASP A 52 -22.38 13.05 2.05
N MET A 53 -21.45 13.97 2.30
CA MET A 53 -20.58 13.78 3.43
C MET A 53 -21.29 14.04 4.77
N ILE A 54 -22.16 15.04 4.86
CA ILE A 54 -22.83 15.32 6.14
C ILE A 54 -23.80 14.20 6.53
N ASN A 55 -24.23 13.41 5.56
CA ASN A 55 -25.11 12.29 5.88
C ASN A 55 -24.33 11.09 6.41
N GLU A 56 -23.08 10.92 5.96
CA GLU A 56 -22.23 9.78 6.33
C GLU A 56 -21.69 9.82 7.73
N VAL A 57 -21.45 11.01 8.25
CA VAL A 57 -20.81 11.15 9.59
C VAL A 57 -21.70 10.70 10.75
N ASP A 58 -23.01 10.72 10.57
CA ASP A 58 -23.91 10.20 11.61
C ASP A 58 -25.09 9.52 10.96
N ALA A 59 -25.08 8.19 10.99
CA ALA A 59 -26.11 7.41 10.32
C ALA A 59 -27.50 7.63 10.91
N ASP A 60 -27.54 7.83 12.22
CA ASP A 60 -28.82 8.07 12.93
C ASP A 60 -29.34 9.50 12.67
N GLY A 61 -28.47 10.42 12.26
CA GLY A 61 -28.92 11.76 11.93
C GLY A 61 -29.16 12.67 13.12
N ASN A 62 -28.43 12.50 14.23
CA ASN A 62 -28.69 13.36 15.41
C ASN A 62 -28.24 14.81 15.17
N GLY A 63 -27.59 15.04 14.02
CA GLY A 63 -27.18 16.37 13.61
C GLY A 63 -25.86 16.93 14.11
N THR A 64 -25.05 16.18 14.86
CA THR A 64 -23.78 16.73 15.38
C THR A 64 -22.58 15.88 14.92
N ILE A 65 -21.40 16.47 14.95
CA ILE A 65 -20.21 15.82 14.44
C ILE A 65 -19.03 15.95 15.40
N ASP A 66 -18.39 14.81 15.72
CA ASP A 66 -17.21 14.77 16.59
C ASP A 66 -15.94 14.99 15.73
N PHE A 67 -14.89 15.49 16.35
CA PHE A 67 -13.64 15.77 15.63
C PHE A 67 -12.91 14.59 14.98
N PRO A 68 -12.79 13.41 15.64
CA PRO A 68 -12.02 12.42 14.91
C PRO A 68 -12.75 11.83 13.72
N GLN A 69 -14.06 11.98 13.66
CA GLN A 69 -14.84 11.48 12.54
C GLN A 69 -14.43 12.21 11.25
N PHE A 70 -14.13 13.49 11.34
CA PHE A 70 -13.73 14.25 10.18
C PHE A 70 -12.40 13.76 9.64
N LEU A 71 -11.46 13.46 10.53
CA LEU A 71 -10.14 13.02 10.09
C LEU A 71 -10.31 11.71 9.34
N THR A 72 -11.17 10.86 9.89
CA THR A 72 -11.40 9.54 9.31
C THR A 72 -11.98 9.63 7.89
N MET A 73 -12.91 10.55 7.72
CA MET A 73 -13.58 10.75 6.44
C MET A 73 -12.71 11.54 5.44
N MET A 74 -12.01 12.57 5.92
CA MET A 74 -11.17 13.41 5.05
C MET A 74 -9.96 12.62 4.52
N ALA A 75 -9.39 11.74 5.33
CA ALA A 75 -8.21 10.96 4.93
C ALA A 75 -8.57 10.03 3.75
N ARG A 76 -9.85 9.61 3.69
CA ARG A 76 -10.36 8.72 2.62
C ARG A 76 -10.38 9.45 1.27
N LYS A 77 -10.70 10.74 1.30
CA LYS A 77 -10.75 11.60 0.09
C LYS A 77 -9.45 12.29 -0.25
N MET A 78 -8.48 12.27 0.64
CA MET A 78 -7.29 13.15 0.51
C MET A 78 -6.49 12.98 -0.78
N LYS A 79 -6.31 11.80 -1.33
CA LYS A 79 -5.61 11.72 -2.61
C LYS A 79 -6.60 11.58 -3.73
N ASP A 80 -7.34 10.48 -3.73
CA ASP A 80 -8.35 10.22 -4.75
C ASP A 80 -9.24 9.13 -4.14
N THR A 81 -10.34 8.82 -4.81
CA THR A 81 -11.27 7.75 -4.39
C THR A 81 -11.40 6.77 -5.55
N ASP A 82 -10.45 6.87 -6.47
CA ASP A 82 -10.46 6.10 -7.71
C ASP A 82 -9.92 4.64 -7.55
N SER A 83 -9.77 3.93 -8.67
CA SER A 83 -9.25 2.54 -8.69
C SER A 83 -7.80 2.47 -8.25
N GLU A 84 -7.17 3.63 -8.13
CA GLU A 84 -5.83 3.79 -7.56
C GLU A 84 -5.86 3.31 -6.11
N GLU A 85 -7.04 3.14 -5.51
CA GLU A 85 -7.14 2.67 -4.12
C GLU A 85 -6.43 1.31 -3.90
N GLU A 86 -6.48 0.43 -4.89
CA GLU A 86 -5.84 -0.87 -4.76
C GLU A 86 -4.32 -0.71 -4.66
N ILE A 87 -3.78 0.22 -5.43
CA ILE A 87 -2.38 0.53 -5.42
C ILE A 87 -2.02 1.32 -4.16
N ARG A 88 -2.88 2.25 -3.76
CA ARG A 88 -2.64 3.06 -2.54
C ARG A 88 -2.66 2.16 -1.34
N GLU A 89 -3.44 1.09 -1.37
CA GLU A 89 -3.47 0.16 -0.26
C GLU A 89 -2.09 -0.41 -0.08
N ALA A 90 -1.41 -0.77 -1.17
CA ALA A 90 -0.09 -1.39 -1.04
C ALA A 90 0.92 -0.42 -0.45
N PHE A 91 0.84 0.87 -0.80
CA PHE A 91 1.79 1.88 -0.31
C PHE A 91 1.55 2.16 1.18
N ARG A 92 0.28 2.22 1.58
CA ARG A 92 -0.08 2.43 2.99
C ARG A 92 0.30 1.25 3.87
N VAL A 93 0.20 0.03 3.37
CA VAL A 93 0.62 -1.13 4.17
C VAL A 93 2.11 -1.04 4.31
N PHE A 94 2.79 -0.65 3.25
CA PHE A 94 4.25 -0.56 3.26
C PHE A 94 4.82 0.60 4.10
N ASP A 95 4.25 1.79 4.03
CA ASP A 95 4.80 2.94 4.77
C ASP A 95 4.36 2.81 6.21
N LYS A 96 5.28 2.42 7.06
CA LYS A 96 5.04 2.17 8.49
C LYS A 96 4.80 3.46 9.28
N ASP A 97 5.46 4.52 8.86
CA ASP A 97 5.42 5.79 9.62
C ASP A 97 4.79 7.02 8.93
N GLY A 98 4.23 6.86 7.73
CA GLY A 98 3.60 7.98 7.05
C GLY A 98 4.57 9.04 6.48
N ASN A 99 5.85 8.74 6.31
CA ASN A 99 6.80 9.75 5.83
C ASN A 99 6.66 10.03 4.31
N GLY A 100 5.83 9.25 3.64
CA GLY A 100 5.59 9.46 2.22
C GLY A 100 6.62 8.86 1.29
N TYR A 101 7.63 8.18 1.85
CA TYR A 101 8.71 7.58 1.03
C TYR A 101 9.17 6.22 1.54
N ILE A 102 9.63 5.41 0.59
CA ILE A 102 10.17 4.09 0.91
C ILE A 102 11.59 4.22 1.41
N SER A 103 11.84 3.67 2.59
CA SER A 103 13.15 3.62 3.21
C SER A 103 13.60 2.17 3.18
N ALA A 104 14.90 1.86 3.27
CA ALA A 104 15.36 0.49 3.22
C ALA A 104 14.84 -0.33 4.38
N ALA A 105 14.75 0.30 5.55
CA ALA A 105 14.29 -0.41 6.75
C ALA A 105 12.86 -0.90 6.58
N GLU A 106 12.03 -0.09 5.93
CA GLU A 106 10.63 -0.48 5.74
C GLU A 106 10.51 -1.66 4.78
N LEU A 107 11.36 -1.68 3.77
CA LEU A 107 11.33 -2.76 2.77
C LEU A 107 11.69 -4.09 3.46
N ARG A 108 12.63 -4.04 4.40
CA ARG A 108 13.05 -5.26 5.13
C ARG A 108 11.91 -5.73 6.01
N HIS A 109 11.16 -4.82 6.59
CA HIS A 109 10.04 -5.20 7.46
C HIS A 109 8.96 -5.97 6.69
N VAL A 110 8.68 -5.55 5.46
CA VAL A 110 7.66 -6.23 4.67
C VAL A 110 8.17 -7.60 4.24
N MET A 111 9.45 -7.71 3.90
CA MET A 111 9.97 -9.01 3.49
C MET A 111 10.04 -9.97 4.69
N THR A 112 10.21 -9.42 5.90
CA THR A 112 10.19 -10.24 7.12
C THR A 112 8.82 -10.89 7.28
N ASN A 113 7.73 -10.23 6.94
CA ASN A 113 6.41 -10.86 6.99
C ASN A 113 6.40 -12.15 6.14
N LEU A 114 7.21 -12.22 5.09
CA LEU A 114 7.27 -13.42 4.26
C LEU A 114 8.36 -14.41 4.73
N GLY A 115 9.21 -13.98 5.64
CA GLY A 115 10.33 -14.78 6.08
C GLY A 115 11.40 -14.82 5.01
N GLU A 116 11.40 -13.79 4.17
CA GLU A 116 12.34 -13.70 3.07
C GLU A 116 13.42 -12.62 3.36
N LYS A 117 14.68 -12.89 3.00
CA LYS A 117 15.78 -11.96 3.33
C LYS A 117 16.90 -11.80 2.28
N LEU A 118 16.75 -10.78 1.44
CA LEU A 118 17.79 -10.35 0.50
C LEU A 118 18.89 -9.72 1.35
N THR A 119 20.10 -9.66 0.82
CA THR A 119 21.22 -9.06 1.54
C THR A 119 20.97 -7.57 1.79
N ASP A 120 21.57 -7.02 2.84
CA ASP A 120 21.36 -5.60 3.23
C ASP A 120 21.88 -4.66 2.14
N GLU A 121 22.99 -5.03 1.51
CA GLU A 121 23.60 -4.17 0.49
C GLU A 121 22.74 -4.05 -0.75
N GLU A 122 22.08 -5.15 -1.09
CA GLU A 122 21.27 -5.21 -2.29
C GLU A 122 20.07 -4.30 -2.16
N VAL A 123 19.51 -4.21 -0.97
CA VAL A 123 18.29 -3.43 -0.73
C VAL A 123 18.57 -1.93 -0.89
N ASP A 124 19.76 -1.49 -0.50
CA ASP A 124 20.12 -0.07 -0.58
C ASP A 124 20.21 0.33 -2.07
N GLU A 125 20.72 -0.60 -2.86
CA GLU A 125 20.85 -0.42 -4.31
C GLU A 125 19.47 -0.51 -5.01
N MET A 126 18.53 -1.25 -4.44
CA MET A 126 17.21 -1.36 -5.05
C MET A 126 16.54 -0.01 -5.06
N ILE A 127 16.82 0.80 -4.06
CA ILE A 127 16.21 2.12 -3.95
C ILE A 127 16.84 3.03 -5.02
N ARG A 128 18.15 2.91 -5.22
CA ARG A 128 18.84 3.70 -6.20
C ARG A 128 18.35 3.33 -7.58
N GLU A 129 18.06 2.05 -7.78
CA GLU A 129 17.58 1.53 -9.05
C GLU A 129 16.16 1.98 -9.36
N ALA A 130 15.33 2.07 -8.32
CA ALA A 130 13.93 2.44 -8.51
C ALA A 130 13.76 3.88 -9.02
N ASP A 131 14.54 4.77 -8.44
CA ASP A 131 14.44 6.18 -8.81
C ASP A 131 14.92 6.52 -10.20
N ILE A 132 14.08 7.23 -10.91
CA ILE A 132 14.49 7.74 -12.22
C ILE A 132 15.53 8.82 -11.92
N ASP A 133 15.26 9.60 -10.88
CA ASP A 133 16.09 10.70 -10.43
C ASP A 133 17.35 10.40 -9.59
N GLY A 134 17.42 9.26 -8.90
CA GLY A 134 18.61 8.99 -8.08
C GLY A 134 18.68 9.75 -6.76
N ASP A 135 17.57 10.28 -6.32
CA ASP A 135 17.53 11.13 -5.11
C ASP A 135 17.67 10.26 -3.82
N GLY A 136 17.49 8.95 -3.95
CA GLY A 136 17.66 8.03 -2.83
C GLY A 136 16.40 7.73 -2.04
N GLN A 137 15.23 8.11 -2.52
CA GLN A 137 13.95 7.84 -1.85
C GLN A 137 12.85 7.74 -2.88
N VAL A 138 11.99 6.77 -2.69
CA VAL A 138 10.91 6.48 -3.67
C VAL A 138 9.54 6.87 -3.17
N ASN A 139 8.78 7.63 -3.96
CA ASN A 139 7.40 8.07 -3.58
C ASN A 139 6.34 7.19 -4.28
N TYR A 140 5.09 7.48 -4.03
CA TYR A 140 3.96 6.69 -4.58
C TYR A 140 3.88 6.59 -6.08
N GLU A 141 3.99 7.71 -6.82
CA GLU A 141 3.88 7.66 -8.28
C GLU A 141 4.99 6.88 -8.94
N GLU A 142 6.19 6.87 -8.40
CA GLU A 142 7.30 6.08 -8.96
C GLU A 142 6.99 4.60 -8.83
N PHE A 143 6.36 4.22 -7.74
CA PHE A 143 6.02 2.85 -7.50
C PHE A 143 4.91 2.38 -8.45
N VAL A 144 3.92 3.22 -8.71
CA VAL A 144 2.79 2.84 -9.58
C VAL A 144 3.25 2.60 -11.02
N GLN A 145 4.12 3.48 -11.50
CA GLN A 145 4.62 3.41 -12.85
C GLN A 145 5.41 2.14 -13.12
N MET A 146 5.90 1.48 -12.09
CA MET A 146 6.66 0.26 -12.32
C MET A 146 5.75 -0.90 -12.73
N MET A 147 4.57 -0.90 -12.15
CA MET A 147 3.60 -1.99 -12.35
C MET A 147 2.45 -1.73 -13.34
N THR A 148 2.00 -0.49 -13.46
CA THR A 148 0.78 -0.19 -14.21
C THR A 148 0.97 -0.33 -15.74
N ALA A 149 2.20 -0.19 -16.20
CA ALA A 149 2.54 -0.38 -17.64
C ALA A 149 1.72 0.45 -18.65
N LYS A 150 1.48 1.72 -18.37
CA LYS A 150 0.80 2.61 -19.29
C LYS A 150 1.83 3.23 -20.19
N GLY B 1 79.32 17.94 -22.44
CA GLY B 1 78.15 17.64 -21.62
C GLY B 1 77.43 16.42 -22.12
N ALA B 2 76.50 15.87 -21.32
CA ALA B 2 75.76 14.66 -21.67
C ALA B 2 74.37 14.67 -21.02
N ASP B 3 73.45 13.90 -21.60
CA ASP B 3 72.07 13.83 -21.09
C ASP B 3 71.51 12.45 -21.45
N LYS B 4 70.50 11.98 -20.69
CA LYS B 4 69.93 10.65 -20.90
C LYS B 4 68.42 10.64 -20.78
N GLU B 5 67.82 9.70 -21.48
CA GLU B 5 66.38 9.48 -21.48
C GLU B 5 66.08 8.32 -20.53
N ASP B 6 64.82 8.07 -20.23
CA ASP B 6 64.43 6.98 -19.33
C ASP B 6 63.08 6.41 -19.84
N ASP B 7 62.69 5.24 -19.35
CA ASP B 7 61.46 4.58 -19.84
C ASP B 7 60.55 4.19 -18.64
N GLN B 8 59.24 4.35 -18.85
CA GLN B 8 58.20 4.07 -17.86
C GLN B 8 57.20 3.09 -18.47
N GLU B 9 56.27 2.55 -17.67
CA GLU B 9 55.29 1.59 -18.22
C GLU B 9 53.83 2.15 -18.11
N HIS B 10 53.04 1.95 -19.17
CA HIS B 10 51.66 2.41 -19.20
C HIS B 10 50.69 1.53 -18.42
N PRO B 11 49.59 2.11 -17.90
CA PRO B 11 48.59 1.35 -17.15
C PRO B 11 47.77 0.39 -18.02
N SER B 12 47.11 -0.57 -17.37
CA SER B 12 46.27 -1.59 -18.04
C SER B 12 44.88 -1.69 -17.42
N GLU B 13 43.99 -2.43 -18.08
CA GLU B 13 42.61 -2.62 -17.65
C GLU B 13 42.24 -4.13 -17.50
N LYS B 14 41.21 -4.42 -16.72
CA LYS B 14 40.81 -5.79 -16.40
C LYS B 14 40.21 -6.65 -17.55
N GLN B 15 39.71 -6.01 -18.61
CA GLN B 15 39.12 -6.71 -19.78
C GLN B 15 37.98 -7.69 -19.38
N PRO B 16 36.79 -7.17 -19.03
CA PRO B 16 35.70 -8.04 -18.53
C PRO B 16 34.98 -8.94 -19.61
N SER B 17 34.34 -10.00 -19.10
CA SER B 17 33.59 -10.98 -19.92
C SER B 17 32.34 -11.42 -19.16
N GLY B 18 31.41 -12.07 -19.86
CA GLY B 18 30.22 -12.62 -19.21
C GLY B 18 28.87 -11.98 -19.44
N ALA B 19 28.73 -11.15 -20.48
CA ALA B 19 27.45 -10.51 -20.79
C ALA B 19 26.38 -11.56 -21.14
N GLU B 20 25.11 -11.24 -20.98
CA GLU B 20 24.01 -12.18 -21.28
C GLU B 20 22.75 -11.41 -21.70
N SER B 21 21.77 -12.11 -22.28
CA SER B 21 20.51 -11.50 -22.72
C SER B 21 19.31 -12.33 -22.24
N GLY B 22 18.16 -11.69 -22.15
CA GLY B 22 16.95 -12.32 -21.63
C GLY B 22 16.21 -13.31 -22.53
N THR B 23 15.33 -14.09 -21.87
CA THR B 23 14.52 -15.11 -22.55
C THR B 23 13.08 -14.92 -22.07
N LEU B 24 12.09 -15.07 -22.96
CA LEU B 24 10.69 -14.88 -22.57
C LEU B 24 9.90 -16.18 -22.85
N ALA B 25 9.51 -16.90 -21.79
CA ALA B 25 8.75 -18.14 -21.94
C ALA B 25 8.04 -18.53 -20.62
N ARG B 26 6.96 -19.31 -20.72
CA ARG B 26 6.20 -19.82 -19.54
C ARG B 26 6.04 -21.34 -19.54
N ALA B 27 6.58 -22.02 -20.54
CA ALA B 27 6.47 -23.46 -20.64
C ALA B 27 7.46 -24.24 -19.78
N SER B 28 8.05 -23.60 -18.77
CA SER B 28 9.04 -24.26 -17.91
C SER B 28 8.45 -25.23 -16.90
N LEU B 29 7.16 -25.13 -16.58
CA LEU B 29 6.53 -26.02 -15.61
C LEU B 29 5.02 -26.12 -15.82
N ALA B 30 4.43 -27.14 -15.21
CA ALA B 30 3.00 -27.40 -15.22
C ALA B 30 2.76 -28.26 -13.95
N LEU B 31 1.53 -28.31 -13.43
CA LEU B 31 1.18 -29.09 -12.22
C LEU B 31 2.07 -28.68 -11.00
N PRO B 32 2.05 -27.39 -10.58
CA PRO B 32 2.88 -26.88 -9.46
C PRO B 32 2.42 -27.30 -8.06
N THR B 33 1.70 -28.40 -7.97
CA THR B 33 1.23 -28.86 -6.67
C THR B 33 2.40 -29.31 -5.77
N SER B 34 3.54 -29.65 -6.38
CA SER B 34 4.72 -30.05 -5.63
C SER B 34 5.72 -28.91 -5.47
N SER B 35 5.42 -27.74 -6.03
CA SER B 35 6.37 -26.61 -6.09
C SER B 35 6.57 -25.88 -4.78
N LEU B 36 7.79 -25.38 -4.65
CA LEU B 36 8.30 -24.62 -3.52
C LEU B 36 7.81 -23.15 -3.47
N SER B 37 8.09 -22.51 -2.35
CA SER B 37 7.72 -21.11 -2.06
C SER B 37 8.49 -20.09 -2.92
N ARG B 38 8.32 -18.80 -2.59
CA ARG B 38 8.89 -17.67 -3.33
C ARG B 38 10.41 -17.65 -3.35
N THR B 39 11.08 -18.25 -2.37
CA THR B 39 12.57 -18.35 -2.30
C THR B 39 13.28 -17.03 -2.58
N ALA B 40 12.66 -15.92 -2.18
CA ALA B 40 13.23 -14.60 -2.43
C ALA B 40 14.49 -14.32 -1.61
N SER B 41 14.75 -15.14 -0.61
CA SER B 41 15.93 -15.00 0.24
C SER B 41 17.22 -15.23 -0.52
N GLN B 42 17.13 -15.88 -1.66
CA GLN B 42 18.32 -16.14 -2.48
C GLN B 42 18.50 -15.00 -3.52
N SER B 43 17.51 -14.10 -3.64
CA SER B 43 17.56 -13.03 -4.63
C SER B 43 18.65 -12.00 -4.32
N SER B 44 19.30 -11.60 -5.39
CA SER B 44 20.38 -10.61 -5.37
C SER B 44 20.29 -9.79 -6.63
N SER B 45 19.07 -9.45 -7.01
CA SER B 45 18.83 -8.76 -8.30
C SER B 45 17.71 -7.76 -8.20
N HIS B 46 17.42 -7.10 -9.33
CA HIS B 46 16.40 -6.04 -9.44
C HIS B 46 15.01 -6.58 -9.14
N ARG B 47 14.90 -7.90 -9.08
CA ARG B 47 13.65 -8.55 -8.82
C ARG B 47 13.02 -8.15 -7.49
N GLY B 48 13.75 -7.59 -6.55
CA GLY B 48 13.15 -7.28 -5.25
C GLY B 48 11.89 -6.42 -5.33
N TRP B 49 11.78 -5.49 -6.29
CA TRP B 49 10.53 -4.74 -6.39
C TRP B 49 9.41 -5.65 -6.89
N GLU B 50 9.72 -6.67 -7.70
CA GLU B 50 8.70 -7.60 -8.20
C GLU B 50 8.15 -8.43 -7.03
N ILE B 51 8.98 -8.80 -6.07
CA ILE B 51 8.46 -9.56 -4.93
C ILE B 51 7.54 -8.63 -4.16
N LEU B 52 7.93 -7.38 -3.97
CA LEU B 52 7.18 -6.48 -3.14
C LEU B 52 5.82 -6.20 -3.74
N ARG B 53 5.77 -6.04 -5.04
CA ARG B 53 4.50 -5.74 -5.72
C ARG B 53 3.58 -6.93 -5.79
N GLN B 54 4.14 -8.11 -5.93
CA GLN B 54 3.31 -9.31 -6.07
C GLN B 54 2.82 -9.86 -4.74
N ASN B 55 3.60 -9.81 -3.67
CA ASN B 55 3.11 -10.41 -2.44
C ASN B 55 2.05 -9.54 -1.75
N THR B 56 2.17 -8.23 -1.93
CA THR B 56 1.28 -7.29 -1.27
C THR B 56 -0.11 -7.38 -1.94
N LEU B 57 -0.12 -7.59 -3.25
CA LEU B 57 -1.36 -7.75 -4.03
C LEU B 57 -1.91 -9.14 -3.71
N GLY B 58 -1.02 -10.07 -3.40
CA GLY B 58 -1.37 -11.44 -3.08
C GLY B 58 -1.42 -12.32 -4.32
N HIS B 59 -0.81 -11.83 -5.40
CA HIS B 59 -0.76 -12.56 -6.67
C HIS B 59 0.14 -13.79 -6.51
N LEU B 60 -0.22 -14.92 -7.07
CA LEU B 60 0.57 -16.15 -6.96
C LEU B 60 1.67 -16.16 -8.03
N ASN B 61 2.92 -16.37 -7.65
CA ASN B 61 4.03 -16.42 -8.64
C ASN B 61 4.88 -17.66 -8.34
N LEU B 62 5.62 -18.13 -9.32
CA LEU B 62 6.47 -19.32 -9.20
C LEU B 62 7.86 -18.99 -9.78
N GLY B 63 8.90 -19.75 -9.38
CA GLY B 63 10.23 -19.53 -9.94
C GLY B 63 11.07 -20.79 -10.03
N LEU B 64 12.03 -20.75 -10.95
CA LEU B 64 12.94 -21.89 -11.19
C LEU B 64 13.92 -22.06 -10.03
N ASN B 65 14.40 -20.94 -9.50
CA ASN B 65 15.41 -20.92 -8.43
C ASN B 65 14.87 -21.52 -7.12
N LEU B 66 15.82 -21.81 -6.25
CA LEU B 66 15.56 -22.34 -4.92
C LEU B 66 16.44 -21.53 -3.97
N SER B 67 16.19 -21.63 -2.67
CA SER B 67 16.93 -20.84 -1.67
C SER B 67 17.41 -21.62 -0.46
N GLU B 68 18.25 -20.96 0.34
CA GLU B 68 18.78 -21.49 1.63
C GLU B 68 17.68 -21.68 2.68
N GLY B 69 16.52 -21.03 2.55
CA GLY B 69 15.45 -21.21 3.49
C GLY B 69 14.16 -20.56 3.02
N ASP B 70 13.08 -21.35 2.95
CA ASP B 70 11.78 -20.85 2.50
C ASP B 70 10.66 -21.73 3.02
N GLY B 71 9.41 -21.39 2.72
CA GLY B 71 8.30 -22.22 3.13
C GLY B 71 6.98 -21.52 3.17
N GLU B 72 5.91 -22.29 3.35
CA GLU B 72 4.55 -21.75 3.43
C GLU B 72 3.72 -22.55 4.41
N GLU B 73 2.68 -21.92 4.90
CA GLU B 73 1.71 -22.54 5.81
C GLU B 73 0.78 -23.41 5.00
CA CA C . 8.58 5.58 5.93
CA CA D . 12.74 9.70 -6.02
N SER A 1 -25.21 -3.18 6.75
CA SER A 1 -24.31 -3.98 7.63
C SER A 1 -22.86 -3.83 7.17
N MET A 2 -21.93 -3.94 8.11
CA MET A 2 -20.49 -3.83 7.85
C MET A 2 -19.79 -5.17 8.06
N ALA A 3 -20.53 -6.19 8.46
CA ALA A 3 -19.97 -7.49 8.77
C ALA A 3 -19.28 -8.17 7.56
N ASP A 4 -19.82 -8.07 6.36
CA ASP A 4 -19.20 -8.73 5.21
C ASP A 4 -17.87 -8.06 4.86
N GLN A 5 -17.84 -6.74 5.07
CA GLN A 5 -16.66 -5.92 4.81
C GLN A 5 -15.57 -6.06 5.86
N LEU A 6 -15.91 -6.13 7.13
CA LEU A 6 -14.91 -6.16 8.21
C LEU A 6 -14.75 -7.54 8.75
N THR A 7 -13.53 -7.96 9.01
CA THR A 7 -13.31 -9.30 9.52
C THR A 7 -13.58 -9.21 11.00
N GLU A 8 -13.81 -10.36 11.64
CA GLU A 8 -14.06 -10.37 13.07
C GLU A 8 -12.81 -10.00 13.84
N GLU A 9 -11.63 -10.26 13.28
CA GLU A 9 -10.40 -9.90 13.94
C GLU A 9 -10.28 -8.40 14.06
N GLN A 10 -10.61 -7.67 13.00
CA GLN A 10 -10.46 -6.20 13.02
C GLN A 10 -11.59 -5.47 13.76
N ILE A 11 -12.80 -6.00 13.71
CA ILE A 11 -13.92 -5.30 14.32
C ILE A 11 -13.82 -5.42 15.84
N ALA A 12 -13.29 -6.55 16.32
CA ALA A 12 -13.20 -6.83 17.73
C ALA A 12 -12.20 -5.91 18.35
N GLU A 13 -11.20 -5.52 17.56
CA GLU A 13 -10.12 -4.70 18.06
C GLU A 13 -10.60 -3.39 18.66
N PHE A 14 -11.46 -2.68 17.97
CA PHE A 14 -11.97 -1.45 18.53
C PHE A 14 -13.25 -1.64 19.33
N LYS A 15 -13.96 -2.75 19.09
CA LYS A 15 -15.25 -2.92 19.80
C LYS A 15 -15.10 -3.23 21.27
N GLU A 16 -14.20 -4.11 21.63
CA GLU A 16 -14.07 -4.47 23.08
C GLU A 16 -13.40 -3.34 23.81
N ALA A 17 -12.50 -2.64 23.11
CA ALA A 17 -11.78 -1.55 23.72
C ALA A 17 -12.72 -0.42 24.06
N PHE A 18 -13.74 -0.19 23.25
CA PHE A 18 -14.67 0.90 23.53
C PHE A 18 -15.46 0.74 24.83
N SER A 19 -15.88 -0.47 25.13
CA SER A 19 -16.67 -0.73 26.30
C SER A 19 -15.91 -0.48 27.58
N LEU A 20 -14.59 -0.55 27.53
CA LEU A 20 -13.78 -0.31 28.71
C LEU A 20 -13.96 1.15 29.21
N PHE A 21 -14.05 2.05 28.25
CA PHE A 21 -14.16 3.48 28.55
C PHE A 21 -15.60 3.98 28.73
N ASP A 22 -16.55 3.19 28.27
CA ASP A 22 -17.97 3.53 28.35
C ASP A 22 -18.54 3.01 29.68
N LYS A 23 -17.87 3.33 30.78
CA LYS A 23 -18.31 2.85 32.08
C LYS A 23 -19.65 3.52 32.44
N ASP A 24 -19.77 4.79 32.05
CA ASP A 24 -21.00 5.55 32.32
C ASP A 24 -22.23 5.06 31.53
N GLY A 25 -22.01 4.37 30.43
CA GLY A 25 -23.13 3.83 29.66
C GLY A 25 -23.79 4.87 28.78
N ASP A 26 -23.09 5.95 28.55
CA ASP A 26 -23.59 7.05 27.73
C ASP A 26 -23.57 6.65 26.27
N GLY A 27 -22.75 5.64 25.97
CA GLY A 27 -22.60 5.13 24.62
C GLY A 27 -21.56 5.94 23.89
N THR A 28 -21.10 7.00 24.52
CA THR A 28 -20.09 7.89 23.95
C THR A 28 -19.10 8.15 25.04
N ILE A 29 -17.91 8.63 24.70
CA ILE A 29 -16.86 8.87 25.66
C ILE A 29 -16.34 10.29 25.41
N THR A 30 -15.65 10.87 26.38
CA THR A 30 -15.16 12.25 26.20
C THR A 30 -13.82 12.17 25.49
N THR A 31 -13.27 13.30 25.04
CA THR A 31 -11.96 13.29 24.37
C THR A 31 -10.89 12.78 25.32
N LYS A 32 -11.07 12.91 26.63
CA LYS A 32 -10.09 12.37 27.59
C LYS A 32 -9.95 10.86 27.46
N GLN A 33 -11.05 10.15 27.31
CA GLN A 33 -10.95 8.69 27.19
C GLN A 33 -10.66 8.35 25.74
N LEU A 34 -10.95 9.26 24.80
CA LEU A 34 -10.64 8.96 23.40
C LEU A 34 -9.13 8.85 23.25
N GLY A 35 -8.37 9.66 23.96
CA GLY A 35 -6.93 9.55 23.84
C GLY A 35 -6.48 8.19 24.29
N THR A 36 -7.03 7.68 25.40
CA THR A 36 -6.60 6.40 25.95
C THR A 36 -7.00 5.23 25.06
N VAL A 37 -8.21 5.24 24.51
CA VAL A 37 -8.64 4.16 23.64
C VAL A 37 -7.81 4.20 22.33
N MET A 38 -7.39 5.38 21.90
CA MET A 38 -6.61 5.52 20.66
C MET A 38 -5.23 4.83 20.84
N ARG A 39 -4.72 4.95 22.06
CA ARG A 39 -3.47 4.30 22.48
C ARG A 39 -3.71 2.79 22.63
N SER A 40 -4.95 2.39 22.78
CA SER A 40 -5.27 0.97 22.95
C SER A 40 -5.42 0.28 21.56
N LEU A 41 -5.70 1.06 20.51
CA LEU A 41 -5.86 0.53 19.14
C LEU A 41 -4.52 0.37 18.36
N GLY A 42 -3.41 0.82 18.94
CA GLY A 42 -2.12 0.70 18.28
C GLY A 42 -1.05 0.48 19.32
N GLN A 43 0.11 0.01 18.86
CA GLN A 43 1.21 -0.31 19.77
C GLN A 43 1.77 0.94 20.40
N ASN A 44 1.95 2.00 19.62
CA ASN A 44 2.54 3.23 20.14
C ASN A 44 2.20 4.48 19.32
N PRO A 45 0.92 4.90 19.28
CA PRO A 45 0.69 6.11 18.47
C PRO A 45 1.30 7.34 19.14
N THR A 46 1.71 8.32 18.35
CA THR A 46 2.41 9.50 18.89
C THR A 46 1.43 10.50 19.49
N GLU A 47 1.93 11.44 20.28
CA GLU A 47 1.07 12.48 20.86
C GLU A 47 0.43 13.29 19.72
N ALA A 48 1.14 13.37 18.61
CA ALA A 48 0.64 14.10 17.44
C ALA A 48 -0.53 13.34 16.77
N GLU A 49 -0.42 12.02 16.65
CA GLU A 49 -1.48 11.23 16.04
C GLU A 49 -2.70 11.21 16.95
N LEU A 50 -2.45 11.26 18.25
CA LEU A 50 -3.52 11.21 19.23
C LEU A 50 -4.31 12.50 19.13
N GLN A 51 -3.58 13.60 19.01
CA GLN A 51 -4.19 14.91 18.92
C GLN A 51 -4.94 15.06 17.62
N ASP A 52 -4.36 14.48 16.59
CA ASP A 52 -4.93 14.52 15.25
C ASP A 52 -6.30 13.89 15.29
N MET A 53 -6.48 12.85 16.10
CA MET A 53 -7.76 12.23 16.20
C MET A 53 -8.73 12.94 17.15
N ILE A 54 -8.29 13.35 18.34
CA ILE A 54 -9.27 13.95 19.30
C ILE A 54 -9.76 15.33 18.87
N ASN A 55 -8.96 16.09 18.14
CA ASN A 55 -9.42 17.42 17.73
C ASN A 55 -10.33 17.32 16.55
N GLU A 56 -10.11 16.31 15.73
CA GLU A 56 -10.91 16.14 14.51
C GLU A 56 -12.39 15.77 14.83
N VAL A 57 -12.58 14.96 15.87
CA VAL A 57 -13.92 14.54 16.25
C VAL A 57 -14.66 15.60 17.10
N ASP A 58 -13.94 16.62 17.56
CA ASP A 58 -14.52 17.68 18.42
C ASP A 58 -14.11 19.07 17.98
N ALA A 59 -14.60 19.50 16.83
CA ALA A 59 -14.30 20.84 16.32
C ALA A 59 -15.00 21.87 17.20
N ASP A 60 -16.13 21.49 17.78
CA ASP A 60 -16.91 22.38 18.65
C ASP A 60 -16.28 22.65 20.00
N GLY A 61 -15.43 21.77 20.48
CA GLY A 61 -14.82 21.96 21.78
C GLY A 61 -15.70 21.56 22.93
N ASN A 62 -16.76 20.82 22.62
CA ASN A 62 -17.75 20.40 23.61
C ASN A 62 -17.18 19.36 24.58
N GLY A 63 -16.16 18.65 24.12
CA GLY A 63 -15.54 17.60 24.92
C GLY A 63 -16.22 16.25 24.74
N THR A 64 -17.19 16.18 23.84
CA THR A 64 -17.95 14.97 23.62
C THR A 64 -17.84 14.55 22.16
N ILE A 65 -18.21 13.31 21.89
CA ILE A 65 -18.05 12.71 20.58
C ILE A 65 -19.37 11.99 20.20
N ASP A 66 -19.89 12.18 18.98
CA ASP A 66 -21.10 11.49 18.53
C ASP A 66 -20.89 9.98 18.36
N PHE A 67 -21.97 9.21 18.47
CA PHE A 67 -21.89 7.74 18.40
C PHE A 67 -21.32 7.16 17.09
N PRO A 68 -21.80 7.56 15.90
CA PRO A 68 -21.18 6.93 14.74
C PRO A 68 -19.83 7.54 14.35
N GLN A 69 -19.45 8.62 15.01
CA GLN A 69 -18.24 9.33 14.65
C GLN A 69 -17.00 8.47 14.89
N PHE A 70 -17.01 7.59 15.90
CA PHE A 70 -15.86 6.74 16.17
C PHE A 70 -15.61 5.76 15.03
N LEU A 71 -16.69 5.30 14.43
CA LEU A 71 -16.63 4.34 13.32
C LEU A 71 -16.06 4.96 12.07
N THR A 72 -16.34 6.23 11.86
CA THR A 72 -15.90 6.91 10.63
C THR A 72 -14.38 6.90 10.50
N MET A 73 -13.70 7.11 11.62
CA MET A 73 -12.25 7.15 11.59
C MET A 73 -11.64 5.82 11.10
N MET A 74 -12.23 4.71 11.53
CA MET A 74 -11.73 3.36 11.16
C MET A 74 -12.29 2.86 9.81
N ALA A 75 -13.56 3.10 9.54
CA ALA A 75 -14.19 2.58 8.32
C ALA A 75 -13.70 3.23 7.04
N ARG A 76 -13.40 4.52 7.06
CA ARG A 76 -12.99 5.20 5.84
C ARG A 76 -11.69 4.62 5.31
N LYS A 77 -10.76 4.30 6.19
CA LYS A 77 -9.47 3.74 5.76
C LYS A 77 -9.59 2.27 5.32
N MET A 78 -10.51 1.53 5.89
CA MET A 78 -10.66 0.10 5.56
C MET A 78 -11.59 -0.21 4.36
N LYS A 79 -12.36 0.74 3.86
CA LYS A 79 -13.35 0.42 2.82
C LYS A 79 -12.76 -0.16 1.52
N ASP A 80 -11.68 0.42 1.00
CA ASP A 80 -10.98 -0.08 -0.22
C ASP A 80 -11.93 -0.25 -1.43
N THR A 81 -12.81 0.71 -1.71
CA THR A 81 -13.78 0.54 -2.78
C THR A 81 -13.24 0.87 -4.20
N ASP A 82 -12.10 1.56 -4.29
CA ASP A 82 -11.50 1.89 -5.59
C ASP A 82 -10.60 0.72 -6.06
N SER A 83 -10.46 0.57 -7.38
CA SER A 83 -9.67 -0.50 -7.99
C SER A 83 -8.19 -0.11 -7.91
N GLU A 84 -7.95 1.14 -7.57
CA GLU A 84 -6.62 1.69 -7.35
C GLU A 84 -5.97 1.08 -6.10
N GLU A 85 -6.77 0.37 -5.31
CA GLU A 85 -6.31 -0.21 -4.03
C GLU A 85 -5.08 -1.13 -4.11
N GLU A 86 -4.79 -1.74 -5.25
CA GLU A 86 -3.64 -2.64 -5.34
C GLU A 86 -2.37 -1.88 -5.11
N ILE A 87 -2.29 -0.68 -5.66
CA ILE A 87 -1.09 0.14 -5.52
C ILE A 87 -1.16 1.00 -4.27
N ARG A 88 -2.35 1.54 -4.00
CA ARG A 88 -2.53 2.45 -2.84
C ARG A 88 -2.39 1.76 -1.52
N GLU A 89 -2.88 0.53 -1.44
CA GLU A 89 -2.76 -0.19 -0.20
C GLU A 89 -1.32 -0.65 -0.05
N ALA A 90 -0.69 -1.09 -1.15
CA ALA A 90 0.66 -1.63 -1.08
C ALA A 90 1.64 -0.60 -0.50
N PHE A 91 1.46 0.68 -0.84
CA PHE A 91 2.39 1.70 -0.35
C PHE A 91 2.18 1.91 1.15
N ARG A 92 0.90 1.89 1.55
CA ARG A 92 0.53 2.06 2.97
C ARG A 92 0.89 0.91 3.89
N VAL A 93 0.92 -0.33 3.41
CA VAL A 93 1.24 -1.49 4.27
C VAL A 93 2.71 -1.43 4.72
N PHE A 94 3.66 -1.11 3.85
CA PHE A 94 5.05 -1.08 4.31
C PHE A 94 5.43 0.23 4.98
N ASP A 95 4.75 1.30 4.63
CA ASP A 95 5.08 2.62 5.21
C ASP A 95 4.08 2.96 6.31
N LYS A 96 4.02 2.11 7.34
CA LYS A 96 3.11 2.28 8.45
C LYS A 96 3.41 3.59 9.19
N ASP A 97 4.62 4.08 9.01
CA ASP A 97 5.10 5.30 9.63
C ASP A 97 4.42 6.55 9.04
N GLY A 98 3.83 6.46 7.84
CA GLY A 98 3.14 7.60 7.27
C GLY A 98 4.09 8.63 6.69
N ASN A 99 5.29 8.21 6.31
CA ASN A 99 6.34 9.16 5.82
C ASN A 99 6.12 9.59 4.35
N GLY A 100 5.44 8.75 3.56
CA GLY A 100 5.15 9.10 2.17
C GLY A 100 6.24 8.70 1.18
N TYR A 101 7.32 8.15 1.69
CA TYR A 101 8.47 7.74 0.85
C TYR A 101 8.97 6.37 1.32
N ILE A 102 9.72 5.68 0.46
CA ILE A 102 10.25 4.37 0.78
C ILE A 102 11.69 4.44 1.27
N SER A 103 11.95 3.95 2.48
CA SER A 103 13.31 3.86 3.06
C SER A 103 13.73 2.39 3.11
N ALA A 104 15.01 2.08 3.26
CA ALA A 104 15.50 0.69 3.32
C ALA A 104 14.87 -0.08 4.51
N ALA A 105 14.67 0.62 5.62
CA ALA A 105 14.06 0.00 6.81
C ALA A 105 12.62 -0.47 6.58
N GLU A 106 11.91 0.28 5.76
CA GLU A 106 10.52 -0.03 5.46
C GLU A 106 10.45 -1.36 4.65
N LEU A 107 11.48 -1.65 3.84
CA LEU A 107 11.53 -2.88 3.03
C LEU A 107 11.86 -4.09 3.87
N ARG A 108 12.57 -3.89 4.96
CA ARG A 108 12.91 -4.98 5.85
C ARG A 108 11.62 -5.55 6.45
N HIS A 109 10.64 -4.68 6.65
CA HIS A 109 9.31 -5.10 7.17
C HIS A 109 8.58 -5.98 6.15
N VAL A 110 8.70 -5.66 4.88
CA VAL A 110 8.03 -6.45 3.86
C VAL A 110 8.61 -7.83 3.70
N MET A 111 9.92 -7.91 3.64
CA MET A 111 10.55 -9.17 3.37
C MET A 111 10.32 -10.15 4.51
N THR A 112 10.30 -9.68 5.74
CA THR A 112 10.14 -10.59 6.86
C THR A 112 8.69 -11.04 7.01
N ASN A 113 7.73 -10.31 6.47
CA ASN A 113 6.35 -10.78 6.53
C ASN A 113 6.19 -11.92 5.56
N LEU A 114 6.95 -11.92 4.48
CA LEU A 114 6.91 -12.99 3.47
C LEU A 114 7.75 -14.18 3.95
N GLY A 115 8.65 -13.92 4.90
CA GLY A 115 9.54 -14.96 5.41
C GLY A 115 10.77 -15.08 4.54
N GLU A 116 11.17 -14.02 3.88
CA GLU A 116 12.33 -14.01 2.99
C GLU A 116 13.36 -12.97 3.48
N LYS A 117 14.66 -13.17 3.24
CA LYS A 117 15.66 -12.19 3.69
C LYS A 117 16.55 -11.71 2.55
N LEU A 118 16.22 -10.56 1.98
CA LEU A 118 17.02 -9.92 0.95
C LEU A 118 18.32 -9.50 1.61
N THR A 119 19.40 -9.49 0.85
CA THR A 119 20.70 -9.07 1.42
C THR A 119 20.71 -7.55 1.59
N ASP A 120 21.57 -7.03 2.45
CA ASP A 120 21.69 -5.61 2.70
C ASP A 120 22.04 -4.90 1.37
N GLU A 121 22.88 -5.50 0.53
CA GLU A 121 23.28 -4.91 -0.73
C GLU A 121 22.10 -4.83 -1.72
N GLU A 122 21.27 -5.87 -1.76
CA GLU A 122 20.11 -5.86 -2.67
C GLU A 122 19.12 -4.78 -2.25
N VAL A 123 18.92 -4.59 -0.94
CA VAL A 123 17.94 -3.58 -0.50
C VAL A 123 18.44 -2.19 -0.89
N ASP A 124 19.75 -1.99 -0.83
CA ASP A 124 20.32 -0.72 -1.15
C ASP A 124 20.17 -0.38 -2.64
N GLU A 125 20.38 -1.34 -3.52
CA GLU A 125 20.31 -1.08 -4.95
C GLU A 125 18.88 -1.04 -5.51
N MET A 126 17.90 -1.64 -4.83
CA MET A 126 16.51 -1.57 -5.29
C MET A 126 16.00 -0.13 -5.26
N ILE A 127 16.46 0.66 -4.30
CA ILE A 127 16.01 2.05 -4.14
C ILE A 127 16.63 2.90 -5.26
N ARG A 128 17.91 2.63 -5.56
CA ARG A 128 18.64 3.35 -6.60
C ARG A 128 18.12 2.99 -7.98
N GLU A 129 17.73 1.74 -8.16
CA GLU A 129 17.22 1.27 -9.46
C GLU A 129 15.82 1.85 -9.73
N ALA A 130 14.97 1.89 -8.72
CA ALA A 130 13.62 2.39 -8.95
C ALA A 130 13.59 3.91 -9.14
N ASP A 131 14.37 4.62 -8.33
CA ASP A 131 14.42 6.08 -8.39
C ASP A 131 15.13 6.50 -9.68
N ILE A 132 14.57 7.39 -10.47
CA ILE A 132 15.24 7.84 -11.70
C ILE A 132 16.13 9.06 -11.40
N ASP A 133 15.62 9.98 -10.60
CA ASP A 133 16.31 11.23 -10.30
C ASP A 133 17.48 11.05 -9.30
N GLY A 134 17.47 9.95 -8.55
CA GLY A 134 18.60 9.71 -7.65
C GLY A 134 18.66 10.51 -6.36
N ASP A 135 17.54 11.02 -5.91
CA ASP A 135 17.46 11.79 -4.66
C ASP A 135 17.47 10.86 -3.43
N GLY A 136 17.50 9.55 -3.68
CA GLY A 136 17.63 8.58 -2.60
C GLY A 136 16.33 8.18 -1.94
N GLN A 137 15.22 8.65 -2.45
CA GLN A 137 13.91 8.35 -1.88
C GLN A 137 13.02 8.05 -3.06
N VAL A 138 12.02 7.23 -2.78
CA VAL A 138 11.08 6.82 -3.78
C VAL A 138 9.70 7.19 -3.29
N ASN A 139 8.94 7.86 -4.14
CA ASN A 139 7.59 8.32 -3.84
C ASN A 139 6.55 7.49 -4.58
N TYR A 140 5.27 7.77 -4.37
CA TYR A 140 4.19 6.99 -4.95
C TYR A 140 4.18 6.90 -6.48
N GLU A 141 4.38 8.02 -7.17
CA GLU A 141 4.38 7.98 -8.63
C GLU A 141 5.51 7.11 -9.14
N GLU A 142 6.64 7.09 -8.45
CA GLU A 142 7.78 6.26 -8.83
C GLU A 142 7.44 4.78 -8.56
N PHE A 143 6.63 4.57 -7.53
CA PHE A 143 6.21 3.23 -7.12
C PHE A 143 5.28 2.62 -8.15
N VAL A 144 4.41 3.42 -8.74
CA VAL A 144 3.52 2.94 -9.84
C VAL A 144 4.33 2.45 -11.04
N GLN A 145 5.39 3.18 -11.37
CA GLN A 145 6.26 2.86 -12.53
C GLN A 145 6.96 1.54 -12.42
N MET A 146 7.18 1.09 -11.20
CA MET A 146 7.93 -0.15 -10.94
C MET A 146 7.30 -1.38 -11.59
N MET A 147 5.98 -1.44 -11.65
CA MET A 147 5.35 -2.63 -12.22
C MET A 147 4.91 -2.39 -13.68
N THR A 148 4.61 -1.16 -14.02
CA THR A 148 4.10 -0.82 -15.34
C THR A 148 5.23 -0.54 -16.36
N ALA A 149 6.46 -0.43 -15.87
CA ALA A 149 7.59 -0.13 -16.76
C ALA A 149 8.87 -0.70 -16.15
N LYS A 150 9.91 -0.81 -16.97
CA LYS A 150 11.20 -1.30 -16.51
C LYS A 150 11.71 -0.32 -15.45
N GLY B 1 25.85 -73.80 62.92
CA GLY B 1 26.71 -74.06 61.77
C GLY B 1 27.73 -72.98 61.57
N ALA B 2 28.71 -73.23 60.73
CA ALA B 2 29.76 -72.27 60.44
C ALA B 2 29.12 -71.08 59.72
N ASP B 3 29.76 -69.93 59.81
CA ASP B 3 29.29 -68.69 59.15
C ASP B 3 30.49 -67.80 58.75
N LYS B 4 30.25 -66.93 57.80
CA LYS B 4 31.27 -66.06 57.19
C LYS B 4 30.93 -64.56 57.34
N GLU B 5 31.89 -63.73 56.95
CA GLU B 5 31.72 -62.26 57.04
C GLU B 5 30.55 -61.76 56.20
N ASP B 6 29.99 -60.65 56.65
CA ASP B 6 28.86 -60.06 55.98
C ASP B 6 29.28 -58.81 55.23
N ASP B 7 28.38 -58.28 54.41
CA ASP B 7 28.64 -57.02 53.67
C ASP B 7 27.31 -56.38 53.31
N GLN B 8 27.33 -55.05 53.22
CA GLN B 8 26.16 -54.26 52.87
C GLN B 8 25.74 -54.47 51.42
N GLU B 9 24.47 -54.27 51.15
CA GLU B 9 23.92 -54.45 49.81
C GLU B 9 24.40 -53.32 48.89
N HIS B 10 24.64 -53.65 47.62
CA HIS B 10 25.16 -52.67 46.66
C HIS B 10 24.35 -52.66 45.31
N PRO B 11 23.08 -52.15 45.35
CA PRO B 11 22.28 -52.08 44.12
C PRO B 11 22.69 -50.97 43.16
N SER B 12 22.34 -51.13 41.90
CA SER B 12 22.62 -50.09 40.90
C SER B 12 21.62 -48.96 41.06
N GLU B 13 22.04 -47.71 40.85
CA GLU B 13 21.13 -46.59 40.98
C GLU B 13 20.31 -46.38 39.69
N LYS B 14 19.05 -45.92 39.82
CA LYS B 14 18.18 -45.65 38.66
C LYS B 14 17.71 -44.18 38.53
N GLN B 15 17.97 -43.34 39.51
CA GLN B 15 17.55 -41.92 39.51
C GLN B 15 16.00 -41.85 39.31
N PRO B 16 15.25 -42.32 40.32
CA PRO B 16 13.79 -42.43 40.24
C PRO B 16 12.99 -41.10 40.32
N SER B 17 11.67 -41.23 40.16
CA SER B 17 10.72 -40.11 40.18
C SER B 17 10.88 -39.11 39.02
N GLY B 18 10.11 -39.37 37.95
CA GLY B 18 10.15 -38.52 36.79
C GLY B 18 11.31 -38.93 35.91
N ALA B 19 11.78 -40.16 36.11
CA ALA B 19 12.92 -40.65 35.37
C ALA B 19 12.78 -40.65 33.86
N GLU B 20 13.87 -40.27 33.18
CA GLU B 20 13.88 -40.22 31.71
C GLU B 20 13.72 -41.63 31.08
N SER B 21 12.95 -41.71 30.01
CA SER B 21 12.71 -42.99 29.31
C SER B 21 12.47 -42.73 27.84
N GLY B 22 12.55 -43.78 27.01
CA GLY B 22 12.30 -43.63 25.57
C GLY B 22 12.11 -44.95 24.87
N THR B 23 11.84 -44.88 23.58
CA THR B 23 11.63 -46.07 22.75
C THR B 23 12.27 -45.85 21.40
N LEU B 24 12.51 -46.93 20.64
CA LEU B 24 13.12 -46.83 19.32
C LEU B 24 12.74 -48.01 18.42
N ALA B 25 12.90 -47.83 17.11
CA ALA B 25 12.55 -48.85 16.12
C ALA B 25 13.51 -48.73 14.92
N ARG B 26 13.49 -49.69 14.02
CA ARG B 26 14.39 -49.72 12.84
C ARG B 26 13.66 -49.47 11.54
N ALA B 27 12.70 -48.54 11.54
CA ALA B 27 11.94 -48.23 10.33
C ALA B 27 12.84 -47.68 9.22
N SER B 28 13.93 -47.01 9.64
CA SER B 28 14.96 -46.44 8.75
C SER B 28 14.35 -45.62 7.60
N LEU B 29 13.54 -44.61 7.94
CA LEU B 29 12.87 -43.79 6.94
C LEU B 29 13.83 -42.97 6.05
N ALA B 30 13.30 -42.49 4.91
CA ALA B 30 14.05 -41.61 4.03
C ALA B 30 13.25 -40.30 3.93
N LEU B 31 13.96 -39.19 3.87
CA LEU B 31 13.32 -37.86 3.81
C LEU B 31 13.37 -37.36 2.37
N PRO B 32 12.38 -36.56 1.93
CA PRO B 32 12.47 -36.10 0.53
C PRO B 32 13.59 -35.09 0.33
N THR B 33 14.12 -35.07 -0.89
CA THR B 33 15.17 -34.12 -1.32
C THR B 33 14.57 -33.12 -2.32
N SER B 34 13.25 -33.17 -2.44
CA SER B 34 12.48 -32.37 -3.40
C SER B 34 12.36 -30.86 -3.11
N SER B 35 12.57 -30.40 -1.90
CA SER B 35 12.38 -28.98 -1.54
C SER B 35 13.51 -28.03 -1.95
N LEU B 36 13.91 -28.08 -3.22
CA LEU B 36 15.00 -27.25 -3.74
C LEU B 36 14.49 -25.96 -4.39
N SER B 37 15.39 -24.99 -4.53
CA SER B 37 15.08 -23.71 -5.19
C SER B 37 16.28 -23.30 -6.09
N ARG B 38 16.48 -24.07 -7.16
CA ARG B 38 17.65 -23.92 -8.05
C ARG B 38 17.45 -22.92 -9.20
N THR B 39 16.26 -22.36 -9.31
CA THR B 39 15.94 -21.46 -10.41
C THR B 39 16.71 -20.13 -10.30
N ALA B 40 16.85 -19.49 -11.45
CA ALA B 40 17.54 -18.22 -11.60
C ALA B 40 16.59 -17.06 -11.37
N SER B 41 15.38 -17.44 -11.01
CA SER B 41 14.24 -16.54 -10.72
C SER B 41 14.35 -15.85 -9.34
N GLN B 42 15.51 -16.02 -8.68
CA GLN B 42 15.76 -15.45 -7.36
C GLN B 42 15.73 -13.91 -7.43
N SER B 43 15.64 -13.28 -6.26
CA SER B 43 15.60 -11.85 -6.14
C SER B 43 16.84 -11.17 -6.76
N SER B 44 16.60 -9.97 -7.28
CA SER B 44 17.59 -9.10 -7.93
C SER B 44 17.02 -7.71 -7.63
N SER B 45 17.74 -6.64 -7.93
CA SER B 45 17.20 -5.32 -7.67
C SER B 45 16.00 -5.06 -8.57
N HIS B 46 15.99 -5.66 -9.75
CA HIS B 46 14.87 -5.47 -10.72
C HIS B 46 13.61 -6.21 -10.25
N ARG B 47 13.79 -7.30 -9.51
CA ARG B 47 12.67 -8.10 -8.96
C ARG B 47 12.14 -7.68 -7.62
N GLY B 48 12.90 -6.94 -6.85
CA GLY B 48 12.46 -6.69 -5.48
C GLY B 48 11.15 -5.96 -5.30
N TRP B 49 10.80 -5.05 -6.22
CA TRP B 49 9.55 -4.32 -6.04
C TRP B 49 8.37 -5.17 -6.45
N GLU B 50 8.65 -6.15 -7.31
CA GLU B 50 7.62 -7.05 -7.79
C GLU B 50 7.07 -7.87 -6.62
N ILE B 51 7.94 -8.20 -5.66
CA ILE B 51 7.54 -8.90 -4.43
C ILE B 51 6.50 -8.09 -3.66
N LEU B 52 6.64 -6.78 -3.54
CA LEU B 52 5.63 -5.99 -2.79
C LEU B 52 4.26 -6.03 -3.52
N ARG B 53 4.25 -6.03 -4.85
CA ARG B 53 2.96 -6.13 -5.56
C ARG B 53 2.39 -7.54 -5.43
N GLN B 54 3.25 -8.53 -5.30
CA GLN B 54 2.72 -9.87 -5.14
C GLN B 54 2.23 -10.14 -3.73
N ASN B 55 2.93 -9.68 -2.69
CA ASN B 55 2.44 -10.01 -1.34
C ASN B 55 1.20 -9.19 -0.94
N THR B 56 0.98 -8.07 -1.61
CA THR B 56 -0.18 -7.21 -1.26
C THR B 56 -1.47 -7.73 -1.94
N LEU B 57 -1.28 -8.47 -3.03
CA LEU B 57 -2.41 -9.05 -3.78
C LEU B 57 -2.60 -10.51 -3.34
N GLY B 58 -1.51 -11.12 -2.94
CA GLY B 58 -1.54 -12.53 -2.50
C GLY B 58 -1.30 -13.48 -3.67
N HIS B 59 -0.59 -13.00 -4.67
CA HIS B 59 -0.27 -13.84 -5.84
C HIS B 59 0.54 -15.07 -5.42
N LEU B 60 0.36 -16.18 -6.12
CA LEU B 60 1.04 -17.43 -5.84
C LEU B 60 1.44 -18.09 -7.15
N ASN B 61 2.66 -18.54 -7.24
CA ASN B 61 3.14 -19.22 -8.44
C ASN B 61 2.41 -20.55 -8.57
N LEU B 62 1.93 -20.86 -9.77
CA LEU B 62 1.21 -22.09 -10.06
C LEU B 62 1.80 -22.75 -11.28
N GLY B 63 1.58 -24.06 -11.37
CA GLY B 63 2.05 -24.83 -12.51
C GLY B 63 1.10 -25.95 -12.83
N LEU B 64 1.50 -26.80 -13.76
CA LEU B 64 0.69 -27.93 -14.21
C LEU B 64 1.03 -29.24 -13.51
N ASN B 65 1.83 -29.15 -12.47
CA ASN B 65 2.22 -30.34 -11.70
C ASN B 65 0.94 -31.05 -11.19
N LEU B 66 0.89 -32.36 -11.43
CA LEU B 66 -0.25 -33.21 -11.08
C LEU B 66 0.27 -34.45 -10.40
N SER B 67 -0.33 -34.77 -9.25
CA SER B 67 0.11 -35.92 -8.47
C SER B 67 -0.45 -37.19 -9.05
N GLU B 68 0.31 -38.26 -9.02
CA GLU B 68 -0.17 -39.55 -9.47
C GLU B 68 -0.99 -40.13 -8.34
N GLY B 69 -2.09 -40.79 -8.67
CA GLY B 69 -2.92 -41.39 -7.65
C GLY B 69 -2.41 -42.77 -7.27
N ASP B 70 -2.93 -43.30 -6.18
CA ASP B 70 -2.52 -44.61 -5.69
C ASP B 70 -3.78 -45.46 -5.53
N GLY B 71 -3.67 -46.76 -5.77
CA GLY B 71 -4.82 -47.64 -5.58
C GLY B 71 -4.96 -47.94 -4.08
N GLU B 72 -3.85 -47.92 -3.35
CA GLU B 72 -3.86 -48.19 -1.91
C GLU B 72 -4.58 -47.01 -1.22
N GLU B 73 -5.54 -47.30 -0.33
CA GLU B 73 -6.33 -46.28 0.37
C GLU B 73 -5.53 -45.47 1.35
CA CA C . 8.78 5.25 6.81
CA CA D . 13.55 9.96 -6.26
N SER A 1 2.25 -5.07 7.90
CA SER A 1 0.95 -5.09 8.63
C SER A 1 -0.20 -5.22 7.64
N MET A 2 -1.34 -5.77 8.04
CA MET A 2 -2.45 -5.95 7.12
C MET A 2 -3.23 -4.67 6.88
N ALA A 3 -2.71 -3.88 5.95
CA ALA A 3 -3.29 -2.58 5.64
C ALA A 3 -4.68 -2.64 5.01
N ASP A 4 -4.96 -3.69 4.23
CA ASP A 4 -6.24 -3.82 3.51
C ASP A 4 -7.44 -3.90 4.40
N GLN A 5 -7.25 -4.42 5.60
CA GLN A 5 -8.38 -4.60 6.53
C GLN A 5 -8.30 -3.63 7.69
N LEU A 6 -7.37 -2.67 7.58
CA LEU A 6 -7.19 -1.64 8.60
C LEU A 6 -7.00 -2.33 9.96
N THR A 7 -5.91 -3.08 10.00
CA THR A 7 -5.47 -3.81 11.18
C THR A 7 -5.21 -2.77 12.30
N GLU A 8 -5.08 -3.20 13.55
CA GLU A 8 -4.93 -2.28 14.69
C GLU A 8 -3.79 -1.25 14.54
N GLU A 9 -2.69 -1.59 13.90
CA GLU A 9 -1.60 -0.64 13.69
C GLU A 9 -2.09 0.54 12.85
N GLN A 10 -2.90 0.26 11.85
CA GLN A 10 -3.39 1.30 10.93
C GLN A 10 -4.63 2.02 11.40
N ILE A 11 -5.51 1.26 12.04
CA ILE A 11 -6.82 1.82 12.45
C ILE A 11 -6.56 2.88 13.55
N ALA A 12 -5.52 2.63 14.33
CA ALA A 12 -5.19 3.47 15.48
C ALA A 12 -4.86 4.91 15.14
N GLU A 13 -4.26 5.17 13.98
CA GLU A 13 -3.88 6.52 13.64
C GLU A 13 -5.11 7.44 13.59
N PHE A 14 -6.20 6.99 12.94
CA PHE A 14 -7.41 7.82 12.89
C PHE A 14 -8.34 7.54 14.05
N LYS A 15 -8.20 6.40 14.71
CA LYS A 15 -9.08 6.07 15.84
C LYS A 15 -8.78 6.93 17.02
N GLU A 16 -7.53 7.30 17.22
CA GLU A 16 -7.19 8.11 18.39
C GLU A 16 -7.93 9.45 18.32
N ALA A 17 -8.00 10.03 17.13
CA ALA A 17 -8.70 11.29 16.96
C ALA A 17 -10.21 11.03 17.04
N PHE A 18 -10.65 9.89 16.54
CA PHE A 18 -12.07 9.53 16.58
C PHE A 18 -12.52 9.39 18.03
N SER A 19 -11.70 8.73 18.83
CA SER A 19 -11.98 8.47 20.23
C SER A 19 -11.91 9.72 21.06
N LEU A 20 -11.21 10.74 20.57
CA LEU A 20 -11.07 11.99 21.34
C LEU A 20 -12.43 12.65 21.52
N PHE A 21 -13.26 12.56 20.47
CA PHE A 21 -14.58 13.17 20.50
C PHE A 21 -15.61 12.17 21.05
N ASP A 22 -15.22 10.91 21.07
CA ASP A 22 -16.10 9.82 21.58
C ASP A 22 -15.88 9.68 23.09
N LYS A 23 -16.51 10.55 23.88
CA LYS A 23 -16.28 10.56 25.32
C LYS A 23 -16.93 9.38 26.00
N ASP A 24 -18.01 8.85 25.43
CA ASP A 24 -18.71 7.73 26.02
C ASP A 24 -17.98 6.41 25.70
N GLY A 25 -17.23 6.43 24.59
CA GLY A 25 -16.54 5.23 24.12
C GLY A 25 -17.53 4.32 23.44
N ASP A 26 -18.63 4.89 22.96
CA ASP A 26 -19.75 4.14 22.38
C ASP A 26 -19.43 3.69 20.95
N GLY A 27 -18.46 4.31 20.30
CA GLY A 27 -18.04 3.89 18.97
C GLY A 27 -18.85 4.48 17.84
N THR A 28 -19.71 5.46 18.12
CA THR A 28 -20.57 6.07 17.10
C THR A 28 -20.55 7.58 17.20
N ILE A 29 -20.57 8.27 16.06
CA ILE A 29 -20.62 9.72 16.06
C ILE A 29 -21.67 10.15 15.03
N THR A 30 -22.15 11.39 15.16
CA THR A 30 -23.10 11.94 14.19
C THR A 30 -22.32 12.33 12.93
N THR A 31 -23.02 12.57 11.84
CA THR A 31 -22.36 13.00 10.59
C THR A 31 -21.83 14.42 10.77
N LYS A 32 -22.39 15.19 11.69
CA LYS A 32 -21.91 16.55 11.97
C LYS A 32 -20.49 16.45 12.55
N GLN A 33 -20.24 15.43 13.35
CA GLN A 33 -18.96 15.24 14.02
C GLN A 33 -17.90 14.61 13.04
N LEU A 34 -18.39 14.02 11.95
CA LEU A 34 -17.52 13.37 10.98
C LEU A 34 -16.55 14.39 10.40
N GLY A 35 -17.02 15.61 10.16
CA GLY A 35 -16.15 16.64 9.60
C GLY A 35 -15.01 17.03 10.54
N THR A 36 -15.32 17.07 11.82
CA THR A 36 -14.33 17.40 12.82
C THR A 36 -13.26 16.30 12.90
N VAL A 37 -13.68 15.04 12.79
CA VAL A 37 -12.72 13.93 12.84
C VAL A 37 -11.84 13.98 11.58
N MET A 38 -12.41 14.26 10.41
CA MET A 38 -11.59 14.29 9.18
C MET A 38 -10.55 15.41 9.26
N ARG A 39 -10.89 16.49 9.94
CA ARG A 39 -9.99 17.63 10.14
C ARG A 39 -8.82 17.26 11.06
N SER A 40 -9.05 16.45 12.08
CA SER A 40 -7.97 16.07 12.99
C SER A 40 -7.03 15.06 12.31
N LEU A 41 -7.52 14.37 11.31
CA LEU A 41 -6.73 13.41 10.55
C LEU A 41 -5.85 14.03 9.47
N GLY A 42 -6.21 15.19 8.98
CA GLY A 42 -5.44 15.76 7.88
C GLY A 42 -5.82 17.19 7.58
N GLN A 43 -5.40 17.64 6.40
CA GLN A 43 -5.69 19.01 5.96
C GLN A 43 -7.16 19.15 5.55
N ASN A 44 -7.90 18.06 5.62
CA ASN A 44 -9.35 17.95 5.34
C ASN A 44 -9.82 18.22 3.87
N PRO A 45 -10.75 17.40 3.33
CA PRO A 45 -11.22 17.68 1.96
C PRO A 45 -12.06 18.96 1.95
N THR A 46 -12.38 19.51 0.77
CA THR A 46 -13.18 20.75 0.67
C THR A 46 -14.60 20.50 1.20
N GLU A 47 -15.32 21.55 1.52
CA GLU A 47 -16.65 21.38 2.12
C GLU A 47 -17.59 20.63 1.19
N ALA A 48 -17.51 20.88 -0.11
CA ALA A 48 -18.37 20.19 -1.08
C ALA A 48 -18.07 18.67 -1.07
N GLU A 49 -16.78 18.34 -1.06
CA GLU A 49 -16.35 16.94 -1.06
C GLU A 49 -16.68 16.27 0.26
N LEU A 50 -16.60 17.01 1.35
CA LEU A 50 -16.95 16.47 2.68
C LEU A 50 -18.44 16.21 2.76
N GLN A 51 -19.25 17.10 2.20
CA GLN A 51 -20.71 16.90 2.26
C GLN A 51 -21.10 15.66 1.45
N ASP A 52 -20.42 15.43 0.34
CA ASP A 52 -20.70 14.23 -0.48
C ASP A 52 -20.46 12.96 0.37
N MET A 53 -19.42 13.02 1.20
CA MET A 53 -19.08 11.92 2.09
C MET A 53 -20.12 11.70 3.16
N ILE A 54 -20.66 12.74 3.77
CA ILE A 54 -21.63 12.55 4.86
C ILE A 54 -22.95 12.03 4.30
N ASN A 55 -23.21 12.33 3.03
CA ASN A 55 -24.45 11.91 2.39
C ASN A 55 -24.49 10.40 2.19
N GLU A 56 -23.36 9.81 1.82
CA GLU A 56 -23.30 8.36 1.57
C GLU A 56 -23.27 7.52 2.82
N VAL A 57 -22.64 8.01 3.88
CA VAL A 57 -22.54 7.25 5.13
C VAL A 57 -23.89 7.30 5.86
N ASP A 58 -24.79 8.13 5.35
CA ASP A 58 -26.13 8.23 5.89
C ASP A 58 -27.13 7.95 4.81
N ALA A 59 -26.83 6.96 3.99
CA ALA A 59 -27.72 6.54 2.92
C ALA A 59 -28.97 5.92 3.55
N ASP A 60 -28.77 5.30 4.70
CA ASP A 60 -29.84 4.70 5.51
C ASP A 60 -30.79 5.74 6.15
N GLY A 61 -30.30 6.97 6.37
CA GLY A 61 -31.11 8.02 6.94
C GLY A 61 -31.21 8.02 8.46
N ASN A 62 -30.26 7.39 9.13
CA ASN A 62 -30.27 7.33 10.61
C ASN A 62 -29.45 8.46 11.28
N GLY A 63 -28.78 9.29 10.51
CA GLY A 63 -28.05 10.45 11.03
C GLY A 63 -26.67 10.25 11.66
N THR A 64 -26.19 9.02 11.75
CA THR A 64 -24.92 8.73 12.43
C THR A 64 -24.09 7.73 11.64
N ILE A 65 -22.84 7.51 12.05
CA ILE A 65 -21.97 6.52 11.43
C ILE A 65 -22.04 5.29 12.34
N ASP A 66 -22.30 4.12 11.77
CA ASP A 66 -22.34 2.93 12.60
C ASP A 66 -20.88 2.56 12.98
N PHE A 67 -20.10 2.08 12.03
CA PHE A 67 -18.66 1.83 12.22
C PHE A 67 -17.90 1.78 10.88
N PRO A 68 -18.18 0.78 10.00
CA PRO A 68 -17.33 0.73 8.79
C PRO A 68 -17.63 1.80 7.73
N GLN A 69 -18.74 2.49 7.89
CA GLN A 69 -19.11 3.53 6.96
C GLN A 69 -18.02 4.62 6.89
N PHE A 70 -17.39 4.90 8.03
CA PHE A 70 -16.27 5.85 8.01
C PHE A 70 -14.99 5.19 7.50
N LEU A 71 -14.71 3.97 8.00
CA LEU A 71 -13.44 3.28 7.66
C LEU A 71 -13.31 2.97 6.17
N THR A 72 -14.36 2.47 5.53
CA THR A 72 -14.25 2.05 4.14
C THR A 72 -13.95 3.24 3.24
N MET A 73 -14.62 4.36 3.51
CA MET A 73 -14.41 5.53 2.69
C MET A 73 -13.06 6.17 2.96
N MET A 74 -12.58 6.07 4.20
CA MET A 74 -11.32 6.73 4.57
C MET A 74 -10.13 6.14 3.86
N ALA A 75 -10.19 4.86 3.52
CA ALA A 75 -9.06 4.24 2.87
C ALA A 75 -8.71 4.85 1.50
N ARG A 76 -9.70 5.15 0.68
CA ARG A 76 -9.41 5.75 -0.60
C ARG A 76 -9.23 7.25 -0.49
N LYS A 77 -9.98 7.86 0.40
CA LYS A 77 -9.99 9.32 0.56
C LYS A 77 -8.72 9.96 1.02
N MET A 78 -7.75 9.22 1.52
CA MET A 78 -6.47 9.84 1.85
C MET A 78 -5.83 10.40 0.53
N LYS A 79 -6.03 9.71 -0.60
CA LYS A 79 -5.59 10.23 -1.92
C LYS A 79 -6.78 10.84 -2.66
N ASP A 80 -7.97 10.37 -2.30
CA ASP A 80 -9.25 10.75 -2.94
C ASP A 80 -9.24 10.28 -4.40
N THR A 81 -8.69 9.09 -4.62
CA THR A 81 -8.62 8.45 -5.94
C THR A 81 -9.14 7.04 -5.83
N ASP A 82 -9.77 6.51 -6.88
CA ASP A 82 -10.37 5.17 -6.82
C ASP A 82 -9.56 4.01 -7.37
N SER A 83 -8.83 4.22 -8.44
CA SER A 83 -8.05 3.16 -9.10
C SER A 83 -6.67 2.94 -8.48
N GLU A 84 -6.21 3.96 -7.80
CA GLU A 84 -4.92 3.97 -7.11
C GLU A 84 -4.97 3.07 -5.87
N GLU A 85 -6.18 2.61 -5.50
CA GLU A 85 -6.36 1.79 -4.32
C GLU A 85 -5.53 0.50 -4.36
N GLU A 86 -5.31 -0.10 -5.52
CA GLU A 86 -4.50 -1.33 -5.58
C GLU A 86 -3.07 -0.98 -5.15
N ILE A 87 -2.59 0.17 -5.63
CA ILE A 87 -1.23 0.60 -5.34
C ILE A 87 -1.13 1.03 -3.86
N ARG A 88 -2.18 1.69 -3.38
CA ARG A 88 -2.17 2.17 -2.01
C ARG A 88 -2.16 1.03 -1.04
N GLU A 89 -2.88 -0.03 -1.35
CA GLU A 89 -2.98 -1.14 -0.44
C GLU A 89 -1.60 -1.74 -0.22
N ALA A 90 -0.84 -1.89 -1.28
CA ALA A 90 0.49 -2.45 -1.19
C ALA A 90 1.48 -1.48 -0.53
N PHE A 91 1.28 -0.21 -0.76
CA PHE A 91 2.20 0.82 -0.27
C PHE A 91 2.10 0.93 1.25
N ARG A 92 0.88 0.86 1.76
CA ARG A 92 0.69 1.03 3.21
C ARG A 92 1.06 -0.22 4.01
N VAL A 93 1.23 -1.37 3.37
CA VAL A 93 1.64 -2.60 4.12
C VAL A 93 3.03 -2.43 4.68
N PHE A 94 3.94 -1.87 3.88
CA PHE A 94 5.29 -1.62 4.35
C PHE A 94 5.45 -0.24 4.98
N ASP A 95 4.55 0.67 4.69
CA ASP A 95 4.62 2.03 5.26
C ASP A 95 3.38 2.34 6.06
N LYS A 96 3.38 1.74 7.23
CA LYS A 96 2.27 1.88 8.18
C LYS A 96 2.22 3.32 8.60
N ASP A 97 3.39 3.93 8.66
CA ASP A 97 3.56 5.31 9.13
C ASP A 97 3.02 6.37 8.18
N GLY A 98 2.84 6.06 6.90
CA GLY A 98 2.35 7.06 5.96
C GLY A 98 3.34 8.18 5.70
N ASN A 99 4.64 7.87 5.64
CA ASN A 99 5.68 8.89 5.50
C ASN A 99 5.61 9.66 4.18
N GLY A 100 5.03 9.00 3.18
CA GLY A 100 4.94 9.61 1.86
C GLY A 100 6.19 9.40 1.04
N TYR A 101 7.15 8.66 1.58
CA TYR A 101 8.39 8.34 0.89
C TYR A 101 8.83 6.99 1.42
N ILE A 102 9.69 6.29 0.68
CA ILE A 102 10.13 4.97 1.09
C ILE A 102 11.63 4.93 1.48
N SER A 103 11.88 4.33 2.63
CA SER A 103 13.23 4.16 3.15
C SER A 103 13.62 2.68 3.04
N ALA A 104 14.90 2.36 3.11
CA ALA A 104 15.34 0.96 3.01
C ALA A 104 14.75 0.13 4.19
N ALA A 105 14.58 0.74 5.36
CA ALA A 105 14.02 0.03 6.50
C ALA A 105 12.59 -0.44 6.20
N GLU A 106 11.87 0.27 5.34
CA GLU A 106 10.51 -0.13 5.00
C GLU A 106 10.46 -1.46 4.26
N LEU A 107 11.42 -1.68 3.37
CA LEU A 107 11.46 -2.94 2.63
C LEU A 107 12.10 -4.01 3.49
N ARG A 108 12.99 -3.62 4.39
CA ARG A 108 13.72 -4.55 5.26
C ARG A 108 12.67 -5.26 6.11
N HIS A 109 11.67 -4.49 6.53
CA HIS A 109 10.55 -5.03 7.31
C HIS A 109 9.82 -6.14 6.55
N VAL A 110 9.56 -5.95 5.27
CA VAL A 110 8.84 -6.97 4.49
C VAL A 110 9.70 -8.21 4.27
N MET A 111 10.98 -8.03 3.95
CA MET A 111 11.78 -9.21 3.62
C MET A 111 12.05 -10.04 4.87
N THR A 112 12.11 -9.41 6.04
CA THR A 112 12.29 -10.17 7.30
C THR A 112 11.03 -10.97 7.55
N ASN A 113 9.88 -10.39 7.25
CA ASN A 113 8.60 -11.08 7.46
C ASN A 113 8.47 -12.31 6.56
N LEU A 114 9.11 -12.28 5.41
CA LEU A 114 9.12 -13.41 4.47
C LEU A 114 10.21 -14.43 4.81
N GLY A 115 10.95 -14.21 5.90
CA GLY A 115 11.99 -15.12 6.32
C GLY A 115 13.39 -14.80 5.85
N GLU A 116 13.65 -13.52 5.61
CA GLU A 116 14.98 -13.01 5.20
C GLU A 116 15.44 -13.66 3.88
N LYS A 117 14.53 -13.60 2.90
CA LYS A 117 14.80 -14.12 1.54
C LYS A 117 15.74 -13.20 0.74
N LEU A 118 15.78 -11.93 1.14
CA LEU A 118 16.58 -10.89 0.48
C LEU A 118 17.66 -10.47 1.47
N THR A 119 18.70 -9.82 0.98
CA THR A 119 19.80 -9.32 1.81
C THR A 119 19.75 -7.80 1.88
N ASP A 120 20.30 -7.22 2.95
CA ASP A 120 20.31 -5.77 3.20
C ASP A 120 20.95 -5.02 2.08
N GLU A 121 22.00 -5.56 1.51
CA GLU A 121 22.70 -4.85 0.44
C GLU A 121 21.83 -4.75 -0.78
N GLU A 122 21.03 -5.76 -1.08
CA GLU A 122 20.16 -5.73 -2.24
C GLU A 122 19.02 -4.71 -2.07
N VAL A 123 18.54 -4.52 -0.85
CA VAL A 123 17.43 -3.58 -0.58
C VAL A 123 17.83 -2.16 -0.90
N ASP A 124 19.04 -1.78 -0.58
CA ASP A 124 19.52 -0.41 -0.87
C ASP A 124 19.62 -0.25 -2.38
N GLU A 125 20.00 -1.31 -3.01
CA GLU A 125 20.22 -1.34 -4.45
C GLU A 125 18.88 -1.25 -5.23
N MET A 126 17.82 -1.78 -4.65
CA MET A 126 16.48 -1.74 -5.28
C MET A 126 16.02 -0.30 -5.31
N ILE A 127 16.51 0.55 -4.42
CA ILE A 127 16.08 1.95 -4.45
C ILE A 127 16.71 2.63 -5.66
N ARG A 128 17.95 2.30 -5.93
CA ARG A 128 18.67 2.85 -7.07
C ARG A 128 17.96 2.36 -8.34
N GLU A 129 17.44 1.15 -8.30
CA GLU A 129 16.71 0.62 -9.46
C GLU A 129 15.43 1.39 -9.71
N ALA A 130 14.74 1.75 -8.65
CA ALA A 130 13.47 2.48 -8.78
C ALA A 130 13.69 3.92 -9.25
N ASP A 131 14.70 4.59 -8.73
CA ASP A 131 14.94 5.98 -9.11
C ASP A 131 15.53 6.15 -10.51
N ILE A 132 15.05 7.18 -11.20
CA ILE A 132 15.61 7.62 -12.46
C ILE A 132 16.43 8.92 -12.24
N ASP A 133 16.40 9.41 -11.01
CA ASP A 133 17.08 10.66 -10.65
C ASP A 133 18.18 10.56 -9.58
N GLY A 134 18.41 9.37 -9.03
CA GLY A 134 19.48 9.19 -8.07
C GLY A 134 19.29 9.84 -6.71
N ASP A 135 18.10 10.27 -6.31
CA ASP A 135 17.91 11.00 -5.05
C ASP A 135 17.91 10.10 -3.80
N GLY A 136 17.76 8.80 -3.99
CA GLY A 136 17.82 7.88 -2.87
C GLY A 136 16.51 7.65 -2.13
N GLN A 137 15.40 8.16 -2.65
CA GLN A 137 14.12 7.94 -2.02
C GLN A 137 13.04 7.75 -3.04
N VAL A 138 12.03 6.98 -2.72
CA VAL A 138 10.95 6.69 -3.69
C VAL A 138 9.66 7.29 -3.15
N ASN A 139 8.94 8.04 -3.98
CA ASN A 139 7.67 8.63 -3.56
C ASN A 139 6.57 7.82 -4.27
N TYR A 140 5.31 8.13 -4.02
CA TYR A 140 4.17 7.36 -4.54
C TYR A 140 4.13 7.21 -6.05
N GLU A 141 4.30 8.30 -6.81
CA GLU A 141 4.25 8.21 -8.28
C GLU A 141 5.40 7.35 -8.85
N GLU A 142 6.56 7.40 -8.22
CA GLU A 142 7.70 6.61 -8.68
C GLU A 142 7.41 5.15 -8.43
N PHE A 143 6.66 4.90 -7.36
CA PHE A 143 6.25 3.57 -6.97
C PHE A 143 5.27 2.95 -8.00
N VAL A 144 4.37 3.77 -8.55
CA VAL A 144 3.41 3.29 -9.54
C VAL A 144 4.11 2.82 -10.82
N GLN A 145 5.12 3.55 -11.25
CA GLN A 145 5.83 3.25 -12.50
C GLN A 145 6.54 1.92 -12.51
N MET A 146 7.00 1.48 -11.34
CA MET A 146 7.74 0.20 -11.27
C MET A 146 6.87 -1.02 -11.62
N MET A 147 5.55 -0.96 -11.53
CA MET A 147 4.76 -2.13 -11.90
C MET A 147 4.67 -2.30 -13.41
N THR A 148 4.89 -1.23 -14.15
CA THR A 148 4.75 -1.29 -15.62
C THR A 148 6.11 -1.28 -16.32
N ALA A 149 7.17 -0.90 -15.61
CA ALA A 149 8.50 -0.92 -16.20
C ALA A 149 9.49 -1.25 -15.12
N LYS A 150 10.54 -1.98 -15.47
CA LYS A 150 11.58 -2.43 -14.50
C LYS A 150 12.59 -1.32 -14.27
N GLY B 1 -49.49 -7.25 55.37
CA GLY B 1 -50.07 -7.81 56.62
C GLY B 1 -49.06 -7.89 57.72
N ALA B 2 -49.51 -7.98 58.97
CA ALA B 2 -48.62 -8.08 60.13
C ALA B 2 -47.92 -9.43 60.19
N ASP B 3 -48.61 -10.46 59.73
CA ASP B 3 -48.13 -11.83 59.84
C ASP B 3 -47.66 -12.36 58.50
N LYS B 4 -46.81 -13.38 58.57
CA LYS B 4 -46.32 -14.12 57.39
C LYS B 4 -45.58 -13.28 56.35
N GLU B 5 -44.73 -12.36 56.81
CA GLU B 5 -43.93 -11.59 55.85
C GLU B 5 -42.80 -12.49 55.37
N ASP B 6 -42.39 -12.33 54.11
CA ASP B 6 -41.27 -13.14 53.56
C ASP B 6 -40.56 -12.39 52.44
N ASP B 7 -39.42 -11.77 52.73
CA ASP B 7 -38.68 -11.03 51.69
C ASP B 7 -37.14 -11.07 51.83
N GLN B 8 -36.48 -11.90 51.02
CA GLN B 8 -35.02 -12.00 51.01
C GLN B 8 -34.47 -11.96 49.58
N GLU B 9 -33.56 -11.03 49.33
CA GLU B 9 -32.98 -10.89 48.01
C GLU B 9 -31.92 -12.00 47.76
N HIS B 10 -32.01 -12.61 46.59
CA HIS B 10 -31.08 -13.64 46.15
C HIS B 10 -30.97 -13.55 44.61
N PRO B 11 -30.15 -12.61 44.09
CA PRO B 11 -30.15 -12.51 42.63
C PRO B 11 -29.46 -13.68 41.95
N SER B 12 -29.83 -13.97 40.73
CA SER B 12 -29.20 -15.04 39.95
C SER B 12 -27.88 -14.57 39.39
N GLU B 13 -26.91 -15.49 39.33
CA GLU B 13 -25.60 -15.18 38.78
C GLU B 13 -25.26 -16.17 37.67
N LYS B 14 -25.79 -15.95 36.47
CA LYS B 14 -25.52 -16.86 35.37
C LYS B 14 -24.07 -16.70 34.94
N GLN B 15 -23.56 -15.47 35.00
CA GLN B 15 -22.14 -15.16 34.77
C GLN B 15 -21.38 -15.94 33.69
N PRO B 16 -21.55 -15.58 32.41
CA PRO B 16 -20.80 -16.27 31.36
C PRO B 16 -19.25 -16.09 31.49
N SER B 17 -18.83 -15.02 32.16
CA SER B 17 -17.41 -14.74 32.44
C SER B 17 -16.50 -14.66 31.22
N GLY B 18 -17.05 -14.31 30.07
CA GLY B 18 -16.25 -14.21 28.86
C GLY B 18 -15.98 -15.52 28.13
N ALA B 19 -16.77 -16.55 28.40
CA ALA B 19 -16.58 -17.86 27.76
C ALA B 19 -16.77 -17.71 26.24
N GLU B 20 -15.98 -18.45 25.48
CA GLU B 20 -16.03 -18.40 24.01
C GLU B 20 -17.35 -18.98 23.53
N SER B 21 -17.95 -18.31 22.57
CA SER B 21 -19.18 -18.82 21.95
C SER B 21 -18.85 -19.84 20.86
N GLY B 22 -19.76 -20.82 20.66
CA GLY B 22 -19.60 -21.80 19.60
C GLY B 22 -19.84 -21.17 18.24
N THR B 23 -19.65 -21.93 17.15
CA THR B 23 -19.85 -21.42 15.81
C THR B 23 -20.87 -22.25 15.06
N LEU B 24 -21.36 -21.70 13.96
CA LEU B 24 -22.35 -22.37 13.14
C LEU B 24 -21.81 -22.45 11.71
N ALA B 25 -22.40 -23.35 10.95
CA ALA B 25 -22.05 -23.58 9.54
C ALA B 25 -22.46 -22.35 8.72
N ARG B 26 -21.89 -22.22 7.53
CA ARG B 26 -22.17 -21.10 6.59
C ARG B 26 -21.72 -19.78 7.22
N ALA B 27 -20.55 -19.82 7.86
CA ALA B 27 -19.98 -18.66 8.53
C ALA B 27 -19.41 -17.61 7.56
N SER B 28 -19.27 -18.00 6.28
CA SER B 28 -18.76 -17.14 5.20
C SER B 28 -17.34 -16.68 5.50
N LEU B 29 -16.52 -17.64 5.88
CA LEU B 29 -15.13 -17.38 6.24
C LEU B 29 -14.37 -16.91 4.99
N ALA B 30 -13.45 -15.96 5.13
CA ALA B 30 -12.66 -15.49 3.98
C ALA B 30 -11.66 -16.59 3.67
N LEU B 31 -11.44 -16.94 2.41
CA LEU B 31 -10.45 -17.97 2.07
C LEU B 31 -9.35 -17.49 1.10
N PRO B 32 -8.36 -16.74 1.61
CA PRO B 32 -7.27 -16.31 0.73
C PRO B 32 -6.33 -17.49 0.40
N THR B 33 -6.55 -18.07 -0.79
CA THR B 33 -5.84 -19.28 -1.22
C THR B 33 -4.82 -18.98 -2.36
N SER B 34 -4.88 -17.77 -2.88
CA SER B 34 -4.02 -17.29 -3.97
C SER B 34 -2.55 -17.08 -3.58
N SER B 35 -2.20 -17.46 -2.37
CA SER B 35 -0.86 -17.26 -1.81
C SER B 35 0.28 -17.84 -2.64
N LEU B 36 1.37 -17.10 -2.71
CA LEU B 36 2.54 -17.46 -3.53
C LEU B 36 3.53 -18.35 -2.79
N SER B 37 4.40 -19.03 -3.54
CA SER B 37 5.43 -19.90 -2.94
C SER B 37 6.55 -19.08 -2.30
N ARG B 38 7.11 -19.57 -1.22
CA ARG B 38 8.21 -18.86 -0.54
C ARG B 38 9.47 -18.92 -1.37
N THR B 39 9.56 -19.97 -2.15
CA THR B 39 10.74 -20.29 -2.95
C THR B 39 10.86 -19.33 -4.16
N ALA B 40 9.72 -18.76 -4.59
CA ALA B 40 9.69 -17.86 -5.72
C ALA B 40 10.37 -16.55 -5.33
N SER B 41 10.33 -16.27 -4.04
CA SER B 41 10.87 -15.03 -3.51
C SER B 41 12.35 -15.15 -3.08
N GLN B 42 12.88 -16.38 -3.01
CA GLN B 42 14.25 -16.56 -2.50
C GLN B 42 15.34 -16.33 -3.54
N SER B 43 15.55 -15.04 -3.83
CA SER B 43 16.64 -14.62 -4.71
C SER B 43 16.87 -13.15 -4.44
N SER B 44 18.12 -12.75 -4.25
CA SER B 44 18.48 -11.36 -4.03
C SER B 44 18.58 -10.73 -5.42
N SER B 45 17.60 -9.92 -5.80
CA SER B 45 17.54 -9.34 -7.13
C SER B 45 16.82 -7.99 -7.03
N HIS B 46 16.90 -7.21 -8.08
CA HIS B 46 16.27 -5.88 -8.09
C HIS B 46 14.74 -5.93 -8.13
N ARG B 47 14.23 -7.08 -8.51
CA ARG B 47 12.79 -7.33 -8.66
C ARG B 47 11.93 -7.21 -7.41
N GLY B 48 12.55 -7.08 -6.24
CA GLY B 48 11.82 -7.15 -4.98
C GLY B 48 10.61 -6.24 -4.82
N TRP B 49 10.55 -5.09 -5.47
CA TRP B 49 9.35 -4.28 -5.32
C TRP B 49 8.12 -5.02 -5.86
N GLU B 50 8.32 -5.79 -6.92
CA GLU B 50 7.20 -6.50 -7.56
C GLU B 50 6.78 -7.70 -6.74
N ILE B 51 7.73 -8.37 -6.10
CA ILE B 51 7.41 -9.54 -5.26
C ILE B 51 6.54 -9.04 -4.11
N LEU B 52 6.87 -7.86 -3.59
CA LEU B 52 6.12 -7.33 -2.45
C LEU B 52 4.68 -7.09 -2.84
N ARG B 53 4.48 -6.52 -4.01
CA ARG B 53 3.14 -6.22 -4.47
C ARG B 53 2.40 -7.45 -4.90
N GLN B 54 3.05 -8.41 -5.56
CA GLN B 54 2.34 -9.61 -5.95
C GLN B 54 1.91 -10.43 -4.75
N ASN B 55 2.74 -10.53 -3.72
CA ASN B 55 2.36 -11.36 -2.57
C ASN B 55 1.25 -10.75 -1.78
N THR B 56 1.18 -9.44 -1.71
CA THR B 56 0.16 -8.80 -0.86
C THR B 56 -1.14 -8.54 -1.61
N LEU B 57 -1.05 -8.31 -2.89
CA LEU B 57 -2.24 -8.01 -3.70
C LEU B 57 -2.95 -9.31 -4.12
N GLY B 58 -2.22 -10.39 -4.26
CA GLY B 58 -2.85 -11.62 -4.67
C GLY B 58 -3.13 -11.69 -6.16
N HIS B 59 -2.19 -11.18 -6.93
CA HIS B 59 -2.28 -11.17 -8.40
C HIS B 59 -2.40 -12.61 -8.94
N LEU B 60 -3.02 -12.81 -10.10
CA LEU B 60 -3.21 -14.16 -10.65
C LEU B 60 -1.91 -14.83 -11.05
N ASN B 61 -1.51 -15.80 -10.24
CA ASN B 61 -0.26 -16.56 -10.41
C ASN B 61 -0.60 -18.01 -10.06
N LEU B 62 0.40 -18.88 -9.99
CA LEU B 62 0.20 -20.27 -9.53
C LEU B 62 1.30 -20.49 -8.48
N GLY B 63 1.11 -21.44 -7.57
CA GLY B 63 2.07 -21.63 -6.47
C GLY B 63 1.71 -22.65 -5.43
N LEU B 64 2.32 -22.49 -4.29
CA LEU B 64 2.10 -23.37 -3.12
C LEU B 64 0.67 -23.27 -2.62
N ASN B 65 0.13 -22.05 -2.64
CA ASN B 65 -1.23 -21.75 -2.21
C ASN B 65 -1.42 -22.08 -0.76
N LEU B 66 -0.41 -21.78 0.05
CA LEU B 66 -0.47 -22.01 1.50
C LEU B 66 -1.54 -21.09 2.16
N SER B 67 -2.03 -21.53 3.31
CA SER B 67 -3.11 -20.86 4.05
C SER B 67 -2.72 -19.52 4.69
N GLU B 68 -3.75 -18.71 5.00
CA GLU B 68 -3.62 -17.42 5.68
C GLU B 68 -2.68 -16.43 4.96
N GLY B 69 -2.64 -16.56 3.65
CA GLY B 69 -1.86 -15.64 2.81
C GLY B 69 -2.81 -14.58 2.36
N ASP B 70 -2.59 -13.99 1.20
CA ASP B 70 -3.47 -12.94 0.67
C ASP B 70 -3.90 -13.30 -0.74
N GLY B 71 -5.08 -12.84 -1.15
CA GLY B 71 -5.56 -13.09 -2.51
C GLY B 71 -6.73 -12.18 -2.81
N GLU B 72 -6.84 -11.70 -4.05
CA GLU B 72 -7.96 -10.80 -4.42
C GLU B 72 -8.43 -10.96 -5.88
N GLU B 73 -7.52 -11.09 -6.81
CA GLU B 73 -7.92 -11.20 -8.21
C GLU B 73 -8.46 -12.58 -8.53
CA CA C . 7.58 4.13 7.48
CA CA D . 13.39 9.86 -6.54
N SER A 1 -16.76 11.02 4.68
CA SER A 1 -16.00 9.81 4.25
C SER A 1 -16.55 8.55 4.91
N MET A 2 -16.21 7.38 4.39
CA MET A 2 -16.68 6.09 4.93
C MET A 2 -15.56 5.06 5.14
N ALA A 3 -14.65 4.94 4.19
CA ALA A 3 -13.57 3.93 4.28
C ALA A 3 -12.63 4.19 5.48
N ASP A 4 -12.36 5.47 5.67
CA ASP A 4 -11.43 5.92 6.74
C ASP A 4 -12.22 6.42 7.96
N GLN A 5 -13.53 6.36 7.87
CA GLN A 5 -14.41 6.90 8.86
C GLN A 5 -15.36 5.88 9.54
N LEU A 6 -14.93 4.62 9.60
CA LEU A 6 -15.72 3.60 10.32
C LEU A 6 -15.70 3.95 11.80
N THR A 7 -16.83 3.76 12.46
CA THR A 7 -17.00 4.06 13.89
C THR A 7 -17.11 2.76 14.59
N GLU A 8 -16.98 2.76 15.92
CA GLU A 8 -17.08 1.53 16.70
C GLU A 8 -18.45 0.87 16.47
N GLU A 9 -19.48 1.67 16.25
CA GLU A 9 -20.80 1.10 15.95
C GLU A 9 -20.82 0.34 14.63
N GLN A 10 -20.15 0.88 13.62
CA GLN A 10 -20.09 0.21 12.31
C GLN A 10 -19.17 -0.99 12.36
N ILE A 11 -18.09 -0.92 13.13
CA ILE A 11 -17.19 -2.07 13.24
C ILE A 11 -17.99 -3.20 13.89
N ALA A 12 -18.74 -2.86 14.93
CA ALA A 12 -19.49 -3.84 15.69
C ALA A 12 -20.64 -4.43 14.84
N GLU A 13 -21.14 -3.67 13.87
CA GLU A 13 -22.23 -4.11 13.05
C GLU A 13 -21.84 -5.37 12.29
N PHE A 14 -20.67 -5.37 11.67
CA PHE A 14 -20.20 -6.52 10.96
C PHE A 14 -19.37 -7.50 11.79
N LYS A 15 -18.62 -7.01 12.77
CA LYS A 15 -17.64 -7.83 13.51
C LYS A 15 -18.31 -8.84 14.41
N GLU A 16 -19.41 -8.44 15.05
CA GLU A 16 -20.10 -9.31 15.96
C GLU A 16 -20.64 -10.52 15.20
N ALA A 17 -21.19 -10.27 14.02
CA ALA A 17 -21.70 -11.34 13.17
C ALA A 17 -20.53 -12.19 12.63
N PHE A 18 -19.40 -11.57 12.34
CA PHE A 18 -18.22 -12.24 11.82
C PHE A 18 -17.70 -13.22 12.90
N SER A 19 -17.71 -12.76 14.13
CA SER A 19 -17.25 -13.53 15.30
C SER A 19 -18.21 -14.66 15.73
N LEU A 20 -19.46 -14.59 15.30
CA LEU A 20 -20.45 -15.62 15.63
C LEU A 20 -20.04 -16.95 15.02
N PHE A 21 -19.51 -16.88 13.80
CA PHE A 21 -19.08 -18.04 13.09
C PHE A 21 -17.81 -18.61 13.69
N ASP A 22 -17.06 -17.79 14.40
CA ASP A 22 -15.79 -18.21 14.98
C ASP A 22 -16.00 -18.97 16.30
N LYS A 23 -16.36 -20.23 16.21
CA LYS A 23 -16.58 -21.08 17.41
C LYS A 23 -15.27 -21.40 18.07
N ASP A 24 -14.26 -21.68 17.26
CA ASP A 24 -12.96 -22.10 17.75
C ASP A 24 -12.11 -21.00 18.35
N GLY A 25 -12.46 -19.75 18.08
CA GLY A 25 -11.68 -18.65 18.63
C GLY A 25 -10.41 -18.43 17.85
N ASP A 26 -10.42 -18.92 16.63
CA ASP A 26 -9.26 -18.85 15.73
C ASP A 26 -9.07 -17.43 15.21
N GLY A 27 -10.14 -16.66 15.22
CA GLY A 27 -10.08 -15.30 14.76
C GLY A 27 -10.21 -15.17 13.26
N THR A 28 -10.67 -16.25 12.63
CA THR A 28 -10.83 -16.27 11.17
C THR A 28 -12.16 -16.96 10.79
N ILE A 29 -12.60 -16.73 9.56
CA ILE A 29 -13.77 -17.43 9.03
C ILE A 29 -13.34 -17.91 7.64
N THR A 30 -13.99 -18.90 7.09
CA THR A 30 -13.68 -19.35 5.73
C THR A 30 -14.51 -18.53 4.75
N THR A 31 -14.19 -18.64 3.46
CA THR A 31 -14.91 -17.89 2.42
C THR A 31 -16.34 -18.33 2.26
N LYS A 32 -16.63 -19.55 2.66
CA LYS A 32 -18.00 -20.04 2.57
C LYS A 32 -18.85 -19.30 3.58
N GLN A 33 -18.27 -18.92 4.70
CA GLN A 33 -19.02 -18.20 5.73
C GLN A 33 -19.19 -16.73 5.29
N LEU A 34 -18.35 -16.22 4.41
CA LEU A 34 -18.43 -14.81 4.05
C LEU A 34 -19.78 -14.48 3.35
N GLY A 35 -20.28 -15.35 2.50
CA GLY A 35 -21.56 -15.05 1.85
C GLY A 35 -22.67 -14.97 2.88
N THR A 36 -22.63 -15.87 3.85
CA THR A 36 -23.61 -15.91 4.90
C THR A 36 -23.55 -14.62 5.76
N VAL A 37 -22.36 -14.16 6.15
CA VAL A 37 -22.28 -12.96 7.00
C VAL A 37 -22.78 -11.75 6.20
N MET A 38 -22.64 -11.72 4.88
CA MET A 38 -23.11 -10.55 4.14
C MET A 38 -24.62 -10.42 4.22
N ARG A 39 -25.35 -11.54 4.14
CA ARG A 39 -26.81 -11.47 4.25
C ARG A 39 -27.23 -11.33 5.70
N SER A 40 -26.37 -11.72 6.64
CA SER A 40 -26.70 -11.58 8.05
C SER A 40 -26.74 -10.08 8.42
N LEU A 41 -25.89 -9.33 7.75
CA LEU A 41 -25.77 -7.87 7.91
C LEU A 41 -26.91 -7.20 7.11
N GLY A 42 -27.53 -7.93 6.21
CA GLY A 42 -28.67 -7.39 5.47
C GLY A 42 -28.43 -6.94 4.04
N GLN A 43 -27.24 -7.12 3.53
CA GLN A 43 -26.95 -6.76 2.17
C GLN A 43 -27.46 -7.85 1.22
N ASN A 44 -27.87 -7.41 0.04
CA ASN A 44 -28.33 -8.29 -1.03
C ASN A 44 -27.54 -7.95 -2.29
N PRO A 45 -26.26 -8.35 -2.36
CA PRO A 45 -25.42 -8.06 -3.54
C PRO A 45 -25.83 -8.91 -4.74
N THR A 46 -25.49 -8.45 -5.94
CA THR A 46 -25.77 -9.22 -7.14
C THR A 46 -24.83 -10.40 -7.15
N GLU A 47 -25.14 -11.40 -7.95
CA GLU A 47 -24.29 -12.61 -7.99
C GLU A 47 -22.86 -12.29 -8.38
N ALA A 48 -22.64 -11.25 -9.20
CA ALA A 48 -21.28 -10.92 -9.57
C ALA A 48 -20.53 -10.22 -8.43
N GLU A 49 -21.18 -9.30 -7.75
CA GLU A 49 -20.51 -8.61 -6.63
C GLU A 49 -20.30 -9.53 -5.46
N LEU A 50 -21.20 -10.47 -5.23
CA LEU A 50 -21.06 -11.37 -4.08
C LEU A 50 -19.81 -12.22 -4.28
N GLN A 51 -19.64 -12.70 -5.51
CA GLN A 51 -18.54 -13.54 -5.89
C GLN A 51 -17.28 -12.71 -5.87
N ASP A 52 -17.35 -11.46 -6.29
CA ASP A 52 -16.17 -10.63 -6.37
C ASP A 52 -15.58 -10.43 -4.98
N MET A 53 -16.43 -10.31 -3.98
CA MET A 53 -15.92 -10.06 -2.64
C MET A 53 -15.22 -11.27 -2.06
N ILE A 54 -15.79 -12.44 -2.25
CA ILE A 54 -15.20 -13.62 -1.64
C ILE A 54 -13.96 -14.00 -2.38
N ASN A 55 -13.86 -13.58 -3.62
CA ASN A 55 -12.71 -13.95 -4.43
C ASN A 55 -11.53 -13.01 -4.17
N GLU A 56 -11.76 -11.69 -4.10
CA GLU A 56 -10.64 -10.77 -3.90
C GLU A 56 -9.99 -10.99 -2.53
N VAL A 57 -10.81 -11.25 -1.51
CA VAL A 57 -10.30 -11.42 -0.15
C VAL A 57 -9.49 -12.75 -0.01
N ASP A 58 -9.82 -13.75 -0.82
CA ASP A 58 -9.14 -15.08 -0.80
C ASP A 58 -8.04 -15.12 -1.84
N ALA A 59 -7.35 -14.01 -1.96
CA ALA A 59 -6.28 -13.88 -2.95
C ALA A 59 -5.12 -14.83 -2.64
N ASP A 60 -4.85 -15.01 -1.36
CA ASP A 60 -3.75 -15.91 -0.96
C ASP A 60 -4.10 -17.40 -1.26
N GLY A 61 -5.40 -17.71 -1.36
CA GLY A 61 -5.79 -19.07 -1.70
C GLY A 61 -5.78 -19.97 -0.49
N ASN A 62 -5.83 -19.39 0.69
CA ASN A 62 -5.83 -20.17 1.92
C ASN A 62 -7.25 -20.62 2.19
N GLY A 63 -8.22 -19.86 1.67
CA GLY A 63 -9.63 -20.23 1.84
C GLY A 63 -10.14 -19.76 3.19
N THR A 64 -9.28 -19.02 3.88
CA THR A 64 -9.55 -18.53 5.21
C THR A 64 -9.32 -17.05 5.23
N ILE A 65 -10.24 -16.29 5.83
CA ILE A 65 -10.17 -14.82 5.86
C ILE A 65 -9.83 -14.34 7.27
N ASP A 66 -8.78 -13.56 7.37
CA ASP A 66 -8.36 -12.97 8.67
C ASP A 66 -9.01 -11.60 8.77
N PHE A 67 -9.06 -10.99 9.95
CA PHE A 67 -9.68 -9.66 10.08
C PHE A 67 -9.09 -8.51 9.24
N PRO A 68 -7.75 -8.39 9.11
CA PRO A 68 -7.42 -7.19 8.35
C PRO A 68 -7.75 -7.29 6.86
N GLN A 69 -7.84 -8.49 6.31
CA GLN A 69 -8.29 -8.66 4.93
C GLN A 69 -9.80 -8.34 4.87
N PHE A 70 -10.57 -8.73 5.87
CA PHE A 70 -11.98 -8.41 5.87
C PHE A 70 -12.15 -6.86 6.03
N LEU A 71 -11.39 -6.24 6.92
CA LEU A 71 -11.51 -4.80 7.17
C LEU A 71 -11.12 -4.01 5.95
N THR A 72 -10.06 -4.41 5.25
CA THR A 72 -9.62 -3.65 4.09
C THR A 72 -10.67 -3.81 2.99
N MET A 73 -11.18 -5.01 2.82
CA MET A 73 -12.14 -5.26 1.75
C MET A 73 -13.46 -4.52 1.99
N MET A 74 -13.95 -4.50 3.24
CA MET A 74 -15.24 -3.84 3.55
C MET A 74 -15.13 -2.35 3.37
N ALA A 75 -14.03 -1.76 3.81
CA ALA A 75 -13.87 -0.30 3.69
C ALA A 75 -13.84 0.16 2.22
N ARG A 76 -13.11 -0.57 1.38
CA ARG A 76 -12.98 -0.21 -0.03
C ARG A 76 -14.31 -0.30 -0.78
N LYS A 77 -15.12 -1.28 -0.40
CA LYS A 77 -16.45 -1.47 -1.02
C LYS A 77 -17.46 -0.37 -0.75
N MET A 78 -17.30 0.40 0.32
CA MET A 78 -18.31 1.42 0.64
C MET A 78 -18.46 2.47 -0.45
N LYS A 79 -17.34 2.94 -1.04
CA LYS A 79 -17.39 3.80 -2.24
C LYS A 79 -17.13 3.01 -3.54
N ASP A 80 -16.06 2.22 -3.49
CA ASP A 80 -15.61 1.36 -4.62
C ASP A 80 -15.39 2.28 -5.84
N THR A 81 -14.79 3.44 -5.59
CA THR A 81 -14.69 4.47 -6.63
C THR A 81 -13.41 4.39 -7.48
N ASP A 82 -12.35 3.75 -7.05
CA ASP A 82 -11.13 3.68 -7.87
C ASP A 82 -10.30 2.44 -7.54
N SER A 83 -9.68 1.89 -8.58
CA SER A 83 -8.83 0.69 -8.49
C SER A 83 -7.46 1.02 -7.88
N GLU A 84 -6.99 2.25 -8.04
CA GLU A 84 -5.63 2.68 -7.60
C GLU A 84 -5.39 2.54 -6.10
N GLU A 85 -6.46 2.45 -5.34
CA GLU A 85 -6.35 2.33 -3.89
C GLU A 85 -5.63 1.01 -3.51
N GLU A 86 -5.68 0.02 -4.40
CA GLU A 86 -5.00 -1.26 -4.15
C GLU A 86 -3.47 -1.04 -4.02
N ILE A 87 -2.96 -0.04 -4.72
CA ILE A 87 -1.53 0.29 -4.70
C ILE A 87 -1.24 1.07 -3.41
N ARG A 88 -2.18 1.92 -3.00
CA ARG A 88 -2.01 2.67 -1.74
C ARG A 88 -1.93 1.68 -0.61
N GLU A 89 -2.68 0.59 -0.70
CA GLU A 89 -2.66 -0.45 0.32
C GLU A 89 -1.25 -1.01 0.46
N ALA A 90 -0.59 -1.26 -0.68
CA ALA A 90 0.75 -1.85 -0.69
C ALA A 90 1.77 -0.89 -0.10
N PHE A 91 1.59 0.40 -0.33
CA PHE A 91 2.55 1.35 0.18
C PHE A 91 2.47 1.37 1.70
N ARG A 92 1.25 1.36 2.21
CA ARG A 92 0.98 1.41 3.65
C ARG A 92 1.43 0.10 4.34
N VAL A 93 1.49 -1.02 3.64
CA VAL A 93 1.92 -2.28 4.26
C VAL A 93 3.36 -2.14 4.73
N PHE A 94 4.24 -1.61 3.90
CA PHE A 94 5.63 -1.49 4.32
C PHE A 94 5.90 -0.21 5.06
N ASP A 95 5.07 0.81 4.94
CA ASP A 95 5.31 2.06 5.68
C ASP A 95 4.06 2.43 6.50
N LYS A 96 4.08 2.05 7.77
CA LYS A 96 2.94 2.30 8.66
C LYS A 96 2.69 3.79 9.03
N ASP A 97 3.75 4.58 9.15
CA ASP A 97 3.59 5.98 9.56
C ASP A 97 3.49 6.96 8.36
N GLY A 98 3.45 6.43 7.15
CA GLY A 98 3.20 7.23 5.96
C GLY A 98 4.19 8.32 5.63
N ASN A 99 5.49 8.00 5.62
CA ASN A 99 6.54 9.01 5.32
C ASN A 99 6.39 9.53 3.89
N GLY A 100 5.80 8.74 3.04
CA GLY A 100 5.59 9.12 1.65
C GLY A 100 6.79 8.83 0.75
N TYR A 101 7.88 8.35 1.32
CA TYR A 101 9.05 7.93 0.57
C TYR A 101 9.40 6.58 1.14
N ILE A 102 10.13 5.75 0.40
CA ILE A 102 10.43 4.40 0.87
C ILE A 102 11.84 4.24 1.37
N SER A 103 12.02 4.25 2.67
CA SER A 103 13.34 4.04 3.27
C SER A 103 13.66 2.52 3.34
N ALA A 104 14.94 2.17 3.48
CA ALA A 104 15.38 0.74 3.52
C ALA A 104 14.75 0.00 4.71
N ALA A 105 14.58 0.72 5.81
CA ALA A 105 14.03 0.15 7.02
C ALA A 105 12.59 -0.29 6.78
N GLU A 106 11.87 0.41 5.91
CA GLU A 106 10.46 0.11 5.65
C GLU A 106 10.36 -1.28 4.98
N LEU A 107 11.34 -1.59 4.14
CA LEU A 107 11.33 -2.84 3.39
C LEU A 107 11.88 -4.02 4.21
N ARG A 108 12.73 -3.72 5.19
CA ARG A 108 13.31 -4.77 6.03
C ARG A 108 12.21 -5.47 6.79
N HIS A 109 11.16 -4.72 7.11
CA HIS A 109 9.95 -5.26 7.75
C HIS A 109 9.27 -6.31 6.88
N VAL A 110 9.10 -6.03 5.61
CA VAL A 110 8.32 -6.94 4.74
C VAL A 110 9.13 -8.03 4.09
N MET A 111 10.28 -7.72 3.51
CA MET A 111 11.02 -8.71 2.72
C MET A 111 11.44 -9.95 3.53
N THR A 112 11.70 -9.74 4.81
CA THR A 112 12.08 -10.84 5.66
C THR A 112 10.89 -11.75 5.95
N ASN A 113 9.69 -11.19 6.11
CA ASN A 113 8.52 -11.97 6.56
C ASN A 113 8.00 -12.93 5.50
N LEU A 114 8.24 -12.62 4.23
CA LEU A 114 7.82 -13.48 3.12
C LEU A 114 8.87 -14.61 2.94
N GLY A 115 9.79 -14.76 3.90
CA GLY A 115 10.77 -15.85 3.81
C GLY A 115 12.15 -15.46 3.34
N GLU A 116 12.64 -14.30 3.80
CA GLU A 116 14.00 -13.81 3.46
C GLU A 116 14.21 -13.70 1.95
N LYS A 117 13.27 -13.06 1.27
CA LYS A 117 13.34 -12.90 -0.19
C LYS A 117 14.53 -12.06 -0.61
N LEU A 118 14.97 -11.14 0.23
CA LEU A 118 16.09 -10.23 -0.10
C LEU A 118 17.14 -10.29 1.01
N THR A 119 18.31 -9.80 0.67
CA THR A 119 19.40 -9.66 1.63
C THR A 119 19.41 -8.16 1.94
N ASP A 120 19.97 -7.75 3.06
CA ASP A 120 19.94 -6.32 3.46
C ASP A 120 20.64 -5.42 2.45
N GLU A 121 21.75 -5.90 1.88
CA GLU A 121 22.50 -5.09 0.91
C GLU A 121 21.70 -4.93 -0.38
N GLU A 122 20.94 -5.95 -0.73
CA GLU A 122 20.15 -5.89 -1.92
C GLU A 122 19.11 -4.79 -1.74
N VAL A 123 18.57 -4.67 -0.55
CA VAL A 123 17.50 -3.71 -0.29
C VAL A 123 17.96 -2.28 -0.51
N ASP A 124 19.20 -1.99 -0.15
CA ASP A 124 19.74 -0.66 -0.30
C ASP A 124 19.81 -0.29 -1.78
N GLU A 125 20.19 -1.26 -2.59
CA GLU A 125 20.35 -1.06 -4.03
C GLU A 125 19.00 -0.92 -4.73
N MET A 126 17.95 -1.58 -4.26
CA MET A 126 16.64 -1.51 -4.92
C MET A 126 16.11 -0.11 -4.91
N ILE A 127 16.40 0.65 -3.86
CA ILE A 127 15.88 2.00 -3.79
C ILE A 127 16.58 2.89 -4.82
N ARG A 128 17.90 2.74 -4.96
CA ARG A 128 18.65 3.52 -5.90
C ARG A 128 18.35 3.13 -7.36
N GLU A 129 18.09 1.83 -7.55
CA GLU A 129 17.77 1.27 -8.86
C GLU A 129 16.43 1.77 -9.33
N ALA A 130 15.47 1.82 -8.43
CA ALA A 130 14.13 2.28 -8.78
C ALA A 130 14.09 3.78 -8.99
N ASP A 131 14.89 4.53 -8.27
CA ASP A 131 14.78 5.98 -8.28
C ASP A 131 15.06 6.68 -9.60
N ILE A 132 16.16 6.32 -10.25
CA ILE A 132 16.67 6.98 -11.50
C ILE A 132 16.87 8.56 -11.44
N ASP A 133 16.23 9.27 -10.51
CA ASP A 133 16.32 10.74 -10.44
C ASP A 133 17.63 11.22 -9.85
N GLY A 134 18.21 10.38 -9.03
CA GLY A 134 19.41 10.71 -8.27
C GLY A 134 19.07 11.55 -7.04
N ASP A 135 17.78 11.65 -6.74
CA ASP A 135 17.33 12.42 -5.58
C ASP A 135 17.44 11.55 -4.31
N GLY A 136 17.64 10.26 -4.52
CA GLY A 136 17.85 9.34 -3.42
C GLY A 136 16.61 8.85 -2.73
N GLN A 137 15.45 9.08 -3.30
CA GLN A 137 14.19 8.66 -2.68
C GLN A 137 13.19 8.18 -3.73
N VAL A 138 12.28 7.32 -3.31
CA VAL A 138 11.23 6.78 -4.18
C VAL A 138 9.89 7.19 -3.61
N ASN A 139 9.06 7.82 -4.45
CA ASN A 139 7.70 8.24 -4.04
C ASN A 139 6.62 7.35 -4.69
N TYR A 140 5.37 7.61 -4.39
CA TYR A 140 4.25 6.82 -4.86
C TYR A 140 4.09 6.72 -6.38
N GLU A 141 4.18 7.83 -7.10
CA GLU A 141 4.02 7.76 -8.54
C GLU A 141 5.14 6.95 -9.17
N GLU A 142 6.35 7.01 -8.64
CA GLU A 142 7.45 6.20 -9.15
C GLU A 142 7.17 4.72 -8.90
N PHE A 143 6.49 4.43 -7.79
CA PHE A 143 6.15 3.06 -7.43
C PHE A 143 5.11 2.54 -8.41
N VAL A 144 4.14 3.34 -8.78
CA VAL A 144 3.08 2.94 -9.75
C VAL A 144 3.68 2.72 -11.15
N GLN A 145 4.60 3.58 -11.56
CA GLN A 145 5.23 3.45 -12.88
C GLN A 145 6.00 2.16 -13.09
N MET A 146 6.58 1.60 -12.05
CA MET A 146 7.32 0.36 -12.23
C MET A 146 6.40 -0.77 -12.64
N MET A 147 5.13 -0.68 -12.26
CA MET A 147 4.17 -1.75 -12.60
C MET A 147 3.27 -1.46 -13.81
N THR A 148 2.75 -0.25 -13.95
CA THR A 148 1.76 0.03 -14.99
C THR A 148 2.26 0.86 -16.17
N ALA A 149 3.41 1.50 -16.04
CA ALA A 149 4.04 2.28 -17.14
C ALA A 149 3.04 3.22 -17.80
N LYS A 150 2.23 3.96 -17.04
CA LYS A 150 1.23 4.86 -17.64
C LYS A 150 1.87 6.22 -17.98
N GLY B 1 -23.07 42.29 -17.26
CA GLY B 1 -22.67 41.39 -16.17
C GLY B 1 -23.11 39.97 -16.44
N ALA B 2 -22.56 39.04 -15.68
CA ALA B 2 -22.87 37.60 -15.84
C ALA B 2 -22.62 36.98 -14.50
N ASP B 3 -23.04 35.74 -14.32
CA ASP B 3 -22.86 35.02 -13.05
C ASP B 3 -21.52 34.31 -12.96
N LYS B 4 -20.61 34.73 -13.83
CA LYS B 4 -19.29 34.14 -13.86
C LYS B 4 -18.48 34.61 -12.64
N GLU B 5 -18.21 33.70 -11.73
CA GLU B 5 -17.42 33.98 -10.52
C GLU B 5 -16.65 32.68 -10.20
N ASP B 6 -15.50 32.78 -9.57
CA ASP B 6 -14.78 31.59 -9.13
C ASP B 6 -13.98 31.90 -7.86
N ASP B 7 -13.67 30.87 -7.12
CA ASP B 7 -12.91 31.03 -5.89
C ASP B 7 -11.52 30.46 -6.08
N GLN B 8 -10.53 31.33 -6.07
CA GLN B 8 -9.14 30.89 -6.25
C GLN B 8 -8.29 31.63 -5.25
N GLU B 9 -7.08 31.15 -5.02
CA GLU B 9 -6.10 31.79 -4.11
C GLU B 9 -6.64 31.98 -2.68
N HIS B 10 -7.19 30.90 -2.12
CA HIS B 10 -7.64 30.86 -0.74
C HIS B 10 -6.85 29.75 -0.03
N PRO B 11 -5.54 29.98 0.22
CA PRO B 11 -4.81 28.90 0.84
C PRO B 11 -5.21 28.68 2.29
N SER B 12 -5.01 27.48 2.78
CA SER B 12 -5.36 27.16 4.15
C SER B 12 -4.32 27.77 5.08
N GLU B 13 -4.80 28.63 5.97
CA GLU B 13 -3.96 29.30 6.96
C GLU B 13 -4.61 29.23 8.33
N LYS B 14 -5.46 28.20 8.46
CA LYS B 14 -6.26 27.93 9.67
C LYS B 14 -5.40 27.41 10.84
N GLN B 15 -4.18 26.98 10.54
CA GLN B 15 -3.21 26.51 11.56
C GLN B 15 -3.75 25.42 12.50
N PRO B 16 -3.98 24.21 11.97
CA PRO B 16 -4.48 23.13 12.85
C PRO B 16 -3.42 22.79 13.86
N SER B 17 -3.86 22.30 15.03
CA SER B 17 -2.95 21.94 16.14
C SER B 17 -2.20 20.65 15.85
N GLY B 18 -2.83 19.71 15.15
CA GLY B 18 -2.19 18.42 14.85
C GLY B 18 -2.17 17.51 16.07
N ALA B 19 -3.01 17.73 17.03
CA ALA B 19 -2.99 16.96 18.28
C ALA B 19 -3.65 15.55 18.18
N GLU B 20 -2.86 14.53 17.89
CA GLU B 20 -3.34 13.14 17.86
C GLU B 20 -2.10 12.32 18.12
N SER B 21 -2.23 11.18 18.78
CA SER B 21 -1.07 10.32 19.07
C SER B 21 -1.54 8.87 19.12
N GLY B 22 -0.60 7.95 19.00
CA GLY B 22 -0.93 6.55 18.99
C GLY B 22 -1.29 6.01 17.61
N THR B 23 -1.18 4.72 17.39
CA THR B 23 -1.52 4.11 16.12
C THR B 23 -2.03 2.70 16.36
N LEU B 24 -2.65 2.10 15.32
CA LEU B 24 -3.18 0.73 15.43
C LEU B 24 -2.61 -0.09 14.28
N ALA B 25 -2.42 -1.39 14.50
CA ALA B 25 -1.90 -2.30 13.45
C ALA B 25 -2.40 -3.72 13.70
N ARG B 26 -2.46 -4.53 12.63
CA ARG B 26 -2.85 -5.95 12.71
C ARG B 26 -1.71 -6.78 12.13
N ALA B 27 -1.43 -7.86 12.79
CA ALA B 27 -0.31 -8.74 12.48
C ALA B 27 -0.47 -9.62 11.22
N SER B 28 -1.68 -10.00 10.87
CA SER B 28 -1.90 -10.92 9.74
C SER B 28 -1.88 -10.19 8.39
N LEU B 29 -0.75 -9.55 8.08
CA LEU B 29 -0.60 -8.78 6.86
C LEU B 29 0.74 -9.16 6.17
N ALA B 30 0.71 -9.31 4.85
CA ALA B 30 1.91 -9.73 4.08
C ALA B 30 2.47 -11.06 4.59
N LEU B 31 1.54 -11.97 4.84
CA LEU B 31 1.82 -13.34 5.29
C LEU B 31 2.59 -14.10 4.20
N PRO B 32 3.48 -15.04 4.58
CA PRO B 32 4.24 -15.83 3.63
C PRO B 32 3.41 -16.84 2.89
N THR B 33 2.17 -17.04 3.29
CA THR B 33 1.29 -17.96 2.57
C THR B 33 0.97 -17.38 1.17
N SER B 34 1.20 -16.09 0.96
CA SER B 34 0.96 -15.43 -0.34
C SER B 34 2.21 -15.54 -1.21
N SER B 35 3.23 -16.22 -0.69
CA SER B 35 4.51 -16.35 -1.33
C SER B 35 4.98 -17.79 -1.45
N LEU B 36 4.18 -18.63 -2.10
CA LEU B 36 4.53 -20.04 -2.28
C LEU B 36 5.33 -20.13 -3.58
N SER B 37 6.47 -20.84 -3.56
CA SER B 37 7.34 -20.97 -4.74
C SER B 37 8.18 -22.25 -4.63
N ARG B 38 8.57 -22.84 -5.75
CA ARG B 38 9.46 -24.01 -5.74
C ARG B 38 10.82 -23.60 -5.20
N THR B 39 11.19 -22.36 -5.44
CA THR B 39 12.48 -21.78 -4.99
C THR B 39 12.20 -20.59 -4.09
N ALA B 40 11.72 -20.93 -2.91
CA ALA B 40 11.32 -19.93 -1.90
C ALA B 40 12.45 -19.49 -0.97
N SER B 41 13.66 -20.01 -1.18
CA SER B 41 14.76 -19.65 -0.24
C SER B 41 15.21 -18.20 -0.40
N GLN B 42 15.36 -17.74 -1.64
CA GLN B 42 15.77 -16.34 -1.87
C GLN B 42 15.36 -15.85 -3.26
N SER B 43 15.17 -14.56 -3.46
CA SER B 43 14.72 -13.99 -4.73
C SER B 43 15.38 -12.61 -4.91
N SER B 44 16.66 -12.49 -4.60
CA SER B 44 17.35 -11.21 -4.67
C SER B 44 17.75 -10.82 -6.09
N SER B 45 16.93 -9.95 -6.67
CA SER B 45 17.10 -9.42 -8.02
C SER B 45 16.23 -8.13 -8.05
N HIS B 46 16.12 -7.43 -9.18
CA HIS B 46 15.30 -6.22 -9.32
C HIS B 46 13.80 -6.52 -9.05
N ARG B 47 13.43 -7.79 -9.06
CA ARG B 47 12.08 -8.24 -8.72
C ARG B 47 11.65 -7.90 -7.28
N GLY B 48 12.59 -7.43 -6.48
CA GLY B 48 12.24 -7.08 -5.11
C GLY B 48 11.13 -6.04 -4.98
N TRP B 49 10.92 -5.15 -5.93
CA TRP B 49 9.76 -4.23 -5.78
C TRP B 49 8.48 -4.92 -6.23
N GLU B 50 8.64 -5.81 -7.20
CA GLU B 50 7.53 -6.51 -7.80
C GLU B 50 6.89 -7.44 -6.81
N ILE B 51 7.69 -8.06 -5.97
CA ILE B 51 7.20 -9.06 -5.02
C ILE B 51 6.26 -8.38 -4.00
N LEU B 52 6.48 -7.11 -3.71
CA LEU B 52 5.66 -6.41 -2.71
C LEU B 52 4.25 -6.22 -3.19
N ARG B 53 4.16 -5.94 -4.48
CA ARG B 53 2.84 -5.64 -5.08
C ARG B 53 2.07 -6.94 -5.26
N GLN B 54 2.79 -8.01 -5.45
CA GLN B 54 2.16 -9.28 -5.63
C GLN B 54 1.72 -9.84 -4.29
N ASN B 55 2.51 -9.71 -3.21
CA ASN B 55 2.10 -10.30 -1.92
C ASN B 55 1.01 -9.53 -1.20
N THR B 56 0.91 -8.22 -1.42
CA THR B 56 -0.13 -7.45 -0.73
C THR B 56 -1.49 -7.76 -1.31
N LEU B 57 -1.50 -7.85 -2.62
CA LEU B 57 -2.73 -8.04 -3.37
C LEU B 57 -3.07 -9.51 -3.45
N GLY B 58 -2.07 -10.36 -3.36
CA GLY B 58 -2.26 -11.80 -3.44
C GLY B 58 -2.28 -12.39 -4.84
N HIS B 59 -1.94 -11.58 -5.84
CA HIS B 59 -1.89 -12.01 -7.26
C HIS B 59 -3.20 -12.64 -7.77
N LEU B 60 -4.21 -11.83 -8.05
CA LEU B 60 -5.50 -12.38 -8.60
C LEU B 60 -5.35 -12.58 -10.10
N ASN B 61 -5.76 -13.73 -10.62
CA ASN B 61 -5.73 -13.96 -12.06
C ASN B 61 -7.03 -13.52 -12.68
N LEU B 62 -6.98 -13.11 -13.93
CA LEU B 62 -8.21 -12.65 -14.63
C LEU B 62 -8.38 -13.28 -16.01
N GLY B 63 -9.60 -13.72 -16.28
CA GLY B 63 -9.99 -14.31 -17.55
C GLY B 63 -11.44 -14.68 -17.40
N LEU B 64 -12.16 -14.72 -18.48
CA LEU B 64 -13.59 -15.05 -18.41
C LEU B 64 -13.90 -16.44 -19.02
N ASN B 65 -13.41 -16.67 -20.21
CA ASN B 65 -13.65 -17.92 -20.95
C ASN B 65 -12.48 -18.17 -21.93
N LEU B 66 -12.36 -19.38 -22.39
CA LEU B 66 -11.32 -19.76 -23.35
C LEU B 66 -11.97 -20.78 -24.29
N SER B 67 -11.75 -20.66 -25.58
CA SER B 67 -12.37 -21.58 -26.53
C SER B 67 -11.71 -22.96 -26.39
N GLU B 68 -12.53 -23.95 -26.07
CA GLU B 68 -12.11 -25.36 -25.87
C GLU B 68 -12.25 -26.11 -27.17
N GLY B 69 -11.62 -27.29 -27.27
CA GLY B 69 -11.73 -28.14 -28.45
C GLY B 69 -13.13 -28.74 -28.55
N ASP B 70 -13.58 -28.94 -29.77
CA ASP B 70 -14.93 -29.47 -30.05
C ASP B 70 -15.01 -30.99 -29.97
N GLY B 71 -16.16 -31.49 -29.56
CA GLY B 71 -16.40 -32.93 -29.44
C GLY B 71 -17.88 -33.14 -29.28
N GLU B 72 -18.29 -34.40 -29.22
CA GLU B 72 -19.69 -34.80 -29.10
C GLU B 72 -20.28 -34.49 -27.73
N GLU B 73 -21.61 -34.41 -27.69
CA GLU B 73 -22.33 -34.15 -26.45
C GLU B 73 -22.58 -35.47 -25.73
CA CA C . 7.50 4.47 7.44
CA CA D . 12.71 9.99 -6.89
N SER A 1 -10.34 20.83 -6.64
CA SER A 1 -11.23 20.00 -5.77
C SER A 1 -10.46 19.60 -4.50
N MET A 2 -11.18 19.55 -3.39
CA MET A 2 -10.59 19.14 -2.10
C MET A 2 -10.93 17.67 -1.76
N ALA A 3 -11.63 16.98 -2.67
CA ALA A 3 -12.05 15.60 -2.46
C ALA A 3 -10.85 14.64 -2.24
N ASP A 4 -9.69 14.94 -2.83
CA ASP A 4 -8.49 14.11 -2.68
C ASP A 4 -7.91 14.24 -1.27
N GLN A 5 -8.17 15.36 -0.62
CA GLN A 5 -7.57 15.65 0.67
C GLN A 5 -8.53 15.35 1.80
N LEU A 6 -9.80 15.25 1.44
CA LEU A 6 -10.89 14.99 2.38
C LEU A 6 -10.84 16.02 3.51
N THR A 7 -10.82 17.28 3.14
CA THR A 7 -10.82 18.36 4.11
C THR A 7 -12.17 18.33 4.79
N GLU A 8 -12.28 18.98 5.95
CA GLU A 8 -13.54 18.98 6.71
C GLU A 8 -14.67 19.59 5.91
N GLU A 9 -14.38 20.44 4.94
CA GLU A 9 -15.42 20.98 4.06
C GLU A 9 -16.05 19.85 3.22
N GLN A 10 -15.23 18.88 2.82
CA GLN A 10 -15.74 17.74 2.05
C GLN A 10 -16.43 16.74 2.96
N ILE A 11 -15.89 16.53 4.15
CA ILE A 11 -16.43 15.59 5.11
C ILE A 11 -17.83 16.06 5.57
N ALA A 12 -17.96 17.35 5.81
CA ALA A 12 -19.18 17.91 6.38
C ALA A 12 -20.41 17.66 5.52
N GLU A 13 -20.26 17.64 4.21
CA GLU A 13 -21.42 17.48 3.34
C GLU A 13 -22.13 16.14 3.58
N PHE A 14 -21.38 15.04 3.64
CA PHE A 14 -21.97 13.74 3.89
C PHE A 14 -22.05 13.38 5.38
N LYS A 15 -21.19 13.95 6.22
CA LYS A 15 -21.14 13.58 7.64
C LYS A 15 -22.41 14.01 8.33
N GLU A 16 -22.93 15.17 7.98
CA GLU A 16 -24.14 15.67 8.63
C GLU A 16 -25.28 14.76 8.23
N ALA A 17 -25.32 14.35 6.98
CA ALA A 17 -26.36 13.47 6.50
C ALA A 17 -26.24 12.07 7.14
N PHE A 18 -25.02 11.62 7.38
CA PHE A 18 -24.77 10.30 7.95
C PHE A 18 -25.24 10.27 9.42
N SER A 19 -24.91 11.33 10.14
CA SER A 19 -25.23 11.49 11.55
C SER A 19 -26.72 11.85 11.76
N LEU A 20 -27.40 12.34 10.72
CA LEU A 20 -28.82 12.78 10.80
C LEU A 20 -29.74 11.64 11.20
N PHE A 21 -29.45 10.42 10.71
CA PHE A 21 -30.23 9.26 11.00
C PHE A 21 -29.76 8.50 12.25
N ASP A 22 -28.61 8.90 12.78
CA ASP A 22 -28.09 8.29 14.02
C ASP A 22 -28.65 9.04 15.24
N LYS A 23 -29.97 9.22 15.27
CA LYS A 23 -30.64 9.93 16.35
C LYS A 23 -30.53 9.14 17.64
N ASP A 24 -30.42 7.83 17.53
CA ASP A 24 -30.29 6.94 18.68
C ASP A 24 -28.95 7.20 19.40
N GLY A 25 -28.00 7.72 18.66
CA GLY A 25 -26.69 8.05 19.19
C GLY A 25 -25.81 6.86 19.41
N ASP A 26 -25.94 5.88 18.54
CA ASP A 26 -25.22 4.60 18.68
C ASP A 26 -23.75 4.71 18.25
N GLY A 27 -23.49 5.68 17.39
CA GLY A 27 -22.14 5.90 16.87
C GLY A 27 -21.91 5.09 15.59
N THR A 28 -22.91 4.29 15.24
CA THR A 28 -22.90 3.48 14.03
C THR A 28 -24.28 3.57 13.46
N ILE A 29 -24.45 3.23 12.19
CA ILE A 29 -25.77 3.18 11.58
C ILE A 29 -25.86 1.80 10.91
N THR A 30 -27.07 1.33 10.65
CA THR A 30 -27.23 0.06 9.99
C THR A 30 -27.13 0.30 8.49
N THR A 31 -26.94 -0.76 7.75
CA THR A 31 -26.88 -0.69 6.30
C THR A 31 -28.27 -0.29 5.76
N LYS A 32 -29.29 -0.60 6.55
CA LYS A 32 -30.66 -0.29 6.17
C LYS A 32 -30.84 1.19 6.11
N GLN A 33 -30.21 1.92 7.01
CA GLN A 33 -30.35 3.37 6.99
C GLN A 33 -29.36 4.00 5.98
N LEU A 34 -28.29 3.33 5.59
CA LEU A 34 -27.37 3.96 4.65
C LEU A 34 -28.09 4.23 3.32
N GLY A 35 -28.96 3.35 2.90
CA GLY A 35 -29.72 3.59 1.66
C GLY A 35 -30.63 4.80 1.82
N THR A 36 -31.21 4.96 3.00
CA THR A 36 -32.07 6.10 3.25
C THR A 36 -31.25 7.40 3.21
N VAL A 37 -30.03 7.34 3.76
CA VAL A 37 -29.13 8.51 3.78
C VAL A 37 -28.78 8.92 2.33
N MET A 38 -28.49 7.92 1.51
CA MET A 38 -28.11 8.17 0.12
C MET A 38 -29.25 8.64 -0.76
N ARG A 39 -30.47 8.38 -0.35
CA ARG A 39 -31.65 8.88 -1.07
C ARG A 39 -31.63 10.39 -1.04
N SER A 40 -31.16 10.99 0.05
CA SER A 40 -31.10 12.44 0.16
C SER A 40 -29.92 13.14 -0.53
N LEU A 41 -28.83 12.41 -0.81
CA LEU A 41 -27.64 12.99 -1.46
C LEU A 41 -27.80 13.15 -2.99
N GLY A 42 -28.77 12.49 -3.59
CA GLY A 42 -28.99 12.61 -5.03
C GLY A 42 -30.45 12.51 -5.35
N GLN A 43 -30.86 12.90 -6.55
CA GLN A 43 -32.28 12.84 -6.90
C GLN A 43 -32.62 11.39 -7.30
N ASN A 44 -33.72 10.86 -6.73
CA ASN A 44 -34.22 9.49 -7.00
C ASN A 44 -33.19 8.38 -7.38
N PRO A 45 -32.27 8.03 -6.47
CA PRO A 45 -31.31 6.98 -6.84
C PRO A 45 -32.01 5.61 -6.96
N THR A 46 -31.49 4.72 -7.80
CA THR A 46 -32.15 3.44 -8.02
C THR A 46 -31.76 2.45 -6.92
N GLU A 47 -32.53 1.40 -6.77
CA GLU A 47 -32.26 0.38 -5.78
C GLU A 47 -30.88 -0.25 -6.03
N ALA A 48 -30.53 -0.48 -7.28
CA ALA A 48 -29.23 -1.06 -7.60
C ALA A 48 -28.08 -0.15 -7.20
N GLU A 49 -28.24 1.14 -7.37
CA GLU A 49 -27.20 2.10 -7.01
C GLU A 49 -26.99 2.11 -5.50
N LEU A 50 -28.08 1.93 -4.76
CA LEU A 50 -28.04 1.94 -3.30
C LEU A 50 -27.40 0.61 -2.83
N GLN A 51 -27.74 -0.48 -3.48
CA GLN A 51 -27.21 -1.83 -3.11
C GLN A 51 -25.74 -1.89 -3.39
N ASP A 52 -25.29 -1.22 -4.44
CA ASP A 52 -23.87 -1.19 -4.79
C ASP A 52 -23.07 -0.64 -3.61
N MET A 53 -23.63 0.31 -2.89
CA MET A 53 -22.93 0.93 -1.77
C MET A 53 -23.09 0.24 -0.43
N ILE A 54 -24.30 -0.16 -0.09
CA ILE A 54 -24.53 -0.76 1.23
C ILE A 54 -23.89 -2.15 1.31
N ASN A 55 -23.72 -2.79 0.16
CA ASN A 55 -23.11 -4.13 0.16
C ASN A 55 -21.59 -4.09 0.27
N GLU A 56 -21.00 -3.03 -0.25
CA GLU A 56 -19.56 -2.90 -0.26
C GLU A 56 -19.02 -2.61 1.14
N VAL A 57 -19.76 -1.86 1.91
CA VAL A 57 -19.34 -1.41 3.24
C VAL A 57 -19.64 -2.46 4.32
N ASP A 58 -20.33 -3.51 3.94
CA ASP A 58 -20.68 -4.58 4.88
C ASP A 58 -20.17 -5.89 4.36
N ALA A 59 -18.93 -5.90 3.89
CA ALA A 59 -18.29 -7.12 3.46
C ALA A 59 -18.20 -8.06 4.65
N ASP A 60 -17.97 -7.50 5.83
CA ASP A 60 -17.81 -8.34 7.04
C ASP A 60 -19.13 -9.03 7.49
N GLY A 61 -20.28 -8.48 7.12
CA GLY A 61 -21.56 -9.09 7.48
C GLY A 61 -22.04 -8.73 8.88
N ASN A 62 -21.63 -7.59 9.42
CA ASN A 62 -22.08 -7.16 10.77
C ASN A 62 -23.44 -6.46 10.72
N GLY A 63 -23.74 -5.91 9.55
CA GLY A 63 -25.00 -5.21 9.34
C GLY A 63 -24.97 -3.78 9.81
N THR A 64 -23.82 -3.35 10.34
CA THR A 64 -23.64 -1.99 10.85
C THR A 64 -22.43 -1.36 10.17
N ILE A 65 -22.34 -0.05 10.26
CA ILE A 65 -21.29 0.69 9.59
C ILE A 65 -20.62 1.67 10.54
N ASP A 66 -19.32 1.59 10.66
CA ASP A 66 -18.54 2.55 11.48
C ASP A 66 -18.14 3.69 10.55
N PHE A 67 -17.72 4.84 11.07
CA PHE A 67 -17.38 5.99 10.23
C PHE A 67 -16.23 5.80 9.21
N PRO A 68 -15.11 5.13 9.59
CA PRO A 68 -14.08 5.04 8.54
C PRO A 68 -14.46 4.09 7.42
N GLN A 69 -15.43 3.23 7.66
CA GLN A 69 -15.91 2.30 6.63
C GLN A 69 -16.48 3.13 5.46
N PHE A 70 -17.20 4.20 5.79
CA PHE A 70 -17.81 5.09 4.81
C PHE A 70 -16.79 5.88 4.00
N LEU A 71 -15.75 6.39 4.68
CA LEU A 71 -14.82 7.34 4.05
C LEU A 71 -13.98 6.79 2.92
N THR A 72 -13.47 5.58 3.03
CA THR A 72 -12.59 5.08 1.96
C THR A 72 -13.39 4.66 0.76
N MET A 73 -14.65 4.30 1.01
CA MET A 73 -15.50 3.81 -0.06
C MET A 73 -15.98 4.98 -0.90
N MET A 74 -16.35 6.10 -0.27
CA MET A 74 -16.83 7.28 -1.01
C MET A 74 -15.66 7.95 -1.75
N ALA A 75 -14.49 7.96 -1.13
CA ALA A 75 -13.33 8.56 -1.79
C ALA A 75 -12.97 7.84 -3.12
N ARG A 76 -13.17 6.54 -3.14
CA ARG A 76 -12.90 5.69 -4.28
C ARG A 76 -13.80 6.04 -5.46
N LYS A 77 -15.05 6.36 -5.19
CA LYS A 77 -16.01 6.65 -6.25
C LYS A 77 -15.95 8.05 -6.78
N MET A 78 -15.49 8.99 -6.00
CA MET A 78 -15.42 10.38 -6.44
C MET A 78 -14.34 10.60 -7.47
N LYS A 79 -13.32 9.74 -7.51
CA LYS A 79 -12.26 9.93 -8.51
C LYS A 79 -12.36 9.04 -9.76
N ASP A 80 -12.17 7.73 -9.61
CA ASP A 80 -12.10 6.81 -10.77
C ASP A 80 -12.30 5.35 -10.37
N THR A 81 -12.06 4.41 -11.30
CA THR A 81 -12.10 2.98 -10.99
C THR A 81 -11.00 2.65 -9.97
N ASP A 82 -11.18 1.57 -9.25
CA ASP A 82 -10.30 1.23 -8.13
C ASP A 82 -8.99 0.50 -8.45
N SER A 83 -8.49 0.51 -9.67
CA SER A 83 -7.23 -0.20 -9.96
C SER A 83 -6.12 0.36 -9.05
N GLU A 84 -6.13 1.67 -8.80
CA GLU A 84 -5.12 2.32 -7.99
C GLU A 84 -5.13 1.99 -6.47
N GLU A 85 -6.26 1.54 -5.91
CA GLU A 85 -6.31 1.31 -4.46
C GLU A 85 -5.39 0.19 -4.03
N GLU A 86 -5.17 -0.78 -4.90
CA GLU A 86 -4.30 -1.91 -4.57
C GLU A 86 -2.87 -1.41 -4.37
N ILE A 87 -2.45 -0.43 -5.17
CA ILE A 87 -1.09 0.06 -5.06
C ILE A 87 -0.95 0.91 -3.80
N ARG A 88 -1.93 1.75 -3.48
CA ARG A 88 -1.84 2.55 -2.24
C ARG A 88 -1.88 1.62 -1.04
N GLU A 89 -2.61 0.52 -1.15
CA GLU A 89 -2.65 -0.45 -0.04
C GLU A 89 -1.27 -1.04 0.14
N ALA A 90 -0.60 -1.39 -0.95
CA ALA A 90 0.75 -1.96 -0.84
C ALA A 90 1.70 -0.96 -0.21
N PHE A 91 1.50 0.31 -0.52
CA PHE A 91 2.37 1.34 0.02
C PHE A 91 2.20 1.43 1.56
N ARG A 92 0.96 1.50 2.02
CA ARG A 92 0.71 1.63 3.49
C ARG A 92 1.08 0.38 4.27
N VAL A 93 1.09 -0.78 3.64
CA VAL A 93 1.49 -1.98 4.34
C VAL A 93 2.96 -1.84 4.75
N PHE A 94 3.84 -1.38 3.87
CA PHE A 94 5.25 -1.28 4.25
C PHE A 94 5.60 0.03 4.93
N ASP A 95 4.78 1.07 4.85
CA ASP A 95 5.07 2.35 5.53
C ASP A 95 3.94 2.81 6.46
N LYS A 96 3.94 2.26 7.66
CA LYS A 96 2.97 2.64 8.70
C LYS A 96 3.22 4.07 9.18
N ASP A 97 4.47 4.48 9.07
CA ASP A 97 4.91 5.78 9.58
C ASP A 97 4.41 6.96 8.76
N GLY A 98 4.02 6.72 7.52
CA GLY A 98 3.49 7.81 6.70
C GLY A 98 4.57 8.76 6.26
N ASN A 99 5.80 8.30 6.16
CA ASN A 99 6.90 9.17 5.73
C ASN A 99 6.68 9.61 4.29
N GLY A 100 5.97 8.80 3.55
CA GLY A 100 5.65 9.12 2.15
C GLY A 100 6.74 8.74 1.18
N TYR A 101 7.84 8.21 1.68
CA TYR A 101 8.97 7.79 0.82
C TYR A 101 9.42 6.44 1.32
N ILE A 102 10.13 5.69 0.50
CA ILE A 102 10.55 4.35 0.88
C ILE A 102 12.01 4.30 1.34
N SER A 103 12.25 3.76 2.53
CA SER A 103 13.59 3.56 3.07
C SER A 103 13.89 2.07 3.08
N ALA A 104 15.14 1.66 3.29
CA ALA A 104 15.49 0.22 3.30
C ALA A 104 14.77 -0.46 4.45
N ALA A 105 14.53 0.29 5.52
CA ALA A 105 13.86 -0.26 6.69
C ALA A 105 12.46 -0.73 6.33
N GLU A 106 11.80 0.00 5.43
CA GLU A 106 10.42 -0.35 5.07
C GLU A 106 10.39 -1.70 4.30
N LEU A 107 11.44 -1.97 3.54
CA LEU A 107 11.47 -3.17 2.72
C LEU A 107 11.86 -4.39 3.54
N ARG A 108 12.60 -4.15 4.59
CA ARG A 108 13.04 -5.18 5.52
C ARG A 108 11.81 -5.79 6.18
N HIS A 109 10.82 -4.94 6.44
CA HIS A 109 9.52 -5.38 6.95
C HIS A 109 8.78 -6.30 5.98
N VAL A 110 8.80 -5.99 4.70
CA VAL A 110 8.05 -6.79 3.70
C VAL A 110 8.61 -8.18 3.51
N MET A 111 9.93 -8.30 3.39
CA MET A 111 10.54 -9.61 3.17
C MET A 111 10.31 -10.49 4.40
N THR A 112 10.26 -9.88 5.57
CA THR A 112 10.00 -10.58 6.81
C THR A 112 8.57 -11.16 6.79
N ASN A 113 7.58 -10.48 6.20
CA ASN A 113 6.21 -10.97 6.12
C ASN A 113 6.15 -12.16 5.15
N LEU A 114 7.00 -12.17 4.13
CA LEU A 114 7.07 -13.26 3.17
C LEU A 114 7.82 -14.46 3.76
N GLY A 115 8.59 -14.23 4.81
CA GLY A 115 9.32 -15.29 5.48
C GLY A 115 10.65 -15.54 4.78
N GLU A 116 11.17 -14.53 4.09
CA GLU A 116 12.44 -14.63 3.35
C GLU A 116 13.36 -13.52 3.76
N LYS A 117 14.64 -13.76 3.54
CA LYS A 117 15.64 -12.75 3.85
C LYS A 117 16.49 -12.51 2.63
N LEU A 118 16.78 -11.24 2.39
CA LEU A 118 17.58 -10.79 1.27
C LEU A 118 18.84 -10.25 1.90
N THR A 119 19.94 -10.22 1.17
CA THR A 119 21.19 -9.72 1.69
C THR A 119 20.96 -8.21 1.95
N ASP A 120 21.60 -7.68 2.98
CA ASP A 120 21.27 -6.32 3.48
C ASP A 120 21.66 -5.21 2.52
N GLU A 121 22.73 -5.41 1.78
CA GLU A 121 23.24 -4.40 0.85
C GLU A 121 22.32 -4.33 -0.36
N GLU A 122 21.77 -5.46 -0.72
CA GLU A 122 20.92 -5.56 -1.91
C GLU A 122 19.64 -4.73 -1.82
N VAL A 123 19.08 -4.70 -0.61
CA VAL A 123 17.83 -3.97 -0.36
C VAL A 123 18.03 -2.46 -0.50
N ASP A 124 19.19 -1.95 -0.08
CA ASP A 124 19.47 -0.52 -0.20
C ASP A 124 19.57 -0.14 -1.67
N GLU A 125 20.17 -1.02 -2.44
CA GLU A 125 20.34 -0.81 -3.87
C GLU A 125 19.01 -0.72 -4.63
N MET A 126 17.98 -1.42 -4.16
CA MET A 126 16.69 -1.43 -4.86
C MET A 126 16.05 -0.06 -4.91
N ILE A 127 16.28 0.72 -3.87
CA ILE A 127 15.74 2.08 -3.82
C ILE A 127 16.48 2.98 -4.80
N ARG A 128 17.79 2.81 -4.90
CA ARG A 128 18.58 3.64 -5.78
C ARG A 128 18.25 3.38 -7.23
N GLU A 129 17.92 2.14 -7.55
CA GLU A 129 17.57 1.78 -8.92
C GLU A 129 16.11 2.17 -9.27
N ALA A 130 15.21 2.07 -8.30
CA ALA A 130 13.79 2.35 -8.52
C ALA A 130 13.54 3.78 -8.96
N ASP A 131 14.20 4.71 -8.31
CA ASP A 131 14.03 6.10 -8.68
C ASP A 131 14.71 6.32 -10.03
N ILE A 132 14.04 7.06 -10.91
CA ILE A 132 14.59 7.34 -12.24
C ILE A 132 15.27 8.71 -12.35
N ASP A 133 14.96 9.64 -11.43
CA ASP A 133 15.52 11.02 -11.54
C ASP A 133 16.82 11.23 -10.69
N GLY A 134 17.21 10.19 -9.96
CA GLY A 134 18.45 10.25 -9.20
C GLY A 134 18.45 10.99 -7.87
N ASP A 135 17.29 11.31 -7.33
CA ASP A 135 17.18 12.05 -6.05
C ASP A 135 17.37 11.08 -4.85
N GLY A 136 17.34 9.79 -5.12
CA GLY A 136 17.65 8.78 -4.10
C GLY A 136 16.52 8.38 -3.18
N GLN A 137 15.30 8.82 -3.46
CA GLN A 137 14.13 8.49 -2.65
C GLN A 137 13.02 8.12 -3.63
N VAL A 138 12.10 7.27 -3.23
CA VAL A 138 11.02 6.85 -4.08
C VAL A 138 9.75 7.36 -3.45
N ASN A 139 8.96 8.02 -4.26
CA ASN A 139 7.67 8.55 -3.80
C ASN A 139 6.57 7.69 -4.42
N TYR A 140 5.32 7.97 -4.09
CA TYR A 140 4.23 7.14 -4.56
C TYR A 140 4.11 7.05 -6.10
N GLU A 141 4.15 8.14 -6.83
CA GLU A 141 4.01 8.02 -8.31
C GLU A 141 5.16 7.22 -8.90
N GLU A 142 6.37 7.36 -8.38
CA GLU A 142 7.53 6.58 -8.90
C GLU A 142 7.31 5.09 -8.64
N PHE A 143 6.62 4.77 -7.55
CA PHE A 143 6.28 3.40 -7.22
C PHE A 143 5.22 2.83 -8.13
N VAL A 144 4.25 3.63 -8.54
CA VAL A 144 3.20 3.15 -9.49
C VAL A 144 3.82 2.83 -10.87
N GLN A 145 4.75 3.67 -11.28
CA GLN A 145 5.41 3.49 -12.59
C GLN A 145 6.21 2.20 -12.71
N MET A 146 6.52 1.58 -11.59
CA MET A 146 7.26 0.35 -11.61
C MET A 146 6.42 -0.73 -12.23
N MET A 147 5.13 -0.75 -11.99
CA MET A 147 4.30 -1.89 -12.47
C MET A 147 3.58 -1.61 -13.80
N THR A 148 3.39 -0.35 -14.13
CA THR A 148 2.69 0.03 -15.36
C THR A 148 3.62 0.05 -16.57
N ALA A 149 4.88 -0.30 -16.34
CA ALA A 149 5.91 -0.33 -17.37
C ALA A 149 6.87 -1.46 -17.03
N LYS A 150 7.67 -1.86 -17.99
CA LYS A 150 8.62 -2.96 -17.77
C LYS A 150 9.61 -2.59 -16.69
N GLY B 1 -78.43 -43.15 15.16
CA GLY B 1 -77.12 -43.87 15.21
C GLY B 1 -75.98 -42.96 14.78
N ALA B 2 -74.75 -43.42 14.94
CA ALA B 2 -73.56 -42.66 14.55
C ALA B 2 -72.44 -43.60 14.11
N ASP B 3 -71.52 -43.09 13.29
CA ASP B 3 -70.40 -43.90 12.78
C ASP B 3 -69.28 -42.95 12.41
N LYS B 4 -68.05 -43.40 12.54
CA LYS B 4 -66.88 -42.62 12.15
C LYS B 4 -66.00 -43.50 11.32
N GLU B 5 -65.42 -42.97 10.28
CA GLU B 5 -64.57 -43.79 9.36
C GLU B 5 -63.10 -43.58 9.67
N ASP B 6 -62.22 -44.41 9.11
CA ASP B 6 -60.78 -44.25 9.27
C ASP B 6 -60.15 -44.17 7.87
N ASP B 7 -60.11 -42.95 7.38
CA ASP B 7 -59.61 -42.70 6.02
C ASP B 7 -58.10 -42.85 5.97
N GLN B 8 -57.58 -43.25 4.82
CA GLN B 8 -56.12 -43.43 4.68
C GLN B 8 -55.56 -42.84 3.35
N GLU B 9 -54.69 -41.87 3.41
CA GLU B 9 -54.07 -41.30 2.22
C GLU B 9 -52.57 -41.24 2.49
N HIS B 10 -51.74 -41.48 1.49
CA HIS B 10 -50.29 -41.43 1.65
C HIS B 10 -49.89 -39.96 1.62
N PRO B 11 -49.04 -39.49 2.55
CA PRO B 11 -48.70 -38.05 2.48
C PRO B 11 -47.76 -37.73 1.32
N SER B 12 -47.80 -36.51 0.81
CA SER B 12 -46.91 -36.19 -0.31
C SER B 12 -45.50 -36.06 0.25
N GLU B 13 -44.50 -36.51 -0.49
CA GLU B 13 -43.12 -36.49 -0.07
C GLU B 13 -42.20 -36.58 -1.30
N LYS B 14 -40.98 -36.07 -1.18
CA LYS B 14 -40.04 -36.09 -2.29
C LYS B 14 -39.10 -37.30 -2.27
N GLN B 15 -38.67 -37.70 -1.08
CA GLN B 15 -37.76 -38.84 -0.90
C GLN B 15 -36.50 -38.69 -1.78
N PRO B 16 -35.77 -37.56 -1.62
CA PRO B 16 -34.63 -37.50 -2.53
C PRO B 16 -33.54 -38.54 -2.21
N SER B 17 -32.85 -38.97 -3.26
CA SER B 17 -31.83 -39.98 -3.15
C SER B 17 -30.62 -39.39 -2.48
N GLY B 18 -30.44 -38.08 -2.58
CA GLY B 18 -29.28 -37.38 -2.01
C GLY B 18 -28.14 -37.44 -3.00
N ALA B 19 -28.51 -37.77 -4.22
CA ALA B 19 -27.55 -37.89 -5.30
C ALA B 19 -27.02 -36.51 -5.73
N GLU B 20 -25.81 -36.46 -6.24
CA GLU B 20 -25.18 -35.23 -6.72
C GLU B 20 -24.39 -35.61 -8.00
N SER B 21 -24.20 -34.65 -8.91
CA SER B 21 -23.51 -34.93 -10.17
C SER B 21 -22.07 -35.37 -9.86
N GLY B 22 -21.53 -36.26 -10.67
CA GLY B 22 -20.20 -36.79 -10.40
C GLY B 22 -19.13 -35.74 -10.56
N THR B 23 -18.02 -35.87 -9.84
CA THR B 23 -16.92 -34.90 -9.96
C THR B 23 -16.28 -35.04 -11.33
N LEU B 24 -15.76 -33.95 -11.85
CA LEU B 24 -15.10 -33.95 -13.15
C LEU B 24 -14.09 -32.82 -13.19
N ALA B 25 -13.09 -32.95 -14.06
CA ALA B 25 -12.02 -31.98 -14.16
C ALA B 25 -11.29 -32.20 -15.48
N ARG B 26 -10.37 -31.28 -15.78
CA ARG B 26 -9.50 -31.35 -16.93
C ARG B 26 -8.14 -31.23 -16.28
N ALA B 27 -7.06 -31.44 -17.01
CA ALA B 27 -5.75 -31.39 -16.36
C ALA B 27 -5.54 -30.00 -15.78
N SER B 28 -5.94 -28.97 -16.53
CA SER B 28 -5.97 -27.59 -16.03
C SER B 28 -4.70 -27.21 -15.27
N LEU B 29 -3.53 -27.35 -15.92
CA LEU B 29 -2.28 -27.04 -15.24
C LEU B 29 -2.26 -25.60 -14.78
N ALA B 30 -1.93 -25.41 -13.51
CA ALA B 30 -1.90 -24.11 -12.87
C ALA B 30 -0.77 -24.16 -11.85
N LEU B 31 -0.25 -23.01 -11.45
CA LEU B 31 0.88 -22.98 -10.53
C LEU B 31 0.42 -22.75 -9.10
N PRO B 32 0.97 -23.50 -8.12
CA PRO B 32 0.51 -23.29 -6.73
C PRO B 32 1.19 -22.06 -6.12
N THR B 33 0.60 -21.51 -5.09
CA THR B 33 1.22 -20.36 -4.38
C THR B 33 2.23 -20.90 -3.39
N SER B 34 2.26 -22.22 -3.29
CA SER B 34 3.20 -22.94 -2.44
C SER B 34 4.62 -22.88 -2.96
N SER B 35 4.78 -22.72 -4.27
CA SER B 35 6.12 -22.69 -4.87
C SER B 35 6.77 -21.29 -4.81
N LEU B 36 6.88 -20.77 -3.61
CA LEU B 36 7.49 -19.47 -3.34
C LEU B 36 8.97 -19.55 -3.73
N SER B 37 9.44 -18.60 -4.55
CA SER B 37 10.84 -18.68 -5.04
C SER B 37 11.78 -17.95 -4.09
N ARG B 38 12.94 -18.54 -3.84
CA ARG B 38 13.99 -17.92 -3.02
C ARG B 38 15.01 -17.23 -3.91
N THR B 39 14.77 -17.29 -5.21
CA THR B 39 15.69 -16.76 -6.21
C THR B 39 14.89 -15.86 -7.20
N ALA B 40 13.79 -15.33 -6.69
CA ALA B 40 12.90 -14.45 -7.45
C ALA B 40 13.62 -13.20 -7.96
N SER B 41 14.74 -12.83 -7.32
CA SER B 41 15.48 -11.64 -7.75
C SER B 41 16.13 -11.85 -9.13
N GLN B 42 16.39 -13.13 -9.46
CA GLN B 42 16.99 -13.53 -10.76
C GLN B 42 18.27 -12.73 -11.09
N SER B 43 19.12 -12.64 -10.07
CA SER B 43 20.40 -11.91 -10.16
C SER B 43 20.29 -10.43 -10.53
N SER B 44 19.28 -9.75 -10.01
CA SER B 44 19.12 -8.31 -10.23
C SER B 44 18.45 -7.73 -8.98
N SER B 45 18.60 -6.44 -8.71
CA SER B 45 17.97 -5.84 -7.52
C SER B 45 16.55 -5.35 -7.78
N HIS B 46 16.30 -4.91 -9.01
CA HIS B 46 15.05 -4.24 -9.32
C HIS B 46 13.82 -5.12 -9.12
N ARG B 47 14.02 -6.42 -9.09
CA ARG B 47 12.93 -7.38 -8.91
C ARG B 47 12.38 -7.46 -7.50
N GLY B 48 13.08 -6.87 -6.55
CA GLY B 48 12.55 -6.90 -5.18
C GLY B 48 11.24 -6.18 -5.03
N TRP B 49 11.00 -5.19 -5.90
CA TRP B 49 9.76 -4.41 -5.90
C TRP B 49 8.56 -5.29 -6.25
N GLU B 50 8.81 -6.36 -6.99
CA GLU B 50 7.75 -7.24 -7.47
C GLU B 50 7.07 -7.95 -6.26
N ILE B 51 7.86 -8.29 -5.25
CA ILE B 51 7.35 -8.97 -4.03
C ILE B 51 6.36 -8.04 -3.32
N LEU B 52 6.61 -6.75 -3.29
CA LEU B 52 5.66 -5.83 -2.64
C LEU B 52 4.29 -5.84 -3.34
N ARG B 53 4.27 -5.92 -4.67
CA ARG B 53 2.97 -6.00 -5.35
C ARG B 53 2.34 -7.39 -5.22
N GLN B 54 3.14 -8.45 -5.16
CA GLN B 54 2.62 -9.81 -5.04
C GLN B 54 2.21 -10.21 -3.62
N ASN B 55 2.91 -9.78 -2.56
CA ASN B 55 2.53 -10.30 -1.22
C ASN B 55 1.20 -9.70 -0.78
N THR B 56 0.83 -8.53 -1.27
CA THR B 56 -0.45 -7.95 -0.87
C THR B 56 -1.54 -8.59 -1.69
N LEU B 57 -1.22 -9.04 -2.89
CA LEU B 57 -2.25 -9.66 -3.72
C LEU B 57 -2.47 -11.08 -3.21
N GLY B 58 -1.42 -11.71 -2.65
CA GLY B 58 -1.55 -13.06 -2.10
C GLY B 58 -1.38 -14.21 -3.10
N HIS B 59 -0.70 -13.93 -4.19
CA HIS B 59 -0.44 -14.93 -5.23
C HIS B 59 0.97 -14.58 -5.68
N LEU B 60 1.77 -15.58 -6.08
CA LEU B 60 3.18 -15.32 -6.36
C LEU B 60 3.72 -16.12 -7.56
N ASN B 61 4.84 -15.65 -8.07
CA ASN B 61 5.54 -16.24 -9.24
C ASN B 61 6.12 -17.63 -8.88
N LEU B 62 5.96 -18.60 -9.75
CA LEU B 62 6.43 -19.96 -9.54
C LEU B 62 7.94 -20.04 -9.43
N GLY B 63 8.43 -20.78 -8.43
CA GLY B 63 9.84 -20.95 -8.24
C GLY B 63 10.38 -22.17 -9.00
N LEU B 64 11.08 -21.93 -10.09
CA LEU B 64 11.59 -23.00 -10.93
C LEU B 64 12.68 -23.82 -10.19
N ASN B 65 13.56 -23.14 -9.45
CA ASN B 65 14.70 -23.79 -8.77
C ASN B 65 14.78 -23.56 -7.26
N LEU B 66 14.42 -24.56 -6.49
CA LEU B 66 14.48 -24.49 -5.00
C LEU B 66 15.26 -25.66 -4.41
N SER B 67 15.70 -25.50 -3.17
CA SER B 67 16.44 -26.51 -2.41
C SER B 67 15.61 -26.76 -1.15
N GLU B 68 15.85 -27.85 -0.43
CA GLU B 68 15.07 -28.16 0.78
C GLU B 68 15.24 -27.14 1.92
N GLY B 69 16.45 -26.63 2.09
CA GLY B 69 16.74 -25.67 3.13
C GLY B 69 16.88 -26.29 4.50
N ASP B 70 17.13 -25.44 5.50
CA ASP B 70 17.25 -25.86 6.90
C ASP B 70 16.59 -24.79 7.78
N GLY B 71 16.61 -24.99 9.08
CA GLY B 71 16.05 -24.01 10.03
C GLY B 71 14.66 -24.35 10.51
N GLU B 72 14.14 -23.49 11.38
CA GLU B 72 12.83 -23.63 11.98
C GLU B 72 11.95 -22.40 11.70
N GLU B 73 10.63 -22.58 11.83
CA GLU B 73 9.67 -21.51 11.59
C GLU B 73 9.80 -20.34 12.58
CA CA C . 8.95 4.35 7.48
CA CA D . 12.99 10.60 -7.42
#